data_4BQ3
#
_entry.id   4BQ3
#
_cell.length_a   170.594
_cell.length_b   170.594
_cell.length_c   116.299
_cell.angle_alpha   90.00
_cell.angle_beta   90.00
_cell.angle_gamma   90.00
#
_symmetry.space_group_name_H-M   'P 41'
#
loop_
_entity.id
_entity.type
_entity.pdbx_description
1 polymer B-AGARASE
2 non-polymer NEOAGAROBIOSE
3 non-polymer GLYCEROL
4 non-polymer 'CALCIUM ION'
5 water water
#
_entity_poly.entity_id   1
_entity_poly.type   'polypeptide(L)'
_entity_poly.pdbx_seq_one_letter_code
;GSHMLFDFENDQVPSNIHFLNARASIETYTGINGEPSKGLKLAMQSKQHSYTGLAIVPEQPWDWSEFTSASLYFDIVSVG
DHSTQFYLDVTDQNGAVFTRSIDIPVGKMQSYYAKLSGHDLEVPDSGDVNDLNLASGLRSNPPTWTSDDRQFVWMWGVKN
LDLSGIAKISLSVQSAMHDKTVIIDNIRIQPNPPQDENFLVGLVDEFGQNAKVDYKGKIHSLEELHAARDVELAELDGKP
MPSRSKFGGWLAGPKLKATGYFRTEKINGKWMLVDPEGYPYFATGLDIIRLSNSSTMTGYDYDQATVAQRSADDVTPEDS
KGLMAVSEKSFATRHLASPTRAAMFNWLPDYDHPLANHYNYRRSAHSGPLKRGEAYSFYSANLERKYGETYPGSYLDKWR
EVTVDRMLNWGFTSLGNWTDPAYYDNNRIPFFANGWVIGDFKTVSSGADFWGAMPDVFDPEFKVRAMETARVVSEEIKNS
PWCVGVFIDNEKSFGRPDSDKAQYGIPIHTLGRPSEGVPTRQAFSKLLKAKYKTIAALNNAWGLKLSSWAEFDLGVDVKA
LPVTDTLRADYSMLLSAYADQYFKVVHGAVEHYMPNHLYLGARFPDWGMPMEVVKAAAKYADVVSYNSYKEGLPKQKWAF
LAELDKPSIIGEFHIGAMDHGSYHPGLIHAASQADRGEMYKDYMQSVIDNPYFVGAHWFQYMDSPLTGRAYDGENYNVGF
VDVTDTPYQEMVDAAKEVNAKIYTERLGSK
;
_entity_poly.pdbx_strand_id   A,B,C,D
#
# COMPACT_ATOMS: atom_id res chain seq x y z
N SER A 2 3.95 -20.38 5.91
CA SER A 2 3.71 -18.93 5.91
C SER A 2 2.66 -18.44 4.93
N HIS A 3 3.11 -17.72 3.90
CA HIS A 3 2.24 -17.02 2.98
C HIS A 3 2.87 -17.24 1.57
N MET A 4 2.27 -18.10 0.76
CA MET A 4 2.74 -18.42 -0.60
C MET A 4 2.36 -17.26 -1.51
N LEU A 5 3.36 -16.73 -2.23
CA LEU A 5 3.10 -15.65 -3.20
C LEU A 5 2.98 -16.24 -4.59
N PHE A 6 3.94 -17.08 -5.00
CA PHE A 6 3.95 -17.67 -6.36
C PHE A 6 4.47 -19.13 -6.31
N ASP A 7 3.58 -20.07 -6.60
CA ASP A 7 3.98 -21.48 -6.67
C ASP A 7 3.90 -21.98 -8.11
N PHE A 8 3.42 -21.09 -8.99
CA PHE A 8 3.30 -21.39 -10.45
C PHE A 8 2.45 -22.61 -10.79
N GLU A 9 1.72 -23.14 -9.81
CA GLU A 9 0.97 -24.34 -10.08
C GLU A 9 -0.21 -24.12 -11.03
N ASN A 10 -0.69 -22.88 -11.20
CA ASN A 10 -1.70 -22.62 -12.19
C ASN A 10 -1.12 -22.50 -13.59
N ASP A 11 0.15 -22.85 -13.75
CA ASP A 11 0.78 -22.85 -15.08
C ASP A 11 0.80 -21.44 -15.77
N GLN A 12 0.67 -20.36 -15.04
CA GLN A 12 0.72 -19.00 -15.62
C GLN A 12 2.05 -18.34 -15.32
N VAL A 13 2.57 -17.60 -16.29
CA VAL A 13 3.57 -16.57 -16.04
C VAL A 13 2.78 -15.36 -15.54
N PRO A 14 2.95 -14.97 -14.27
CA PRO A 14 2.08 -13.93 -13.70
C PRO A 14 2.29 -12.56 -14.37
N SER A 15 1.21 -11.79 -14.54
CA SER A 15 1.30 -10.53 -15.29
C SER A 15 1.91 -9.40 -14.45
N ASN A 16 2.04 -9.60 -13.15
CA ASN A 16 2.78 -8.62 -12.37
C ASN A 16 4.30 -8.94 -12.21
N ILE A 17 4.80 -9.93 -12.95
CA ILE A 17 6.24 -10.14 -12.99
C ILE A 17 6.72 -9.67 -14.35
N HIS A 18 7.63 -8.69 -14.36
CA HIS A 18 8.15 -8.11 -15.58
C HIS A 18 9.55 -8.61 -15.88
N PHE A 19 9.88 -8.75 -17.16
CA PHE A 19 11.17 -9.31 -17.55
C PHE A 19 11.99 -8.31 -18.35
N LEU A 20 13.31 -8.37 -18.18
CA LEU A 20 14.17 -7.41 -18.86
C LEU A 20 15.26 -8.20 -19.47
N ASN A 21 15.30 -8.23 -20.81
CA ASN A 21 16.31 -9.00 -21.56
C ASN A 21 16.36 -10.45 -21.10
N ALA A 22 15.17 -11.02 -20.93
CA ALA A 22 15.07 -12.41 -20.42
C ALA A 22 13.77 -13.00 -20.90
N ARG A 23 13.76 -14.32 -21.11
CA ARG A 23 12.56 -15.06 -21.55
C ARG A 23 12.10 -15.87 -20.38
N ALA A 24 10.79 -15.85 -20.13
CA ALA A 24 10.19 -16.61 -19.03
C ALA A 24 9.14 -17.60 -19.52
N SER A 25 9.05 -18.74 -18.85
CA SER A 25 7.98 -19.71 -19.15
C SER A 25 7.82 -20.61 -17.93
N ILE A 26 6.74 -21.38 -17.90
CA ILE A 26 6.49 -22.34 -16.84
C ILE A 26 6.89 -23.73 -17.29
N GLU A 27 7.74 -24.41 -16.52
CA GLU A 27 8.23 -25.73 -16.92
C GLU A 27 8.18 -26.62 -15.71
N THR A 28 7.88 -27.91 -15.96
CA THR A 28 7.97 -28.91 -14.91
C THR A 28 9.42 -29.18 -14.71
N TYR A 29 9.83 -29.17 -13.45
CA TYR A 29 11.19 -29.51 -13.05
C TYR A 29 11.08 -30.31 -11.74
N THR A 30 12.21 -30.81 -11.24
CA THR A 30 12.25 -31.53 -9.97
C THR A 30 12.67 -30.68 -8.76
N GLY A 31 11.73 -30.45 -7.85
CA GLY A 31 11.93 -29.53 -6.73
C GLY A 31 12.72 -30.08 -5.58
N ILE A 32 12.86 -29.28 -4.54
CA ILE A 32 13.63 -29.69 -3.40
C ILE A 32 13.10 -30.96 -2.71
N ASN A 33 11.79 -31.12 -2.66
CA ASN A 33 11.23 -32.33 -2.05
C ASN A 33 11.28 -33.55 -2.98
N GLY A 34 12.03 -33.46 -4.07
CA GLY A 34 12.21 -34.54 -5.01
C GLY A 34 11.08 -34.85 -5.95
N GLU A 35 9.99 -34.09 -5.88
CA GLU A 35 8.88 -34.31 -6.79
C GLU A 35 8.87 -33.31 -7.93
N PRO A 36 8.47 -33.76 -9.13
CA PRO A 36 8.25 -32.81 -10.23
C PRO A 36 7.27 -31.75 -9.75
N SER A 37 7.49 -30.49 -10.14
CA SER A 37 6.59 -29.39 -9.78
C SER A 37 6.65 -28.32 -10.91
N LYS A 38 5.67 -27.41 -10.98
CA LYS A 38 5.78 -26.32 -11.94
C LYS A 38 6.65 -25.20 -11.32
N GLY A 39 7.62 -24.71 -12.08
CA GLY A 39 8.40 -23.51 -11.68
C GLY A 39 8.56 -22.52 -12.85
N LEU A 40 9.09 -21.33 -12.55
CA LEU A 40 9.29 -20.29 -13.54
C LEU A 40 10.70 -20.44 -14.00
N LYS A 41 10.81 -20.76 -15.29
CA LYS A 41 12.10 -20.88 -15.93
C LYS A 41 12.45 -19.51 -16.51
N LEU A 42 13.60 -19.00 -16.09
CA LEU A 42 14.04 -17.70 -16.55
C LEU A 42 15.36 -17.79 -17.32
N ALA A 43 15.28 -17.66 -18.64
CA ALA A 43 16.47 -17.71 -19.51
C ALA A 43 16.90 -16.27 -19.83
N MET A 44 17.97 -15.83 -19.18
CA MET A 44 18.38 -14.41 -19.26
C MET A 44 19.31 -14.25 -20.45
N GLN A 45 19.12 -13.23 -21.29
CA GLN A 45 20.06 -13.02 -22.40
C GLN A 45 21.28 -12.19 -21.92
N SER A 46 22.00 -12.79 -20.96
CA SER A 46 23.03 -12.05 -20.22
C SER A 46 24.41 -12.02 -20.88
N LYS A 47 24.64 -12.82 -21.92
CA LYS A 47 25.87 -12.63 -22.71
C LYS A 47 25.76 -11.31 -23.46
N GLN A 48 24.62 -11.09 -24.09
CA GLN A 48 24.44 -9.91 -24.94
C GLN A 48 24.17 -8.61 -24.16
N HIS A 49 23.40 -8.71 -23.08
CA HIS A 49 22.91 -7.58 -22.29
C HIS A 49 23.50 -7.54 -20.87
N SER A 50 23.97 -6.37 -20.45
CA SER A 50 24.72 -6.28 -19.22
C SER A 50 23.80 -6.19 -18.02
N TYR A 51 22.49 -5.99 -18.24
CA TYR A 51 21.45 -6.08 -17.16
C TYR A 51 20.30 -7.00 -17.63
N THR A 52 19.99 -8.03 -16.88
CA THR A 52 18.90 -8.94 -17.26
C THR A 52 18.21 -9.38 -15.99
N GLY A 53 16.96 -9.82 -16.08
CA GLY A 53 16.33 -10.17 -14.83
C GLY A 53 14.84 -10.13 -14.83
N LEU A 54 14.25 -10.32 -13.66
CA LEU A 54 12.79 -10.17 -13.56
C LEU A 54 12.51 -9.19 -12.43
N ALA A 55 11.32 -8.59 -12.45
CA ALA A 55 10.90 -7.76 -11.36
C ALA A 55 9.43 -8.02 -11.06
N ILE A 56 9.11 -8.32 -9.80
CA ILE A 56 7.72 -8.51 -9.39
C ILE A 56 7.26 -7.15 -8.93
N VAL A 57 6.21 -6.62 -9.57
CA VAL A 57 5.71 -5.28 -9.28
C VAL A 57 4.21 -5.41 -9.02
N PRO A 58 3.80 -5.60 -7.77
CA PRO A 58 2.34 -5.71 -7.51
C PRO A 58 1.58 -4.43 -7.89
N GLU A 59 0.36 -4.56 -8.35
CA GLU A 59 -0.36 -3.38 -8.82
C GLU A 59 -0.40 -2.25 -7.76
N GLN A 60 -0.56 -2.61 -6.49
CA GLN A 60 -0.34 -1.73 -5.33
C GLN A 60 0.72 -2.36 -4.43
N PRO A 61 1.61 -1.53 -3.81
CA PRO A 61 2.58 -2.13 -2.89
C PRO A 61 1.94 -3.12 -1.92
N TRP A 62 2.60 -4.26 -1.70
CA TRP A 62 2.15 -5.17 -0.68
C TRP A 62 2.28 -4.55 0.71
N ASP A 63 1.26 -4.74 1.55
CA ASP A 63 1.31 -4.30 2.93
C ASP A 63 1.71 -5.50 3.76
N TRP A 64 2.99 -5.56 4.11
CA TRP A 64 3.54 -6.67 4.88
C TRP A 64 3.83 -6.28 6.31
N SER A 65 3.16 -5.23 6.79
CA SER A 65 3.47 -4.69 8.12
C SER A 65 3.21 -5.64 9.31
N GLU A 66 2.34 -6.63 9.14
CA GLU A 66 2.15 -7.65 10.17
C GLU A 66 3.40 -8.54 10.31
N PHE A 67 4.23 -8.64 9.28
CA PHE A 67 5.42 -9.47 9.30
C PHE A 67 6.56 -8.80 10.07
N THR A 68 6.45 -8.79 11.39
CA THR A 68 7.40 -8.10 12.22
C THR A 68 8.69 -8.91 12.39
N SER A 69 8.66 -10.20 12.08
CA SER A 69 9.90 -10.97 12.04
C SER A 69 9.80 -12.09 11.01
N ALA A 70 10.22 -11.78 9.78
CA ALA A 70 9.93 -12.65 8.65
C ALA A 70 10.96 -12.50 7.53
N SER A 71 11.06 -13.52 6.71
CA SER A 71 11.87 -13.48 5.49
C SER A 71 11.10 -13.88 4.25
N LEU A 72 11.62 -13.34 3.15
CA LEU A 72 11.20 -13.71 1.79
C LEU A 72 11.99 -14.93 1.34
N TYR A 73 11.31 -15.97 0.87
CA TYR A 73 11.93 -17.20 0.35
C TYR A 73 11.70 -17.44 -1.15
N PHE A 74 12.72 -18.03 -1.77
CA PHE A 74 12.65 -18.47 -3.18
C PHE A 74 13.31 -19.85 -3.24
N ASP A 75 12.77 -20.77 -4.02
CA ASP A 75 13.50 -21.98 -4.35
C ASP A 75 14.11 -21.64 -5.72
N ILE A 76 15.41 -21.85 -5.87
CA ILE A 76 16.11 -21.44 -7.07
C ILE A 76 17.18 -22.43 -7.44
N VAL A 77 17.38 -22.62 -8.74
CA VAL A 77 18.44 -23.48 -9.20
C VAL A 77 18.88 -23.00 -10.58
N SER A 78 20.17 -23.10 -10.86
CA SER A 78 20.71 -22.86 -12.21
C SER A 78 20.60 -24.07 -13.10
N VAL A 79 20.40 -23.83 -14.40
CA VAL A 79 20.34 -24.92 -15.36
C VAL A 79 21.39 -24.59 -16.45
N GLY A 80 22.04 -25.62 -17.00
CA GLY A 80 23.03 -25.45 -18.08
C GLY A 80 24.42 -25.55 -17.48
N ASP A 81 25.31 -24.70 -17.97
CA ASP A 81 26.72 -24.86 -17.73
C ASP A 81 27.26 -23.90 -16.69
N HIS A 82 26.49 -22.88 -16.31
CA HIS A 82 27.09 -21.85 -15.47
C HIS A 82 26.29 -21.61 -14.22
N SER A 83 26.98 -21.34 -13.11
CA SER A 83 26.30 -20.86 -11.93
C SER A 83 25.84 -19.44 -12.24
N THR A 84 24.93 -18.92 -11.42
CA THR A 84 24.31 -17.64 -11.61
C THR A 84 24.45 -16.86 -10.34
N GLN A 85 25.02 -15.68 -10.38
CA GLN A 85 24.95 -14.82 -9.19
C GLN A 85 23.73 -13.91 -9.32
N PHE A 86 22.78 -14.04 -8.41
CA PHE A 86 21.59 -13.22 -8.44
C PHE A 86 21.79 -11.98 -7.57
N TYR A 87 21.39 -10.82 -8.07
CA TYR A 87 21.24 -9.67 -7.17
C TYR A 87 19.75 -9.58 -6.81
N LEU A 88 19.44 -9.55 -5.51
CA LEU A 88 18.07 -9.37 -5.05
C LEU A 88 17.93 -7.91 -4.62
N ASP A 89 17.06 -7.18 -5.29
CA ASP A 89 16.83 -5.77 -4.92
C ASP A 89 15.42 -5.59 -4.49
N VAL A 90 15.22 -5.20 -3.24
CA VAL A 90 13.83 -5.03 -2.72
C VAL A 90 13.63 -3.53 -2.46
N THR A 91 12.57 -3.00 -3.06
CA THR A 91 12.29 -1.55 -3.03
C THR A 91 10.92 -1.32 -2.37
N ASP A 92 10.85 -0.43 -1.39
CA ASP A 92 9.59 -0.07 -0.74
C ASP A 92 8.90 1.08 -1.48
N GLN A 93 7.71 1.45 -0.98
CA GLN A 93 6.91 2.49 -1.62
C GLN A 93 7.53 3.90 -1.51
N ASN A 94 8.53 4.08 -0.65
CA ASN A 94 9.24 5.37 -0.61
C ASN A 94 10.55 5.44 -1.43
N GLY A 95 10.87 4.41 -2.22
CA GLY A 95 12.14 4.41 -2.94
C GLY A 95 13.34 3.84 -2.19
N ALA A 96 13.17 3.48 -0.92
CA ALA A 96 14.25 2.87 -0.12
C ALA A 96 14.51 1.45 -0.66
N VAL A 97 15.78 1.04 -0.74
CA VAL A 97 16.14 -0.25 -1.38
C VAL A 97 17.19 -0.95 -0.55
N PHE A 98 17.14 -2.28 -0.54
CA PHE A 98 18.36 -3.01 -0.11
C PHE A 98 18.76 -4.00 -1.18
N THR A 99 20.03 -4.41 -1.14
CA THR A 99 20.58 -5.35 -2.10
C THR A 99 21.21 -6.49 -1.35
N ARG A 100 20.72 -7.69 -1.60
CA ARG A 100 21.44 -8.89 -1.19
C ARG A 100 21.82 -9.64 -2.46
N SER A 101 22.68 -10.66 -2.30
CA SER A 101 23.18 -11.40 -3.44
C SER A 101 23.67 -12.79 -2.99
N ILE A 102 23.66 -13.72 -3.92
CA ILE A 102 24.18 -15.08 -3.65
C ILE A 102 24.45 -15.83 -4.98
N ASP A 103 25.29 -16.87 -4.91
CA ASP A 103 25.49 -17.76 -6.01
C ASP A 103 24.30 -18.75 -6.07
N ILE A 104 23.90 -19.14 -7.28
CA ILE A 104 22.87 -20.21 -7.49
C ILE A 104 23.54 -21.34 -8.29
N PRO A 105 23.96 -22.44 -7.63
CA PRO A 105 24.62 -23.51 -8.37
C PRO A 105 23.67 -24.23 -9.36
N VAL A 106 24.29 -24.87 -10.36
CA VAL A 106 23.65 -25.90 -11.17
C VAL A 106 23.48 -27.16 -10.31
N GLY A 107 22.38 -27.87 -10.41
CA GLY A 107 22.34 -29.19 -9.82
C GLY A 107 21.14 -29.24 -8.90
N LYS A 108 21.39 -29.23 -7.62
CA LYS A 108 20.33 -29.39 -6.64
C LYS A 108 19.66 -28.08 -6.27
N MET A 109 18.36 -28.04 -6.44
CA MET A 109 17.64 -26.87 -6.00
C MET A 109 17.66 -26.66 -4.45
N GLN A 110 17.75 -25.40 -4.02
CA GLN A 110 17.70 -25.04 -2.59
C GLN A 110 16.80 -23.84 -2.36
N SER A 111 16.44 -23.59 -1.09
CA SER A 111 15.66 -22.43 -0.69
C SER A 111 16.59 -21.33 -0.19
N TYR A 112 16.29 -20.11 -0.57
CA TYR A 112 17.13 -18.95 -0.30
C TYR A 112 16.21 -17.98 0.38
N TYR A 113 16.68 -17.33 1.43
CA TYR A 113 15.83 -16.35 2.04
C TYR A 113 16.57 -15.03 2.25
N ALA A 114 15.81 -13.94 2.21
CA ALA A 114 16.25 -12.58 2.49
C ALA A 114 15.37 -12.07 3.63
N LYS A 115 15.97 -11.72 4.76
CA LYS A 115 15.15 -11.16 5.87
C LYS A 115 14.47 -9.87 5.49
N LEU A 116 13.24 -9.68 5.96
CA LEU A 116 12.56 -8.42 5.73
C LEU A 116 12.57 -7.62 7.03
N SER A 117 12.55 -8.35 8.15
CA SER A 117 12.47 -7.75 9.48
C SER A 117 12.95 -8.74 10.53
N GLY A 118 13.24 -8.26 11.75
CA GLY A 118 13.58 -9.13 12.85
C GLY A 118 15.07 -9.45 12.98
N HIS A 119 15.43 -10.12 14.09
CA HIS A 119 16.76 -10.69 14.32
C HIS A 119 17.83 -9.65 14.14
N ASP A 120 18.80 -9.91 13.24
CA ASP A 120 19.91 -9.00 13.08
C ASP A 120 19.58 -7.77 12.27
N LEU A 121 18.32 -7.63 11.83
CA LEU A 121 17.90 -6.37 11.22
C LEU A 121 17.47 -5.33 12.27
N GLU A 122 17.23 -5.78 13.51
CA GLU A 122 17.00 -4.88 14.65
C GLU A 122 18.34 -4.33 15.08
N ASN A 130 27.63 5.37 5.81
CA ASN A 130 28.90 4.69 5.64
C ASN A 130 29.11 3.46 6.54
N ASP A 131 28.02 2.86 7.06
CA ASP A 131 28.13 1.55 7.75
C ASP A 131 27.44 0.43 7.04
N LEU A 132 28.21 -0.18 6.13
CA LEU A 132 27.65 -1.17 5.26
C LEU A 132 27.46 -2.47 6.03
N ASN A 133 27.93 -2.55 7.28
CA ASN A 133 27.88 -3.81 8.05
C ASN A 133 26.59 -4.02 8.85
N LEU A 134 26.37 -5.26 9.29
CA LEU A 134 25.49 -5.52 10.41
C LEU A 134 26.16 -5.04 11.74
N ALA A 135 25.37 -5.01 12.82
CA ALA A 135 25.79 -4.48 14.14
C ALA A 135 27.10 -5.13 14.63
N SER A 136 27.23 -6.44 14.39
CA SER A 136 28.42 -7.27 14.65
C SER A 136 29.77 -6.72 14.14
N GLY A 137 29.73 -5.87 13.10
CA GLY A 137 30.95 -5.49 12.37
C GLY A 137 31.36 -6.48 11.27
N LEU A 138 30.46 -7.37 10.87
CA LEU A 138 30.70 -8.29 9.75
C LEU A 138 29.89 -7.72 8.61
N ARG A 139 30.42 -7.79 7.40
CA ARG A 139 29.66 -7.29 6.27
C ARG A 139 28.39 -8.14 6.12
N SER A 140 28.50 -9.45 6.34
CA SER A 140 27.33 -10.30 6.40
C SER A 140 27.61 -11.38 7.44
N ASN A 141 26.55 -11.68 8.18
CA ASN A 141 26.59 -12.46 9.41
C ASN A 141 26.40 -13.94 9.13
N PRO A 142 26.82 -14.81 10.09
CA PRO A 142 26.32 -16.20 10.06
C PRO A 142 24.77 -16.15 10.26
N PRO A 143 24.05 -17.20 9.88
CA PRO A 143 22.58 -17.19 10.00
C PRO A 143 22.20 -17.03 11.45
N THR A 144 21.02 -16.48 11.74
CA THR A 144 20.53 -16.36 13.10
C THR A 144 19.71 -17.60 13.51
N TRP A 145 19.64 -18.60 12.64
CA TRP A 145 19.05 -19.88 12.98
C TRP A 145 19.63 -20.93 12.05
N THR A 146 19.52 -22.19 12.47
CA THR A 146 20.07 -23.30 11.75
C THR A 146 18.98 -23.87 10.88
N SER A 147 19.32 -24.06 9.60
CA SER A 147 18.48 -24.74 8.63
C SER A 147 19.39 -25.09 7.44
N ASP A 148 18.83 -25.85 6.51
CA ASP A 148 19.47 -26.19 5.26
C ASP A 148 19.23 -25.12 4.19
N ASP A 149 18.41 -24.12 4.49
CA ASP A 149 18.19 -23.04 3.56
C ASP A 149 19.43 -22.16 3.45
N ARG A 150 19.53 -21.39 2.36
CA ARG A 150 20.68 -20.51 2.21
C ARG A 150 20.27 -19.05 2.39
N GLN A 151 20.97 -18.31 3.25
CA GLN A 151 20.68 -16.91 3.43
C GLN A 151 21.30 -16.03 2.35
N PHE A 152 20.47 -15.27 1.63
CA PHE A 152 20.99 -14.21 0.74
C PHE A 152 21.95 -13.36 1.53
N VAL A 153 23.14 -13.09 0.97
CA VAL A 153 24.21 -12.41 1.68
C VAL A 153 23.98 -10.89 1.63
N TRP A 154 24.25 -10.19 2.72
CA TRP A 154 24.09 -8.75 2.74
C TRP A 154 25.09 -8.05 1.83
N MET A 155 24.62 -7.09 1.05
CA MET A 155 25.55 -6.29 0.22
C MET A 155 25.53 -4.83 0.64
N TRP A 156 24.41 -4.14 0.47
CA TRP A 156 24.33 -2.72 0.84
C TRP A 156 22.87 -2.26 0.79
N GLY A 157 22.60 -1.07 1.34
CA GLY A 157 21.30 -0.45 1.23
C GLY A 157 20.61 -0.27 2.60
N VAL A 158 19.30 -0.03 2.58
CA VAL A 158 18.50 0.22 3.78
C VAL A 158 18.12 -1.10 4.47
N LYS A 159 18.60 -1.33 5.69
CA LYS A 159 18.26 -2.51 6.51
C LYS A 159 16.75 -2.66 6.75
N ASN A 160 16.08 -1.54 7.03
CA ASN A 160 14.69 -1.62 7.45
C ASN A 160 13.74 -0.92 6.52
N LEU A 161 13.14 -1.67 5.60
CA LEU A 161 12.26 -1.03 4.64
C LEU A 161 10.91 -0.72 5.30
N ASP A 162 10.16 0.21 4.72
CA ASP A 162 8.80 0.43 5.15
C ASP A 162 7.97 -0.77 4.70
N LEU A 163 7.78 -1.74 5.58
CA LEU A 163 7.06 -2.94 5.19
C LEU A 163 5.57 -2.71 4.88
N SER A 164 5.02 -1.54 5.21
CA SER A 164 3.58 -1.32 4.95
C SER A 164 3.43 -1.09 3.47
N GLY A 165 4.54 -1.08 2.75
CA GLY A 165 4.48 -0.95 1.30
C GLY A 165 5.69 -1.40 0.49
N ILE A 166 5.75 -2.68 0.18
CA ILE A 166 6.81 -3.21 -0.65
C ILE A 166 6.41 -3.11 -2.11
N ALA A 167 7.15 -2.31 -2.86
CA ALA A 167 6.76 -1.93 -4.21
C ALA A 167 7.35 -2.81 -5.30
N LYS A 168 8.56 -3.35 -5.09
CA LYS A 168 9.26 -4.06 -6.17
C LYS A 168 10.21 -5.14 -5.59
N ILE A 169 10.13 -6.36 -6.12
CA ILE A 169 11.12 -7.42 -5.83
C ILE A 169 11.81 -7.88 -7.12
N SER A 170 13.10 -7.59 -7.17
CA SER A 170 13.91 -7.73 -8.37
C SER A 170 15.01 -8.76 -8.17
N LEU A 171 15.13 -9.65 -9.16
CA LEU A 171 16.23 -10.62 -9.24
C LEU A 171 16.92 -10.37 -10.58
N SER A 172 18.23 -10.07 -10.53
CA SER A 172 18.94 -9.72 -11.72
C SER A 172 20.31 -10.33 -11.85
N VAL A 173 20.69 -10.54 -13.11
CA VAL A 173 22.04 -10.92 -13.49
C VAL A 173 22.70 -9.78 -14.27
N GLN A 174 23.90 -9.41 -13.83
CA GLN A 174 24.53 -8.18 -14.34
C GLN A 174 25.94 -8.46 -14.83
N SER A 175 26.30 -7.79 -15.93
CA SER A 175 27.64 -7.89 -16.55
C SER A 175 28.18 -9.31 -16.58
N ALA A 176 27.35 -10.24 -17.05
CA ALA A 176 27.78 -11.58 -17.23
C ALA A 176 28.57 -11.73 -18.56
N MET A 177 29.37 -12.78 -18.61
CA MET A 177 30.06 -13.22 -19.81
C MET A 177 29.23 -14.33 -20.51
N HIS A 178 28.24 -14.92 -19.83
CA HIS A 178 27.44 -15.99 -20.45
C HIS A 178 25.96 -15.78 -20.23
N ASP A 179 25.14 -16.33 -21.14
CA ASP A 179 23.74 -16.53 -20.84
C ASP A 179 23.61 -17.35 -19.53
N LYS A 180 22.71 -16.91 -18.65
CA LYS A 180 22.38 -17.64 -17.40
C LYS A 180 20.91 -18.02 -17.44
N THR A 181 20.61 -19.22 -16.98
CA THR A 181 19.22 -19.74 -16.89
C THR A 181 18.95 -20.33 -15.50
N VAL A 182 17.83 -19.95 -14.88
CA VAL A 182 17.49 -20.49 -13.57
C VAL A 182 16.05 -20.99 -13.60
N ILE A 183 15.71 -21.91 -12.68
CA ILE A 183 14.30 -22.19 -12.39
C ILE A 183 14.00 -21.66 -10.99
N ILE A 184 12.87 -21.01 -10.83
CA ILE A 184 12.49 -20.43 -9.54
C ILE A 184 11.11 -20.94 -9.19
N ASP A 185 10.91 -21.27 -7.91
CA ASP A 185 9.62 -21.78 -7.44
C ASP A 185 9.32 -21.28 -6.02
N ASN A 186 8.07 -21.44 -5.62
CA ASN A 186 7.66 -21.29 -4.21
C ASN A 186 8.11 -19.96 -3.61
N ILE A 187 7.78 -18.86 -4.28
CA ILE A 187 8.15 -17.55 -3.78
C ILE A 187 7.18 -17.24 -2.65
N ARG A 188 7.68 -17.00 -1.46
CA ARG A 188 6.80 -17.04 -0.27
C ARG A 188 7.40 -16.21 0.84
N ILE A 189 6.56 -15.86 1.83
CA ILE A 189 7.02 -15.28 3.09
C ILE A 189 6.78 -16.26 4.22
N GLN A 190 7.77 -16.37 5.12
CA GLN A 190 7.68 -17.22 6.32
C GLN A 190 8.15 -16.39 7.52
N PRO A 191 7.42 -16.46 8.66
CA PRO A 191 7.98 -15.92 9.93
C PRO A 191 9.35 -16.50 10.22
N ASN A 192 10.24 -15.68 10.77
CA ASN A 192 11.53 -16.20 11.20
C ASN A 192 11.40 -17.22 12.35
N PRO A 193 12.16 -18.33 12.30
CA PRO A 193 12.36 -19.16 13.50
C PRO A 193 12.89 -18.33 14.69
N PRO A 194 12.93 -18.91 15.92
CA PRO A 194 13.48 -18.05 16.98
C PRO A 194 14.97 -17.83 16.72
N GLN A 195 15.44 -16.63 17.04
CA GLN A 195 16.84 -16.26 16.93
C GLN A 195 17.72 -17.06 17.86
N ASP A 196 18.73 -17.70 17.30
CA ASP A 196 19.74 -18.40 18.10
C ASP A 196 20.57 -17.33 18.79
N GLU A 197 20.38 -17.20 20.11
CA GLU A 197 21.09 -16.21 20.90
C GLU A 197 22.62 -16.41 20.87
N ASN A 198 23.07 -17.56 20.38
CA ASN A 198 24.49 -17.84 20.25
C ASN A 198 25.05 -17.66 18.86
N PHE A 199 24.29 -17.00 17.98
CA PHE A 199 24.66 -16.95 16.57
C PHE A 199 26.00 -16.25 16.30
N LEU A 200 26.39 -15.32 17.15
CA LEU A 200 27.68 -14.62 17.07
C LEU A 200 28.67 -15.12 18.11
N VAL A 201 28.31 -16.16 18.87
CA VAL A 201 29.21 -16.65 19.93
C VAL A 201 30.08 -17.79 19.43
N GLY A 202 31.38 -17.74 19.76
CA GLY A 202 32.29 -18.86 19.42
C GLY A 202 32.38 -19.10 17.91
N LEU A 203 32.54 -18.02 17.17
CA LEU A 203 32.71 -18.09 15.69
C LEU A 203 34.05 -18.59 15.25
N VAL A 204 35.08 -18.27 16.02
CA VAL A 204 36.46 -18.41 15.50
C VAL A 204 37.27 -19.38 16.36
N ASP A 205 38.04 -20.26 15.69
CA ASP A 205 38.91 -21.17 16.42
C ASP A 205 40.29 -20.53 16.63
N GLU A 206 41.23 -21.28 17.16
CA GLU A 206 42.57 -20.73 17.50
C GLU A 206 43.38 -20.38 16.24
N PHE A 207 42.93 -20.91 15.10
CA PHE A 207 43.56 -20.70 13.79
C PHE A 207 42.92 -19.59 12.96
N GLY A 208 41.87 -18.96 13.49
CA GLY A 208 41.16 -17.96 12.72
C GLY A 208 40.08 -18.55 11.80
N GLN A 209 39.80 -19.86 11.92
CA GLN A 209 38.82 -20.50 11.07
C GLN A 209 37.42 -20.51 11.68
N ASN A 210 36.43 -20.74 10.82
CA ASN A 210 35.07 -21.01 11.20
C ASN A 210 35.06 -22.22 12.14
N ALA A 211 34.76 -21.96 13.43
CA ALA A 211 34.81 -22.97 14.48
C ALA A 211 33.63 -23.95 14.43
N LYS A 212 32.50 -23.46 13.94
CA LYS A 212 31.29 -24.25 13.91
C LYS A 212 31.06 -25.11 12.68
N VAL A 213 31.89 -25.01 11.66
CA VAL A 213 31.63 -25.69 10.38
C VAL A 213 32.92 -26.39 9.97
N ASP A 214 32.82 -27.67 9.65
CA ASP A 214 33.94 -28.36 9.13
C ASP A 214 33.75 -28.24 7.64
N TYR A 215 34.84 -28.24 6.91
CA TYR A 215 34.75 -28.11 5.48
C TYR A 215 36.04 -28.71 4.96
N LYS A 216 36.07 -28.98 3.67
CA LYS A 216 37.20 -29.58 2.99
C LYS A 216 38.40 -28.65 3.06
N GLY A 217 39.51 -29.20 3.55
CA GLY A 217 40.72 -28.41 3.72
C GLY A 217 40.89 -27.67 5.03
N LYS A 218 39.88 -27.70 5.90
CA LYS A 218 40.01 -27.05 7.20
C LYS A 218 41.17 -27.67 7.99
N ILE A 219 41.92 -26.85 8.74
CA ILE A 219 42.99 -27.36 9.60
C ILE A 219 42.43 -27.72 10.99
N HIS A 220 42.73 -28.93 11.45
CA HIS A 220 42.21 -29.41 12.71
C HIS A 220 43.32 -29.51 13.76
N SER A 221 44.56 -29.28 13.36
CA SER A 221 45.67 -29.31 14.33
C SER A 221 46.95 -28.72 13.75
N LEU A 222 47.92 -28.46 14.64
CA LEU A 222 49.19 -27.94 14.25
C LEU A 222 49.94 -28.86 13.29
N GLU A 223 49.84 -30.16 13.51
CA GLU A 223 50.55 -31.09 12.61
C GLU A 223 49.94 -31.12 11.22
N GLU A 224 48.62 -30.96 11.08
CA GLU A 224 48.04 -30.87 9.74
C GLU A 224 48.52 -29.62 9.03
N LEU A 225 48.67 -28.55 9.78
CA LEU A 225 49.25 -27.30 9.24
C LEU A 225 50.70 -27.51 8.77
N HIS A 226 51.53 -28.15 9.61
CA HIS A 226 52.87 -28.52 9.15
C HIS A 226 52.89 -29.47 7.96
N ALA A 227 51.96 -30.42 7.90
CA ALA A 227 51.91 -31.30 6.74
C ALA A 227 51.56 -30.49 5.47
N ALA A 228 50.59 -29.59 5.57
CA ALA A 228 50.26 -28.69 4.45
C ALA A 228 51.51 -27.90 3.98
N ARG A 229 52.24 -27.37 4.94
CA ARG A 229 53.43 -26.60 4.66
C ARG A 229 54.44 -27.50 3.93
N ASP A 230 54.68 -28.71 4.43
CA ASP A 230 55.69 -29.56 3.83
C ASP A 230 55.34 -29.97 2.40
N VAL A 231 54.08 -30.36 2.15
CA VAL A 231 53.71 -30.65 0.79
C VAL A 231 54.05 -29.48 -0.15
N GLU A 232 53.65 -28.27 0.22
CA GLU A 232 53.81 -27.10 -0.66
C GLU A 232 55.27 -26.71 -0.83
N LEU A 233 56.03 -26.67 0.27
CA LEU A 233 57.41 -26.21 0.18
C LEU A 233 58.22 -27.13 -0.72
N ALA A 234 57.83 -28.41 -0.72
CA ALA A 234 58.44 -29.43 -1.61
C ALA A 234 58.24 -29.11 -3.09
N GLU A 235 57.15 -28.46 -3.47
CA GLU A 235 56.90 -28.11 -4.88
C GLU A 235 57.42 -26.75 -5.35
N LEU A 236 57.76 -25.88 -4.40
CA LEU A 236 58.20 -24.53 -4.75
C LEU A 236 59.72 -24.55 -4.95
N ASP A 237 60.19 -24.35 -6.18
CA ASP A 237 61.62 -24.42 -6.45
C ASP A 237 62.21 -23.06 -6.81
N GLY A 238 61.39 -22.02 -6.69
CA GLY A 238 61.86 -20.69 -7.05
C GLY A 238 61.87 -20.39 -8.54
N LYS A 239 61.44 -21.35 -9.36
CA LYS A 239 61.56 -21.22 -10.84
C LYS A 239 60.36 -20.60 -11.55
N PRO A 240 60.60 -19.56 -12.36
CA PRO A 240 59.58 -18.92 -13.22
C PRO A 240 59.08 -19.86 -14.32
N MET A 241 57.90 -19.57 -14.85
CA MET A 241 57.38 -20.25 -16.02
C MET A 241 58.38 -20.08 -17.17
N PRO A 242 58.26 -20.94 -18.19
CA PRO A 242 59.20 -20.92 -19.30
C PRO A 242 59.13 -19.67 -20.17
N SER A 243 60.27 -19.30 -20.69
CA SER A 243 60.31 -18.20 -21.65
C SER A 243 59.97 -16.83 -21.08
N ARG A 244 59.99 -16.66 -19.75
CA ARG A 244 59.83 -15.33 -19.15
C ARG A 244 61.21 -14.73 -19.22
N SER A 245 61.31 -13.47 -19.62
CA SER A 245 62.59 -12.77 -19.45
C SER A 245 62.86 -12.49 -17.97
N LYS A 246 64.01 -11.91 -17.69
CA LYS A 246 64.39 -11.55 -16.31
C LYS A 246 63.28 -10.82 -15.55
N PHE A 247 62.68 -9.84 -16.21
CA PHE A 247 61.67 -8.97 -15.59
C PHE A 247 60.25 -9.48 -15.88
N GLY A 248 60.10 -10.75 -16.22
CA GLY A 248 58.78 -11.34 -16.38
C GLY A 248 58.10 -11.06 -17.70
N GLY A 249 58.83 -10.51 -18.68
CA GLY A 249 58.25 -10.33 -20.01
C GLY A 249 58.38 -11.63 -20.82
N TRP A 250 58.15 -11.56 -22.13
CA TRP A 250 58.09 -12.67 -23.04
C TRP A 250 59.40 -12.78 -23.86
N LEU A 251 60.22 -13.78 -23.57
CA LEU A 251 61.50 -13.95 -24.26
C LEU A 251 61.38 -14.10 -25.75
N ALA A 252 60.28 -14.66 -26.23
CA ALA A 252 60.16 -14.90 -27.65
C ALA A 252 60.05 -13.59 -28.44
N GLY A 253 59.94 -12.46 -27.73
CA GLY A 253 59.86 -11.17 -28.42
C GLY A 253 58.70 -11.18 -29.39
N PRO A 254 58.68 -10.27 -30.38
CA PRO A 254 59.73 -9.37 -30.81
C PRO A 254 60.29 -8.61 -29.63
N LYS A 255 61.59 -8.46 -29.56
CA LYS A 255 62.21 -7.61 -28.57
C LYS A 255 62.13 -6.14 -29.03
N LEU A 256 61.75 -5.20 -28.16
CA LEU A 256 61.66 -3.77 -28.51
C LEU A 256 62.81 -2.94 -27.88
N LYS A 257 62.84 -1.62 -28.16
CA LYS A 257 63.85 -0.74 -27.58
C LYS A 257 63.77 -0.81 -26.06
N ALA A 258 64.92 -0.95 -25.42
CA ALA A 258 64.99 -1.08 -24.00
C ALA A 258 65.40 0.25 -23.38
N THR A 259 64.65 0.70 -22.38
CA THR A 259 64.95 1.97 -21.71
C THR A 259 65.45 1.80 -20.30
N GLY A 260 65.48 0.55 -19.83
CA GLY A 260 65.85 0.23 -18.43
C GLY A 260 64.68 0.41 -17.46
N TYR A 261 63.50 0.76 -17.97
CA TYR A 261 62.28 0.87 -17.10
C TYR A 261 61.06 0.27 -17.84
N PHE A 262 60.03 -0.08 -17.06
CA PHE A 262 58.76 -0.50 -17.66
C PHE A 262 58.10 0.69 -18.32
N ARG A 263 57.51 0.45 -19.48
CA ARG A 263 56.93 1.50 -20.29
C ARG A 263 55.81 0.87 -21.12
N THR A 264 55.06 1.69 -21.84
CA THR A 264 53.95 1.19 -22.65
C THR A 264 54.24 1.27 -24.15
N GLU A 265 53.60 0.41 -24.93
CA GLU A 265 53.72 0.45 -26.38
C GLU A 265 52.61 -0.41 -27.02
N LYS A 266 52.08 0.03 -28.16
CA LYS A 266 51.04 -0.73 -28.91
C LYS A 266 51.76 -1.73 -29.83
N ILE A 267 51.55 -3.04 -29.62
CA ILE A 267 52.25 -4.08 -30.37
C ILE A 267 51.21 -4.79 -31.25
N ASN A 268 51.36 -4.62 -32.55
CA ASN A 268 50.32 -4.97 -33.54
C ASN A 268 48.84 -4.83 -33.13
N GLY A 269 48.44 -3.61 -32.84
CA GLY A 269 47.05 -3.32 -32.54
C GLY A 269 46.63 -3.62 -31.10
N LYS A 270 47.54 -4.15 -30.29
CA LYS A 270 47.20 -4.49 -28.92
C LYS A 270 48.13 -3.72 -27.97
N TRP A 271 47.56 -3.05 -26.96
CA TRP A 271 48.42 -2.32 -26.01
C TRP A 271 49.16 -3.33 -25.13
N MET A 272 50.44 -3.06 -24.84
CA MET A 272 51.25 -3.87 -23.95
C MET A 272 52.08 -2.98 -23.04
N LEU A 273 52.60 -3.55 -21.98
CA LEU A 273 53.75 -2.95 -21.30
C LEU A 273 55.00 -3.50 -21.98
N VAL A 274 56.17 -2.91 -21.72
CA VAL A 274 57.44 -3.41 -22.29
C VAL A 274 58.37 -3.35 -21.13
N ASP A 275 59.06 -4.45 -20.86
CA ASP A 275 59.82 -4.53 -19.62
C ASP A 275 61.15 -3.75 -19.78
N PRO A 276 61.94 -3.59 -18.70
CA PRO A 276 63.15 -2.80 -18.78
C PRO A 276 64.17 -3.21 -19.86
N GLU A 277 64.13 -4.47 -20.26
CA GLU A 277 65.04 -4.98 -21.29
C GLU A 277 64.46 -4.93 -22.69
N GLY A 278 63.22 -4.47 -22.82
CA GLY A 278 62.66 -4.40 -24.16
C GLY A 278 61.69 -5.54 -24.50
N TYR A 279 61.46 -6.44 -23.55
CA TYR A 279 60.50 -7.54 -23.81
C TYR A 279 59.03 -7.18 -23.54
N PRO A 280 58.11 -7.61 -24.44
CA PRO A 280 56.68 -7.40 -24.16
C PRO A 280 56.30 -7.98 -22.79
N TYR A 281 55.40 -7.29 -22.11
CA TYR A 281 55.07 -7.57 -20.74
C TYR A 281 53.57 -7.33 -20.56
N PHE A 282 52.96 -8.18 -19.75
CA PHE A 282 51.52 -8.09 -19.39
C PHE A 282 51.45 -8.41 -17.87
N ALA A 283 50.80 -7.53 -17.14
CA ALA A 283 50.85 -7.57 -15.70
C ALA A 283 49.77 -8.50 -15.14
N THR A 284 50.17 -9.52 -14.39
CA THR A 284 49.20 -10.31 -13.63
C THR A 284 49.74 -10.43 -12.21
N GLY A 285 48.85 -10.55 -11.24
CA GLY A 285 49.32 -10.69 -9.85
C GLY A 285 48.16 -10.35 -8.91
N LEU A 286 48.51 -10.23 -7.63
CA LEU A 286 47.57 -10.09 -6.51
C LEU A 286 47.86 -8.81 -5.77
N ASP A 287 46.80 -8.16 -5.26
CA ASP A 287 46.90 -6.99 -4.41
C ASP A 287 46.97 -7.43 -2.94
N ILE A 288 47.34 -6.49 -2.10
CA ILE A 288 47.39 -6.65 -0.65
C ILE A 288 48.37 -7.76 -0.30
N ILE A 289 49.62 -7.55 -0.71
CA ILE A 289 50.65 -8.54 -0.37
C ILE A 289 51.34 -7.94 0.85
N ARG A 290 50.61 -7.91 1.97
CA ARG A 290 51.06 -7.25 3.19
C ARG A 290 50.20 -7.76 4.31
N LEU A 291 50.60 -7.48 5.54
CA LEU A 291 49.83 -7.93 6.69
C LEU A 291 48.84 -6.91 7.30
N SER A 292 48.89 -5.62 6.87
CA SER A 292 48.10 -4.50 7.44
C SER A 292 46.57 -4.73 7.58
N ASN A 293 46.02 -5.44 6.63
CA ASN A 293 44.55 -5.64 6.58
C ASN A 293 44.09 -7.00 7.08
N SER A 294 44.99 -7.75 7.72
CA SER A 294 44.68 -9.12 8.15
C SER A 294 44.20 -9.23 9.59
N SER A 295 44.06 -8.08 10.27
CA SER A 295 43.67 -8.12 11.69
C SER A 295 42.15 -7.88 11.86
N THR A 296 41.60 -8.37 12.98
CA THR A 296 40.17 -8.29 13.23
C THR A 296 39.92 -7.74 14.65
N MET A 297 38.93 -6.87 14.80
CA MET A 297 38.70 -6.21 16.09
C MET A 297 38.30 -7.29 17.11
N THR A 298 39.02 -7.36 18.23
CA THR A 298 38.74 -8.37 19.23
C THR A 298 37.64 -7.94 20.22
N GLY A 299 37.27 -6.65 20.25
CA GLY A 299 36.33 -6.22 21.25
C GLY A 299 36.96 -5.51 22.45
N TYR A 300 38.27 -5.67 22.64
CA TYR A 300 38.97 -4.93 23.72
C TYR A 300 39.57 -3.63 23.25
N ASP A 301 39.77 -2.74 24.23
CA ASP A 301 40.41 -1.45 24.02
C ASP A 301 41.48 -1.19 25.13
N TYR A 302 42.26 -0.12 24.96
CA TYR A 302 43.31 0.22 25.90
C TYR A 302 43.13 1.64 26.36
N ASP A 303 43.76 1.97 27.48
CA ASP A 303 43.92 3.35 27.94
C ASP A 303 44.54 4.21 26.85
N GLN A 304 43.87 5.29 26.47
CA GLN A 304 44.40 6.15 25.40
C GLN A 304 45.74 6.81 25.66
N ALA A 305 46.05 7.07 26.93
CA ALA A 305 47.35 7.67 27.24
C ALA A 305 48.52 6.68 27.02
N THR A 306 48.21 5.40 26.80
CA THR A 306 49.25 4.43 26.42
C THR A 306 49.39 4.26 24.88
N VAL A 307 48.59 4.97 24.09
CA VAL A 307 48.64 4.79 22.63
C VAL A 307 49.32 5.97 21.89
N ALA A 308 50.39 5.64 21.17
CA ALA A 308 51.08 6.64 20.32
C ALA A 308 50.07 7.25 19.35
N GLN A 309 50.07 8.59 19.24
CA GLN A 309 49.10 9.30 18.38
C GLN A 309 49.68 9.41 16.97
N ARG A 310 48.81 9.53 15.97
CA ARG A 310 49.26 9.75 14.59
C ARG A 310 49.89 11.13 14.47
N SER A 311 51.00 11.19 13.72
CA SER A 311 51.55 12.47 13.22
C SER A 311 50.62 13.03 12.14
N ALA A 312 50.47 14.35 12.09
CA ALA A 312 49.57 14.96 11.11
C ALA A 312 50.14 14.93 9.67
N ASP A 313 51.45 14.75 9.60
CA ASP A 313 52.18 14.75 8.34
C ASP A 313 52.31 13.36 7.72
N ASP A 314 51.83 12.32 8.42
CA ASP A 314 51.99 10.93 7.95
C ASP A 314 51.35 10.78 6.54
N VAL A 315 52.08 10.20 5.60
CA VAL A 315 51.52 9.99 4.26
C VAL A 315 50.65 8.72 4.19
N THR A 316 50.67 7.91 5.24
CA THR A 316 50.01 6.59 5.18
C THR A 316 48.73 6.58 6.00
N PRO A 317 47.59 6.30 5.36
CA PRO A 317 46.34 6.28 6.15
C PRO A 317 46.31 5.07 7.09
N GLU A 318 45.55 5.21 8.18
CA GLU A 318 45.54 4.23 9.28
C GLU A 318 45.32 2.81 8.78
N ASP A 319 44.32 2.62 7.93
CA ASP A 319 44.06 1.32 7.29
C ASP A 319 45.29 0.65 6.64
N SER A 320 46.18 1.47 6.09
CA SER A 320 47.40 0.98 5.41
C SER A 320 48.66 1.00 6.29
N LYS A 321 48.51 1.34 7.57
CA LYS A 321 49.66 1.30 8.47
C LYS A 321 50.09 -0.13 8.77
N GLY A 322 51.39 -0.33 9.04
CA GLY A 322 51.90 -1.62 9.52
C GLY A 322 51.09 -2.04 10.75
N LEU A 323 51.05 -3.35 11.05
CA LEU A 323 50.41 -3.82 12.28
C LEU A 323 51.13 -3.15 13.46
N MET A 324 50.41 -2.46 14.34
CA MET A 324 51.08 -1.79 15.47
C MET A 324 51.51 -2.78 16.58
N ALA A 325 52.76 -2.68 17.05
CA ALA A 325 53.27 -3.57 18.11
C ALA A 325 52.62 -3.08 19.37
N VAL A 326 51.90 -3.93 20.05
CA VAL A 326 51.17 -3.50 21.24
C VAL A 326 52.11 -3.62 22.46
N SER A 327 52.26 -2.54 23.23
CA SER A 327 53.12 -2.57 24.43
C SER A 327 52.48 -3.29 25.63
N GLU A 328 53.33 -3.81 26.52
CA GLU A 328 52.87 -4.39 27.76
C GLU A 328 52.09 -3.39 28.62
N LYS A 329 52.56 -2.15 28.66
CA LYS A 329 51.82 -1.12 29.40
C LYS A 329 50.40 -1.02 28.85
N SER A 330 50.28 -1.01 27.54
CA SER A 330 48.97 -0.93 26.88
C SER A 330 48.14 -2.16 27.24
N PHE A 331 48.74 -3.34 27.16
CA PHE A 331 47.96 -4.56 27.35
C PHE A 331 47.45 -4.71 28.80
N ALA A 332 48.24 -4.22 29.76
CA ALA A 332 47.87 -4.18 31.18
C ALA A 332 46.57 -3.43 31.45
N THR A 333 46.28 -2.39 30.67
CA THR A 333 45.07 -1.56 30.78
C THR A 333 43.89 -2.06 29.94
N ARG A 334 44.03 -3.27 29.39
CA ARG A 334 43.01 -3.88 28.52
C ARG A 334 41.64 -3.87 29.20
N HIS A 335 40.61 -3.37 28.52
CA HIS A 335 39.26 -3.54 29.06
C HIS A 335 38.28 -3.87 27.91
N LEU A 336 37.10 -4.38 28.25
CA LEU A 336 36.13 -4.86 27.27
C LEU A 336 35.34 -3.69 26.70
N ALA A 337 35.44 -3.43 25.41
CA ALA A 337 34.62 -2.38 24.78
C ALA A 337 33.42 -2.93 24.02
N SER A 338 33.50 -4.18 23.56
CA SER A 338 32.37 -4.79 22.88
C SER A 338 32.30 -6.25 23.24
N PRO A 339 31.43 -6.60 24.21
CA PRO A 339 31.10 -7.98 24.52
C PRO A 339 30.75 -8.76 23.28
N THR A 340 30.03 -8.18 22.32
CA THR A 340 29.61 -8.94 21.16
C THR A 340 30.83 -9.40 20.37
N ARG A 341 31.75 -8.45 20.10
CA ARG A 341 33.03 -8.81 19.43
C ARG A 341 33.79 -9.86 20.22
N ALA A 342 33.97 -9.62 21.52
CA ALA A 342 34.85 -10.50 22.29
C ALA A 342 34.35 -11.93 22.35
N ALA A 343 33.03 -12.12 22.46
CA ALA A 343 32.43 -13.48 22.49
C ALA A 343 32.59 -14.25 21.14
N MET A 344 33.04 -13.55 20.10
CA MET A 344 33.23 -14.23 18.82
C MET A 344 34.37 -15.25 18.88
N PHE A 345 35.34 -15.03 19.76
CA PHE A 345 36.64 -15.70 19.61
C PHE A 345 36.82 -16.75 20.65
N ASN A 346 37.01 -18.00 20.23
CA ASN A 346 37.22 -19.11 21.16
C ASN A 346 38.60 -19.02 21.78
N TRP A 347 39.56 -18.45 21.06
CA TRP A 347 40.94 -18.36 21.54
C TRP A 347 41.55 -17.02 21.21
N LEU A 348 42.10 -16.36 22.24
CA LEU A 348 43.00 -15.22 22.09
C LEU A 348 44.11 -15.37 23.11
N PRO A 349 45.37 -15.07 22.75
CA PRO A 349 46.47 -15.43 23.68
C PRO A 349 46.65 -14.44 24.83
N ASP A 350 47.16 -14.90 25.99
CA ASP A 350 47.55 -13.99 27.09
C ASP A 350 48.77 -13.21 26.63
N TYR A 351 49.06 -12.08 27.27
CA TYR A 351 50.25 -11.31 26.92
C TYR A 351 51.54 -12.11 27.01
N ASP A 352 51.55 -13.13 27.86
CA ASP A 352 52.68 -14.05 28.03
C ASP A 352 52.90 -14.97 26.85
N HIS A 353 51.86 -15.24 26.03
CA HIS A 353 51.90 -16.33 25.00
C HIS A 353 52.81 -15.99 23.84
N PRO A 354 53.54 -16.98 23.28
CA PRO A 354 54.41 -16.64 22.13
C PRO A 354 53.71 -16.00 20.92
N LEU A 355 52.37 -16.07 20.85
CA LEU A 355 51.65 -15.59 19.66
C LEU A 355 50.92 -14.29 20.00
N ALA A 356 51.28 -13.73 21.16
CA ALA A 356 50.74 -12.45 21.62
C ALA A 356 51.23 -11.33 20.78
N ASN A 357 52.31 -11.56 20.02
CA ASN A 357 52.86 -10.50 19.22
C ASN A 357 52.04 -10.26 17.96
N HIS A 358 50.98 -11.06 17.72
CA HIS A 358 50.08 -10.75 16.59
C HIS A 358 48.86 -9.88 16.91
N TYR A 359 48.80 -9.33 18.13
CA TYR A 359 47.87 -8.24 18.41
C TYR A 359 48.26 -6.98 17.66
N ASN A 360 47.26 -6.19 17.30
CA ASN A 360 47.40 -4.98 16.55
C ASN A 360 46.54 -3.95 17.28
N TYR A 361 46.60 -2.69 16.91
CA TYR A 361 45.64 -1.71 17.47
C TYR A 361 45.37 -0.72 16.37
N ARG A 362 44.11 -0.45 16.09
N ARG A 362 44.10 -0.39 16.13
CA ARG A 362 43.75 0.57 15.10
CA ARG A 362 43.73 0.58 15.10
C ARG A 362 43.23 1.75 15.90
C ARG A 362 42.95 1.77 15.67
N ARG A 363 43.47 2.96 15.41
CA ARG A 363 43.04 4.19 16.07
C ARG A 363 41.83 4.83 15.38
N SER A 364 41.44 4.26 14.26
CA SER A 364 40.26 4.68 13.56
C SER A 364 39.74 3.49 12.72
N ALA A 365 38.52 3.63 12.20
CA ALA A 365 37.86 2.59 11.41
C ALA A 365 36.90 3.33 10.46
N HIS A 366 36.75 2.85 9.23
CA HIS A 366 35.78 3.41 8.31
C HIS A 366 34.35 3.04 8.75
N SER A 367 34.13 1.75 9.10
CA SER A 367 32.81 1.21 9.51
C SER A 367 32.97 0.11 10.58
N GLY A 368 31.88 -0.18 11.27
CA GLY A 368 31.86 -1.21 12.29
C GLY A 368 31.47 -0.61 13.63
N PRO A 369 31.23 -1.46 14.63
CA PRO A 369 30.73 -0.97 15.94
C PRO A 369 31.82 -0.26 16.78
N LEU A 370 33.11 -0.45 16.44
CA LEU A 370 34.18 0.26 17.16
C LEU A 370 34.93 1.24 16.29
N LYS A 371 35.08 2.45 16.82
CA LYS A 371 35.84 3.50 16.14
C LYS A 371 37.36 3.28 16.28
N ARG A 372 37.77 2.44 17.21
CA ARG A 372 39.17 2.13 17.48
C ARG A 372 39.24 0.89 18.39
N GLY A 373 40.42 0.32 18.53
CA GLY A 373 40.56 -0.80 19.44
C GLY A 373 41.58 -1.85 19.09
N GLU A 374 41.71 -2.79 20.02
CA GLU A 374 42.55 -3.94 19.88
C GLU A 374 42.08 -4.83 18.68
N ALA A 375 43.04 -5.32 17.90
CA ALA A 375 42.71 -6.27 16.85
C ALA A 375 43.72 -7.44 16.91
N TYR A 376 43.38 -8.59 16.34
CA TYR A 376 44.35 -9.71 16.30
C TYR A 376 44.39 -10.19 14.88
N SER A 377 45.60 -10.45 14.38
CA SER A 377 45.79 -11.10 13.09
C SER A 377 46.03 -12.61 13.23
N PHE A 378 45.01 -13.41 12.97
CA PHE A 378 45.18 -14.87 12.95
C PHE A 378 46.09 -15.37 11.81
N TYR A 379 46.01 -14.75 10.63
CA TYR A 379 46.92 -15.12 9.54
C TYR A 379 48.39 -15.01 9.96
N SER A 380 48.81 -13.85 10.42
CA SER A 380 50.14 -13.63 10.96
C SER A 380 50.54 -14.67 12.03
N ALA A 381 49.65 -14.94 12.96
CA ALA A 381 49.90 -15.97 13.99
C ALA A 381 50.18 -17.33 13.32
N ASN A 382 49.45 -17.62 12.26
CA ASN A 382 49.63 -18.89 11.55
C ASN A 382 50.94 -18.96 10.80
N LEU A 383 51.44 -17.84 10.30
CA LEU A 383 52.80 -17.82 9.72
C LEU A 383 53.80 -18.28 10.75
N GLU A 384 53.65 -17.76 11.98
CA GLU A 384 54.61 -18.12 13.02
C GLU A 384 54.45 -19.58 13.37
N ARG A 385 53.20 -20.00 13.51
CA ARG A 385 52.93 -21.44 13.71
C ARG A 385 53.57 -22.27 12.61
N LYS A 386 53.41 -21.86 11.37
CA LYS A 386 53.95 -22.67 10.27
C LYS A 386 55.49 -22.72 10.19
N TYR A 387 56.11 -21.55 10.25
CA TYR A 387 57.52 -21.43 9.93
C TYR A 387 58.44 -21.29 11.15
N GLY A 388 57.90 -21.06 12.35
CA GLY A 388 58.70 -20.95 13.57
C GLY A 388 59.59 -19.72 13.58
N GLU A 389 60.61 -19.72 14.46
CA GLU A 389 61.63 -18.66 14.50
C GLU A 389 63.06 -19.20 14.60
N THR A 390 63.92 -18.82 13.67
CA THR A 390 65.34 -19.14 13.82
C THR A 390 66.04 -17.85 14.34
N TYR A 391 65.26 -16.76 14.40
CA TYR A 391 65.62 -15.50 14.99
C TYR A 391 64.29 -14.76 15.01
N PRO A 392 64.18 -13.70 15.82
CA PRO A 392 62.90 -13.01 16.00
C PRO A 392 62.33 -12.52 14.69
N GLY A 393 61.06 -12.87 14.43
CA GLY A 393 60.39 -12.43 13.20
C GLY A 393 60.79 -13.15 11.92
N SER A 394 61.60 -14.22 12.01
CA SER A 394 62.08 -14.94 10.83
C SER A 394 60.92 -15.49 9.98
N TYR A 395 59.78 -15.81 10.59
CA TYR A 395 58.58 -16.31 9.86
C TYR A 395 58.11 -15.24 8.85
N LEU A 396 58.34 -13.95 9.15
CA LEU A 396 58.04 -12.90 8.17
C LEU A 396 58.97 -12.93 6.96
N ASP A 397 60.27 -13.12 7.20
CA ASP A 397 61.19 -13.25 6.05
C ASP A 397 60.84 -14.53 5.26
N LYS A 398 60.56 -15.60 5.98
CA LYS A 398 60.18 -16.83 5.30
C LYS A 398 58.86 -16.63 4.53
N TRP A 399 57.86 -16.00 5.15
CA TRP A 399 56.64 -15.68 4.37
C TRP A 399 56.92 -14.94 3.03
N ARG A 400 57.82 -13.95 3.05
N ARG A 400 57.83 -13.95 3.05
CA ARG A 400 58.10 -13.16 1.86
CA ARG A 400 58.09 -13.14 1.86
C ARG A 400 58.75 -14.01 0.78
C ARG A 400 58.82 -13.92 0.78
N GLU A 401 59.71 -14.83 1.17
CA GLU A 401 60.39 -15.66 0.21
C GLU A 401 59.41 -16.65 -0.40
N VAL A 402 58.63 -17.31 0.46
CA VAL A 402 57.60 -18.26 -0.02
C VAL A 402 56.59 -17.53 -0.96
N THR A 403 56.18 -16.33 -0.53
CA THR A 403 55.25 -15.53 -1.33
C THR A 403 55.83 -15.34 -2.75
N VAL A 404 57.07 -14.92 -2.83
CA VAL A 404 57.67 -14.69 -4.16
C VAL A 404 57.81 -16.02 -4.93
N ASP A 405 58.21 -17.10 -4.24
CA ASP A 405 58.29 -18.41 -4.89
C ASP A 405 56.95 -18.80 -5.45
N ARG A 406 55.91 -18.60 -4.64
CA ARG A 406 54.54 -18.86 -5.10
C ARG A 406 54.20 -18.13 -6.35
N MET A 407 54.42 -16.81 -6.37
CA MET A 407 53.97 -16.02 -7.52
C MET A 407 54.68 -16.46 -8.80
N LEU A 408 55.97 -16.78 -8.69
CA LEU A 408 56.74 -17.24 -9.85
C LEU A 408 56.24 -18.62 -10.30
N ASN A 409 55.99 -19.49 -9.34
CA ASN A 409 55.43 -20.84 -9.62
C ASN A 409 54.10 -20.69 -10.31
N TRP A 410 53.27 -19.76 -9.78
CA TRP A 410 51.90 -19.60 -10.27
C TRP A 410 51.82 -18.85 -11.62
N GLY A 411 52.98 -18.34 -12.06
CA GLY A 411 53.12 -17.71 -13.35
C GLY A 411 52.81 -16.23 -13.32
N PHE A 412 52.52 -15.66 -12.13
CA PHE A 412 52.25 -14.21 -12.10
C PHE A 412 53.46 -13.41 -12.53
N THR A 413 53.21 -12.29 -13.20
CA THR A 413 54.30 -11.45 -13.68
C THR A 413 54.62 -10.32 -12.72
N SER A 414 53.82 -10.13 -11.67
CA SER A 414 54.09 -9.08 -10.75
C SER A 414 53.48 -9.36 -9.39
N LEU A 415 53.95 -8.59 -8.43
CA LEU A 415 53.27 -8.24 -7.15
C LEU A 415 52.39 -7.03 -7.39
N GLY A 416 51.08 -7.15 -7.12
CA GLY A 416 50.15 -6.09 -7.44
C GLY A 416 50.12 -4.94 -6.42
N ASN A 417 49.02 -4.21 -6.36
CA ASN A 417 48.96 -3.02 -5.56
C ASN A 417 48.99 -3.35 -4.07
N TRP A 418 49.49 -2.39 -3.29
CA TRP A 418 49.63 -2.55 -1.84
C TRP A 418 50.51 -3.75 -1.51
N THR A 419 51.65 -3.82 -2.18
CA THR A 419 52.71 -4.74 -1.82
C THR A 419 53.55 -4.07 -0.72
N ASP A 420 53.77 -4.80 0.37
CA ASP A 420 54.62 -4.28 1.48
C ASP A 420 55.98 -3.88 0.90
N PRO A 421 56.50 -2.70 1.28
CA PRO A 421 57.76 -2.22 0.72
C PRO A 421 58.94 -3.12 1.05
N ALA A 422 58.83 -4.01 2.05
CA ALA A 422 59.90 -5.03 2.24
C ALA A 422 60.09 -5.93 1.00
N TYR A 423 59.09 -6.03 0.14
CA TYR A 423 59.26 -6.76 -1.14
C TYR A 423 59.95 -5.99 -2.26
N TYR A 424 60.13 -4.68 -2.09
CA TYR A 424 60.52 -3.81 -3.20
C TYR A 424 61.94 -4.04 -3.73
N ASP A 425 62.78 -4.72 -2.95
CA ASP A 425 64.09 -5.14 -3.45
C ASP A 425 64.18 -6.64 -3.61
N ASN A 426 63.05 -7.34 -3.79
CA ASN A 426 63.12 -8.76 -3.97
C ASN A 426 63.96 -9.13 -5.17
N ASN A 427 63.98 -8.27 -6.19
CA ASN A 427 64.73 -8.51 -7.45
C ASN A 427 64.57 -9.91 -8.06
N ARG A 428 63.37 -10.46 -7.97
CA ARG A 428 63.03 -11.68 -8.67
C ARG A 428 61.72 -11.53 -9.43
N ILE A 429 60.83 -10.67 -8.93
CA ILE A 429 59.55 -10.41 -9.59
C ILE A 429 59.26 -8.87 -9.51
N PRO A 430 58.83 -8.25 -10.61
CA PRO A 430 58.42 -6.83 -10.55
C PRO A 430 57.26 -6.59 -9.58
N PHE A 431 57.09 -5.34 -9.18
CA PHE A 431 56.04 -4.99 -8.25
C PHE A 431 55.45 -3.66 -8.66
N PHE A 432 54.24 -3.41 -8.16
CA PHE A 432 53.57 -2.12 -8.39
C PHE A 432 53.69 -1.34 -7.07
N ALA A 433 53.99 -0.03 -7.14
CA ALA A 433 54.07 0.77 -5.92
C ALA A 433 52.80 1.61 -5.75
N ASN A 434 52.63 2.21 -4.57
CA ASN A 434 51.44 3.06 -4.33
C ASN A 434 51.70 4.16 -3.30
N GLY A 435 50.92 5.23 -3.34
CA GLY A 435 50.87 6.17 -2.23
C GLY A 435 49.45 6.69 -2.17
N TRP A 436 49.09 7.32 -1.04
CA TRP A 436 47.78 7.88 -0.83
C TRP A 436 48.04 9.37 -0.60
N VAL A 437 47.32 10.25 -1.27
CA VAL A 437 47.54 11.68 -0.99
C VAL A 437 46.58 12.11 0.14
N ILE A 438 47.10 12.32 1.35
CA ILE A 438 46.23 12.55 2.52
C ILE A 438 46.75 13.76 3.27
N GLY A 439 45.93 14.39 4.11
CA GLY A 439 46.43 15.55 4.83
C GLY A 439 45.34 16.51 5.19
N ASP A 440 45.73 17.75 5.45
CA ASP A 440 44.83 18.71 6.06
C ASP A 440 44.32 19.75 5.07
N PHE A 441 44.58 19.54 3.78
CA PHE A 441 44.08 20.44 2.77
C PHE A 441 42.56 20.51 2.88
N LYS A 442 42.02 21.54 2.28
CA LYS A 442 40.61 21.76 2.10
C LYS A 442 39.98 20.67 1.22
N THR A 443 38.68 20.47 1.42
CA THR A 443 37.95 19.40 0.74
C THR A 443 36.73 19.91 -0.04
N VAL A 444 36.21 19.05 -0.92
CA VAL A 444 34.94 19.27 -1.61
C VAL A 444 34.22 17.94 -1.47
N SER A 445 32.97 17.89 -1.90
CA SER A 445 32.19 16.67 -1.78
C SER A 445 31.43 16.42 -3.07
N SER A 446 31.22 15.13 -3.38
CA SER A 446 30.33 14.72 -4.47
C SER A 446 28.86 14.61 -4.01
N GLY A 447 28.61 14.79 -2.72
CA GLY A 447 27.25 14.59 -2.16
C GLY A 447 26.98 13.12 -1.81
N ALA A 448 27.86 12.21 -2.24
CA ALA A 448 27.77 10.80 -1.86
C ALA A 448 29.16 10.21 -1.76
N ASP A 449 29.99 10.76 -0.88
CA ASP A 449 31.40 10.34 -0.80
C ASP A 449 31.51 8.99 -0.11
N PHE A 450 32.12 8.01 -0.76
CA PHE A 450 32.15 6.67 -0.16
C PHE A 450 33.27 6.48 0.86
N TRP A 451 34.53 6.49 0.43
CA TRP A 451 35.64 6.29 1.36
C TRP A 451 36.01 7.50 2.23
N GLY A 452 35.69 8.70 1.76
CA GLY A 452 36.07 9.93 2.45
C GLY A 452 35.77 11.09 1.54
N ALA A 453 36.07 12.30 2.03
CA ALA A 453 35.77 13.55 1.34
C ALA A 453 36.76 13.68 0.18
N MET A 454 36.40 14.43 -0.86
CA MET A 454 37.28 14.60 -2.00
C MET A 454 38.24 15.80 -1.73
N PRO A 455 39.46 15.76 -2.32
CA PRO A 455 40.36 16.87 -2.05
C PRO A 455 39.97 18.14 -2.83
N ASP A 456 40.16 19.31 -2.23
CA ASP A 456 40.16 20.55 -2.98
C ASP A 456 41.54 20.69 -3.69
N VAL A 457 41.55 20.36 -4.98
CA VAL A 457 42.79 20.21 -5.71
C VAL A 457 43.37 21.56 -6.14
N PHE A 458 42.58 22.63 -5.98
CA PHE A 458 43.08 24.01 -6.18
C PHE A 458 43.63 24.60 -4.89
N ASP A 459 43.51 23.89 -3.77
CA ASP A 459 44.18 24.36 -2.55
C ASP A 459 45.69 24.05 -2.70
N PRO A 460 46.57 25.08 -2.58
CA PRO A 460 48.02 24.80 -2.73
C PRO A 460 48.53 23.69 -1.80
N GLU A 461 47.88 23.52 -0.65
CA GLU A 461 48.29 22.52 0.31
C GLU A 461 48.06 21.08 -0.24
N PHE A 462 47.14 20.95 -1.21
CA PHE A 462 46.92 19.64 -1.84
C PHE A 462 48.18 19.27 -2.64
N LYS A 463 48.74 20.24 -3.35
CA LYS A 463 50.01 20.02 -4.09
C LYS A 463 51.21 19.76 -3.11
N VAL A 464 51.27 20.50 -1.98
CA VAL A 464 52.27 20.29 -0.96
C VAL A 464 52.20 18.82 -0.51
N ARG A 465 51.00 18.33 -0.27
CA ARG A 465 50.81 16.92 0.13
C ARG A 465 51.05 15.85 -0.98
N ALA A 466 50.71 16.17 -2.22
CA ALA A 466 50.95 15.23 -3.31
C ALA A 466 52.45 15.07 -3.47
N MET A 467 53.18 16.20 -3.38
CA MET A 467 54.65 16.19 -3.40
C MET A 467 55.25 15.33 -2.33
N GLU A 468 54.74 15.43 -1.09
CA GLU A 468 55.31 14.62 0.02
C GLU A 468 55.00 13.12 -0.16
N THR A 469 53.77 12.85 -0.60
CA THR A 469 53.37 11.48 -0.97
C THR A 469 54.33 10.82 -1.98
N ALA A 470 54.63 11.54 -3.04
CA ALA A 470 55.51 11.05 -4.12
C ALA A 470 56.95 10.94 -3.61
N ARG A 471 57.35 11.89 -2.75
CA ARG A 471 58.69 11.85 -2.19
C ARG A 471 58.91 10.52 -1.42
N VAL A 472 57.97 10.19 -0.54
CA VAL A 472 58.07 8.96 0.22
C VAL A 472 57.98 7.74 -0.66
N VAL A 473 57.10 7.73 -1.67
CA VAL A 473 57.08 6.57 -2.57
C VAL A 473 58.45 6.42 -3.23
N SER A 474 58.99 7.55 -3.69
CA SER A 474 60.27 7.56 -4.36
C SER A 474 61.41 6.96 -3.50
N GLU A 475 61.39 7.24 -2.21
CA GLU A 475 62.39 6.76 -1.28
C GLU A 475 62.22 5.25 -1.03
N GLU A 476 60.99 4.76 -1.07
CA GLU A 476 60.74 3.32 -1.00
C GLU A 476 61.24 2.54 -2.22
N ILE A 477 60.94 3.01 -3.44
CA ILE A 477 61.26 2.22 -4.64
C ILE A 477 62.69 2.39 -5.10
N LYS A 478 63.37 3.44 -4.61
CA LYS A 478 64.80 3.68 -4.93
C LYS A 478 65.05 3.56 -6.45
N ASN A 479 64.16 4.16 -7.23
CA ASN A 479 64.35 4.25 -8.66
C ASN A 479 64.57 2.89 -9.31
N SER A 480 63.99 1.84 -8.75
CA SER A 480 64.30 0.48 -9.21
C SER A 480 63.66 0.11 -10.55
N PRO A 481 64.39 -0.60 -11.41
CA PRO A 481 63.73 -0.98 -12.65
C PRO A 481 62.64 -2.02 -12.38
N TRP A 482 62.67 -2.63 -11.20
CA TRP A 482 61.68 -3.63 -10.85
C TRP A 482 60.29 -3.02 -10.59
N CYS A 483 60.19 -1.70 -10.41
CA CYS A 483 58.90 -1.12 -10.13
C CYS A 483 58.17 -0.86 -11.47
N VAL A 484 57.08 -1.60 -11.73
CA VAL A 484 56.38 -1.43 -12.98
C VAL A 484 55.79 0.00 -13.10
N GLY A 485 55.29 0.53 -11.98
CA GLY A 485 54.78 1.91 -11.92
C GLY A 485 54.07 2.17 -10.58
N VAL A 486 53.42 3.32 -10.50
CA VAL A 486 52.93 3.89 -9.25
C VAL A 486 51.43 4.22 -9.37
N PHE A 487 50.61 3.60 -8.53
CA PHE A 487 49.22 3.98 -8.33
C PHE A 487 49.23 5.09 -7.28
N ILE A 488 48.38 6.11 -7.46
CA ILE A 488 48.20 7.09 -6.41
C ILE A 488 46.73 7.14 -6.09
N ASP A 489 46.39 6.92 -4.81
CA ASP A 489 44.95 6.99 -4.33
C ASP A 489 44.13 5.81 -4.88
N ASN A 490 42.83 5.78 -4.58
CA ASN A 490 42.03 4.59 -4.91
C ASN A 490 40.56 4.85 -4.74
N GLU A 491 39.76 4.52 -5.76
CA GLU A 491 38.32 4.60 -5.63
C GLU A 491 37.82 5.92 -5.02
N LYS A 492 38.27 7.03 -5.59
CA LYS A 492 37.80 8.33 -5.14
C LYS A 492 36.37 8.57 -5.62
N SER A 493 35.56 9.32 -4.87
CA SER A 493 34.17 9.56 -5.25
C SER A 493 34.10 10.78 -6.20
N PHE A 494 34.55 10.59 -7.44
CA PHE A 494 34.41 11.61 -8.49
C PHE A 494 32.99 11.82 -8.98
N GLY A 495 32.08 10.92 -8.62
CA GLY A 495 30.66 11.05 -9.05
C GLY A 495 30.06 9.77 -9.58
N ARG A 496 28.88 9.42 -9.07
CA ARG A 496 28.18 8.16 -9.41
C ARG A 496 27.43 8.24 -10.74
N PRO A 497 27.26 7.09 -11.41
CA PRO A 497 26.68 7.12 -12.75
C PRO A 497 25.14 6.97 -12.76
N ASP A 498 24.50 6.90 -11.59
CA ASP A 498 23.07 6.57 -11.55
C ASP A 498 22.22 7.59 -12.31
N SER A 499 22.63 8.86 -12.32
CA SER A 499 21.84 9.95 -12.89
C SER A 499 22.76 11.11 -13.09
N ASP A 500 22.30 12.13 -13.82
CA ASP A 500 23.10 13.32 -14.11
C ASP A 500 23.47 14.06 -12.82
N LYS A 501 22.54 14.12 -11.89
CA LYS A 501 22.84 14.78 -10.63
C LYS A 501 23.90 14.06 -9.84
N ALA A 502 23.89 12.74 -9.86
CA ALA A 502 24.87 11.95 -9.13
C ALA A 502 26.22 12.15 -9.83
N GLN A 503 26.22 12.08 -11.15
CA GLN A 503 27.44 12.14 -11.89
C GLN A 503 28.14 13.50 -11.68
N TYR A 504 27.33 14.55 -11.65
CA TYR A 504 27.81 15.92 -11.44
C TYR A 504 27.67 16.34 -9.99
N GLY A 505 27.86 15.39 -9.09
CA GLY A 505 27.69 15.68 -7.67
C GLY A 505 28.74 16.67 -7.16
N ILE A 506 29.98 16.56 -7.66
CA ILE A 506 31.01 17.51 -7.21
C ILE A 506 30.68 18.96 -7.65
N PRO A 507 30.36 19.18 -8.94
CA PRO A 507 29.93 20.56 -9.31
C PRO A 507 28.73 21.08 -8.54
N ILE A 508 27.73 20.23 -8.40
CA ILE A 508 26.47 20.60 -7.71
C ILE A 508 26.74 20.95 -6.26
N HIS A 509 27.43 20.08 -5.53
CA HIS A 509 27.63 20.34 -4.12
C HIS A 509 28.51 21.61 -3.99
N THR A 510 29.54 21.72 -4.83
CA THR A 510 30.48 22.84 -4.74
C THR A 510 29.84 24.22 -5.11
N LEU A 511 28.99 24.23 -6.15
CA LEU A 511 28.21 25.42 -6.50
C LEU A 511 27.39 25.97 -5.35
N GLY A 512 26.99 25.08 -4.45
CA GLY A 512 26.15 25.45 -3.29
C GLY A 512 26.93 26.20 -2.22
N ARG A 513 28.26 26.15 -2.32
CA ARG A 513 29.11 26.80 -1.35
C ARG A 513 29.56 28.21 -1.83
N PRO A 514 30.04 29.05 -0.91
CA PRO A 514 30.62 30.32 -1.29
C PRO A 514 31.97 30.15 -2.02
N SER A 515 32.34 31.11 -2.83
CA SER A 515 33.68 31.12 -3.41
C SER A 515 34.77 31.33 -2.33
N GLU A 516 34.44 32.16 -1.33
CA GLU A 516 35.39 32.50 -0.25
C GLU A 516 35.82 31.26 0.51
N GLY A 517 37.14 31.05 0.59
CA GLY A 517 37.73 29.91 1.31
C GLY A 517 37.49 28.54 0.67
N VAL A 518 36.96 28.52 -0.55
CA VAL A 518 36.73 27.27 -1.30
C VAL A 518 37.44 27.42 -2.69
N PRO A 519 38.73 27.01 -2.77
CA PRO A 519 39.47 27.29 -4.02
C PRO A 519 38.89 26.59 -5.25
N THR A 520 38.38 25.35 -5.11
CA THR A 520 37.71 24.74 -6.25
C THR A 520 36.51 25.58 -6.75
N ARG A 521 35.71 26.08 -5.81
CA ARG A 521 34.58 26.96 -6.16
C ARG A 521 35.05 28.22 -6.89
N GLN A 522 36.14 28.80 -6.45
CA GLN A 522 36.72 30.00 -7.14
C GLN A 522 37.11 29.67 -8.60
N ALA A 523 37.66 28.47 -8.79
CA ALA A 523 38.06 28.04 -10.12
C ALA A 523 36.77 27.88 -10.95
N PHE A 524 35.77 27.23 -10.38
CA PHE A 524 34.50 27.03 -11.11
C PHE A 524 33.86 28.38 -11.52
N SER A 525 33.86 29.33 -10.58
CA SER A 525 33.24 30.64 -10.78
C SER A 525 33.95 31.39 -11.92
N LYS A 526 35.26 31.28 -11.91
CA LYS A 526 36.06 31.92 -12.93
C LYS A 526 35.67 31.40 -14.32
N LEU A 527 35.57 30.08 -14.47
CA LEU A 527 35.12 29.50 -15.72
C LEU A 527 33.73 29.99 -16.10
N LEU A 528 32.79 30.10 -15.16
CA LEU A 528 31.44 30.48 -15.57
C LEU A 528 31.37 31.98 -15.99
N LYS A 529 32.10 32.83 -15.28
CA LYS A 529 32.21 34.25 -15.67
C LYS A 529 32.83 34.42 -17.04
N ALA A 530 33.89 33.68 -17.34
CA ALA A 530 34.55 33.77 -18.63
C ALA A 530 33.56 33.28 -19.67
N LYS A 531 32.74 32.28 -19.35
CA LYS A 531 31.77 31.84 -20.33
C LYS A 531 30.61 32.84 -20.52
N TYR A 532 30.01 33.31 -19.41
CA TYR A 532 28.75 34.05 -19.51
C TYR A 532 28.93 35.58 -19.44
N LYS A 533 30.03 36.04 -18.86
CA LYS A 533 30.33 37.50 -18.65
C LYS A 533 29.41 38.22 -17.63
N THR A 534 28.13 38.30 -17.94
CA THR A 534 27.23 39.04 -17.08
C THR A 534 26.37 38.08 -16.29
N ILE A 535 25.92 38.53 -15.12
CA ILE A 535 24.97 37.77 -14.35
C ILE A 535 23.63 37.47 -15.08
N ALA A 536 23.17 38.40 -15.93
CA ALA A 536 21.93 38.19 -16.67
C ALA A 536 22.08 37.06 -17.68
N ALA A 537 23.25 36.95 -18.33
CA ALA A 537 23.51 35.78 -19.21
C ALA A 537 23.44 34.45 -18.43
N LEU A 538 24.03 34.41 -17.22
CA LEU A 538 24.00 33.16 -16.40
C LEU A 538 22.56 32.85 -15.92
N ASN A 539 21.87 33.88 -15.46
CA ASN A 539 20.44 33.77 -15.13
C ASN A 539 19.64 33.11 -16.27
N ASN A 540 19.80 33.62 -17.49
N ASN A 540 19.81 33.64 -17.49
CA ASN A 540 19.09 33.07 -18.64
CA ASN A 540 19.14 33.13 -18.70
C ASN A 540 19.49 31.61 -18.86
C ASN A 540 19.50 31.65 -18.90
N ALA A 541 20.79 31.37 -18.81
CA ALA A 541 21.34 30.02 -18.90
C ALA A 541 20.70 29.04 -17.92
N TRP A 542 20.69 29.38 -16.62
CA TRP A 542 20.34 28.42 -15.58
C TRP A 542 18.91 28.57 -15.08
N GLY A 543 18.16 29.52 -15.65
CA GLY A 543 16.79 29.82 -15.23
C GLY A 543 16.76 30.39 -13.83
N LEU A 544 17.66 31.33 -13.52
CA LEU A 544 17.77 31.86 -12.16
C LEU A 544 17.50 33.35 -12.17
N LYS A 545 17.43 33.92 -10.97
CA LYS A 545 17.08 35.33 -10.85
C LYS A 545 18.07 36.03 -9.95
N LEU A 546 19.34 35.62 -10.02
CA LEU A 546 20.37 36.17 -9.12
C LEU A 546 20.58 37.64 -9.42
N SER A 547 20.86 38.42 -8.40
CA SER A 547 20.98 39.88 -8.56
C SER A 547 22.39 40.30 -9.00
N SER A 548 23.37 39.43 -8.81
CA SER A 548 24.76 39.77 -9.15
C SER A 548 25.71 38.53 -9.02
N TRP A 549 26.85 38.59 -9.70
CA TRP A 549 27.93 37.65 -9.47
C TRP A 549 28.28 37.49 -7.98
N ALA A 550 28.34 38.61 -7.25
CA ALA A 550 28.57 38.56 -5.81
C ALA A 550 27.57 37.69 -5.13
N GLU A 551 26.29 37.82 -5.50
CA GLU A 551 25.27 36.95 -4.93
C GLU A 551 25.51 35.47 -5.36
N PHE A 552 25.76 35.27 -6.66
CA PHE A 552 26.16 33.97 -7.13
C PHE A 552 27.31 33.39 -6.28
N ASP A 553 28.30 34.22 -5.98
CA ASP A 553 29.48 33.76 -5.29
C ASP A 553 29.30 33.53 -3.81
N LEU A 554 28.09 33.74 -3.32
CA LEU A 554 27.79 33.32 -1.95
C LEU A 554 27.34 31.87 -1.89
N GLY A 555 27.06 31.26 -3.04
CA GLY A 555 26.57 29.87 -3.10
C GLY A 555 25.18 29.82 -3.68
N VAL A 556 24.91 28.88 -4.56
CA VAL A 556 23.60 28.71 -5.15
C VAL A 556 23.17 27.26 -5.07
N ASP A 557 21.93 27.04 -4.67
CA ASP A 557 21.35 25.70 -4.49
C ASP A 557 20.84 25.17 -5.81
N VAL A 558 21.69 24.45 -6.53
CA VAL A 558 21.31 23.93 -7.83
C VAL A 558 20.86 22.46 -7.72
N LYS A 559 20.99 21.89 -6.52
CA LYS A 559 20.48 20.54 -6.22
C LYS A 559 19.02 20.45 -6.61
N ALA A 560 18.32 21.56 -6.45
CA ALA A 560 16.89 21.64 -6.70
C ALA A 560 16.57 21.78 -8.20
N LEU A 561 17.55 22.10 -9.02
CA LEU A 561 17.27 22.38 -10.43
C LEU A 561 17.25 21.07 -11.21
N PRO A 562 16.22 20.85 -12.06
CA PRO A 562 16.39 19.69 -12.95
C PRO A 562 17.53 19.97 -13.90
N VAL A 563 18.30 18.94 -14.25
CA VAL A 563 19.44 19.12 -15.11
C VAL A 563 19.01 19.30 -16.55
N THR A 564 19.18 20.50 -17.07
CA THR A 564 18.97 20.76 -18.49
C THR A 564 20.24 20.50 -19.30
N ASP A 565 20.15 20.57 -20.63
CA ASP A 565 21.33 20.50 -21.50
C ASP A 565 22.32 21.63 -21.18
N THR A 566 21.84 22.82 -20.84
CA THR A 566 22.77 23.90 -20.48
C THR A 566 23.50 23.62 -19.17
N LEU A 567 22.73 23.21 -18.16
CA LEU A 567 23.29 22.83 -16.89
C LEU A 567 24.25 21.66 -17.03
N ARG A 568 23.91 20.66 -17.85
CA ARG A 568 24.77 19.48 -18.00
C ARG A 568 26.07 19.95 -18.61
N ALA A 569 25.98 20.77 -19.64
CA ALA A 569 27.17 21.27 -20.33
C ALA A 569 28.10 22.07 -19.35
N ASP A 570 27.50 22.89 -18.49
CA ASP A 570 28.27 23.63 -17.50
C ASP A 570 28.83 22.71 -16.41
N TYR A 571 28.04 21.75 -15.90
CA TYR A 571 28.58 20.82 -14.93
C TYR A 571 29.75 20.01 -15.51
N SER A 572 29.65 19.68 -16.78
CA SER A 572 30.66 18.87 -17.44
C SER A 572 31.98 19.67 -17.51
N MET A 573 31.86 20.95 -17.86
N MET A 573 31.84 20.95 -17.85
CA MET A 573 33.02 21.85 -17.84
CA MET A 573 33.01 21.86 -17.85
C MET A 573 33.67 21.88 -16.46
C MET A 573 33.66 21.90 -16.47
N LEU A 574 32.84 22.04 -15.43
CA LEU A 574 33.38 22.17 -14.11
C LEU A 574 34.07 20.85 -13.69
N LEU A 575 33.39 19.71 -13.89
CA LEU A 575 33.96 18.41 -13.48
C LEU A 575 35.25 18.12 -14.26
N SER A 576 35.28 18.52 -15.54
CA SER A 576 36.52 18.35 -16.33
C SER A 576 37.64 19.17 -15.74
N ALA A 577 37.35 20.42 -15.37
CA ALA A 577 38.41 21.26 -14.82
C ALA A 577 38.86 20.69 -13.46
N TYR A 578 37.91 20.21 -12.66
CA TYR A 578 38.29 19.63 -11.36
C TYR A 578 39.25 18.41 -11.57
N ALA A 579 38.88 17.51 -12.47
CA ALA A 579 39.67 16.27 -12.67
C ALA A 579 40.99 16.58 -13.35
N ASP A 580 40.98 17.55 -14.27
CA ASP A 580 42.23 17.97 -14.92
C ASP A 580 43.20 18.40 -13.81
N GLN A 581 42.73 19.18 -12.85
CA GLN A 581 43.62 19.76 -11.85
C GLN A 581 44.16 18.65 -10.93
N TYR A 582 43.26 17.76 -10.50
CA TYR A 582 43.67 16.58 -9.74
C TYR A 582 44.80 15.82 -10.44
N PHE A 583 44.58 15.42 -11.68
CA PHE A 583 45.55 14.55 -12.38
C PHE A 583 46.85 15.30 -12.68
N LYS A 584 46.70 16.58 -13.03
CA LYS A 584 47.85 17.44 -13.27
C LYS A 584 48.76 17.49 -12.02
N VAL A 585 48.16 17.70 -10.85
CA VAL A 585 48.95 17.89 -9.64
C VAL A 585 49.61 16.54 -9.27
N VAL A 586 48.81 15.46 -9.26
CA VAL A 586 49.34 14.14 -8.87
C VAL A 586 50.41 13.72 -9.88
N HIS A 587 50.12 13.85 -11.18
CA HIS A 587 51.10 13.48 -12.17
C HIS A 587 52.41 14.27 -12.01
N GLY A 588 52.31 15.59 -11.75
CA GLY A 588 53.51 16.49 -11.64
C GLY A 588 54.38 16.03 -10.48
N ALA A 589 53.74 15.69 -9.36
CA ALA A 589 54.45 15.17 -8.17
C ALA A 589 55.16 13.85 -8.46
N VAL A 590 54.45 12.91 -9.04
CA VAL A 590 55.05 11.60 -9.37
C VAL A 590 56.24 11.81 -10.35
N GLU A 591 56.05 12.64 -11.36
CA GLU A 591 57.11 12.83 -12.34
C GLU A 591 58.31 13.57 -11.73
N HIS A 592 58.02 14.46 -10.77
CA HIS A 592 59.07 15.20 -10.12
C HIS A 592 60.02 14.21 -9.38
N TYR A 593 59.45 13.29 -8.59
CA TYR A 593 60.32 12.44 -7.79
C TYR A 593 60.67 11.11 -8.42
N MET A 594 59.84 10.65 -9.38
CA MET A 594 60.09 9.39 -10.06
C MET A 594 60.03 9.57 -11.57
N PRO A 595 61.00 10.32 -12.12
CA PRO A 595 60.85 10.71 -13.53
C PRO A 595 60.89 9.51 -14.49
N ASN A 596 61.43 8.39 -14.06
CA ASN A 596 61.54 7.24 -14.98
C ASN A 596 60.28 6.33 -15.05
N HIS A 597 59.34 6.50 -14.11
CA HIS A 597 58.37 5.43 -13.83
C HIS A 597 57.00 5.77 -14.32
N LEU A 598 56.22 4.76 -14.68
CA LEU A 598 54.85 5.01 -15.13
C LEU A 598 53.92 5.45 -13.98
N TYR A 599 53.05 6.43 -14.28
CA TYR A 599 52.01 6.86 -13.35
C TYR A 599 50.74 6.14 -13.82
N LEU A 600 50.06 5.49 -12.88
CA LEU A 600 49.06 4.45 -13.22
C LEU A 600 47.66 4.89 -12.86
N GLY A 601 47.47 6.19 -12.65
CA GLY A 601 46.13 6.71 -12.42
C GLY A 601 45.58 6.51 -11.01
N ALA A 602 44.27 6.60 -10.84
CA ALA A 602 43.62 6.62 -9.51
C ALA A 602 42.64 5.46 -9.24
N ARG A 603 42.62 4.44 -10.11
CA ARG A 603 41.85 3.19 -9.84
C ARG A 603 40.34 3.44 -9.75
N PHE A 604 39.71 3.71 -10.90
CA PHE A 604 38.31 4.07 -10.95
C PHE A 604 37.41 2.84 -10.71
N PRO A 605 36.54 2.88 -9.68
CA PRO A 605 35.50 1.85 -9.56
C PRO A 605 34.34 2.11 -10.54
N ASP A 606 33.46 1.12 -10.78
CA ASP A 606 32.31 1.34 -11.67
C ASP A 606 31.44 2.48 -11.18
N TRP A 607 31.42 2.75 -9.86
CA TRP A 607 30.60 3.83 -9.35
C TRP A 607 31.32 5.21 -9.31
N GLY A 608 32.50 5.33 -9.92
CA GLY A 608 33.25 6.62 -9.87
C GLY A 608 34.13 6.83 -11.10
N MET A 609 33.57 6.59 -12.27
CA MET A 609 34.30 6.80 -13.50
C MET A 609 33.47 7.64 -14.50
N PRO A 610 32.97 8.82 -14.05
CA PRO A 610 32.33 9.68 -15.05
C PRO A 610 33.33 9.99 -16.18
N MET A 611 32.81 10.09 -17.39
CA MET A 611 33.70 10.19 -18.54
C MET A 611 34.61 11.42 -18.52
N GLU A 612 34.12 12.56 -17.97
CA GLU A 612 34.99 13.76 -17.82
C GLU A 612 36.26 13.42 -17.03
N VAL A 613 36.09 12.57 -16.05
CA VAL A 613 37.21 12.18 -15.18
C VAL A 613 38.16 11.18 -15.85
N VAL A 614 37.59 10.19 -16.53
CA VAL A 614 38.35 9.24 -17.35
C VAL A 614 39.22 10.00 -18.36
N LYS A 615 38.60 10.92 -19.11
CA LYS A 615 39.36 11.76 -20.05
C LYS A 615 40.53 12.53 -19.41
N ALA A 616 40.34 13.03 -18.19
CA ALA A 616 41.38 13.78 -17.49
C ALA A 616 42.52 12.79 -17.16
N ALA A 617 42.17 11.58 -16.74
CA ALA A 617 43.21 10.58 -16.45
C ALA A 617 44.01 10.16 -17.71
N ALA A 618 43.31 10.02 -18.84
CA ALA A 618 43.92 9.62 -20.12
C ALA A 618 44.92 10.65 -20.55
N LYS A 619 44.70 11.88 -20.16
CA LYS A 619 45.63 12.97 -20.48
C LYS A 619 46.92 12.85 -19.67
N TYR A 620 46.83 12.59 -18.37
CA TYR A 620 48.04 12.62 -17.53
C TYR A 620 48.65 11.26 -17.21
N ALA A 621 47.80 10.26 -17.04
CA ALA A 621 48.29 8.95 -16.62
C ALA A 621 48.88 8.21 -17.81
N ASP A 622 49.91 7.41 -17.54
CA ASP A 622 50.54 6.61 -18.59
C ASP A 622 49.65 5.43 -18.88
N VAL A 623 48.95 4.93 -17.83
CA VAL A 623 48.00 3.79 -17.92
C VAL A 623 46.81 4.15 -17.09
N VAL A 624 45.59 3.99 -17.65
CA VAL A 624 44.39 4.30 -16.89
C VAL A 624 43.98 3.04 -16.17
N SER A 625 43.68 3.17 -14.87
CA SER A 625 43.40 2.06 -14.01
C SER A 625 41.95 2.11 -13.57
N TYR A 626 41.35 0.92 -13.60
CA TYR A 626 39.95 0.72 -13.24
C TYR A 626 39.85 -0.48 -12.33
N ASN A 627 38.93 -0.41 -11.37
CA ASN A 627 38.65 -1.56 -10.51
C ASN A 627 37.30 -2.05 -11.01
N SER A 628 37.13 -3.37 -11.20
CA SER A 628 35.85 -3.82 -11.77
C SER A 628 35.45 -5.18 -11.21
N TYR A 629 34.55 -5.17 -10.22
CA TYR A 629 34.04 -6.35 -9.63
C TYR A 629 32.81 -6.83 -10.40
N LYS A 630 33.07 -7.59 -11.46
CA LYS A 630 32.04 -8.09 -12.34
C LYS A 630 32.54 -9.48 -12.80
N GLU A 631 31.71 -10.19 -13.57
CA GLU A 631 32.09 -11.52 -14.03
C GLU A 631 33.05 -11.42 -15.24
N GLY A 632 33.16 -10.23 -15.84
CA GLY A 632 34.17 -9.99 -16.83
C GLY A 632 34.03 -8.55 -17.29
N LEU A 633 34.60 -8.24 -18.48
CA LEU A 633 34.55 -6.93 -19.12
C LEU A 633 33.59 -6.98 -20.32
N PRO A 634 32.32 -6.63 -20.11
CA PRO A 634 31.37 -6.74 -21.24
C PRO A 634 31.68 -5.76 -22.34
N LYS A 635 31.47 -6.19 -23.57
CA LYS A 635 31.77 -5.39 -24.79
C LYS A 635 31.23 -3.94 -24.77
N GLN A 636 29.93 -3.78 -24.65
CA GLN A 636 29.33 -2.45 -24.58
C GLN A 636 29.76 -1.61 -23.37
N LYS A 637 29.88 -2.20 -22.21
CA LYS A 637 30.34 -1.46 -21.04
C LYS A 637 31.75 -0.84 -21.25
N TRP A 638 32.57 -1.42 -22.10
CA TRP A 638 33.97 -0.97 -22.25
C TRP A 638 34.31 -0.41 -23.65
N ALA A 639 33.28 -0.23 -24.49
CA ALA A 639 33.46 0.29 -25.88
C ALA A 639 34.09 1.67 -25.89
N PHE A 640 33.81 2.48 -24.87
CA PHE A 640 34.42 3.82 -24.75
C PHE A 640 35.96 3.77 -24.74
N LEU A 641 36.56 2.61 -24.52
CA LEU A 641 38.04 2.53 -24.45
C LEU A 641 38.70 2.89 -25.79
N ALA A 642 38.00 2.59 -26.90
CA ALA A 642 38.53 2.75 -28.29
C ALA A 642 38.77 4.22 -28.59
N GLU A 643 37.85 5.04 -28.13
CA GLU A 643 37.95 6.48 -28.21
C GLU A 643 39.24 6.99 -27.58
N LEU A 644 39.54 6.55 -26.36
CA LEU A 644 40.69 7.04 -25.61
C LEU A 644 42.03 6.46 -26.14
N ASP A 645 41.99 5.23 -26.63
CA ASP A 645 43.17 4.54 -27.11
C ASP A 645 44.28 4.63 -26.06
N LYS A 646 43.95 4.35 -24.79
CA LYS A 646 44.95 4.38 -23.71
C LYS A 646 45.17 2.96 -23.20
N PRO A 647 46.45 2.56 -22.98
CA PRO A 647 46.70 1.29 -22.30
C PRO A 647 46.03 1.42 -20.92
N SER A 648 45.45 0.32 -20.44
CA SER A 648 44.55 0.35 -19.26
C SER A 648 44.89 -0.82 -18.35
N ILE A 649 44.53 -0.78 -17.09
CA ILE A 649 44.85 -1.93 -16.28
C ILE A 649 43.69 -2.13 -15.31
N ILE A 650 43.31 -3.39 -15.07
CA ILE A 650 42.38 -3.69 -13.98
C ILE A 650 43.16 -3.78 -12.66
N GLY A 651 42.83 -2.90 -11.72
CA GLY A 651 43.52 -2.89 -10.45
C GLY A 651 42.98 -3.92 -9.46
N GLU A 652 41.71 -4.31 -9.64
CA GLU A 652 41.02 -5.20 -8.72
C GLU A 652 39.91 -5.92 -9.40
N PHE A 653 39.84 -7.23 -9.15
CA PHE A 653 38.63 -8.03 -9.34
C PHE A 653 38.77 -9.23 -8.42
N HIS A 654 37.64 -9.92 -8.19
CA HIS A 654 37.68 -11.18 -7.45
C HIS A 654 36.39 -11.98 -7.53
N ILE A 655 36.51 -13.28 -7.23
CA ILE A 655 35.37 -14.17 -7.14
C ILE A 655 35.55 -15.01 -5.86
N GLY A 656 34.49 -15.08 -5.06
CA GLY A 656 34.54 -15.83 -3.81
C GLY A 656 33.44 -16.88 -3.67
N ALA A 657 33.56 -17.70 -2.65
CA ALA A 657 32.55 -18.77 -2.45
C ALA A 657 32.33 -19.06 -0.96
N MET A 658 31.33 -19.88 -0.65
CA MET A 658 31.04 -20.08 0.74
C MET A 658 31.17 -21.54 1.14
N ASP A 659 31.94 -22.33 0.38
CA ASP A 659 32.15 -23.74 0.79
C ASP A 659 33.43 -23.94 1.60
N HIS A 660 34.10 -22.85 2.01
CA HIS A 660 35.35 -23.00 2.76
C HIS A 660 35.22 -22.19 4.05
N GLY A 661 33.99 -22.19 4.59
CA GLY A 661 33.72 -21.58 5.89
C GLY A 661 33.41 -20.09 5.91
N SER A 662 33.50 -19.39 4.78
CA SER A 662 33.28 -17.96 4.85
C SER A 662 31.80 -17.59 4.96
N TYR A 663 31.49 -16.54 5.73
CA TYR A 663 30.11 -16.04 5.79
C TYR A 663 29.78 -15.16 4.59
N HIS A 664 30.79 -14.78 3.80
CA HIS A 664 30.56 -13.80 2.74
C HIS A 664 31.52 -14.13 1.59
N PRO A 665 30.97 -14.36 0.40
CA PRO A 665 31.90 -14.69 -0.70
C PRO A 665 32.69 -13.50 -1.23
N GLY A 666 32.21 -12.27 -1.06
CA GLY A 666 32.90 -11.10 -1.60
C GLY A 666 31.92 -10.50 -2.57
N LEU A 667 32.42 -9.72 -3.54
CA LEU A 667 31.58 -8.95 -4.41
C LEU A 667 30.92 -9.73 -5.55
N ILE A 668 31.66 -10.73 -6.06
CA ILE A 668 31.23 -11.58 -7.17
C ILE A 668 31.29 -13.03 -6.66
N HIS A 669 30.27 -13.82 -7.00
CA HIS A 669 30.03 -15.06 -6.28
C HIS A 669 30.07 -16.33 -7.12
N ALA A 670 30.73 -17.36 -6.58
CA ALA A 670 30.85 -18.63 -7.26
C ALA A 670 30.13 -19.67 -6.44
N ALA A 671 29.80 -20.80 -7.07
CA ALA A 671 29.08 -21.88 -6.43
C ALA A 671 29.97 -22.72 -5.55
N SER A 672 31.28 -22.65 -5.72
CA SER A 672 32.19 -23.57 -5.07
C SER A 672 33.62 -23.09 -5.37
N GLN A 673 34.64 -23.72 -4.76
CA GLN A 673 36.06 -23.36 -5.04
C GLN A 673 36.42 -23.60 -6.53
N ALA A 674 35.98 -24.74 -7.07
CA ALA A 674 36.18 -25.03 -8.49
C ALA A 674 35.49 -24.00 -9.37
N ASP A 675 34.29 -23.57 -8.98
CA ASP A 675 33.56 -22.58 -9.81
C ASP A 675 34.30 -21.24 -9.75
N ARG A 676 34.93 -20.92 -8.59
CA ARG A 676 35.74 -19.69 -8.50
C ARG A 676 36.83 -19.71 -9.61
N GLY A 677 37.54 -20.83 -9.72
CA GLY A 677 38.58 -20.99 -10.72
C GLY A 677 38.05 -20.81 -12.12
N GLU A 678 36.90 -21.43 -12.43
N GLU A 678 36.90 -21.43 -12.43
CA GLU A 678 36.30 -21.28 -13.75
CA GLU A 678 36.27 -21.28 -13.74
C GLU A 678 35.92 -19.83 -14.05
C GLU A 678 35.95 -19.82 -14.05
N MET A 679 35.41 -19.11 -13.04
CA MET A 679 35.02 -17.71 -13.20
C MET A 679 36.25 -16.80 -13.30
N TYR A 680 37.35 -17.20 -12.65
CA TYR A 680 38.60 -16.44 -12.77
C TYR A 680 39.05 -16.52 -14.20
N LYS A 681 39.10 -17.75 -14.74
CA LYS A 681 39.46 -17.94 -16.16
C LYS A 681 38.55 -17.17 -17.14
N ASP A 682 37.24 -17.11 -16.89
CA ASP A 682 36.35 -16.33 -17.78
C ASP A 682 36.69 -14.84 -17.67
N TYR A 683 36.95 -14.37 -16.44
CA TYR A 683 37.19 -12.92 -16.25
C TYR A 683 38.49 -12.58 -16.99
N MET A 684 39.52 -13.34 -16.73
CA MET A 684 40.84 -13.04 -17.30
C MET A 684 40.85 -13.17 -18.84
N GLN A 685 40.09 -14.13 -19.38
CA GLN A 685 39.93 -14.18 -20.84
C GLN A 685 39.37 -12.89 -21.40
N SER A 686 38.35 -12.31 -20.73
CA SER A 686 37.80 -11.02 -21.20
C SER A 686 38.83 -9.88 -21.10
N VAL A 687 39.73 -9.88 -20.13
CA VAL A 687 40.83 -8.88 -20.11
C VAL A 687 41.82 -9.17 -21.25
N ILE A 688 42.26 -10.43 -21.34
CA ILE A 688 43.19 -10.85 -22.37
C ILE A 688 42.68 -10.53 -23.80
N ASP A 689 41.39 -10.75 -24.08
CA ASP A 689 40.82 -10.44 -25.41
C ASP A 689 40.66 -8.94 -25.64
N ASN A 690 40.69 -8.11 -24.60
CA ASN A 690 40.55 -6.69 -24.82
C ASN A 690 41.86 -5.99 -25.19
N PRO A 691 41.87 -5.30 -26.33
CA PRO A 691 43.13 -4.75 -26.83
C PRO A 691 43.67 -3.53 -26.05
N TYR A 692 42.86 -2.94 -25.17
CA TYR A 692 43.31 -1.78 -24.41
C TYR A 692 43.96 -2.16 -23.10
N PHE A 693 43.82 -3.43 -22.68
CA PHE A 693 44.30 -3.81 -21.35
C PHE A 693 45.70 -4.37 -21.33
N VAL A 694 46.54 -3.89 -20.41
CA VAL A 694 47.90 -4.42 -20.29
C VAL A 694 48.09 -5.22 -19.02
N GLY A 695 47.02 -5.47 -18.28
CA GLY A 695 47.14 -6.33 -17.11
C GLY A 695 45.85 -6.35 -16.30
N ALA A 696 45.80 -7.26 -15.32
CA ALA A 696 44.73 -7.28 -14.33
C ALA A 696 45.27 -7.87 -13.02
N HIS A 697 44.91 -7.25 -11.91
CA HIS A 697 45.36 -7.70 -10.58
C HIS A 697 44.14 -8.12 -9.79
N TRP A 698 44.28 -9.24 -9.09
CA TRP A 698 43.21 -9.84 -8.30
C TRP A 698 43.30 -9.31 -6.86
N PHE A 699 42.15 -8.89 -6.31
CA PHE A 699 42.07 -8.41 -4.93
C PHE A 699 41.44 -9.54 -4.12
N GLN A 700 42.19 -10.29 -3.31
CA GLN A 700 43.55 -9.98 -2.88
C GLN A 700 44.26 -11.31 -2.54
N TYR A 701 45.47 -11.21 -1.99
CA TYR A 701 46.29 -12.38 -1.72
C TYR A 701 45.64 -13.36 -0.75
N MET A 702 45.19 -12.83 0.40
CA MET A 702 44.61 -13.64 1.48
C MET A 702 43.12 -13.38 1.67
N ASP A 703 42.37 -14.37 2.15
CA ASP A 703 40.98 -14.11 2.58
C ASP A 703 40.96 -12.99 3.57
N SER A 704 39.91 -12.17 3.53
CA SER A 704 39.73 -11.30 4.67
C SER A 704 39.35 -12.10 5.92
N PRO A 705 39.61 -11.54 7.14
CA PRO A 705 39.27 -12.31 8.37
C PRO A 705 37.79 -12.67 8.41
N LEU A 706 37.51 -13.85 8.97
CA LEU A 706 36.16 -14.38 9.05
C LEU A 706 35.23 -13.36 9.73
N THR A 707 35.77 -12.70 10.73
CA THR A 707 34.96 -11.75 11.51
C THR A 707 35.20 -10.31 11.04
N GLY A 708 35.71 -10.14 9.81
CA GLY A 708 35.85 -8.79 9.28
C GLY A 708 37.20 -8.15 9.53
N ARG A 709 37.77 -7.56 8.49
CA ARG A 709 39.02 -6.83 8.60
C ARG A 709 38.69 -5.54 9.43
N ALA A 710 39.65 -5.14 10.29
CA ALA A 710 39.41 -4.10 11.26
C ALA A 710 38.90 -2.77 10.64
N TYR A 711 39.39 -2.41 9.44
CA TYR A 711 39.00 -1.14 8.78
C TYR A 711 37.50 -0.96 8.56
N ASP A 712 36.81 -1.97 8.05
CA ASP A 712 35.43 -1.75 7.64
C ASP A 712 34.56 -3.01 7.63
N GLY A 713 35.11 -4.11 8.15
CA GLY A 713 34.33 -5.32 8.30
C GLY A 713 34.13 -6.22 7.09
N GLU A 714 34.85 -5.98 5.99
CA GLU A 714 34.74 -6.93 4.88
C GLU A 714 35.21 -8.28 5.39
N ASN A 715 34.51 -9.36 5.03
CA ASN A 715 34.89 -10.64 5.57
C ASN A 715 34.77 -11.69 4.50
N TYR A 716 35.54 -11.50 3.43
CA TYR A 716 35.28 -12.17 2.20
C TYR A 716 36.22 -13.33 1.88
N ASN A 717 35.70 -14.34 1.19
CA ASN A 717 36.55 -15.37 0.56
C ASN A 717 37.24 -14.87 -0.74
N VAL A 718 38.16 -13.92 -0.61
CA VAL A 718 38.75 -13.36 -1.82
C VAL A 718 40.25 -13.70 -1.96
N GLY A 719 40.74 -14.68 -1.20
CA GLY A 719 42.17 -14.99 -1.21
C GLY A 719 42.53 -16.04 -2.26
N PHE A 720 43.81 -16.01 -2.66
CA PHE A 720 44.51 -17.17 -3.20
C PHE A 720 44.96 -18.07 -2.07
N VAL A 721 45.08 -17.54 -0.82
CA VAL A 721 45.36 -18.38 0.39
C VAL A 721 44.31 -18.09 1.49
N ASP A 722 44.06 -19.07 2.36
CA ASP A 722 43.06 -18.90 3.45
C ASP A 722 43.76 -18.40 4.69
N VAL A 723 43.05 -18.28 5.83
CA VAL A 723 43.60 -17.76 7.06
C VAL A 723 44.82 -18.53 7.58
N THR A 724 44.91 -19.80 7.22
CA THR A 724 46.00 -20.67 7.65
C THR A 724 47.18 -20.62 6.69
N ASP A 725 47.12 -19.74 5.70
CA ASP A 725 48.18 -19.58 4.67
C ASP A 725 48.33 -20.79 3.75
N THR A 726 47.22 -21.47 3.54
CA THR A 726 47.19 -22.60 2.63
C THR A 726 46.53 -22.20 1.33
N PRO A 727 47.21 -22.40 0.19
CA PRO A 727 46.64 -21.96 -1.09
C PRO A 727 45.34 -22.67 -1.46
N TYR A 728 44.39 -21.96 -2.08
CA TYR A 728 43.26 -22.63 -2.74
C TYR A 728 43.76 -23.18 -4.08
N GLN A 729 43.90 -24.50 -4.16
CA GLN A 729 44.47 -25.19 -5.33
C GLN A 729 43.69 -24.92 -6.63
N GLU A 730 42.37 -24.78 -6.52
CA GLU A 730 41.54 -24.41 -7.65
C GLU A 730 41.92 -23.01 -8.19
N MET A 731 42.32 -22.11 -7.31
CA MET A 731 42.73 -20.75 -7.79
C MET A 731 44.13 -20.80 -8.40
N VAL A 732 45.03 -21.59 -7.77
CA VAL A 732 46.34 -21.81 -8.27
C VAL A 732 46.27 -22.38 -9.70
N ASP A 733 45.51 -23.46 -9.88
CA ASP A 733 45.35 -24.02 -11.21
C ASP A 733 44.80 -23.02 -12.23
N ALA A 734 43.78 -22.28 -11.84
CA ALA A 734 43.16 -21.32 -12.79
C ALA A 734 44.20 -20.20 -13.19
N ALA A 735 44.93 -19.72 -12.20
CA ALA A 735 45.96 -18.69 -12.45
C ALA A 735 47.06 -19.28 -13.38
N LYS A 736 47.49 -20.53 -13.13
CA LYS A 736 48.50 -21.11 -14.01
C LYS A 736 47.98 -21.27 -15.43
N GLU A 737 46.71 -21.63 -15.60
CA GLU A 737 46.13 -21.76 -16.96
C GLU A 737 46.18 -20.42 -17.68
N VAL A 738 45.70 -19.39 -17.01
CA VAL A 738 45.76 -18.04 -17.58
C VAL A 738 47.20 -17.60 -17.85
N ASN A 739 48.08 -17.73 -16.87
CA ASN A 739 49.39 -17.10 -16.94
C ASN A 739 50.25 -17.75 -18.01
N ALA A 740 49.86 -18.94 -18.45
CA ALA A 740 50.58 -19.71 -19.48
C ALA A 740 50.22 -19.22 -20.84
N LYS A 741 49.12 -18.49 -20.97
CA LYS A 741 48.73 -18.07 -22.28
C LYS A 741 48.63 -16.55 -22.45
N ILE A 742 48.92 -15.79 -21.39
CA ILE A 742 48.83 -14.32 -21.54
C ILE A 742 49.62 -13.79 -22.75
N TYR A 743 50.80 -14.31 -22.99
CA TYR A 743 51.63 -13.78 -24.06
C TYR A 743 51.28 -14.36 -25.43
N THR A 744 51.10 -15.69 -25.51
CA THR A 744 50.67 -16.33 -26.76
C THR A 744 49.32 -15.84 -27.25
N GLU A 745 48.35 -15.64 -26.35
CA GLU A 745 47.13 -14.96 -26.74
C GLU A 745 47.28 -13.52 -27.21
N ARG A 746 48.09 -12.69 -26.55
CA ARG A 746 48.17 -11.26 -26.98
C ARG A 746 49.09 -11.05 -28.20
N LEU A 747 50.09 -11.90 -28.36
CA LEU A 747 51.11 -11.67 -29.40
C LEU A 747 51.03 -12.62 -30.61
N GLY A 748 50.42 -13.79 -30.44
CA GLY A 748 50.21 -14.74 -31.57
C GLY A 748 50.96 -16.06 -31.48
N SER B 2 10.62 28.77 -27.20
CA SER B 2 11.12 27.38 -27.02
C SER B 2 11.73 27.08 -25.66
N HIS B 3 11.39 25.92 -25.14
CA HIS B 3 11.94 25.37 -23.93
C HIS B 3 12.60 24.01 -24.37
N MET B 4 13.93 23.98 -24.50
CA MET B 4 14.64 22.78 -24.99
C MET B 4 14.77 21.75 -23.89
N LEU B 5 14.33 20.53 -24.14
CA LEU B 5 14.40 19.48 -23.11
C LEU B 5 15.59 18.59 -23.37
N PHE B 6 15.74 18.13 -24.62
CA PHE B 6 16.86 17.29 -24.97
C PHE B 6 17.31 17.59 -26.34
N ASP B 7 18.58 18.01 -26.44
CA ASP B 7 19.21 18.27 -27.75
C ASP B 7 20.33 17.29 -28.03
N PHE B 8 20.64 16.43 -27.05
CA PHE B 8 21.61 15.34 -27.22
C PHE B 8 23.03 15.79 -27.56
N GLU B 9 23.29 17.09 -27.35
CA GLU B 9 24.62 17.65 -27.60
C GLU B 9 25.58 17.26 -26.45
N ASN B 10 25.85 15.99 -26.31
CA ASN B 10 26.71 15.44 -25.27
C ASN B 10 26.94 14.05 -25.81
N ASP B 11 28.11 13.46 -25.64
CA ASP B 11 28.25 12.10 -26.18
C ASP B 11 27.41 11.05 -25.45
N GLN B 12 26.85 11.42 -24.30
CA GLN B 12 26.08 10.49 -23.45
C GLN B 12 24.58 10.57 -23.68
N VAL B 13 23.94 9.41 -23.63
CA VAL B 13 22.51 9.31 -23.54
C VAL B 13 22.07 9.88 -22.17
N PRO B 14 21.07 10.76 -22.15
CA PRO B 14 20.64 11.31 -20.87
C PRO B 14 20.16 10.20 -19.94
N SER B 15 20.55 10.28 -18.65
CA SER B 15 20.29 9.23 -17.64
C SER B 15 18.78 9.01 -17.44
N ASN B 16 18.05 10.06 -17.76
CA ASN B 16 16.61 10.18 -17.73
C ASN B 16 15.83 9.27 -18.68
N ILE B 17 16.50 8.74 -19.70
CA ILE B 17 15.81 8.04 -20.79
C ILE B 17 16.11 6.58 -20.70
N HIS B 18 15.05 5.76 -20.65
CA HIS B 18 15.13 4.28 -20.48
C HIS B 18 14.67 3.59 -21.73
N PHE B 19 15.27 2.44 -22.02
CA PHE B 19 15.06 1.77 -23.26
C PHE B 19 14.49 0.41 -23.01
N LEU B 20 13.67 -0.02 -23.96
CA LEU B 20 13.11 -1.33 -23.84
C LEU B 20 13.30 -2.04 -25.17
N ASN B 21 14.05 -3.15 -25.15
CA ASN B 21 14.28 -3.92 -26.34
C ASN B 21 14.77 -3.06 -27.53
N ALA B 22 15.72 -2.19 -27.23
CA ALA B 22 16.20 -1.22 -28.23
C ALA B 22 17.56 -0.74 -27.81
N ARG B 23 18.43 -0.48 -28.78
CA ARG B 23 19.82 0.05 -28.60
C ARG B 23 19.81 1.54 -28.89
N ALA B 24 20.36 2.34 -27.99
CA ALA B 24 20.41 3.77 -28.20
C ALA B 24 21.88 4.13 -28.39
N SER B 25 22.15 5.07 -29.26
CA SER B 25 23.49 5.69 -29.32
C SER B 25 23.29 7.13 -29.76
N ILE B 26 24.29 8.00 -29.52
CA ILE B 26 24.26 9.37 -30.01
C ILE B 26 25.07 9.36 -31.29
N GLU B 27 24.48 9.84 -32.38
N GLU B 27 24.46 9.84 -32.38
CA GLU B 27 25.17 9.92 -33.67
CA GLU B 27 25.08 9.90 -33.72
C GLU B 27 24.96 11.31 -34.26
C GLU B 27 24.94 11.31 -34.29
N THR B 28 25.92 11.74 -35.08
CA THR B 28 25.84 12.98 -35.83
C THR B 28 25.00 12.70 -37.07
N TYR B 29 24.06 13.58 -37.41
CA TYR B 29 23.20 13.33 -38.56
C TYR B 29 22.90 14.71 -39.16
N THR B 30 22.25 14.76 -40.31
CA THR B 30 21.96 16.05 -40.94
C THR B 30 20.71 16.71 -40.37
N GLY B 31 20.89 17.76 -39.57
CA GLY B 31 19.75 18.44 -38.96
C GLY B 31 18.73 18.93 -40.01
N ILE B 32 17.51 19.22 -39.57
CA ILE B 32 16.49 19.86 -40.41
C ILE B 32 17.03 21.14 -41.07
N ASN B 33 17.83 21.91 -40.33
CA ASN B 33 18.39 23.13 -40.88
C ASN B 33 19.65 22.86 -41.70
N GLY B 34 19.98 21.59 -41.98
CA GLY B 34 21.15 21.32 -42.80
C GLY B 34 22.49 21.31 -42.07
N GLU B 35 22.52 21.73 -40.80
CA GLU B 35 23.74 21.64 -40.01
C GLU B 35 23.93 20.23 -39.40
N PRO B 36 25.18 19.78 -39.20
CA PRO B 36 25.34 18.50 -38.50
C PRO B 36 24.82 18.70 -37.08
N SER B 37 24.18 17.68 -36.53
CA SER B 37 23.70 17.75 -35.18
C SER B 37 23.84 16.38 -34.57
N LYS B 38 23.86 16.31 -33.25
CA LYS B 38 23.82 15.05 -32.53
C LYS B 38 22.38 14.69 -32.22
N GLY B 39 22.05 13.44 -32.50
CA GLY B 39 20.70 12.93 -32.31
C GLY B 39 20.78 11.58 -31.61
N LEU B 40 19.64 11.14 -31.09
CA LEU B 40 19.58 9.82 -30.46
C LEU B 40 19.15 8.86 -31.53
N LYS B 41 20.03 7.95 -31.89
CA LYS B 41 19.69 6.91 -32.81
C LYS B 41 19.12 5.77 -31.99
N LEU B 42 17.88 5.38 -32.29
CA LEU B 42 17.22 4.32 -31.54
C LEU B 42 16.97 3.17 -32.45
N ALA B 43 17.69 2.09 -32.25
CA ALA B 43 17.51 0.94 -33.12
C ALA B 43 16.67 -0.10 -32.40
N MET B 44 15.40 -0.18 -32.75
CA MET B 44 14.47 -1.06 -32.04
C MET B 44 14.52 -2.50 -32.52
N GLN B 45 14.68 -3.46 -31.60
CA GLN B 45 14.67 -4.87 -31.98
C GLN B 45 13.24 -5.33 -32.08
N SER B 46 12.51 -4.66 -32.98
CA SER B 46 11.06 -4.87 -33.01
C SER B 46 10.65 -6.06 -33.84
N LYS B 47 11.56 -6.68 -34.58
CA LYS B 47 11.17 -7.92 -35.25
C LYS B 47 10.98 -9.02 -34.19
N GLN B 48 11.96 -9.13 -33.30
CA GLN B 48 11.96 -10.14 -32.25
C GLN B 48 10.96 -9.80 -31.13
N HIS B 49 10.89 -8.54 -30.72
CA HIS B 49 10.04 -8.15 -29.57
C HIS B 49 8.83 -7.31 -29.98
N SER B 50 7.69 -7.62 -29.35
CA SER B 50 6.44 -7.00 -29.71
C SER B 50 6.27 -5.66 -29.00
N TYR B 51 7.13 -5.33 -28.04
CA TYR B 51 7.13 -3.98 -27.47
C TYR B 51 8.59 -3.51 -27.37
N THR B 52 8.88 -2.35 -27.95
CA THR B 52 10.21 -1.78 -28.02
C THR B 52 10.04 -0.26 -27.98
N GLY B 53 11.07 0.45 -27.54
CA GLY B 53 11.01 1.92 -27.55
C GLY B 53 11.77 2.60 -26.42
N LEU B 54 11.47 3.88 -26.21
CA LEU B 54 12.09 4.57 -25.07
C LEU B 54 11.04 5.15 -24.12
N ALA B 55 11.49 5.55 -22.94
CA ALA B 55 10.62 6.27 -21.99
C ALA B 55 11.47 7.29 -21.25
N ILE B 56 11.05 8.56 -21.28
CA ILE B 56 11.75 9.63 -20.58
C ILE B 56 11.04 9.76 -19.24
N VAL B 57 11.72 9.41 -18.17
CA VAL B 57 11.11 9.40 -16.86
C VAL B 57 11.90 10.37 -15.99
N PRO B 58 11.39 11.60 -15.78
CA PRO B 58 12.20 12.45 -14.92
C PRO B 58 12.14 12.02 -13.46
N GLU B 59 13.20 12.37 -12.73
CA GLU B 59 13.36 12.19 -11.28
C GLU B 59 12.11 12.70 -10.52
N GLN B 60 11.79 13.98 -10.68
CA GLN B 60 10.54 14.55 -10.20
C GLN B 60 9.73 14.87 -11.45
N PRO B 61 8.38 14.65 -11.41
CA PRO B 61 7.49 15.07 -12.51
C PRO B 61 7.74 16.50 -12.96
N TRP B 62 7.89 16.74 -14.26
CA TRP B 62 8.03 18.11 -14.78
C TRP B 62 6.82 18.93 -14.45
N ASP B 63 7.04 20.19 -14.13
CA ASP B 63 5.96 21.07 -13.86
C ASP B 63 5.81 21.99 -15.04
N TRP B 64 4.90 21.66 -15.94
CA TRP B 64 4.72 22.47 -17.15
C TRP B 64 3.45 23.33 -17.04
N SER B 65 3.02 23.56 -15.79
CA SER B 65 1.78 24.32 -15.54
C SER B 65 1.80 25.72 -16.14
N GLU B 66 2.97 26.31 -16.37
CA GLU B 66 3.01 27.59 -17.10
C GLU B 66 2.60 27.49 -18.61
N PHE B 67 2.69 26.32 -19.21
CA PHE B 67 2.38 26.21 -20.64
C PHE B 67 0.89 26.03 -20.88
N THR B 68 0.17 27.15 -20.91
CA THR B 68 -1.28 27.07 -20.97
C THR B 68 -1.78 26.87 -22.40
N SER B 69 -0.89 27.03 -23.37
CA SER B 69 -1.21 26.71 -24.76
C SER B 69 0.10 26.38 -25.45
N ALA B 70 0.58 25.12 -25.29
CA ALA B 70 1.86 24.68 -25.85
C ALA B 70 1.78 23.24 -26.36
N SER B 71 2.79 22.86 -27.13
CA SER B 71 2.93 21.50 -27.64
C SER B 71 4.35 21.02 -27.43
N LEU B 72 4.45 19.69 -27.31
CA LEU B 72 5.70 18.99 -27.15
C LEU B 72 6.14 18.61 -28.58
N TYR B 73 7.38 18.94 -28.94
CA TYR B 73 7.91 18.74 -30.29
C TYR B 73 9.06 17.76 -30.29
N PHE B 74 9.22 17.07 -31.43
CA PHE B 74 10.36 16.21 -31.66
C PHE B 74 10.76 16.29 -33.13
N ASP B 75 12.06 16.22 -33.41
CA ASP B 75 12.50 16.02 -34.78
C ASP B 75 12.70 14.54 -34.84
N ILE B 76 12.02 13.86 -35.76
CA ILE B 76 12.20 12.41 -35.92
C ILE B 76 12.30 12.03 -37.42
N VAL B 77 13.10 11.02 -37.71
CA VAL B 77 13.18 10.45 -39.05
C VAL B 77 13.43 8.94 -38.94
N SER B 78 12.89 8.12 -39.84
CA SER B 78 13.30 6.68 -39.85
C SER B 78 14.53 6.51 -40.73
N VAL B 79 15.29 5.44 -40.46
CA VAL B 79 16.52 5.11 -41.15
C VAL B 79 16.38 3.69 -41.67
N GLY B 80 16.84 3.39 -42.88
CA GLY B 80 16.81 2.03 -43.39
C GLY B 80 15.62 1.77 -44.31
N ASP B 81 15.10 0.54 -44.30
CA ASP B 81 14.10 0.18 -45.32
C ASP B 81 12.66 0.41 -44.95
N HIS B 82 12.36 0.69 -43.67
CA HIS B 82 10.98 0.72 -43.22
C HIS B 82 10.56 2.01 -42.57
N SER B 83 9.34 2.42 -42.88
CA SER B 83 8.74 3.48 -42.10
C SER B 83 8.44 2.96 -40.68
N THR B 84 8.19 3.87 -39.75
CA THR B 84 7.99 3.54 -38.32
C THR B 84 6.74 4.22 -37.80
N GLN B 85 5.82 3.44 -37.22
CA GLN B 85 4.66 4.04 -36.59
C GLN B 85 4.98 4.16 -35.11
N PHE B 86 5.12 5.40 -34.65
CA PHE B 86 5.37 5.59 -33.25
C PHE B 86 4.06 5.80 -32.49
N TYR B 87 3.95 5.17 -31.30
CA TYR B 87 2.96 5.50 -30.32
C TYR B 87 3.58 6.44 -29.33
N LEU B 88 3.01 7.65 -29.22
CA LEU B 88 3.41 8.62 -28.19
C LEU B 88 2.48 8.53 -26.99
N ASP B 89 2.97 8.06 -25.85
CA ASP B 89 2.14 8.00 -24.64
C ASP B 89 2.69 8.94 -23.60
N VAL B 90 1.84 9.85 -23.13
CA VAL B 90 2.26 10.84 -22.13
C VAL B 90 1.41 10.63 -20.87
N THR B 91 2.09 10.43 -19.73
CA THR B 91 1.44 10.07 -18.48
C THR B 91 1.76 11.15 -17.46
N ASP B 92 0.73 11.63 -16.73
CA ASP B 92 0.97 12.60 -15.69
C ASP B 92 1.12 11.94 -14.31
N GLN B 93 1.30 12.77 -13.30
CA GLN B 93 1.60 12.31 -11.93
C GLN B 93 0.44 11.56 -11.29
N ASN B 94 -0.77 11.77 -11.77
CA ASN B 94 -1.96 11.08 -11.23
C ASN B 94 -2.24 9.74 -11.87
N GLY B 95 -1.43 9.38 -12.88
CA GLY B 95 -1.65 8.19 -13.70
C GLY B 95 -2.52 8.41 -14.94
N ALA B 96 -2.95 9.65 -15.24
CA ALA B 96 -3.74 9.91 -16.47
C ALA B 96 -2.80 9.85 -17.68
N VAL B 97 -3.28 9.37 -18.82
CA VAL B 97 -2.42 9.04 -19.97
C VAL B 97 -3.16 9.48 -21.22
N PHE B 98 -2.44 10.05 -22.20
CA PHE B 98 -3.02 10.07 -23.54
C PHE B 98 -2.07 9.43 -24.56
N THR B 99 -2.63 8.97 -25.68
CA THR B 99 -1.93 8.29 -26.75
C THR B 99 -2.19 9.02 -28.10
N ARG B 100 -1.12 9.43 -28.76
CA ARG B 100 -1.18 9.90 -30.14
C ARG B 100 -0.22 9.04 -30.92
N SER B 101 -0.26 9.12 -32.24
CA SER B 101 0.55 8.25 -33.03
C SER B 101 0.72 8.85 -34.41
N ILE B 102 1.74 8.44 -35.13
CA ILE B 102 1.90 8.95 -36.49
C ILE B 102 2.95 8.09 -37.17
N ASP B 103 2.97 8.09 -38.50
CA ASP B 103 4.01 7.42 -39.28
C ASP B 103 5.26 8.29 -39.26
N ILE B 104 6.43 7.67 -39.20
CA ILE B 104 7.72 8.31 -39.40
C ILE B 104 8.39 7.78 -40.70
N PRO B 105 8.31 8.54 -41.80
CA PRO B 105 8.94 8.10 -43.05
C PRO B 105 10.45 8.10 -42.97
N VAL B 106 11.06 7.39 -43.94
CA VAL B 106 12.48 7.46 -44.17
C VAL B 106 12.70 8.73 -44.97
N GLY B 107 13.87 9.31 -44.95
CA GLY B 107 14.13 10.49 -45.79
C GLY B 107 14.64 11.59 -44.92
N LYS B 108 14.16 12.79 -45.16
CA LYS B 108 14.72 13.96 -44.45
C LYS B 108 14.05 14.11 -43.08
N MET B 109 14.79 14.62 -42.12
CA MET B 109 14.18 14.80 -40.83
C MET B 109 13.00 15.80 -40.86
N GLN B 110 11.98 15.57 -40.03
CA GLN B 110 10.86 16.51 -39.88
C GLN B 110 10.53 16.71 -38.41
N SER B 111 9.82 17.80 -38.10
CA SER B 111 9.39 18.07 -36.73
C SER B 111 7.97 17.58 -36.53
N TYR B 112 7.73 16.98 -35.37
CA TYR B 112 6.43 16.45 -35.04
C TYR B 112 5.95 17.07 -33.75
N TYR B 113 4.65 17.32 -33.59
CA TYR B 113 4.24 17.83 -32.31
C TYR B 113 2.92 17.30 -31.75
N ALA B 114 2.80 17.35 -30.42
CA ALA B 114 1.67 16.80 -29.71
C ALA B 114 1.24 17.88 -28.72
N LYS B 115 0.07 18.45 -28.91
CA LYS B 115 -0.49 19.43 -27.96
C LYS B 115 -0.45 18.95 -26.49
N LEU B 116 -0.01 19.82 -25.61
CA LEU B 116 -0.23 19.59 -24.20
C LEU B 116 -1.43 20.38 -23.70
N SER B 117 -1.74 21.50 -24.33
CA SER B 117 -2.80 22.39 -23.81
C SER B 117 -3.24 23.31 -24.91
N GLY B 118 -4.40 23.93 -24.72
CA GLY B 118 -4.88 24.97 -25.63
C GLY B 118 -5.47 24.49 -26.96
N HIS B 119 -5.94 25.45 -27.77
CA HIS B 119 -6.61 25.21 -29.07
C HIS B 119 -7.72 24.16 -28.93
N ASP B 120 -7.67 23.10 -29.75
CA ASP B 120 -8.74 22.08 -29.71
C ASP B 120 -8.67 21.13 -28.53
N LEU B 121 -7.73 21.36 -27.62
CA LEU B 121 -7.80 20.64 -26.37
C LEU B 121 -8.73 21.32 -25.34
N GLU B 122 -9.27 22.50 -25.65
CA GLU B 122 -9.99 23.33 -24.65
C GLU B 122 -11.34 22.81 -24.13
N VAL B 123 -12.32 22.60 -25.01
CA VAL B 123 -13.56 21.86 -24.63
C VAL B 123 -13.64 20.60 -25.51
N ASP B 131 -16.57 8.73 -25.97
CA ASP B 131 -16.16 9.90 -26.79
C ASP B 131 -14.65 10.08 -27.01
N LEU B 132 -14.08 9.23 -27.86
CA LEU B 132 -12.65 9.32 -28.15
C LEU B 132 -12.34 10.48 -29.11
N ASN B 133 -13.36 11.25 -29.53
CA ASN B 133 -13.15 12.37 -30.47
C ASN B 133 -12.77 13.69 -29.85
N LEU B 134 -12.26 14.61 -30.66
CA LEU B 134 -12.20 16.04 -30.32
C LEU B 134 -13.62 16.61 -30.41
N ALA B 135 -13.83 17.83 -29.92
CA ALA B 135 -15.17 18.42 -29.88
C ALA B 135 -15.85 18.52 -31.26
N SER B 136 -15.05 18.49 -32.34
CA SER B 136 -15.54 18.67 -33.69
C SER B 136 -16.35 17.41 -34.13
N GLY B 137 -16.13 16.30 -33.42
CA GLY B 137 -16.69 15.03 -33.85
C GLY B 137 -15.81 14.31 -34.84
N LEU B 138 -14.60 14.83 -35.05
CA LEU B 138 -13.54 14.12 -35.80
C LEU B 138 -12.67 13.39 -34.79
N ARG B 139 -12.22 12.18 -35.14
CA ARG B 139 -11.38 11.44 -34.22
C ARG B 139 -10.08 12.18 -34.11
N SER B 140 -9.62 12.75 -35.22
CA SER B 140 -8.50 13.66 -35.15
C SER B 140 -8.78 14.77 -36.16
N ASN B 141 -8.32 15.96 -35.79
CA ASN B 141 -8.66 17.22 -36.50
C ASN B 141 -7.60 17.67 -37.52
N PRO B 142 -8.01 18.50 -38.46
CA PRO B 142 -6.96 19.23 -39.16
C PRO B 142 -6.11 20.07 -38.14
N PRO B 143 -4.88 20.46 -38.50
CA PRO B 143 -4.10 21.31 -37.58
C PRO B 143 -4.82 22.64 -37.32
N THR B 144 -4.63 23.21 -36.13
CA THR B 144 -5.20 24.51 -35.79
C THR B 144 -4.30 25.66 -36.20
N TRP B 145 -3.19 25.39 -36.87
CA TRP B 145 -2.37 26.43 -37.48
C TRP B 145 -1.64 25.83 -38.68
N THR B 146 -1.09 26.67 -39.55
CA THR B 146 -0.45 26.20 -40.79
C THR B 146 1.06 26.13 -40.50
N SER B 147 1.64 24.95 -40.67
CA SER B 147 3.11 24.82 -40.66
C SER B 147 3.56 23.62 -41.45
N ASP B 148 4.87 23.50 -41.63
CA ASP B 148 5.37 22.33 -42.30
C ASP B 148 5.50 21.16 -41.29
N ASP B 149 5.51 21.50 -40.01
CA ASP B 149 5.56 20.48 -38.95
C ASP B 149 4.37 19.49 -39.04
N ARG B 150 4.58 18.26 -38.56
CA ARG B 150 3.51 17.27 -38.60
C ARG B 150 2.87 17.09 -37.21
N GLN B 151 1.54 17.20 -37.15
CA GLN B 151 0.83 16.93 -35.89
C GLN B 151 0.63 15.41 -35.61
N PHE B 152 1.16 14.91 -34.50
CA PHE B 152 0.85 13.53 -33.99
C PHE B 152 -0.67 13.39 -33.99
N VAL B 153 -1.17 12.24 -34.43
CA VAL B 153 -2.64 12.08 -34.63
C VAL B 153 -3.30 11.67 -33.33
N TRP B 154 -4.50 12.18 -33.05
CA TRP B 154 -5.19 11.76 -31.84
C TRP B 154 -5.65 10.31 -31.92
N MET B 155 -5.24 9.49 -30.93
CA MET B 155 -5.78 8.11 -30.81
C MET B 155 -6.85 7.97 -29.69
N TRP B 156 -6.48 8.10 -28.42
CA TRP B 156 -7.41 7.94 -27.30
C TRP B 156 -6.66 8.42 -26.06
N GLY B 157 -7.41 8.63 -24.99
CA GLY B 157 -6.87 8.86 -23.65
C GLY B 157 -7.40 10.18 -23.11
N VAL B 158 -6.68 10.76 -22.15
CA VAL B 158 -7.16 11.98 -21.49
C VAL B 158 -6.62 13.22 -22.21
N LYS B 159 -7.53 14.07 -22.65
CA LYS B 159 -7.19 15.27 -23.39
C LYS B 159 -6.34 16.31 -22.62
N ASN B 160 -6.73 16.61 -21.39
CA ASN B 160 -6.03 17.59 -20.56
C ASN B 160 -5.35 16.92 -19.37
N LEU B 161 -4.04 16.75 -19.46
CA LEU B 161 -3.31 16.12 -18.36
C LEU B 161 -3.10 17.18 -17.25
N ASP B 162 -2.72 16.72 -16.07
CA ASP B 162 -2.32 17.66 -15.05
C ASP B 162 -0.89 18.13 -15.39
N LEU B 163 -0.78 19.28 -16.05
CA LEU B 163 0.52 19.85 -16.50
C LEU B 163 1.52 20.16 -15.37
N SER B 164 1.06 20.17 -14.12
CA SER B 164 1.91 20.52 -13.01
C SER B 164 2.80 19.33 -12.68
N GLY B 165 2.46 18.15 -13.19
CA GLY B 165 3.32 17.00 -12.99
C GLY B 165 3.27 16.00 -14.15
N ILE B 166 4.07 16.23 -15.18
CA ILE B 166 4.16 15.25 -16.27
C ILE B 166 5.18 14.17 -15.88
N ALA B 167 4.74 12.92 -15.74
CA ALA B 167 5.58 11.87 -15.18
C ALA B 167 6.44 11.05 -16.16
N LYS B 168 5.96 10.92 -17.41
CA LYS B 168 6.56 10.00 -18.38
C LYS B 168 6.16 10.31 -19.82
N ILE B 169 7.16 10.30 -20.69
CA ILE B 169 6.93 10.45 -22.14
C ILE B 169 7.56 9.22 -22.79
N SER B 170 6.71 8.48 -23.49
CA SER B 170 7.09 7.19 -24.05
C SER B 170 6.87 7.25 -25.57
N LEU B 171 7.86 6.78 -26.32
CA LEU B 171 7.76 6.54 -27.75
C LEU B 171 8.04 5.06 -28.00
N SER B 172 7.05 4.37 -28.54
CA SER B 172 7.21 2.94 -28.76
C SER B 172 6.78 2.45 -30.12
N VAL B 173 7.39 1.33 -30.53
CA VAL B 173 6.99 0.55 -31.69
C VAL B 173 6.47 -0.81 -31.20
N GLN B 174 5.28 -1.19 -31.63
CA GLN B 174 4.59 -2.38 -31.12
C GLN B 174 4.19 -3.32 -32.23
N SER B 175 4.34 -4.64 -31.99
CA SER B 175 3.88 -5.70 -32.92
C SER B 175 4.33 -5.48 -34.37
N ALA B 176 5.59 -5.08 -34.57
CA ALA B 176 6.13 -4.92 -35.92
C ALA B 176 6.54 -6.28 -36.45
N MET B 177 6.71 -6.36 -37.78
CA MET B 177 7.23 -7.50 -38.44
C MET B 177 8.71 -7.26 -38.77
N HIS B 178 9.20 -6.02 -38.58
CA HIS B 178 10.60 -5.65 -38.92
C HIS B 178 11.23 -4.88 -37.78
N ASP B 179 12.56 -4.93 -37.69
CA ASP B 179 13.26 -3.99 -36.83
C ASP B 179 13.06 -2.58 -37.40
N LYS B 180 12.80 -1.61 -36.53
CA LYS B 180 12.64 -0.22 -36.97
C LYS B 180 13.76 0.60 -36.30
N THR B 181 14.25 1.60 -37.02
CA THR B 181 15.33 2.47 -36.53
C THR B 181 14.98 3.91 -36.81
N VAL B 182 15.14 4.78 -35.82
CA VAL B 182 14.87 6.20 -36.02
C VAL B 182 16.01 7.04 -35.47
N ILE B 183 16.05 8.31 -35.88
CA ILE B 183 16.84 9.30 -35.17
C ILE B 183 15.90 10.34 -34.63
N ILE B 184 16.12 10.67 -33.35
CA ILE B 184 15.30 11.63 -32.64
C ILE B 184 16.21 12.76 -32.13
N ASP B 185 15.73 13.99 -32.25
CA ASP B 185 16.48 15.17 -31.78
C ASP B 185 15.51 16.27 -31.37
N ASN B 186 16.05 17.24 -30.64
CA ASN B 186 15.42 18.52 -30.34
C ASN B 186 14.07 18.38 -29.67
N ILE B 187 14.05 17.63 -28.58
CA ILE B 187 12.80 17.38 -27.87
C ILE B 187 12.58 18.64 -27.08
N ARG B 188 11.43 19.27 -27.30
CA ARG B 188 11.20 20.61 -26.80
C ARG B 188 9.73 20.94 -26.60
N ILE B 189 9.47 22.00 -25.84
CA ILE B 189 8.13 22.54 -25.72
C ILE B 189 8.06 23.92 -26.35
N GLN B 190 7.05 24.15 -27.18
CA GLN B 190 6.88 25.45 -27.83
C GLN B 190 5.47 25.91 -27.52
N PRO B 191 5.29 27.19 -27.15
CA PRO B 191 3.93 27.73 -27.09
C PRO B 191 3.30 27.65 -28.48
N ASN B 192 1.99 27.46 -28.51
CA ASN B 192 1.28 27.31 -29.76
C ASN B 192 1.15 28.65 -30.43
N PRO B 193 1.19 28.68 -31.75
CA PRO B 193 0.80 29.91 -32.44
C PRO B 193 -0.69 30.15 -32.24
N PRO B 194 -1.20 31.31 -32.73
CA PRO B 194 -2.63 31.54 -32.59
C PRO B 194 -3.44 30.48 -33.33
N GLN B 195 -4.54 30.04 -32.73
CA GLN B 195 -5.46 29.11 -33.37
C GLN B 195 -5.99 29.79 -34.60
N ASP B 196 -6.13 29.05 -35.69
CA ASP B 196 -6.71 29.57 -36.92
C ASP B 196 -8.21 29.32 -36.80
N GLU B 197 -8.97 30.40 -36.70
CA GLU B 197 -10.40 30.28 -36.37
C GLU B 197 -11.22 29.63 -37.50
N ASN B 198 -10.63 29.47 -38.68
CA ASN B 198 -11.24 28.73 -39.77
C ASN B 198 -10.78 27.28 -39.95
N PHE B 199 -10.11 26.73 -38.92
CA PHE B 199 -9.50 25.40 -39.04
C PHE B 199 -10.53 24.29 -39.29
N LEU B 200 -11.78 24.51 -38.84
CA LEU B 200 -12.89 23.57 -39.10
C LEU B 200 -13.90 24.06 -40.13
N VAL B 201 -13.54 25.09 -40.88
CA VAL B 201 -14.49 25.74 -41.77
C VAL B 201 -14.15 25.36 -43.23
N GLY B 202 -15.16 24.94 -43.99
CA GLY B 202 -14.94 24.62 -45.43
C GLY B 202 -14.00 23.44 -45.67
N LEU B 203 -14.16 22.39 -44.86
CA LEU B 203 -13.32 21.17 -44.95
C LEU B 203 -13.64 20.30 -46.18
N VAL B 204 -14.92 20.25 -46.53
CA VAL B 204 -15.46 19.23 -47.47
C VAL B 204 -15.95 19.89 -48.75
N ASP B 205 -15.54 19.39 -49.91
CA ASP B 205 -16.12 19.86 -51.17
C ASP B 205 -17.41 19.07 -51.52
N GLU B 206 -17.92 19.26 -52.74
CA GLU B 206 -19.22 18.70 -53.05
C GLU B 206 -19.13 17.18 -53.26
N PHE B 207 -17.91 16.65 -53.45
CA PHE B 207 -17.62 15.20 -53.65
C PHE B 207 -17.27 14.48 -52.35
N GLY B 208 -17.30 15.20 -51.23
CA GLY B 208 -16.90 14.63 -49.96
C GLY B 208 -15.41 14.68 -49.70
N GLN B 209 -14.63 15.29 -50.60
CA GLN B 209 -13.16 15.35 -50.43
C GLN B 209 -12.67 16.50 -49.56
N ASN B 210 -11.43 16.36 -49.08
CA ASN B 210 -10.73 17.47 -48.38
C ASN B 210 -10.69 18.70 -49.32
N ALA B 211 -11.42 19.75 -48.97
CA ALA B 211 -11.56 20.88 -49.92
C ALA B 211 -10.27 21.68 -50.04
N LYS B 212 -9.55 21.82 -48.94
CA LYS B 212 -8.43 22.75 -48.90
C LYS B 212 -7.14 22.22 -49.46
N VAL B 213 -7.02 20.91 -49.61
CA VAL B 213 -5.74 20.33 -50.02
C VAL B 213 -5.87 19.67 -51.37
N ASP B 214 -4.91 19.90 -52.25
CA ASP B 214 -4.84 19.15 -53.50
C ASP B 214 -3.92 17.96 -53.25
N TYR B 215 -4.29 16.79 -53.71
CA TYR B 215 -3.43 15.64 -53.48
C TYR B 215 -3.51 14.84 -54.74
N LYS B 216 -2.53 13.98 -54.96
CA LYS B 216 -2.52 13.18 -56.15
C LYS B 216 -3.83 12.35 -56.19
N GLY B 217 -4.59 12.47 -57.26
CA GLY B 217 -5.78 11.63 -57.44
C GLY B 217 -7.06 12.30 -56.96
N LYS B 218 -6.93 13.49 -56.40
CA LYS B 218 -8.11 14.24 -56.00
C LYS B 218 -8.97 14.50 -57.26
N ILE B 219 -10.29 14.41 -57.14
CA ILE B 219 -11.20 14.65 -58.25
C ILE B 219 -11.52 16.18 -58.26
N HIS B 220 -11.27 16.86 -59.38
CA HIS B 220 -11.54 18.31 -59.43
C HIS B 220 -12.80 18.66 -60.23
N SER B 221 -13.42 17.69 -60.91
CA SER B 221 -14.67 17.97 -61.66
C SER B 221 -15.41 16.68 -61.89
N LEU B 222 -16.65 16.78 -62.36
CA LEU B 222 -17.41 15.60 -62.78
C LEU B 222 -16.72 14.88 -63.96
N GLU B 223 -16.14 15.63 -64.87
N GLU B 223 -16.16 15.66 -64.88
CA GLU B 223 -15.54 15.05 -66.08
CA GLU B 223 -15.46 15.12 -66.03
C GLU B 223 -14.32 14.17 -65.70
C GLU B 223 -14.44 14.10 -65.58
N GLU B 224 -13.61 14.53 -64.63
CA GLU B 224 -12.54 13.67 -64.09
C GLU B 224 -13.07 12.41 -63.42
N LEU B 225 -14.17 12.52 -62.71
CA LEU B 225 -14.76 11.35 -62.07
C LEU B 225 -15.27 10.38 -63.12
N HIS B 226 -15.95 10.91 -64.14
CA HIS B 226 -16.42 10.00 -65.20
C HIS B 226 -15.24 9.39 -65.95
N ALA B 227 -14.13 10.11 -66.05
CA ALA B 227 -13.00 9.58 -66.80
C ALA B 227 -12.40 8.43 -65.96
N ALA B 228 -12.42 8.59 -64.62
CA ALA B 228 -11.90 7.58 -63.67
C ALA B 228 -12.80 6.32 -63.79
N ARG B 229 -14.10 6.54 -63.76
CA ARG B 229 -15.05 5.45 -63.90
C ARG B 229 -14.73 4.70 -65.20
N ASP B 230 -14.56 5.44 -66.31
CA ASP B 230 -14.40 4.77 -67.62
C ASP B 230 -13.13 3.92 -67.68
N VAL B 231 -12.01 4.45 -67.16
CA VAL B 231 -10.78 3.66 -67.19
C VAL B 231 -11.03 2.30 -66.49
N GLU B 232 -11.62 2.35 -65.29
CA GLU B 232 -11.81 1.16 -64.47
C GLU B 232 -12.83 0.19 -65.08
N LEU B 233 -13.98 0.67 -65.54
CA LEU B 233 -14.96 -0.25 -66.07
C LEU B 233 -14.44 -1.02 -67.30
N ALA B 234 -13.57 -0.40 -68.11
CA ALA B 234 -12.96 -1.12 -69.22
C ALA B 234 -12.10 -2.31 -68.73
N GLU B 235 -11.59 -2.27 -67.50
CA GLU B 235 -10.76 -3.36 -66.99
C GLU B 235 -11.51 -4.49 -66.33
N LEU B 236 -12.73 -4.23 -65.86
CA LEU B 236 -13.53 -5.23 -65.12
C LEU B 236 -14.34 -6.13 -66.09
N ASP B 237 -13.95 -7.38 -66.21
CA ASP B 237 -14.66 -8.27 -67.14
C ASP B 237 -15.38 -9.36 -66.37
N GLY B 238 -15.46 -9.25 -65.05
CA GLY B 238 -16.09 -10.30 -64.26
C GLY B 238 -15.29 -11.59 -64.07
N LYS B 239 -14.08 -11.69 -64.62
CA LYS B 239 -13.27 -12.93 -64.57
C LYS B 239 -12.52 -13.04 -63.25
N PRO B 240 -12.67 -14.18 -62.53
CA PRO B 240 -11.90 -14.37 -61.27
C PRO B 240 -10.45 -14.72 -61.56
N MET B 241 -9.56 -14.57 -60.57
CA MET B 241 -8.23 -15.20 -60.72
C MET B 241 -8.34 -16.69 -61.11
N PRO B 242 -7.35 -17.21 -61.85
CA PRO B 242 -7.48 -18.52 -62.48
C PRO B 242 -7.38 -19.74 -61.54
N SER B 243 -7.90 -20.87 -62.00
CA SER B 243 -7.68 -22.16 -61.32
C SER B 243 -8.45 -22.26 -59.97
N ARG B 244 -9.57 -21.56 -59.89
CA ARG B 244 -10.39 -21.64 -58.70
C ARG B 244 -11.71 -22.29 -59.03
N SER B 245 -12.27 -22.97 -58.04
CA SER B 245 -13.58 -23.61 -58.16
C SER B 245 -14.65 -22.53 -58.19
N LYS B 246 -15.88 -22.94 -58.46
CA LYS B 246 -17.03 -22.07 -58.50
C LYS B 246 -17.08 -21.17 -57.25
N PHE B 247 -16.77 -21.77 -56.09
CA PHE B 247 -16.92 -21.10 -54.83
C PHE B 247 -15.64 -20.40 -54.38
N GLY B 248 -14.66 -20.22 -55.27
CA GLY B 248 -13.37 -19.59 -54.92
C GLY B 248 -12.31 -20.46 -54.24
N GLY B 249 -12.54 -21.77 -54.12
CA GLY B 249 -11.57 -22.72 -53.59
C GLY B 249 -10.49 -23.09 -54.64
N TRP B 250 -9.59 -24.00 -54.27
CA TRP B 250 -8.40 -24.26 -55.07
C TRP B 250 -8.55 -25.55 -55.83
N LEU B 251 -8.62 -25.46 -57.16
CA LEU B 251 -8.86 -26.65 -57.98
C LEU B 251 -7.80 -27.72 -57.83
N ALA B 252 -6.55 -27.33 -57.60
CA ALA B 252 -5.49 -28.35 -57.43
C ALA B 252 -5.61 -29.09 -56.10
N GLY B 253 -6.59 -28.74 -55.26
CA GLY B 253 -6.86 -29.49 -54.06
C GLY B 253 -5.75 -29.40 -52.99
N PRO B 254 -5.62 -30.43 -52.15
CA PRO B 254 -6.33 -31.72 -52.27
C PRO B 254 -7.84 -31.54 -52.16
N LYS B 255 -8.58 -32.30 -52.94
CA LYS B 255 -10.01 -32.18 -52.86
C LYS B 255 -10.55 -33.09 -51.76
N LEU B 256 -11.47 -32.61 -50.95
CA LEU B 256 -11.87 -33.30 -49.73
C LEU B 256 -13.36 -33.56 -49.77
N LYS B 257 -13.90 -34.09 -48.67
CA LYS B 257 -15.34 -34.38 -48.62
C LYS B 257 -16.16 -33.12 -48.93
N ALA B 258 -17.15 -33.25 -49.81
CA ALA B 258 -17.96 -32.15 -50.24
C ALA B 258 -19.29 -32.24 -49.46
N THR B 259 -19.58 -31.29 -48.57
CA THR B 259 -20.86 -31.34 -47.85
C THR B 259 -21.97 -30.47 -48.44
N GLY B 260 -21.66 -29.58 -49.40
CA GLY B 260 -22.67 -28.62 -49.87
C GLY B 260 -22.63 -27.34 -49.07
N TYR B 261 -21.73 -27.25 -48.06
CA TYR B 261 -21.57 -26.04 -47.26
C TYR B 261 -20.11 -25.79 -46.91
N PHE B 262 -19.75 -24.52 -46.67
CA PHE B 262 -18.41 -24.19 -46.19
C PHE B 262 -18.14 -24.87 -44.85
N ARG B 263 -16.97 -25.50 -44.71
CA ARG B 263 -16.64 -26.15 -43.44
C ARG B 263 -15.17 -25.99 -43.19
N THR B 264 -14.65 -26.59 -42.12
CA THR B 264 -13.22 -26.48 -41.81
C THR B 264 -12.54 -27.84 -41.86
N GLU B 265 -11.24 -27.83 -42.15
CA GLU B 265 -10.47 -29.03 -42.08
C GLU B 265 -8.99 -28.65 -42.04
N LYS B 266 -8.20 -29.48 -41.36
CA LYS B 266 -6.77 -29.26 -41.26
C LYS B 266 -6.13 -30.08 -42.38
N ILE B 267 -5.40 -29.40 -43.24
CA ILE B 267 -4.81 -30.05 -44.43
C ILE B 267 -3.29 -30.09 -44.30
N ASN B 268 -2.74 -31.27 -43.95
CA ASN B 268 -1.28 -31.46 -43.73
C ASN B 268 -0.66 -30.32 -42.93
N GLY B 269 -1.19 -30.06 -41.75
CA GLY B 269 -0.60 -29.06 -40.85
C GLY B 269 -1.24 -27.69 -40.94
N LYS B 270 -2.02 -27.45 -41.98
CA LYS B 270 -2.56 -26.10 -42.13
C LYS B 270 -4.09 -26.05 -42.02
N TRP B 271 -4.60 -25.30 -41.02
CA TRP B 271 -6.04 -25.11 -40.95
C TRP B 271 -6.51 -24.41 -42.22
N MET B 272 -7.60 -24.92 -42.79
CA MET B 272 -8.16 -24.34 -44.01
C MET B 272 -9.69 -24.34 -43.89
N LEU B 273 -10.36 -23.52 -44.68
CA LEU B 273 -11.78 -23.81 -44.89
C LEU B 273 -11.90 -24.80 -46.07
N VAL B 274 -13.08 -25.38 -46.25
CA VAL B 274 -13.34 -26.22 -47.39
C VAL B 274 -14.65 -25.73 -47.97
N ASP B 275 -14.66 -25.50 -49.28
CA ASP B 275 -15.85 -25.00 -49.94
C ASP B 275 -16.88 -26.14 -50.12
N PRO B 276 -18.11 -25.77 -50.51
CA PRO B 276 -19.26 -26.67 -50.61
C PRO B 276 -19.00 -27.89 -51.51
N GLU B 277 -18.06 -27.75 -52.46
CA GLU B 277 -17.72 -28.81 -53.38
C GLU B 277 -16.47 -29.58 -52.97
N GLY B 278 -15.92 -29.26 -51.81
CA GLY B 278 -14.77 -30.00 -51.32
C GLY B 278 -13.42 -29.36 -51.54
N TYR B 279 -13.38 -28.17 -52.14
CA TYR B 279 -12.06 -27.59 -52.46
C TYR B 279 -11.51 -26.76 -51.33
N PRO B 280 -10.21 -26.86 -51.08
CA PRO B 280 -9.60 -26.04 -50.02
C PRO B 280 -9.89 -24.55 -50.26
N TYR B 281 -10.15 -23.82 -49.16
CA TYR B 281 -10.57 -22.43 -49.27
C TYR B 281 -9.92 -21.58 -48.18
N PHE B 282 -9.52 -20.35 -48.53
CA PHE B 282 -8.83 -19.43 -47.63
C PHE B 282 -9.53 -18.07 -47.85
N ALA B 283 -10.05 -17.45 -46.77
CA ALA B 283 -10.97 -16.32 -46.91
C ALA B 283 -10.17 -15.00 -46.92
N THR B 284 -10.27 -14.29 -48.03
CA THR B 284 -9.74 -12.93 -48.11
C THR B 284 -10.90 -12.03 -48.58
N GLY B 285 -10.86 -10.78 -48.17
CA GLY B 285 -11.92 -9.84 -48.61
C GLY B 285 -12.02 -8.64 -47.68
N LEU B 286 -13.06 -7.82 -47.89
CA LEU B 286 -13.22 -6.57 -47.17
C LEU B 286 -14.51 -6.49 -46.30
N ASP B 287 -14.41 -5.79 -45.17
CA ASP B 287 -15.59 -5.60 -44.30
C ASP B 287 -16.40 -4.35 -44.72
N ILE B 288 -17.61 -4.20 -44.23
CA ILE B 288 -18.49 -3.02 -44.51
C ILE B 288 -18.69 -2.82 -46.02
N ILE B 289 -19.26 -3.82 -46.67
CA ILE B 289 -19.64 -3.68 -48.06
C ILE B 289 -21.15 -3.33 -48.03
N ARG B 290 -21.40 -2.06 -47.64
CA ARG B 290 -22.72 -1.50 -47.38
C ARG B 290 -22.54 -0.01 -47.30
N LEU B 291 -23.64 0.75 -47.41
CA LEU B 291 -23.54 2.20 -47.34
C LEU B 291 -23.87 2.75 -45.95
N SER B 292 -24.24 1.88 -45.01
CA SER B 292 -24.76 2.32 -43.66
C SER B 292 -23.81 3.23 -42.87
N ASN B 293 -22.50 3.02 -43.05
CA ASN B 293 -21.53 3.77 -42.29
C ASN B 293 -20.85 4.88 -43.04
N SER B 294 -21.40 5.25 -44.20
CA SER B 294 -20.81 6.18 -45.14
C SER B 294 -21.36 7.59 -44.99
N SER B 295 -22.22 7.80 -44.00
CA SER B 295 -22.75 9.14 -43.82
C SER B 295 -22.01 9.90 -42.66
N THR B 296 -22.07 11.22 -42.71
CA THR B 296 -21.37 12.10 -41.73
C THR B 296 -22.40 13.16 -41.22
N MET B 297 -22.36 13.50 -39.92
CA MET B 297 -23.37 14.42 -39.34
C MET B 297 -23.23 15.83 -39.93
N THR B 298 -24.33 16.38 -40.43
CA THR B 298 -24.26 17.67 -41.09
C THR B 298 -24.30 18.82 -40.08
N GLY B 299 -24.83 18.56 -38.86
CA GLY B 299 -25.04 19.65 -37.90
C GLY B 299 -26.47 20.13 -37.83
N TYR B 300 -27.35 19.60 -38.69
CA TYR B 300 -28.78 19.89 -38.62
C TYR B 300 -29.58 18.76 -37.99
N ASP B 301 -30.80 19.08 -37.59
CA ASP B 301 -31.69 18.12 -36.96
C ASP B 301 -33.09 18.43 -37.44
N TYR B 302 -34.00 17.54 -37.07
CA TYR B 302 -35.38 17.63 -37.48
C TYR B 302 -36.27 17.65 -36.23
N ASP B 303 -37.49 18.12 -36.43
CA ASP B 303 -38.55 17.99 -35.44
C ASP B 303 -38.79 16.52 -35.12
N GLN B 304 -38.67 16.14 -33.85
CA GLN B 304 -38.77 14.75 -33.49
C GLN B 304 -40.12 14.13 -33.84
N ALA B 305 -41.16 14.94 -33.95
CA ALA B 305 -42.48 14.40 -34.28
C ALA B 305 -42.50 13.84 -35.71
N THR B 306 -41.59 14.29 -36.57
CA THR B 306 -41.55 13.81 -37.96
C THR B 306 -40.57 12.65 -38.24
N VAL B 307 -39.96 12.07 -37.21
CA VAL B 307 -38.93 11.03 -37.35
C VAL B 307 -39.44 9.72 -36.73
N ALA B 308 -39.47 8.64 -37.51
CA ALA B 308 -39.97 7.35 -37.01
C ALA B 308 -39.11 6.83 -35.86
N GLN B 309 -39.77 6.37 -34.80
CA GLN B 309 -39.03 5.85 -33.63
C GLN B 309 -38.65 4.40 -33.91
N ARG B 310 -37.49 3.97 -33.40
CA ARG B 310 -37.08 2.55 -33.47
C ARG B 310 -38.07 1.59 -32.79
N SER B 311 -38.25 0.39 -33.34
CA SER B 311 -39.04 -0.67 -32.67
C SER B 311 -38.18 -1.32 -31.57
N ALA B 312 -38.83 -1.78 -30.49
CA ALA B 312 -38.12 -2.47 -29.37
C ALA B 312 -37.52 -3.82 -29.77
N ASP B 313 -38.10 -4.46 -30.77
CA ASP B 313 -37.66 -5.81 -31.16
C ASP B 313 -36.71 -5.86 -32.36
N ASP B 314 -36.34 -4.69 -32.87
CA ASP B 314 -35.40 -4.61 -33.99
C ASP B 314 -34.10 -5.36 -33.64
N VAL B 315 -33.66 -6.30 -34.48
CA VAL B 315 -32.40 -7.02 -34.22
C VAL B 315 -31.19 -6.19 -34.66
N THR B 316 -31.44 -5.06 -35.34
CA THR B 316 -30.35 -4.29 -35.93
C THR B 316 -30.05 -3.01 -35.15
N PRO B 317 -28.81 -2.89 -34.60
CA PRO B 317 -28.48 -1.69 -33.84
C PRO B 317 -28.40 -0.50 -34.77
N GLU B 318 -28.56 0.72 -34.22
CA GLU B 318 -28.78 1.92 -35.06
C GLU B 318 -27.66 2.17 -36.08
N ASP B 319 -26.43 1.88 -35.65
CA ASP B 319 -25.23 2.12 -36.49
C ASP B 319 -25.22 1.25 -37.74
N SER B 320 -25.89 0.08 -37.67
CA SER B 320 -25.92 -0.87 -38.77
C SER B 320 -27.25 -0.85 -39.54
N LYS B 321 -28.15 0.06 -39.23
CA LYS B 321 -29.41 0.18 -40.03
C LYS B 321 -29.12 0.73 -41.45
N GLY B 322 -30.02 0.52 -42.41
CA GLY B 322 -29.86 1.07 -43.77
C GLY B 322 -29.87 2.60 -43.62
N LEU B 323 -29.38 3.31 -44.65
CA LEU B 323 -29.50 4.80 -44.65
C LEU B 323 -30.97 5.17 -44.64
N MET B 324 -31.38 6.01 -43.69
CA MET B 324 -32.82 6.34 -43.52
C MET B 324 -33.29 7.37 -44.57
N ALA B 325 -34.37 7.07 -45.27
CA ALA B 325 -34.90 8.02 -46.26
C ALA B 325 -35.57 9.17 -45.52
N VAL B 326 -35.05 10.38 -45.73
CA VAL B 326 -35.60 11.60 -45.12
C VAL B 326 -36.84 12.15 -45.88
N SER B 327 -37.98 12.22 -45.19
CA SER B 327 -39.22 12.77 -45.80
C SER B 327 -39.15 14.30 -46.06
N GLU B 328 -39.98 14.77 -46.98
CA GLU B 328 -40.14 16.21 -47.19
C GLU B 328 -40.49 16.94 -45.91
N LYS B 329 -41.50 16.43 -45.22
CA LYS B 329 -41.99 17.02 -43.97
C LYS B 329 -40.90 17.16 -42.90
N SER B 330 -40.08 16.11 -42.72
CA SER B 330 -38.95 16.16 -41.79
C SER B 330 -37.99 17.24 -42.21
N PHE B 331 -37.70 17.26 -43.51
CA PHE B 331 -36.71 18.20 -44.06
C PHE B 331 -37.14 19.66 -43.96
N ALA B 332 -38.44 19.92 -44.14
CA ALA B 332 -38.98 21.26 -43.93
C ALA B 332 -38.78 21.78 -42.50
N THR B 333 -38.66 20.90 -41.50
CA THR B 333 -38.46 21.30 -40.07
C THR B 333 -36.99 21.42 -39.67
N ARG B 334 -36.13 21.32 -40.67
CA ARG B 334 -34.69 21.36 -40.48
C ARG B 334 -34.19 22.62 -39.75
N HIS B 335 -33.51 22.41 -38.62
CA HIS B 335 -32.86 23.51 -37.91
C HIS B 335 -31.40 23.19 -37.58
N LEU B 336 -30.61 24.24 -37.38
CA LEU B 336 -29.21 24.11 -37.08
C LEU B 336 -29.06 23.66 -35.64
N ALA B 337 -28.32 22.57 -35.43
CA ALA B 337 -28.11 21.98 -34.10
C ALA B 337 -26.65 22.13 -33.65
N SER B 338 -25.72 22.09 -34.59
CA SER B 338 -24.32 22.31 -34.29
C SER B 338 -23.70 23.20 -35.37
N PRO B 339 -23.39 24.46 -35.02
CA PRO B 339 -22.83 25.36 -36.02
C PRO B 339 -21.46 24.90 -36.46
N THR B 340 -20.69 24.30 -35.55
CA THR B 340 -19.37 23.77 -35.88
C THR B 340 -19.46 22.69 -36.96
N ARG B 341 -20.34 21.70 -36.80
CA ARG B 341 -20.60 20.71 -37.87
C ARG B 341 -21.01 21.41 -39.20
N ALA B 342 -22.02 22.27 -39.13
CA ALA B 342 -22.61 22.86 -40.34
C ALA B 342 -21.57 23.60 -41.20
N ALA B 343 -20.68 24.33 -40.54
CA ALA B 343 -19.68 25.15 -41.24
C ALA B 343 -18.60 24.28 -41.94
N MET B 344 -18.54 22.98 -41.61
CA MET B 344 -17.56 22.08 -42.29
C MET B 344 -17.83 21.85 -43.77
N PHE B 345 -19.09 21.97 -44.17
CA PHE B 345 -19.48 21.55 -45.54
C PHE B 345 -19.63 22.69 -46.52
N ASN B 346 -18.82 22.72 -47.56
CA ASN B 346 -19.00 23.67 -48.66
C ASN B 346 -20.30 23.53 -49.44
N TRP B 347 -20.86 22.31 -49.47
CA TRP B 347 -22.06 22.04 -50.28
C TRP B 347 -22.86 20.90 -49.69
N LEU B 348 -24.16 21.14 -49.54
CA LEU B 348 -25.15 20.12 -49.21
C LEU B 348 -26.39 20.49 -50.04
N PRO B 349 -27.07 19.49 -50.64
CA PRO B 349 -28.23 19.82 -51.53
C PRO B 349 -29.47 20.30 -50.77
N ASP B 350 -30.26 21.18 -51.41
CA ASP B 350 -31.68 21.46 -50.99
C ASP B 350 -32.58 20.25 -51.26
N TYR B 351 -33.80 20.24 -50.71
CA TYR B 351 -34.64 19.04 -50.79
C TYR B 351 -35.04 18.68 -52.21
N ASP B 352 -34.99 19.65 -53.12
CA ASP B 352 -35.44 19.39 -54.47
C ASP B 352 -34.30 18.96 -55.38
N HIS B 353 -33.06 19.09 -54.93
CA HIS B 353 -31.88 18.70 -55.74
C HIS B 353 -31.87 17.17 -55.95
N PRO B 354 -31.47 16.71 -57.16
CA PRO B 354 -31.44 15.24 -57.36
C PRO B 354 -30.64 14.48 -56.27
N LEU B 355 -29.59 15.11 -55.74
CA LEU B 355 -28.71 14.36 -54.81
C LEU B 355 -29.18 14.43 -53.37
N ALA B 356 -30.37 14.97 -53.15
CA ALA B 356 -30.92 15.08 -51.81
C ALA B 356 -31.36 13.72 -51.25
N ASN B 357 -31.47 12.70 -52.09
CA ASN B 357 -31.82 11.37 -51.52
C ASN B 357 -30.66 10.72 -50.77
N HIS B 358 -29.50 11.39 -50.69
CA HIS B 358 -28.38 10.80 -50.01
C HIS B 358 -28.25 11.36 -48.60
N TYR B 359 -29.32 12.03 -48.13
CA TYR B 359 -29.45 12.38 -46.73
C TYR B 359 -29.81 11.13 -45.94
N ASN B 360 -29.42 11.11 -44.67
CA ASN B 360 -29.66 10.01 -43.74
C ASN B 360 -30.05 10.70 -42.43
N TYR B 361 -30.58 9.94 -41.48
CA TYR B 361 -30.84 10.43 -40.13
C TYR B 361 -30.49 9.35 -39.14
N ARG B 362 -29.63 9.67 -38.19
N ARG B 362 -29.61 9.64 -38.19
CA ARG B 362 -29.29 8.77 -37.09
CA ARG B 362 -29.33 8.67 -37.13
C ARG B 362 -30.02 9.17 -35.80
C ARG B 362 -29.92 9.11 -35.77
N ARG B 363 -30.65 8.20 -35.14
CA ARG B 363 -31.39 8.46 -33.93
C ARG B 363 -30.56 8.35 -32.65
N SER B 364 -29.28 8.02 -32.80
CA SER B 364 -28.39 7.86 -31.67
C SER B 364 -26.94 7.86 -32.19
N ALA B 365 -25.97 7.92 -31.29
CA ALA B 365 -24.57 7.86 -31.68
C ALA B 365 -23.78 7.38 -30.49
N HIS B 366 -22.68 6.68 -30.74
CA HIS B 366 -21.82 6.21 -29.65
C HIS B 366 -21.04 7.37 -29.07
N SER B 367 -20.47 8.18 -29.97
CA SER B 367 -19.78 9.39 -29.58
C SER B 367 -19.84 10.49 -30.62
N GLY B 368 -19.46 11.67 -30.18
CA GLY B 368 -19.49 12.87 -31.00
C GLY B 368 -20.33 13.96 -30.36
N PRO B 369 -20.34 15.15 -30.97
CA PRO B 369 -21.05 16.22 -30.26
C PRO B 369 -22.58 16.16 -30.49
N LEU B 370 -23.08 15.27 -31.32
CA LEU B 370 -24.55 15.15 -31.44
C LEU B 370 -25.05 13.74 -31.14
N LYS B 371 -26.11 13.67 -30.34
CA LYS B 371 -26.68 12.41 -29.89
C LYS B 371 -27.56 11.83 -31.02
N ARG B 372 -27.91 12.69 -31.98
CA ARG B 372 -28.79 12.35 -33.09
C ARG B 372 -28.68 13.48 -34.12
N GLY B 373 -29.16 13.23 -35.33
CA GLY B 373 -29.20 14.31 -36.30
C GLY B 373 -29.14 13.84 -37.72
N GLU B 374 -29.26 14.82 -38.61
CA GLU B 374 -29.15 14.63 -40.03
C GLU B 374 -27.71 14.30 -40.44
N ALA B 375 -27.59 13.50 -41.49
CA ALA B 375 -26.27 13.12 -41.99
C ALA B 375 -26.34 13.04 -43.49
N TYR B 376 -25.18 13.07 -44.15
CA TYR B 376 -25.16 13.03 -45.61
C TYR B 376 -24.11 12.02 -46.00
N SER B 377 -24.42 11.20 -47.00
CA SER B 377 -23.43 10.30 -47.59
C SER B 377 -22.98 10.76 -48.97
N PHE B 378 -21.81 11.37 -49.00
CA PHE B 378 -21.16 11.78 -50.23
C PHE B 378 -20.76 10.61 -51.10
N TYR B 379 -20.30 9.53 -50.49
CA TYR B 379 -20.01 8.32 -51.26
C TYR B 379 -21.26 7.88 -52.05
N SER B 380 -22.36 7.69 -51.33
CA SER B 380 -23.63 7.37 -51.98
C SER B 380 -23.97 8.39 -53.10
N ALA B 381 -23.90 9.69 -52.77
CA ALA B 381 -24.12 10.72 -53.83
C ALA B 381 -23.22 10.49 -55.07
N ASN B 382 -21.96 10.17 -54.83
CA ASN B 382 -21.02 9.96 -55.92
C ASN B 382 -21.33 8.72 -56.81
N LEU B 383 -21.98 7.71 -56.21
CA LEU B 383 -22.43 6.56 -57.00
C LEU B 383 -23.53 7.02 -57.94
N GLU B 384 -24.45 7.84 -57.43
CA GLU B 384 -25.46 8.44 -58.33
C GLU B 384 -24.77 9.27 -59.44
N ARG B 385 -23.80 10.11 -59.08
CA ARG B 385 -23.09 10.89 -60.08
C ARG B 385 -22.38 10.02 -61.12
N LYS B 386 -21.72 8.96 -60.69
CA LYS B 386 -20.97 8.09 -61.60
C LYS B 386 -21.87 7.28 -62.52
N TYR B 387 -22.94 6.71 -61.97
CA TYR B 387 -23.69 5.72 -62.71
C TYR B 387 -25.06 6.17 -63.21
N GLY B 388 -25.54 7.36 -62.79
CA GLY B 388 -26.88 7.85 -63.19
C GLY B 388 -28.05 6.92 -62.80
N GLU B 389 -29.22 7.11 -63.43
CA GLU B 389 -30.40 6.24 -63.29
C GLU B 389 -31.09 5.88 -64.59
N THR B 390 -31.28 4.61 -64.86
CA THR B 390 -32.25 4.20 -65.84
C THR B 390 -33.57 3.75 -65.17
N TYR B 391 -33.61 3.70 -63.84
CA TYR B 391 -34.82 3.48 -63.05
C TYR B 391 -34.36 3.94 -61.67
N PRO B 392 -35.30 4.23 -60.76
CA PRO B 392 -34.93 4.75 -59.45
C PRO B 392 -33.99 3.85 -58.68
N GLY B 393 -32.83 4.39 -58.24
CA GLY B 393 -31.87 3.55 -57.49
C GLY B 393 -31.04 2.60 -58.33
N SER B 394 -31.07 2.77 -59.66
CA SER B 394 -30.31 1.84 -60.48
C SER B 394 -28.82 1.92 -60.20
N TYR B 395 -28.30 3.10 -59.80
CA TYR B 395 -26.86 3.21 -59.45
C TYR B 395 -26.50 2.29 -58.28
N LEU B 396 -27.47 1.91 -57.44
CA LEU B 396 -27.16 0.99 -56.34
C LEU B 396 -26.90 -0.41 -56.89
N ASP B 397 -27.70 -0.83 -57.88
CA ASP B 397 -27.54 -2.12 -58.51
C ASP B 397 -26.20 -2.11 -59.27
N LYS B 398 -25.85 -1.00 -59.95
CA LYS B 398 -24.60 -0.92 -60.70
C LYS B 398 -23.42 -1.04 -59.72
N TRP B 399 -23.53 -0.36 -58.57
CA TRP B 399 -22.47 -0.40 -57.53
C TRP B 399 -22.27 -1.84 -57.05
N ARG B 400 -23.36 -2.59 -56.87
CA ARG B 400 -23.23 -3.98 -56.38
C ARG B 400 -22.55 -4.83 -57.41
N GLU B 401 -22.96 -4.67 -58.66
CA GLU B 401 -22.35 -5.44 -59.71
C GLU B 401 -20.87 -5.08 -59.91
N VAL B 402 -20.55 -3.79 -59.91
CA VAL B 402 -19.17 -3.38 -60.04
C VAL B 402 -18.31 -3.90 -58.82
N THR B 403 -18.87 -3.85 -57.63
CA THR B 403 -18.18 -4.27 -56.40
C THR B 403 -17.82 -5.76 -56.52
N VAL B 404 -18.77 -6.57 -56.97
CA VAL B 404 -18.48 -7.99 -57.14
C VAL B 404 -17.43 -8.19 -58.26
N ASP B 405 -17.58 -7.45 -59.37
CA ASP B 405 -16.51 -7.49 -60.43
C ASP B 405 -15.13 -7.10 -59.86
N ARG B 406 -15.12 -6.12 -58.96
CA ARG B 406 -13.85 -5.66 -58.36
C ARG B 406 -13.28 -6.79 -57.48
N MET B 407 -14.10 -7.33 -56.58
CA MET B 407 -13.62 -8.38 -55.67
C MET B 407 -13.01 -9.52 -56.49
N LEU B 408 -13.69 -9.96 -57.54
CA LEU B 408 -13.16 -11.02 -58.38
C LEU B 408 -11.86 -10.60 -59.13
N ASN B 409 -11.86 -9.41 -59.71
CA ASN B 409 -10.66 -8.87 -60.35
C ASN B 409 -9.47 -8.74 -59.35
N TRP B 410 -9.76 -8.26 -58.14
CA TRP B 410 -8.74 -8.07 -57.14
C TRP B 410 -8.30 -9.38 -56.52
N GLY B 411 -9.03 -10.46 -56.79
CA GLY B 411 -8.56 -11.78 -56.34
C GLY B 411 -9.12 -12.20 -54.98
N PHE B 412 -9.99 -11.39 -54.40
CA PHE B 412 -10.62 -11.78 -53.13
C PHE B 412 -11.50 -13.00 -53.26
N THR B 413 -11.54 -13.84 -52.23
CA THR B 413 -12.34 -15.06 -52.28
C THR B 413 -13.67 -14.90 -51.58
N SER B 414 -13.88 -13.75 -50.95
CA SER B 414 -15.13 -13.50 -50.24
C SER B 414 -15.51 -12.03 -50.14
N LEU B 415 -16.79 -11.80 -49.83
CA LEU B 415 -17.30 -10.57 -49.28
C LEU B 415 -17.25 -10.73 -47.75
N GLY B 416 -16.74 -9.72 -47.05
CA GLY B 416 -16.42 -9.84 -45.62
C GLY B 416 -17.60 -9.52 -44.76
N ASN B 417 -17.32 -9.25 -43.47
CA ASN B 417 -18.36 -8.94 -42.51
C ASN B 417 -19.10 -7.65 -42.81
N TRP B 418 -20.39 -7.60 -42.42
CA TRP B 418 -21.23 -6.41 -42.68
C TRP B 418 -21.32 -6.12 -44.16
N THR B 419 -21.47 -7.19 -44.93
CA THR B 419 -21.92 -7.11 -46.30
C THR B 419 -23.46 -6.94 -46.31
N ASP B 420 -23.93 -5.92 -47.00
CA ASP B 420 -25.39 -5.70 -47.13
C ASP B 420 -26.07 -6.98 -47.64
N PRO B 421 -27.20 -7.37 -47.03
CA PRO B 421 -27.88 -8.57 -47.46
C PRO B 421 -28.29 -8.56 -48.94
N ALA B 422 -28.34 -7.41 -49.61
CA ALA B 422 -28.69 -7.46 -51.04
C ALA B 422 -27.58 -8.19 -51.82
N TYR B 423 -26.41 -8.42 -51.21
CA TYR B 423 -25.36 -9.17 -51.90
C TYR B 423 -25.49 -10.71 -51.67
N TYR B 424 -26.41 -11.11 -50.80
CA TYR B 424 -26.44 -12.52 -50.33
C TYR B 424 -26.87 -13.51 -51.44
N ASP B 425 -27.50 -13.03 -52.52
CA ASP B 425 -27.74 -13.89 -53.68
C ASP B 425 -26.87 -13.56 -54.91
N ASN B 426 -25.71 -12.93 -54.73
CA ASN B 426 -24.98 -12.56 -55.92
C ASN B 426 -24.58 -13.82 -56.66
N ASN B 427 -24.35 -14.91 -55.94
CA ASN B 427 -24.03 -16.21 -56.53
C ASN B 427 -22.82 -16.21 -57.45
N ARG B 428 -21.84 -15.37 -57.15
CA ARG B 428 -20.59 -15.33 -57.90
C ARG B 428 -19.38 -15.27 -56.91
N ILE B 429 -19.62 -14.81 -55.67
CA ILE B 429 -18.56 -14.77 -54.68
C ILE B 429 -19.22 -15.06 -53.33
N PRO B 430 -18.60 -15.93 -52.53
CA PRO B 430 -19.16 -16.24 -51.20
C PRO B 430 -19.14 -15.03 -50.26
N PHE B 431 -19.92 -15.11 -49.18
CA PHE B 431 -20.01 -13.97 -48.34
C PHE B 431 -20.07 -14.41 -46.91
N PHE B 432 -19.73 -13.49 -46.02
CA PHE B 432 -19.84 -13.75 -44.59
C PHE B 432 -21.08 -13.04 -44.10
N ALA B 433 -21.82 -13.66 -43.17
CA ALA B 433 -23.05 -13.08 -42.64
C ALA B 433 -22.84 -12.66 -41.18
N ASN B 434 -23.72 -11.78 -40.71
CA ASN B 434 -23.61 -11.32 -39.31
C ASN B 434 -24.96 -11.03 -38.65
N GLY B 435 -24.95 -11.03 -37.32
CA GLY B 435 -26.08 -10.54 -36.55
C GLY B 435 -25.52 -9.94 -35.26
N TRP B 436 -26.33 -9.17 -34.58
CA TRP B 436 -25.97 -8.61 -33.30
C TRP B 436 -27.09 -9.07 -32.34
N VAL B 437 -26.74 -9.51 -31.15
CA VAL B 437 -27.78 -9.84 -30.17
C VAL B 437 -27.99 -8.61 -29.35
N ILE B 438 -29.10 -7.94 -29.61
CA ILE B 438 -29.44 -6.71 -28.87
C ILE B 438 -30.83 -6.82 -28.24
N GLY B 439 -31.10 -6.00 -27.22
CA GLY B 439 -32.43 -6.07 -26.60
C GLY B 439 -32.41 -5.48 -25.22
N ASP B 440 -33.47 -5.74 -24.46
CA ASP B 440 -33.64 -5.19 -23.12
C ASP B 440 -33.37 -6.21 -22.02
N PHE B 441 -32.63 -7.26 -22.32
CA PHE B 441 -32.24 -8.18 -21.26
C PHE B 441 -31.38 -7.41 -20.26
N LYS B 442 -31.27 -7.95 -19.06
CA LYS B 442 -30.38 -7.37 -18.05
C LYS B 442 -28.94 -7.37 -18.54
N THR B 443 -28.11 -6.57 -17.87
CA THR B 443 -26.72 -6.41 -18.27
C THR B 443 -25.77 -6.58 -17.11
N VAL B 444 -24.50 -6.79 -17.44
CA VAL B 444 -23.40 -6.75 -16.49
C VAL B 444 -22.34 -5.77 -17.03
N SER B 445 -21.30 -5.51 -16.25
CA SER B 445 -20.25 -4.60 -16.66
C SER B 445 -18.88 -5.21 -16.43
N SER B 446 -17.93 -4.85 -17.30
CA SER B 446 -16.52 -5.19 -17.08
C SER B 446 -15.84 -4.10 -16.25
N GLY B 447 -16.55 -2.99 -16.08
CA GLY B 447 -16.01 -1.85 -15.40
C GLY B 447 -15.28 -0.94 -16.35
N ALA B 448 -15.06 -1.39 -17.59
CA ALA B 448 -14.46 -0.57 -18.64
C ALA B 448 -15.05 -0.94 -19.99
N ASP B 449 -16.37 -0.84 -20.08
CA ASP B 449 -17.16 -1.23 -21.24
C ASP B 449 -16.95 -0.25 -22.38
N PHE B 450 -16.54 -0.73 -23.53
CA PHE B 450 -16.20 0.19 -24.61
C PHE B 450 -17.43 0.52 -25.49
N TRP B 451 -17.95 -0.45 -26.24
CA TRP B 451 -19.04 -0.17 -27.17
C TRP B 451 -20.37 -0.10 -26.44
N GLY B 452 -20.48 -0.77 -25.29
CA GLY B 452 -21.76 -0.83 -24.56
C GLY B 452 -21.63 -1.81 -23.43
N ALA B 453 -22.65 -1.86 -22.57
CA ALA B 453 -22.68 -2.75 -21.43
C ALA B 453 -22.68 -4.23 -21.91
N MET B 454 -22.28 -5.15 -21.04
CA MET B 454 -22.20 -6.57 -21.41
C MET B 454 -23.53 -7.28 -21.17
N PRO B 455 -23.82 -8.37 -21.92
CA PRO B 455 -25.12 -8.96 -21.63
C PRO B 455 -25.14 -9.81 -20.37
N ASP B 456 -26.30 -9.84 -19.69
CA ASP B 456 -26.44 -10.81 -18.62
C ASP B 456 -26.94 -12.08 -19.28
N VAL B 457 -26.02 -13.02 -19.51
CA VAL B 457 -26.28 -14.17 -20.38
C VAL B 457 -27.08 -15.23 -19.67
N PHE B 458 -27.23 -15.06 -18.35
CA PHE B 458 -28.10 -15.88 -17.51
C PHE B 458 -29.55 -15.37 -17.44
N ASP B 459 -29.81 -14.15 -17.87
CA ASP B 459 -31.18 -13.69 -17.99
C ASP B 459 -31.81 -14.46 -19.16
N PRO B 460 -32.91 -15.24 -18.92
CA PRO B 460 -33.63 -15.93 -20.06
C PRO B 460 -33.95 -15.01 -21.29
N GLU B 461 -34.15 -13.72 -21.07
CA GLU B 461 -34.43 -12.76 -22.14
C GLU B 461 -33.21 -12.67 -23.13
N PHE B 462 -31.99 -12.89 -22.62
CA PHE B 462 -30.80 -12.95 -23.53
C PHE B 462 -30.95 -14.04 -24.60
N LYS B 463 -31.26 -15.27 -24.20
CA LYS B 463 -31.52 -16.34 -25.17
C LYS B 463 -32.72 -16.05 -26.11
N VAL B 464 -33.80 -15.47 -25.60
CA VAL B 464 -34.91 -15.07 -26.45
C VAL B 464 -34.35 -14.19 -27.59
N ARG B 465 -33.53 -13.21 -27.23
CA ARG B 465 -32.97 -12.29 -28.25
C ARG B 465 -31.94 -12.93 -29.17
N ALA B 466 -31.09 -13.80 -28.63
CA ALA B 466 -30.14 -14.59 -29.44
C ALA B 466 -30.90 -15.42 -30.48
N MET B 467 -31.98 -16.09 -30.04
CA MET B 467 -32.84 -16.88 -30.95
C MET B 467 -33.42 -16.00 -32.08
N GLU B 468 -33.87 -14.81 -31.72
CA GLU B 468 -34.50 -13.90 -32.70
C GLU B 468 -33.41 -13.40 -33.65
N THR B 469 -32.22 -13.16 -33.12
CA THR B 469 -31.14 -12.67 -33.92
C THR B 469 -30.77 -13.72 -34.98
N ALA B 470 -30.56 -14.98 -34.55
CA ALA B 470 -30.27 -16.11 -35.47
C ALA B 470 -31.42 -16.36 -36.45
N ARG B 471 -32.68 -16.18 -35.99
CA ARG B 471 -33.83 -16.33 -36.90
C ARG B 471 -33.65 -15.42 -38.12
N VAL B 472 -33.34 -14.16 -37.85
CA VAL B 472 -33.34 -13.15 -38.89
C VAL B 472 -32.11 -13.36 -39.80
N VAL B 473 -30.95 -13.70 -39.24
CA VAL B 473 -29.82 -14.00 -40.12
C VAL B 473 -30.22 -15.18 -41.01
N SER B 474 -30.85 -16.20 -40.44
CA SER B 474 -31.24 -17.38 -41.22
C SER B 474 -32.19 -16.95 -42.37
N GLU B 475 -33.15 -16.12 -42.01
CA GLU B 475 -34.05 -15.56 -43.02
C GLU B 475 -33.27 -14.87 -44.16
N GLU B 476 -32.21 -14.12 -43.84
CA GLU B 476 -31.47 -13.37 -44.84
C GLU B 476 -30.60 -14.25 -45.74
N ILE B 477 -29.95 -15.25 -45.15
CA ILE B 477 -28.97 -16.05 -45.90
C ILE B 477 -29.66 -17.18 -46.67
N LYS B 478 -30.88 -17.50 -46.30
CA LYS B 478 -31.69 -18.49 -47.03
C LYS B 478 -30.92 -19.84 -47.17
N ASN B 479 -30.24 -20.27 -46.11
CA ASN B 479 -29.47 -21.53 -46.14
C ASN B 479 -28.52 -21.64 -47.34
N SER B 480 -27.99 -20.51 -47.82
CA SER B 480 -27.19 -20.54 -49.07
C SER B 480 -25.80 -21.17 -48.88
N PRO B 481 -25.40 -22.08 -49.81
CA PRO B 481 -24.03 -22.59 -49.75
C PRO B 481 -23.01 -21.47 -49.90
N TRP B 482 -23.44 -20.32 -50.40
CA TRP B 482 -22.56 -19.18 -50.64
C TRP B 482 -22.20 -18.49 -49.34
N CYS B 483 -22.93 -18.75 -48.24
CA CYS B 483 -22.58 -18.11 -46.97
C CYS B 483 -21.44 -18.92 -46.34
N VAL B 484 -20.27 -18.30 -46.19
CA VAL B 484 -19.12 -18.99 -45.58
C VAL B 484 -19.44 -19.28 -44.11
N GLY B 485 -20.07 -18.33 -43.45
CA GLY B 485 -20.42 -18.54 -42.07
C GLY B 485 -20.98 -17.30 -41.44
N VAL B 486 -21.29 -17.40 -40.15
CA VAL B 486 -21.96 -16.35 -39.43
C VAL B 486 -21.15 -15.78 -38.25
N PHE B 487 -20.87 -14.46 -38.26
CA PHE B 487 -20.35 -13.77 -37.07
C PHE B 487 -21.54 -13.30 -36.25
N ILE B 488 -21.42 -13.38 -34.92
CA ILE B 488 -22.39 -12.75 -34.03
C ILE B 488 -21.66 -11.84 -33.06
N ASP B 489 -22.15 -10.59 -32.98
CA ASP B 489 -21.60 -9.58 -32.13
C ASP B 489 -20.20 -9.21 -32.59
N ASN B 490 -19.53 -8.33 -31.84
CA ASN B 490 -18.24 -7.81 -32.29
C ASN B 490 -17.59 -7.05 -31.15
N GLU B 491 -16.33 -7.33 -30.86
CA GLU B 491 -15.57 -6.50 -29.92
C GLU B 491 -16.28 -6.28 -28.58
N LYS B 492 -16.74 -7.35 -27.97
CA LYS B 492 -17.42 -7.17 -26.66
C LYS B 492 -16.33 -6.98 -25.59
N SER B 493 -16.67 -6.22 -24.55
CA SER B 493 -15.77 -5.96 -23.43
C SER B 493 -15.70 -7.11 -22.42
N PHE B 494 -15.11 -8.25 -22.80
CA PHE B 494 -14.99 -9.39 -21.87
C PHE B 494 -13.97 -9.18 -20.71
N GLY B 495 -13.08 -8.19 -20.85
CA GLY B 495 -12.09 -7.87 -19.83
C GLY B 495 -10.75 -7.50 -20.49
N ARG B 496 -10.21 -6.34 -20.09
CA ARG B 496 -8.96 -5.83 -20.61
C ARG B 496 -7.72 -6.50 -19.99
N PRO B 497 -6.63 -6.60 -20.76
CA PRO B 497 -5.48 -7.40 -20.33
C PRO B 497 -4.42 -6.67 -19.49
N ASP B 498 -4.65 -5.40 -19.18
CA ASP B 498 -3.66 -4.52 -18.49
C ASP B 498 -3.29 -4.95 -17.06
N SER B 499 -4.24 -5.58 -16.36
CA SER B 499 -4.01 -6.08 -15.01
C SER B 499 -4.96 -7.24 -14.72
N ASP B 500 -4.65 -8.04 -13.68
CA ASP B 500 -5.61 -8.99 -13.14
C ASP B 500 -6.97 -8.39 -12.84
N LYS B 501 -7.01 -7.16 -12.33
CA LYS B 501 -8.30 -6.58 -12.01
C LYS B 501 -9.05 -6.19 -13.25
N ALA B 502 -8.32 -5.75 -14.28
CA ALA B 502 -8.95 -5.44 -15.56
C ALA B 502 -9.48 -6.71 -16.23
N GLN B 503 -8.66 -7.75 -16.26
CA GLN B 503 -8.98 -9.03 -16.90
C GLN B 503 -10.23 -9.63 -16.29
N TYR B 504 -10.35 -9.47 -14.97
CA TYR B 504 -11.45 -10.04 -14.21
C TYR B 504 -12.47 -9.02 -13.84
N GLY B 505 -12.54 -7.95 -14.64
CA GLY B 505 -13.48 -6.90 -14.38
C GLY B 505 -14.92 -7.35 -14.31
N ILE B 506 -15.32 -8.35 -15.11
CA ILE B 506 -16.71 -8.79 -15.06
C ILE B 506 -17.00 -9.47 -13.71
N PRO B 507 -16.18 -10.48 -13.32
CA PRO B 507 -16.45 -11.07 -12.01
C PRO B 507 -16.40 -10.02 -10.88
N ILE B 508 -15.35 -9.20 -10.88
CA ILE B 508 -15.22 -8.17 -9.87
C ILE B 508 -16.41 -7.23 -9.81
N HIS B 509 -16.85 -6.71 -10.94
CA HIS B 509 -17.96 -5.75 -10.90
C HIS B 509 -19.27 -6.44 -10.44
N THR B 510 -19.51 -7.64 -10.95
CA THR B 510 -20.73 -8.38 -10.63
C THR B 510 -20.76 -8.84 -9.15
N LEU B 511 -19.61 -9.23 -8.63
CA LEU B 511 -19.52 -9.64 -7.25
C LEU B 511 -19.94 -8.51 -6.32
N GLY B 512 -19.69 -7.25 -6.76
CA GLY B 512 -20.08 -6.01 -6.05
C GLY B 512 -21.58 -5.80 -5.91
N ARG B 513 -22.33 -6.32 -6.88
CA ARG B 513 -23.78 -6.15 -6.89
C ARG B 513 -24.42 -7.24 -6.03
N PRO B 514 -25.67 -7.03 -5.60
CA PRO B 514 -26.45 -8.07 -4.89
C PRO B 514 -26.90 -9.18 -5.85
N SER B 515 -27.15 -10.39 -5.35
CA SER B 515 -27.70 -11.40 -6.21
C SER B 515 -29.12 -11.13 -6.65
N GLU B 516 -29.89 -10.45 -5.81
CA GLU B 516 -31.32 -10.23 -6.11
C GLU B 516 -31.49 -9.46 -7.43
N GLY B 517 -32.21 -10.05 -8.39
CA GLY B 517 -32.43 -9.43 -9.71
C GLY B 517 -31.23 -9.41 -10.67
N VAL B 518 -30.13 -10.07 -10.30
CA VAL B 518 -28.92 -10.12 -11.20
C VAL B 518 -28.56 -11.56 -11.52
N PRO B 519 -29.13 -12.11 -12.59
CA PRO B 519 -28.96 -13.55 -12.81
C PRO B 519 -27.49 -14.03 -12.95
N THR B 520 -26.61 -13.24 -13.56
CA THR B 520 -25.20 -13.64 -13.56
C THR B 520 -24.59 -13.75 -12.15
N ARG B 521 -24.89 -12.78 -11.29
CA ARG B 521 -24.43 -12.86 -9.88
C ARG B 521 -24.93 -14.14 -9.21
N GLN B 522 -26.20 -14.48 -9.44
CA GLN B 522 -26.78 -15.75 -8.92
C GLN B 522 -26.01 -17.00 -9.40
N ALA B 523 -25.71 -17.08 -10.71
CA ALA B 523 -24.93 -18.16 -11.22
C ALA B 523 -23.53 -18.17 -10.54
N PHE B 524 -22.92 -17.01 -10.36
CA PHE B 524 -21.58 -16.93 -9.71
C PHE B 524 -21.62 -17.35 -8.23
N SER B 525 -22.67 -16.97 -7.52
CA SER B 525 -22.81 -17.30 -6.12
C SER B 525 -23.01 -18.78 -6.01
N LYS B 526 -23.83 -19.33 -6.89
CA LYS B 526 -24.08 -20.74 -6.85
C LYS B 526 -22.73 -21.49 -6.97
N LEU B 527 -21.84 -21.04 -7.87
CA LEU B 527 -20.61 -21.77 -8.13
C LEU B 527 -19.69 -21.68 -6.94
N LEU B 528 -19.62 -20.50 -6.30
CA LEU B 528 -18.70 -20.29 -5.17
C LEU B 528 -19.18 -21.12 -3.95
N LYS B 529 -20.50 -21.21 -3.79
CA LYS B 529 -21.09 -22.04 -2.72
C LYS B 529 -20.81 -23.51 -2.98
N ALA B 530 -21.01 -24.00 -4.20
CA ALA B 530 -20.64 -25.37 -4.50
C ALA B 530 -19.15 -25.60 -4.20
N LYS B 531 -18.31 -24.59 -4.37
CA LYS B 531 -16.90 -24.83 -4.20
C LYS B 531 -16.51 -24.86 -2.73
N TYR B 532 -16.94 -23.85 -1.99
CA TYR B 532 -16.48 -23.64 -0.65
C TYR B 532 -17.38 -24.23 0.43
N LYS B 533 -18.70 -24.35 0.15
CA LYS B 533 -19.71 -24.95 1.06
C LYS B 533 -20.08 -24.01 2.21
N THR B 534 -19.08 -23.54 2.96
CA THR B 534 -19.38 -22.72 4.14
C THR B 534 -18.90 -21.31 3.93
N ILE B 535 -19.49 -20.35 4.62
CA ILE B 535 -18.99 -18.97 4.56
C ILE B 535 -17.61 -18.82 5.24
N ALA B 536 -17.27 -19.70 6.20
CA ALA B 536 -15.91 -19.74 6.76
C ALA B 536 -14.88 -20.12 5.71
N ALA B 537 -15.15 -21.14 4.90
CA ALA B 537 -14.18 -21.51 3.89
C ALA B 537 -13.98 -20.38 2.86
N LEU B 538 -15.05 -19.70 2.50
CA LEU B 538 -14.88 -18.58 1.61
C LEU B 538 -14.10 -17.47 2.33
N ASN B 539 -14.47 -17.17 3.56
CA ASN B 539 -13.75 -16.11 4.28
C ASN B 539 -12.21 -16.30 4.27
N ASN B 540 -11.78 -17.54 4.52
CA ASN B 540 -10.37 -17.86 4.60
C ASN B 540 -9.71 -17.82 3.23
N ALA B 541 -10.44 -18.23 2.20
CA ALA B 541 -9.95 -18.20 0.81
C ALA B 541 -9.67 -16.78 0.35
N TRP B 542 -10.53 -15.84 0.74
CA TRP B 542 -10.54 -14.51 0.18
C TRP B 542 -10.08 -13.48 1.18
N GLY B 543 -9.75 -13.93 2.39
CA GLY B 543 -9.31 -13.01 3.45
C GLY B 543 -10.40 -12.04 3.85
N LEU B 544 -11.63 -12.53 4.00
CA LEU B 544 -12.77 -11.70 4.39
C LEU B 544 -13.40 -12.14 5.74
N LYS B 545 -14.36 -11.35 6.20
CA LYS B 545 -14.97 -11.55 7.51
C LYS B 545 -16.49 -11.45 7.43
N LEU B 546 -17.05 -12.10 6.41
CA LEU B 546 -18.48 -12.09 6.15
C LEU B 546 -19.16 -13.01 7.14
N SER B 547 -20.27 -12.54 7.69
CA SER B 547 -21.01 -13.28 8.70
C SER B 547 -21.78 -14.49 8.10
N SER B 548 -22.16 -14.42 6.82
CA SER B 548 -23.00 -15.48 6.23
C SER B 548 -23.03 -15.48 4.70
N TRP B 549 -23.52 -16.56 4.12
CA TRP B 549 -23.88 -16.51 2.71
C TRP B 549 -24.92 -15.43 2.40
N ALA B 550 -25.85 -15.15 3.32
CA ALA B 550 -26.86 -14.08 3.09
C ALA B 550 -26.16 -12.74 2.88
N GLU B 551 -25.16 -12.49 3.72
CA GLU B 551 -24.38 -11.28 3.60
C GLU B 551 -23.59 -11.25 2.28
N PHE B 552 -22.94 -12.36 1.94
CA PHE B 552 -22.23 -12.44 0.64
C PHE B 552 -23.19 -12.00 -0.48
N ASP B 553 -24.44 -12.47 -0.46
CA ASP B 553 -25.38 -12.20 -1.56
C ASP B 553 -25.95 -10.79 -1.57
N LEU B 554 -25.52 -9.93 -0.64
CA LEU B 554 -25.93 -8.53 -0.72
C LEU B 554 -24.96 -7.76 -1.58
N GLY B 555 -23.80 -8.36 -1.87
CA GLY B 555 -22.80 -7.72 -2.69
C GLY B 555 -21.56 -7.49 -1.87
N VAL B 556 -20.40 -7.83 -2.44
CA VAL B 556 -19.13 -7.74 -1.77
C VAL B 556 -18.14 -6.93 -2.62
N ASP B 557 -17.51 -5.93 -1.99
CA ASP B 557 -16.50 -5.09 -2.67
C ASP B 557 -15.13 -5.79 -2.77
N VAL B 558 -14.92 -6.57 -3.83
CA VAL B 558 -13.64 -7.24 -4.05
C VAL B 558 -12.59 -6.35 -4.77
N LYS B 559 -13.00 -5.16 -5.20
CA LYS B 559 -12.12 -4.25 -5.96
C LYS B 559 -10.86 -3.92 -5.21
N ALA B 560 -11.00 -3.81 -3.89
CA ALA B 560 -9.93 -3.46 -2.99
C ALA B 560 -8.97 -4.60 -2.69
N LEU B 561 -9.40 -5.84 -2.88
CA LEU B 561 -8.63 -7.00 -2.43
C LEU B 561 -7.45 -7.21 -3.37
N PRO B 562 -6.25 -7.34 -2.82
CA PRO B 562 -5.11 -7.68 -3.69
C PRO B 562 -5.31 -9.10 -4.29
N VAL B 563 -5.01 -9.27 -5.57
CA VAL B 563 -5.37 -10.48 -6.29
C VAL B 563 -4.38 -11.62 -6.13
N THR B 564 -4.68 -12.54 -5.23
CA THR B 564 -3.83 -13.69 -4.93
C THR B 564 -4.09 -14.82 -5.92
N ASP B 565 -3.27 -15.88 -5.89
CA ASP B 565 -3.57 -17.04 -6.74
C ASP B 565 -4.94 -17.68 -6.43
N THR B 566 -5.41 -17.54 -5.20
CA THR B 566 -6.72 -18.11 -4.82
C THR B 566 -7.80 -17.25 -5.43
N LEU B 567 -7.71 -15.93 -5.30
CA LEU B 567 -8.69 -15.07 -5.96
C LEU B 567 -8.66 -15.23 -7.51
N ARG B 568 -7.46 -15.27 -8.09
CA ARG B 568 -7.33 -15.50 -9.52
C ARG B 568 -8.15 -16.73 -9.93
N ALA B 569 -7.99 -17.86 -9.20
CA ALA B 569 -8.66 -19.12 -9.56
C ALA B 569 -10.19 -18.97 -9.51
N ASP B 570 -10.69 -18.22 -8.53
CA ASP B 570 -12.11 -17.98 -8.40
C ASP B 570 -12.64 -17.02 -9.47
N TYR B 571 -11.96 -15.89 -9.65
CA TYR B 571 -12.29 -14.99 -10.73
C TYR B 571 -12.21 -15.73 -12.05
N SER B 572 -11.26 -16.63 -12.21
CA SER B 572 -11.14 -17.36 -13.46
C SER B 572 -12.35 -18.27 -13.67
N MET B 573 -12.73 -19.02 -12.62
N MET B 573 -12.73 -19.01 -12.61
CA MET B 573 -13.90 -19.92 -12.68
CA MET B 573 -13.89 -19.92 -12.66
C MET B 573 -15.14 -19.11 -13.09
C MET B 573 -15.12 -19.11 -13.09
N LEU B 574 -15.32 -17.97 -12.44
CA LEU B 574 -16.30 -17.00 -12.88
C LEU B 574 -15.48 -16.29 -13.97
N LEU B 575 -16.06 -16.11 -15.11
CA LEU B 575 -15.44 -15.49 -16.31
C LEU B 575 -15.56 -16.66 -17.22
N SER B 576 -14.92 -17.78 -16.89
CA SER B 576 -15.17 -18.99 -17.67
C SER B 576 -16.67 -19.37 -17.67
N ALA B 577 -17.35 -19.34 -16.52
CA ALA B 577 -18.77 -19.72 -16.49
C ALA B 577 -19.55 -18.71 -17.32
N TYR B 578 -19.20 -17.43 -17.20
CA TYR B 578 -19.85 -16.34 -17.92
C TYR B 578 -19.66 -16.50 -19.43
N ALA B 579 -18.41 -16.70 -19.84
CA ALA B 579 -18.15 -16.83 -21.29
C ALA B 579 -18.74 -18.14 -21.84
N ASP B 580 -18.71 -19.20 -21.05
CA ASP B 580 -19.27 -20.45 -21.50
C ASP B 580 -20.74 -20.27 -21.83
N GLN B 581 -21.50 -19.66 -20.92
CA GLN B 581 -22.92 -19.41 -21.09
C GLN B 581 -23.21 -18.49 -22.31
N TYR B 582 -22.43 -17.40 -22.47
CA TYR B 582 -22.56 -16.53 -23.65
C TYR B 582 -22.45 -17.35 -24.94
N PHE B 583 -21.40 -18.15 -25.06
CA PHE B 583 -21.16 -18.82 -26.36
C PHE B 583 -22.10 -20.03 -26.54
N LYS B 584 -22.42 -20.69 -25.43
CA LYS B 584 -23.40 -21.75 -25.48
C LYS B 584 -24.76 -21.27 -26.05
N VAL B 585 -25.26 -20.17 -25.53
CA VAL B 585 -26.52 -19.62 -26.00
C VAL B 585 -26.43 -19.10 -27.44
N VAL B 586 -25.35 -18.40 -27.77
CA VAL B 586 -25.21 -17.90 -29.15
C VAL B 586 -25.10 -19.07 -30.16
N HIS B 587 -24.21 -20.00 -29.85
CA HIS B 587 -23.99 -21.18 -30.68
C HIS B 587 -25.28 -21.94 -30.84
N GLY B 588 -26.05 -22.10 -29.76
CA GLY B 588 -27.27 -22.94 -29.78
C GLY B 588 -28.30 -22.32 -30.72
N ALA B 589 -28.44 -20.98 -30.68
CA ALA B 589 -29.35 -20.25 -31.55
C ALA B 589 -28.95 -20.39 -33.03
N VAL B 590 -27.66 -20.20 -33.32
CA VAL B 590 -27.17 -20.26 -34.71
C VAL B 590 -27.38 -21.67 -35.26
N GLU B 591 -27.00 -22.68 -34.44
CA GLU B 591 -27.15 -24.07 -34.81
C GLU B 591 -28.61 -24.42 -35.06
N HIS B 592 -29.49 -23.96 -34.17
CA HIS B 592 -30.91 -24.16 -34.36
C HIS B 592 -31.45 -23.64 -35.72
N TYR B 593 -31.18 -22.38 -36.09
CA TYR B 593 -31.78 -21.84 -37.31
C TYR B 593 -30.90 -22.09 -38.53
N MET B 594 -29.62 -22.38 -38.32
CA MET B 594 -28.71 -22.55 -39.48
C MET B 594 -27.82 -23.74 -39.22
N PRO B 595 -28.40 -24.96 -39.20
CA PRO B 595 -27.66 -26.13 -38.78
C PRO B 595 -26.48 -26.45 -39.69
N ASN B 596 -26.49 -25.96 -40.94
CA ASN B 596 -25.41 -26.32 -41.86
C ASN B 596 -24.23 -25.36 -41.85
N HIS B 597 -24.38 -24.24 -41.16
CA HIS B 597 -23.42 -23.14 -41.37
C HIS B 597 -22.46 -23.00 -40.21
N LEU B 598 -21.24 -22.60 -40.54
CA LEU B 598 -20.22 -22.34 -39.49
C LEU B 598 -20.57 -21.14 -38.59
N TYR B 599 -20.29 -21.31 -37.30
CA TYR B 599 -20.40 -20.22 -36.35
C TYR B 599 -18.96 -19.67 -36.10
N LEU B 600 -18.77 -18.38 -36.31
CA LEU B 600 -17.45 -17.80 -36.39
C LEU B 600 -17.07 -16.93 -35.19
N GLY B 601 -17.78 -17.09 -34.06
CA GLY B 601 -17.37 -16.39 -32.84
C GLY B 601 -17.74 -14.93 -32.82
N ALA B 602 -16.99 -14.15 -32.03
CA ALA B 602 -17.47 -12.86 -31.57
C ALA B 602 -16.46 -11.74 -31.81
N ARG B 603 -15.43 -12.01 -32.64
CA ARG B 603 -14.51 -10.99 -33.11
C ARG B 603 -13.74 -10.28 -31.96
N PHE B 604 -12.79 -11.01 -31.37
CA PHE B 604 -12.11 -10.53 -30.14
C PHE B 604 -11.05 -9.47 -30.51
N PRO B 605 -11.08 -8.33 -29.86
CA PRO B 605 -10.05 -7.32 -30.08
C PRO B 605 -8.90 -7.56 -29.11
N ASP B 606 -7.74 -6.92 -29.30
CA ASP B 606 -6.61 -7.17 -28.41
C ASP B 606 -6.92 -6.81 -26.96
N TRP B 607 -7.84 -5.86 -26.78
CA TRP B 607 -8.28 -5.40 -25.43
C TRP B 607 -9.45 -6.16 -24.82
N GLY B 608 -9.85 -7.29 -25.44
CA GLY B 608 -10.97 -8.07 -24.86
C GLY B 608 -10.91 -9.55 -25.20
N MET B 609 -9.72 -10.14 -25.10
CA MET B 609 -9.53 -11.57 -25.32
C MET B 609 -8.85 -12.25 -24.11
N PRO B 610 -9.42 -12.08 -22.91
CA PRO B 610 -8.85 -12.86 -21.81
C PRO B 610 -8.93 -14.37 -22.17
N MET B 611 -7.98 -15.16 -21.67
CA MET B 611 -7.88 -16.55 -22.05
C MET B 611 -9.08 -17.45 -21.67
N GLU B 612 -9.70 -17.18 -20.52
CA GLU B 612 -10.95 -17.86 -20.19
C GLU B 612 -12.00 -17.74 -21.33
N VAL B 613 -12.11 -16.55 -21.89
CA VAL B 613 -13.10 -16.25 -22.90
C VAL B 613 -12.73 -16.87 -24.27
N VAL B 614 -11.46 -16.79 -24.65
CA VAL B 614 -10.97 -17.41 -25.88
C VAL B 614 -11.26 -18.96 -25.81
N LYS B 615 -10.98 -19.60 -24.65
CA LYS B 615 -11.23 -21.04 -24.46
C LYS B 615 -12.71 -21.42 -24.59
N ALA B 616 -13.58 -20.58 -24.05
CA ALA B 616 -15.05 -20.74 -24.21
C ALA B 616 -15.43 -20.68 -25.69
N ALA B 617 -14.89 -19.69 -26.41
CA ALA B 617 -15.12 -19.63 -27.84
C ALA B 617 -14.59 -20.90 -28.56
N ALA B 618 -13.41 -21.38 -28.17
CA ALA B 618 -12.82 -22.53 -28.80
C ALA B 618 -13.73 -23.76 -28.66
N LYS B 619 -14.49 -23.85 -27.58
CA LYS B 619 -15.38 -24.98 -27.37
C LYS B 619 -16.62 -24.88 -28.30
N TYR B 620 -17.14 -23.66 -28.52
CA TYR B 620 -18.45 -23.51 -29.25
C TYR B 620 -18.35 -23.12 -30.72
N ALA B 621 -17.44 -22.20 -31.02
CA ALA B 621 -17.35 -21.66 -32.35
C ALA B 621 -16.62 -22.63 -33.24
N ASP B 622 -17.03 -22.68 -34.50
CA ASP B 622 -16.33 -23.50 -35.50
C ASP B 622 -14.99 -22.87 -35.85
N VAL B 623 -14.97 -21.54 -35.87
CA VAL B 623 -13.78 -20.75 -36.16
C VAL B 623 -13.72 -19.63 -35.14
N VAL B 624 -12.58 -19.46 -34.49
CA VAL B 624 -12.41 -18.39 -33.53
C VAL B 624 -11.95 -17.14 -34.32
N SER B 625 -12.69 -16.05 -34.14
CA SER B 625 -12.47 -14.79 -34.88
C SER B 625 -11.81 -13.74 -33.98
N TYR B 626 -10.80 -13.06 -34.53
CA TYR B 626 -10.06 -12.03 -33.80
C TYR B 626 -9.93 -10.79 -34.69
N ASN B 627 -10.03 -9.60 -34.08
CA ASN B 627 -9.65 -8.36 -34.77
C ASN B 627 -8.27 -7.93 -34.32
N SER B 628 -7.35 -7.68 -35.25
CA SER B 628 -5.99 -7.30 -34.84
C SER B 628 -5.37 -6.16 -35.70
N TYR B 629 -5.40 -4.94 -35.14
CA TYR B 629 -4.91 -3.80 -35.86
C TYR B 629 -3.48 -3.62 -35.42
N LYS B 630 -2.58 -4.33 -36.08
CA LYS B 630 -1.15 -4.31 -35.78
C LYS B 630 -0.52 -4.40 -37.16
N GLU B 631 0.80 -4.39 -37.21
CA GLU B 631 1.54 -4.56 -38.50
C GLU B 631 1.64 -5.99 -38.99
N GLY B 632 1.36 -6.94 -38.10
CA GLY B 632 1.28 -8.34 -38.48
C GLY B 632 0.84 -9.17 -37.28
N LEU B 633 1.07 -10.48 -37.36
CA LEU B 633 0.76 -11.38 -36.27
C LEU B 633 2.09 -11.81 -35.68
N PRO B 634 2.55 -11.18 -34.57
CA PRO B 634 3.90 -11.58 -34.10
C PRO B 634 3.85 -12.99 -33.49
N LYS B 635 4.99 -13.66 -33.49
CA LYS B 635 5.08 -15.08 -33.09
C LYS B 635 4.62 -15.26 -31.63
N GLN B 636 5.19 -14.50 -30.74
CA GLN B 636 4.88 -14.69 -29.32
C GLN B 636 3.48 -14.25 -28.90
N LYS B 637 2.96 -13.18 -29.49
CA LYS B 637 1.57 -12.78 -29.32
C LYS B 637 0.58 -13.87 -29.65
N TRP B 638 0.90 -14.72 -30.62
CA TRP B 638 -0.10 -15.69 -31.10
C TRP B 638 0.27 -17.17 -30.77
N ALA B 639 1.26 -17.34 -29.88
CA ALA B 639 1.75 -18.68 -29.51
C ALA B 639 0.63 -19.50 -28.87
N PHE B 640 -0.25 -18.85 -28.13
CA PHE B 640 -1.37 -19.52 -27.48
C PHE B 640 -2.28 -20.24 -28.47
N LEU B 641 -2.27 -19.90 -29.77
CA LEU B 641 -3.17 -20.58 -30.74
C LEU B 641 -2.94 -22.08 -30.79
N ALA B 642 -1.69 -22.50 -30.55
CA ALA B 642 -1.32 -23.92 -30.64
C ALA B 642 -2.07 -24.76 -29.59
N GLU B 643 -2.17 -24.23 -28.36
N GLU B 643 -2.19 -24.30 -28.34
CA GLU B 643 -2.92 -24.83 -27.25
CA GLU B 643 -2.95 -25.10 -27.37
C GLU B 643 -4.37 -25.12 -27.68
C GLU B 643 -4.42 -25.21 -27.75
N LEU B 644 -4.98 -24.21 -28.41
CA LEU B 644 -6.36 -24.29 -28.81
C LEU B 644 -6.57 -25.24 -29.99
N ASP B 645 -5.63 -25.24 -30.94
CA ASP B 645 -5.76 -26.00 -32.16
C ASP B 645 -7.09 -25.73 -32.86
N LYS B 646 -7.51 -24.47 -32.90
CA LYS B 646 -8.74 -24.13 -33.64
C LYS B 646 -8.43 -23.36 -34.91
N PRO B 647 -9.21 -23.60 -35.98
CA PRO B 647 -9.12 -22.75 -37.15
C PRO B 647 -9.53 -21.31 -36.74
N SER B 648 -8.78 -20.32 -37.25
CA SER B 648 -8.95 -18.94 -36.82
C SER B 648 -9.10 -17.99 -37.99
N ILE B 649 -9.67 -16.83 -37.72
CA ILE B 649 -9.84 -15.84 -38.74
C ILE B 649 -9.60 -14.45 -38.20
N ILE B 650 -8.86 -13.67 -38.97
CA ILE B 650 -8.73 -12.25 -38.65
C ILE B 650 -9.94 -11.52 -39.21
N GLY B 651 -10.75 -10.95 -38.34
CA GLY B 651 -11.96 -10.25 -38.80
C GLY B 651 -11.76 -8.80 -39.28
N GLU B 652 -10.67 -8.16 -38.84
CA GLU B 652 -10.37 -6.81 -39.21
C GLU B 652 -8.88 -6.54 -39.11
N PHE B 653 -8.36 -5.79 -40.08
CA PHE B 653 -7.05 -5.13 -39.94
C PHE B 653 -7.07 -4.03 -40.97
N HIS B 654 -6.16 -3.07 -40.85
CA HIS B 654 -6.00 -2.02 -41.87
C HIS B 654 -4.75 -1.23 -41.65
N ILE B 655 -4.37 -0.50 -42.72
CA ILE B 655 -3.29 0.45 -42.68
C ILE B 655 -3.75 1.67 -43.51
N GLY B 656 -3.52 2.87 -43.01
CA GLY B 656 -3.92 4.10 -43.74
C GLY B 656 -2.78 5.08 -43.81
N ALA B 657 -2.99 6.14 -44.60
CA ALA B 657 -1.99 7.23 -44.70
C ALA B 657 -2.68 8.57 -44.84
N MET B 658 -1.86 9.63 -44.89
N MET B 658 -1.90 9.64 -44.85
CA MET B 658 -2.34 10.99 -44.86
CA MET B 658 -2.48 10.96 -44.92
C MET B 658 -2.02 11.75 -46.15
C MET B 658 -1.97 11.75 -46.12
N ASP B 659 -1.52 11.06 -47.17
CA ASP B 659 -1.10 11.70 -48.43
C ASP B 659 -2.25 11.79 -49.44
N HIS B 660 -3.49 11.48 -49.04
CA HIS B 660 -4.64 11.49 -49.95
C HIS B 660 -5.80 12.23 -49.27
N GLY B 661 -5.45 13.29 -48.52
CA GLY B 661 -6.45 14.19 -47.94
C GLY B 661 -7.03 13.88 -46.56
N SER B 662 -6.79 12.68 -46.01
CA SER B 662 -7.43 12.29 -44.77
C SER B 662 -6.78 13.01 -43.58
N TYR B 663 -7.58 13.38 -42.59
CA TYR B 663 -6.99 13.92 -41.37
C TYR B 663 -6.48 12.84 -40.40
N HIS B 664 -6.83 11.59 -40.66
CA HIS B 664 -6.45 10.45 -39.77
C HIS B 664 -6.15 9.20 -40.60
N PRO B 665 -4.96 8.63 -40.43
CA PRO B 665 -4.70 7.43 -41.24
C PRO B 665 -5.55 6.24 -40.85
N GLY B 666 -6.03 6.13 -39.59
CA GLY B 666 -6.60 4.90 -39.04
C GLY B 666 -5.75 4.39 -37.88
N LEU B 667 -5.84 3.10 -37.58
CA LEU B 667 -5.22 2.55 -36.36
C LEU B 667 -3.76 2.18 -36.58
N ILE B 668 -3.39 1.90 -37.84
CA ILE B 668 -2.05 1.55 -38.18
C ILE B 668 -1.66 2.45 -39.37
N HIS B 669 -0.43 2.98 -39.32
CA HIS B 669 -0.06 4.15 -40.12
C HIS B 669 1.05 3.83 -41.08
N ALA B 670 0.88 4.21 -42.34
CA ALA B 670 1.95 4.08 -43.34
C ALA B 670 2.45 5.47 -43.76
N ALA B 671 3.63 5.54 -44.38
CA ALA B 671 4.21 6.80 -44.87
C ALA B 671 3.50 7.33 -46.10
N SER B 672 2.80 6.48 -46.83
CA SER B 672 2.28 6.87 -48.14
C SER B 672 1.34 5.81 -48.63
N GLN B 673 0.66 6.07 -49.74
CA GLN B 673 -0.11 4.99 -50.39
C GLN B 673 0.71 3.79 -50.74
N ALA B 674 1.92 3.98 -51.27
CA ALA B 674 2.74 2.82 -51.69
C ALA B 674 3.09 2.03 -50.41
N ASP B 675 3.49 2.76 -49.38
CA ASP B 675 3.81 2.16 -48.08
C ASP B 675 2.61 1.37 -47.52
N ARG B 676 1.42 1.89 -47.72
CA ARG B 676 0.20 1.17 -47.33
C ARG B 676 0.15 -0.23 -47.91
N GLY B 677 0.50 -0.33 -49.19
CA GLY B 677 0.43 -1.59 -49.90
C GLY B 677 1.53 -2.53 -49.47
N GLU B 678 2.71 -2.00 -49.21
CA GLU B 678 3.83 -2.84 -48.69
C GLU B 678 3.49 -3.41 -47.32
N MET B 679 2.97 -2.59 -46.45
CA MET B 679 2.55 -3.02 -45.12
C MET B 679 1.39 -4.00 -45.17
N TYR B 680 0.50 -3.82 -46.17
CA TYR B 680 -0.60 -4.76 -46.41
C TYR B 680 -0.04 -6.15 -46.64
N LYS B 681 0.92 -6.24 -47.56
CA LYS B 681 1.53 -7.50 -47.93
C LYS B 681 2.27 -8.15 -46.77
N ASP B 682 2.96 -7.34 -45.97
CA ASP B 682 3.60 -7.83 -44.75
C ASP B 682 2.55 -8.43 -43.81
N TYR B 683 1.47 -7.69 -43.59
CA TYR B 683 0.45 -8.19 -42.65
C TYR B 683 -0.08 -9.55 -43.14
N MET B 684 -0.50 -9.61 -44.41
CA MET B 684 -1.10 -10.84 -44.94
C MET B 684 -0.11 -12.01 -44.96
N GLN B 685 1.17 -11.73 -45.25
CA GLN B 685 2.21 -12.79 -45.20
C GLN B 685 2.22 -13.43 -43.78
N SER B 686 2.17 -12.59 -42.75
CA SER B 686 2.11 -13.17 -41.42
C SER B 686 0.85 -13.99 -41.18
N VAL B 687 -0.28 -13.59 -41.74
CA VAL B 687 -1.48 -14.43 -41.64
C VAL B 687 -1.31 -15.78 -42.36
N ILE B 688 -0.85 -15.73 -43.61
CA ILE B 688 -0.67 -16.85 -44.46
C ILE B 688 0.32 -17.86 -43.87
N ASP B 689 1.39 -17.37 -43.23
CA ASP B 689 2.41 -18.22 -42.64
C ASP B 689 1.96 -18.91 -41.38
N ASN B 690 0.92 -18.39 -40.74
CA ASN B 690 0.46 -18.98 -39.51
C ASN B 690 -0.55 -20.11 -39.81
N PRO B 691 -0.23 -21.35 -39.40
CA PRO B 691 -1.05 -22.51 -39.70
C PRO B 691 -2.45 -22.52 -39.06
N TYR B 692 -2.75 -21.65 -38.09
CA TYR B 692 -4.09 -21.63 -37.46
C TYR B 692 -5.12 -20.78 -38.21
N PHE B 693 -4.68 -19.94 -39.14
CA PHE B 693 -5.59 -18.96 -39.75
C PHE B 693 -6.11 -19.42 -41.08
N VAL B 694 -7.43 -19.37 -41.22
CA VAL B 694 -8.11 -19.72 -42.47
C VAL B 694 -8.51 -18.51 -43.31
N GLY B 695 -8.12 -17.34 -42.85
CA GLY B 695 -8.45 -16.14 -43.63
C GLY B 695 -8.20 -14.85 -42.87
N ALA B 696 -8.41 -13.75 -43.60
CA ALA B 696 -8.26 -12.44 -42.98
C ALA B 696 -9.02 -11.41 -43.80
N HIS B 697 -9.87 -10.65 -43.11
CA HIS B 697 -10.65 -9.58 -43.74
C HIS B 697 -10.12 -8.16 -43.37
N TRP B 698 -10.02 -7.31 -44.36
CA TRP B 698 -9.62 -5.88 -44.23
C TRP B 698 -10.79 -4.96 -43.90
N PHE B 699 -10.60 -4.14 -42.86
CA PHE B 699 -11.62 -3.14 -42.48
C PHE B 699 -11.16 -1.80 -43.05
N GLN B 700 -11.73 -1.30 -44.15
CA GLN B 700 -13.03 -1.68 -44.75
C GLN B 700 -13.03 -1.27 -46.26
N TYR B 701 -14.17 -1.45 -46.91
CA TYR B 701 -14.25 -1.27 -48.35
C TYR B 701 -13.93 0.19 -48.72
N MET B 702 -14.50 1.12 -47.99
CA MET B 702 -14.39 2.53 -48.35
C MET B 702 -13.71 3.31 -47.25
N ASP B 703 -13.05 4.40 -47.61
CA ASP B 703 -12.60 5.34 -46.55
C ASP B 703 -13.78 5.72 -45.65
N SER B 704 -13.51 5.89 -44.35
CA SER B 704 -14.53 6.57 -43.58
C SER B 704 -14.66 8.05 -43.97
N PRO B 705 -15.84 8.67 -43.72
CA PRO B 705 -15.98 10.10 -44.07
C PRO B 705 -14.89 11.02 -43.48
N LEU B 706 -14.48 11.98 -44.28
CA LEU B 706 -13.48 12.95 -43.90
C LEU B 706 -13.79 13.56 -42.52
N THR B 707 -15.06 13.90 -42.32
CA THR B 707 -15.51 14.56 -41.09
C THR B 707 -16.12 13.58 -40.11
N GLY B 708 -15.83 12.28 -40.27
CA GLY B 708 -16.21 11.26 -39.28
C GLY B 708 -17.50 10.52 -39.65
N ARG B 709 -17.52 9.21 -39.51
CA ARG B 709 -18.75 8.48 -39.76
C ARG B 709 -19.65 8.87 -38.60
N ALA B 710 -20.94 8.95 -38.92
CA ALA B 710 -22.00 9.34 -37.97
C ALA B 710 -21.98 8.60 -36.63
N TYR B 711 -21.68 7.31 -36.62
CA TYR B 711 -21.70 6.55 -35.36
C TYR B 711 -20.77 7.07 -34.24
N ASP B 712 -19.51 7.37 -34.57
CA ASP B 712 -18.55 7.68 -33.54
C ASP B 712 -17.39 8.56 -33.96
N GLY B 713 -17.47 9.19 -35.11
CA GLY B 713 -16.40 10.14 -35.52
C GLY B 713 -15.17 9.56 -36.22
N GLU B 714 -15.09 8.24 -36.38
CA GLU B 714 -13.94 7.67 -37.11
C GLU B 714 -13.85 8.30 -38.52
N ASN B 715 -12.66 8.77 -38.87
CA ASN B 715 -12.49 9.59 -40.08
C ASN B 715 -11.21 9.13 -40.82
N TYR B 716 -11.11 7.83 -41.03
CA TYR B 716 -9.84 7.19 -41.38
C TYR B 716 -9.64 6.90 -42.86
N ASN B 717 -8.38 6.92 -43.31
CA ASN B 717 -7.99 6.36 -44.66
C ASN B 717 -7.86 4.83 -44.66
N VAL B 718 -8.98 4.15 -44.60
CA VAL B 718 -8.94 2.69 -44.44
C VAL B 718 -9.66 1.98 -45.58
N GLY B 719 -9.92 2.69 -46.68
CA GLY B 719 -10.60 2.11 -47.82
C GLY B 719 -9.66 1.48 -48.84
N PHE B 720 -10.24 0.54 -49.58
CA PHE B 720 -9.72 0.17 -50.91
C PHE B 720 -10.24 1.18 -51.92
N VAL B 721 -11.36 1.85 -51.66
CA VAL B 721 -11.77 3.00 -52.47
C VAL B 721 -11.93 4.26 -51.63
N ASP B 722 -11.87 5.44 -52.26
CA ASP B 722 -12.04 6.71 -51.55
C ASP B 722 -13.50 7.20 -51.66
N VAL B 723 -13.77 8.37 -51.13
CA VAL B 723 -15.10 8.92 -51.08
C VAL B 723 -15.75 9.05 -52.46
N THR B 724 -14.92 9.13 -53.49
CA THR B 724 -15.45 9.23 -54.84
C THR B 724 -15.63 7.84 -55.51
N ASP B 725 -15.37 6.76 -54.75
CA ASP B 725 -15.56 5.40 -55.26
C ASP B 725 -14.51 5.09 -56.33
N THR B 726 -13.33 5.67 -56.13
CA THR B 726 -12.21 5.42 -57.00
C THR B 726 -11.18 4.60 -56.19
N PRO B 727 -10.75 3.44 -56.75
CA PRO B 727 -9.85 2.52 -56.04
C PRO B 727 -8.46 3.12 -55.80
N TYR B 728 -7.89 2.78 -54.64
CA TYR B 728 -6.47 3.07 -54.36
C TYR B 728 -5.64 2.01 -55.10
N GLN B 729 -4.94 2.41 -56.15
CA GLN B 729 -4.28 1.43 -57.01
C GLN B 729 -3.19 0.62 -56.31
N GLU B 730 -2.52 1.24 -55.34
CA GLU B 730 -1.46 0.61 -54.59
C GLU B 730 -2.06 -0.51 -53.73
N MET B 731 -3.30 -0.33 -53.26
CA MET B 731 -3.96 -1.37 -52.44
C MET B 731 -4.44 -2.48 -53.35
N VAL B 732 -5.02 -2.07 -54.49
CA VAL B 732 -5.45 -3.07 -55.47
C VAL B 732 -4.25 -3.92 -55.89
N ASP B 733 -3.12 -3.26 -56.20
CA ASP B 733 -1.98 -4.06 -56.61
C ASP B 733 -1.47 -5.00 -55.51
N ALA B 734 -1.50 -4.55 -54.26
CA ALA B 734 -0.96 -5.37 -53.17
C ALA B 734 -1.87 -6.59 -52.95
N ALA B 735 -3.18 -6.35 -53.05
CA ALA B 735 -4.18 -7.40 -52.89
C ALA B 735 -4.02 -8.48 -53.97
N LYS B 736 -3.86 -8.03 -55.21
CA LYS B 736 -3.62 -9.00 -56.28
C LYS B 736 -2.38 -9.84 -56.02
N GLU B 737 -1.30 -9.20 -55.59
CA GLU B 737 -0.10 -9.96 -55.34
C GLU B 737 -0.31 -11.02 -54.26
N VAL B 738 -1.00 -10.67 -53.17
CA VAL B 738 -1.28 -11.62 -52.10
C VAL B 738 -2.25 -12.72 -52.55
N ASN B 739 -3.34 -12.29 -53.16
CA ASN B 739 -4.43 -13.18 -53.53
C ASN B 739 -3.97 -14.18 -54.57
N ALA B 740 -3.08 -13.77 -55.47
CA ALA B 740 -2.53 -14.71 -56.46
C ALA B 740 -1.77 -15.88 -55.84
N LYS B 741 -1.28 -15.75 -54.62
CA LYS B 741 -0.46 -16.79 -54.06
C LYS B 741 -0.97 -17.42 -52.80
N ILE B 742 -2.18 -17.09 -52.34
CA ILE B 742 -2.63 -17.61 -51.02
C ILE B 742 -2.62 -19.14 -51.03
N TYR B 743 -3.05 -19.74 -52.14
CA TYR B 743 -3.22 -21.18 -52.16
C TYR B 743 -1.90 -21.92 -52.31
N THR B 744 -1.04 -21.48 -53.25
CA THR B 744 0.26 -22.12 -53.39
C THR B 744 1.08 -21.90 -52.13
N GLU B 745 0.93 -20.76 -51.45
CA GLU B 745 1.63 -20.56 -50.17
C GLU B 745 1.17 -21.60 -49.11
N ARG B 746 -0.14 -21.81 -48.98
CA ARG B 746 -0.65 -22.67 -47.90
C ARG B 746 -0.50 -24.14 -48.25
N LEU B 747 -0.54 -24.46 -49.53
CA LEU B 747 -0.80 -25.82 -49.92
C LEU B 747 0.36 -26.39 -50.72
N GLY B 748 1.28 -25.54 -51.17
CA GLY B 748 2.39 -25.98 -52.04
C GLY B 748 1.96 -26.04 -53.49
N SER B 749 2.84 -26.54 -54.35
CA SER B 749 2.60 -26.49 -55.78
C SER B 749 3.32 -27.56 -56.55
N SER C 2 -40.49 -17.27 20.58
CA SER C 2 -40.95 -18.58 20.07
C SER C 2 -41.39 -18.59 18.59
N HIS C 3 -40.84 -19.53 17.83
CA HIS C 3 -41.32 -19.77 16.47
C HIS C 3 -41.56 -21.29 16.35
N MET C 4 -42.82 -21.69 16.45
CA MET C 4 -43.15 -23.12 16.54
C MET C 4 -43.00 -23.79 15.20
N LEU C 5 -42.51 -25.03 15.18
CA LEU C 5 -42.38 -25.77 13.91
C LEU C 5 -43.24 -27.01 13.94
N PHE C 6 -43.24 -27.68 15.08
CA PHE C 6 -44.02 -28.92 15.24
C PHE C 6 -44.41 -29.05 16.72
N ASP C 7 -45.70 -28.78 17.01
CA ASP C 7 -46.30 -29.12 18.30
C ASP C 7 -47.21 -30.31 18.22
N PHE C 8 -47.41 -30.83 17.00
CA PHE C 8 -48.19 -32.04 16.73
C PHE C 8 -49.66 -32.01 17.22
N GLU C 9 -50.17 -30.80 17.45
CA GLU C 9 -51.51 -30.59 18.02
C GLU C 9 -52.60 -30.94 17.02
N ASN C 10 -52.32 -30.74 15.74
CA ASN C 10 -53.25 -31.16 14.69
C ASN C 10 -53.36 -32.68 14.62
N ASP C 11 -52.61 -33.37 15.47
CA ASP C 11 -52.72 -34.82 15.61
C ASP C 11 -52.15 -35.62 14.44
N GLN C 12 -51.36 -35.00 13.56
CA GLN C 12 -50.79 -35.70 12.39
C GLN C 12 -49.29 -35.99 12.55
N VAL C 13 -48.85 -37.13 12.03
CA VAL C 13 -47.43 -37.35 11.75
C VAL C 13 -47.12 -36.70 10.40
N PRO C 14 -46.34 -35.61 10.40
CA PRO C 14 -46.23 -34.83 9.15
C PRO C 14 -45.52 -35.64 8.07
N SER C 15 -45.96 -35.54 6.81
CA SER C 15 -45.32 -36.24 5.68
C SER C 15 -43.92 -35.68 5.41
N ASN C 16 -43.68 -34.54 6.03
CA ASN C 16 -42.38 -33.89 6.16
C ASN C 16 -41.25 -34.59 6.95
N ILE C 17 -41.61 -35.59 7.74
CA ILE C 17 -40.67 -36.20 8.68
C ILE C 17 -40.53 -37.62 8.22
N HIS C 18 -39.30 -38.05 7.94
CA HIS C 18 -39.06 -39.43 7.49
C HIS C 18 -38.45 -40.25 8.62
N PHE C 19 -38.76 -41.54 8.62
CA PHE C 19 -38.38 -42.42 9.70
C PHE C 19 -37.56 -43.56 9.17
N LEU C 20 -36.49 -43.91 9.89
CA LEU C 20 -35.64 -45.01 9.50
C LEU C 20 -35.62 -46.02 10.62
N ASN C 21 -36.13 -47.22 10.32
CA ASN C 21 -36.13 -48.32 11.25
C ASN C 21 -36.72 -47.85 12.57
N ALA C 22 -37.88 -47.19 12.49
CA ALA C 22 -38.55 -46.55 13.63
C ALA C 22 -40.04 -46.38 13.36
N ARG C 23 -40.89 -46.57 14.37
CA ARG C 23 -42.35 -46.41 14.24
C ARG C 23 -42.69 -45.10 14.91
N ALA C 24 -43.49 -44.30 14.22
CA ALA C 24 -43.85 -43.01 14.75
C ALA C 24 -45.36 -42.94 14.91
N SER C 25 -45.83 -42.37 16.00
CA SER C 25 -47.23 -42.09 16.12
C SER C 25 -47.44 -40.84 16.99
N ILE C 26 -48.65 -40.28 16.99
CA ILE C 26 -48.95 -39.14 17.88
C ILE C 26 -49.69 -39.69 19.11
N GLU C 27 -49.38 -39.18 20.31
CA GLU C 27 -50.02 -39.68 21.54
C GLU C 27 -50.14 -38.49 22.48
N THR C 28 -51.17 -38.48 23.34
CA THR C 28 -51.21 -37.56 24.48
C THR C 28 -50.25 -38.06 25.54
N TYR C 29 -49.69 -37.14 26.31
CA TYR C 29 -48.61 -37.47 27.21
C TYR C 29 -48.52 -36.20 28.07
N THR C 30 -47.87 -36.33 29.20
CA THR C 30 -47.78 -35.21 30.10
C THR C 30 -46.56 -34.39 29.76
N GLY C 31 -46.83 -33.17 29.29
CA GLY C 31 -45.80 -32.24 28.83
C GLY C 31 -44.96 -31.69 29.96
N ILE C 32 -43.99 -30.87 29.61
CA ILE C 32 -43.09 -30.27 30.56
C ILE C 32 -43.83 -29.48 31.66
N ASN C 33 -44.83 -28.71 31.25
CA ASN C 33 -45.58 -27.86 32.18
C ASN C 33 -46.70 -28.66 32.91
N GLY C 34 -46.59 -29.98 32.92
CA GLY C 34 -47.64 -30.84 33.44
C GLY C 34 -48.91 -30.97 32.59
N GLU C 35 -49.04 -30.09 31.60
CA GLU C 35 -50.22 -30.04 30.71
C GLU C 35 -50.24 -31.20 29.74
N PRO C 36 -51.41 -31.76 29.46
CA PRO C 36 -51.53 -32.77 28.45
C PRO C 36 -51.20 -32.16 27.09
N SER C 37 -50.61 -32.98 26.24
CA SER C 37 -50.03 -32.44 25.05
C SER C 37 -50.03 -33.53 24.02
N LYS C 38 -49.91 -33.15 22.75
CA LYS C 38 -49.73 -34.14 21.69
C LYS C 38 -48.22 -34.21 21.33
N GLY C 39 -47.64 -35.41 21.40
CA GLY C 39 -46.21 -35.58 21.09
C GLY C 39 -45.97 -36.69 20.06
N LEU C 40 -44.80 -36.62 19.40
CA LEU C 40 -44.43 -37.67 18.42
C LEU C 40 -43.71 -38.78 19.19
N LYS C 41 -44.36 -39.94 19.24
CA LYS C 41 -43.77 -41.13 19.85
C LYS C 41 -42.95 -41.82 18.80
N LEU C 42 -41.65 -41.94 19.08
CA LEU C 42 -40.72 -42.56 18.15
C LEU C 42 -40.18 -43.84 18.77
N ALA C 43 -40.63 -44.98 18.29
CA ALA C 43 -40.14 -46.24 18.83
C ALA C 43 -39.08 -46.75 17.88
N MET C 44 -37.81 -46.61 18.27
CA MET C 44 -36.74 -47.02 17.37
C MET C 44 -36.46 -48.53 17.48
N GLN C 45 -36.39 -49.23 16.33
CA GLN C 45 -35.96 -50.64 16.39
C GLN C 45 -34.44 -50.73 16.39
N SER C 46 -33.87 -50.10 17.42
CA SER C 46 -32.41 -49.96 17.55
C SER C 46 -31.65 -51.19 18.03
N LYS C 47 -32.34 -52.17 18.62
CA LYS C 47 -31.62 -53.39 18.94
C LYS C 47 -31.29 -54.09 17.63
N GLN C 48 -32.28 -54.14 16.75
CA GLN C 48 -32.18 -54.86 15.49
C GLN C 48 -31.34 -54.08 14.48
N HIS C 49 -31.50 -52.76 14.44
CA HIS C 49 -30.85 -51.95 13.38
C HIS C 49 -29.84 -50.96 13.96
N SER C 50 -28.70 -50.84 13.28
CA SER C 50 -27.61 -50.03 13.85
C SER C 50 -27.79 -48.53 13.52
N TYR C 51 -28.74 -48.18 12.64
CA TYR C 51 -29.10 -46.74 12.44
C TYR C 51 -30.62 -46.63 12.51
N THR C 52 -31.14 -45.81 13.43
CA THR C 52 -32.58 -45.65 13.55
C THR C 52 -32.80 -44.18 13.85
N GLY C 53 -33.95 -43.64 13.48
CA GLY C 53 -34.23 -42.26 13.83
C GLY C 53 -35.24 -41.64 12.91
N LEU C 54 -35.31 -40.31 12.99
CA LEU C 54 -36.17 -39.52 12.12
C LEU C 54 -35.37 -38.42 11.42
N ALA C 55 -35.89 -37.92 10.31
CA ALA C 55 -35.28 -36.77 9.62
C ALA C 55 -36.37 -35.80 9.16
N ILE C 56 -36.28 -34.54 9.54
CA ILE C 56 -37.22 -33.53 9.06
C ILE C 56 -36.65 -32.92 7.79
N VAL C 57 -37.34 -33.11 6.66
CA VAL C 57 -36.85 -32.65 5.34
C VAL C 57 -37.91 -31.80 4.67
N PRO C 58 -37.84 -30.46 4.83
CA PRO C 58 -38.92 -29.64 4.30
C PRO C 58 -38.91 -29.61 2.80
N GLU C 59 -40.06 -29.28 2.20
CA GLU C 59 -40.17 -29.31 0.75
C GLU C 59 -39.13 -28.39 0.18
N GLN C 60 -38.94 -27.27 0.85
CA GLN C 60 -37.84 -26.38 0.55
C GLN C 60 -37.11 -26.02 1.82
N PRO C 61 -35.79 -25.85 1.72
CA PRO C 61 -35.00 -25.50 2.91
C PRO C 61 -35.60 -24.32 3.61
N TRP C 62 -35.62 -24.36 4.94
CA TRP C 62 -36.11 -23.25 5.73
C TRP C 62 -35.18 -22.05 5.55
N ASP C 63 -35.76 -20.86 5.43
CA ASP C 63 -34.96 -19.65 5.47
C ASP C 63 -35.12 -19.10 6.86
N TRP C 64 -34.09 -19.30 7.70
CA TRP C 64 -34.05 -18.74 9.04
C TRP C 64 -32.92 -17.71 9.16
N SER C 65 -32.62 -17.00 8.06
CA SER C 65 -31.45 -16.08 8.05
C SER C 65 -31.65 -14.91 8.99
N GLU C 66 -32.89 -14.62 9.35
CA GLU C 66 -33.22 -13.53 10.27
C GLU C 66 -32.77 -13.87 11.69
N PHE C 67 -32.67 -15.17 12.00
CA PHE C 67 -32.33 -15.61 13.35
C PHE C 67 -30.82 -15.60 13.53
N THR C 68 -30.26 -14.40 13.63
CA THR C 68 -28.83 -14.18 13.79
C THR C 68 -28.23 -14.57 15.15
N SER C 69 -29.07 -14.79 16.16
CA SER C 69 -28.69 -15.37 17.46
C SER C 69 -29.88 -16.14 18.05
N ALA C 70 -29.97 -17.43 17.70
CA ALA C 70 -31.08 -18.29 18.08
C ALA C 70 -30.69 -19.77 18.13
N SER C 71 -31.54 -20.59 18.77
CA SER C 71 -31.31 -22.02 18.90
C SER C 71 -32.60 -22.74 18.60
N LEU C 72 -32.44 -23.98 18.14
CA LEU C 72 -33.52 -24.92 17.88
C LEU C 72 -33.75 -25.74 19.15
N TYR C 73 -35.02 -25.82 19.56
CA TYR C 73 -35.46 -26.49 20.79
C TYR C 73 -36.33 -27.71 20.49
N PHE C 74 -36.21 -28.69 21.38
CA PHE C 74 -36.98 -29.92 21.32
C PHE C 74 -37.30 -30.29 22.78
N ASP C 75 -38.53 -30.73 23.02
CA ASP C 75 -38.91 -31.30 24.29
C ASP C 75 -38.81 -32.78 24.06
N ILE C 76 -38.11 -33.47 24.96
CA ILE C 76 -37.83 -34.89 24.73
C ILE C 76 -37.75 -35.63 26.03
N VAL C 77 -38.22 -36.86 25.99
CA VAL C 77 -38.05 -37.75 27.13
C VAL C 77 -37.96 -39.20 26.65
N SER C 78 -37.18 -40.03 27.35
CA SER C 78 -37.18 -41.47 27.10
C SER C 78 -38.31 -42.16 27.82
N VAL C 79 -38.80 -43.23 27.20
CA VAL C 79 -39.87 -44.08 27.72
C VAL C 79 -39.34 -45.53 27.80
N GLY C 80 -39.68 -46.30 28.84
CA GLY C 80 -39.18 -47.68 28.98
C GLY C 80 -37.98 -47.79 29.93
N ASP C 81 -37.11 -48.77 29.69
CA ASP C 81 -36.02 -49.10 30.63
C ASP C 81 -34.68 -48.39 30.41
N HIS C 82 -34.50 -47.78 29.25
CA HIS C 82 -33.18 -47.32 28.85
C HIS C 82 -33.15 -45.83 28.55
N SER C 83 -32.08 -45.19 28.99
CA SER C 83 -31.78 -43.86 28.49
C SER C 83 -31.42 -44.01 27.00
N THR C 84 -31.47 -42.89 26.28
CA THR C 84 -31.32 -42.79 24.83
C THR C 84 -30.30 -41.71 24.53
N GLN C 85 -29.23 -42.05 23.82
CA GLN C 85 -28.35 -40.96 23.37
C GLN C 85 -28.78 -40.53 21.97
N PHE C 86 -29.17 -39.29 21.79
CA PHE C 86 -29.56 -38.86 20.47
C PHE C 86 -28.36 -38.20 19.78
N TYR C 87 -28.17 -38.51 18.51
CA TYR C 87 -27.32 -37.66 17.67
C TYR C 87 -28.24 -36.66 16.93
N LEU C 88 -27.90 -35.37 17.02
CA LEU C 88 -28.59 -34.36 16.25
C LEU C 88 -27.68 -33.91 15.09
N ASP C 89 -28.09 -34.16 13.85
CA ASP C 89 -27.36 -33.62 12.68
C ASP C 89 -28.24 -32.61 11.98
N VAL C 90 -27.70 -31.41 11.82
CA VAL C 90 -28.41 -30.33 11.11
C VAL C 90 -27.61 -30.04 9.83
N THR C 91 -28.27 -30.14 8.66
CA THR C 91 -27.63 -29.94 7.33
C THR C 91 -28.24 -28.78 6.57
N ASP C 92 -27.38 -27.89 6.08
CA ASP C 92 -27.86 -26.75 5.30
C ASP C 92 -27.88 -27.09 3.81
N GLN C 93 -28.36 -26.16 3.01
CA GLN C 93 -28.66 -26.41 1.59
C GLN C 93 -27.39 -26.60 0.80
N ASN C 94 -26.25 -26.17 1.36
CA ASN C 94 -24.96 -26.46 0.71
C ASN C 94 -24.27 -27.75 1.15
N GLY C 95 -24.98 -28.58 1.92
CA GLY C 95 -24.38 -29.83 2.37
C GLY C 95 -23.53 -29.66 3.63
N ALA C 96 -23.37 -28.44 4.16
CA ALA C 96 -22.60 -28.32 5.41
C ALA C 96 -23.43 -28.89 6.58
N VAL C 97 -22.74 -29.55 7.52
CA VAL C 97 -23.41 -30.23 8.65
C VAL C 97 -22.74 -29.97 10.00
N PHE C 98 -23.52 -29.84 11.06
CA PHE C 98 -22.97 -30.07 12.41
C PHE C 98 -23.66 -31.21 13.12
N THR C 99 -22.96 -31.76 14.11
CA THR C 99 -23.45 -32.83 15.00
C THR C 99 -23.31 -32.45 16.47
N ARG C 100 -24.45 -32.40 17.17
CA ARG C 100 -24.46 -32.33 18.63
C ARG C 100 -25.05 -33.63 19.14
N SER C 101 -24.87 -33.90 20.43
CA SER C 101 -25.40 -35.13 21.00
C SER C 101 -25.71 -34.95 22.47
N ILE C 102 -26.60 -35.79 22.99
CA ILE C 102 -26.90 -35.73 24.44
C ILE C 102 -27.66 -36.96 24.90
N ASP C 103 -27.59 -37.23 26.21
CA ASP C 103 -28.42 -38.29 26.84
C ASP C 103 -29.85 -37.77 27.02
N ILE C 104 -30.85 -38.67 26.81
CA ILE C 104 -32.25 -38.40 27.12
C ILE C 104 -32.67 -39.42 28.21
N PRO C 105 -32.71 -38.99 29.47
CA PRO C 105 -33.07 -39.95 30.50
C PRO C 105 -34.54 -40.33 30.37
N VAL C 106 -34.88 -41.47 30.98
CA VAL C 106 -36.26 -41.84 31.35
C VAL C 106 -36.72 -40.92 32.48
N GLY C 107 -37.94 -40.41 32.41
CA GLY C 107 -38.45 -39.63 33.52
C GLY C 107 -39.28 -38.43 33.10
N LYS C 108 -38.93 -37.25 33.62
CA LYS C 108 -39.70 -36.06 33.28
C LYS C 108 -39.15 -35.48 31.98
N MET C 109 -40.06 -34.96 31.18
CA MET C 109 -39.66 -34.38 29.92
C MET C 109 -38.86 -33.12 30.16
N GLN C 110 -37.87 -32.92 29.30
CA GLN C 110 -37.04 -31.74 29.40
C GLN C 110 -36.91 -31.07 28.05
N SER C 111 -36.53 -29.80 28.09
CA SER C 111 -36.26 -29.02 26.89
C SER C 111 -34.75 -29.02 26.56
N TYR C 112 -34.43 -29.30 25.30
CA TYR C 112 -33.04 -29.42 24.81
C TYR C 112 -32.80 -28.40 23.68
N TYR C 113 -31.66 -27.74 23.69
CA TYR C 113 -31.45 -26.79 22.66
C TYR C 113 -30.10 -26.93 21.92
N ALA C 114 -30.15 -26.63 20.64
CA ALA C 114 -28.95 -26.61 19.79
C ALA C 114 -28.85 -25.23 19.16
N LYS C 115 -27.77 -24.51 19.45
CA LYS C 115 -27.53 -23.19 18.86
C LYS C 115 -27.42 -23.27 17.32
N LEU C 116 -28.00 -22.25 16.68
CA LEU C 116 -27.99 -22.13 15.22
C LEU C 116 -27.01 -21.03 14.90
N SER C 117 -26.98 -20.05 15.78
CA SER C 117 -26.16 -18.87 15.65
C SER C 117 -26.01 -18.18 16.99
N GLY C 118 -25.08 -17.26 17.04
CA GLY C 118 -24.89 -16.40 18.21
C GLY C 118 -23.96 -16.99 19.25
N HIS C 119 -23.54 -16.13 20.18
CA HIS C 119 -22.84 -16.57 21.39
C HIS C 119 -21.55 -17.26 21.05
N ASP C 120 -21.31 -18.45 21.62
CA ASP C 120 -20.05 -19.14 21.40
C ASP C 120 -20.01 -19.89 20.08
N LEU C 121 -20.95 -19.65 19.18
CA LEU C 121 -20.74 -20.08 17.79
C LEU C 121 -20.05 -18.96 17.00
N GLU C 122 -19.91 -17.78 17.62
CA GLU C 122 -19.44 -16.54 16.94
C GLU C 122 -18.07 -16.56 16.21
N VAL C 123 -16.97 -16.89 16.89
CA VAL C 123 -15.65 -16.94 16.19
C VAL C 123 -15.08 -18.36 16.22
N ASP C 131 -11.00 -25.60 14.26
CA ASP C 131 -10.58 -26.82 14.96
C ASP C 131 -11.79 -27.50 15.63
N LEU C 132 -11.59 -28.71 16.16
N LEU C 132 -11.56 -28.70 16.18
CA LEU C 132 -12.72 -29.46 16.69
CA LEU C 132 -12.61 -29.50 16.77
C LEU C 132 -13.36 -28.84 17.98
C LEU C 132 -13.34 -28.83 17.96
N ASN C 133 -12.67 -27.93 18.68
CA ASN C 133 -13.26 -27.24 19.84
C ASN C 133 -13.98 -25.91 19.53
N LEU C 134 -14.77 -25.42 20.47
CA LEU C 134 -15.15 -24.02 20.46
C LEU C 134 -13.89 -23.17 20.76
N ALA C 135 -14.00 -21.84 20.64
CA ALA C 135 -12.84 -20.96 20.74
C ALA C 135 -12.19 -21.02 22.15
N SER C 136 -12.98 -21.39 23.16
CA SER C 136 -12.51 -21.58 24.50
C SER C 136 -11.42 -22.66 24.63
N GLY C 137 -11.28 -23.52 23.61
CA GLY C 137 -10.42 -24.70 23.72
C GLY C 137 -11.01 -25.86 24.54
N LEU C 138 -12.32 -25.81 24.79
CA LEU C 138 -13.08 -26.90 25.37
C LEU C 138 -13.88 -27.53 24.25
N ARG C 139 -13.94 -28.87 24.22
CA ARG C 139 -14.70 -29.53 23.16
C ARG C 139 -16.14 -29.08 23.19
N SER C 140 -16.70 -28.93 24.39
CA SER C 140 -18.04 -28.33 24.56
C SER C 140 -18.04 -27.43 25.78
N ASN C 141 -18.73 -26.30 25.70
CA ASN C 141 -18.67 -25.26 26.74
C ASN C 141 -19.73 -25.39 27.79
N PRO C 142 -19.52 -24.73 28.95
CA PRO C 142 -20.67 -24.47 29.83
C PRO C 142 -21.68 -23.57 29.09
N PRO C 143 -22.96 -23.61 29.49
CA PRO C 143 -23.94 -22.77 28.77
C PRO C 143 -23.56 -21.27 28.80
N THR C 144 -24.00 -20.53 27.79
CA THR C 144 -23.78 -19.08 27.71
C THR C 144 -24.95 -18.28 28.36
N TRP C 145 -25.95 -18.98 28.89
CA TRP C 145 -26.95 -18.39 29.80
C TRP C 145 -27.44 -19.48 30.73
N THR C 146 -28.08 -19.06 31.82
CA THR C 146 -28.68 -19.96 32.82
C THR C 146 -30.14 -20.25 32.49
N SER C 147 -30.49 -21.51 32.42
CA SER C 147 -31.89 -21.90 32.34
C SER C 147 -32.04 -23.34 32.78
N ASP C 148 -33.27 -23.81 32.90
CA ASP C 148 -33.50 -25.22 33.22
C ASP C 148 -33.38 -26.14 32.00
N ASP C 149 -33.27 -25.53 30.84
CA ASP C 149 -33.10 -26.28 29.60
C ASP C 149 -31.72 -26.94 29.52
N ARG C 150 -31.62 -28.00 28.72
CA ARG C 150 -30.33 -28.65 28.52
C ARG C 150 -29.72 -28.36 27.13
N GLN C 151 -28.49 -27.88 27.12
CA GLN C 151 -27.81 -27.66 25.84
C GLN C 151 -27.31 -28.96 25.23
N PHE C 152 -27.70 -29.24 23.97
CA PHE C 152 -27.08 -30.30 23.19
C PHE C 152 -25.56 -30.14 23.21
N VAL C 153 -24.82 -31.21 23.39
CA VAL C 153 -23.37 -31.10 23.60
C VAL C 153 -22.66 -31.08 22.26
N TRP C 154 -21.68 -30.18 22.08
CA TRP C 154 -20.94 -30.09 20.81
C TRP C 154 -20.17 -31.37 20.53
N MET C 155 -20.27 -31.87 19.30
CA MET C 155 -19.47 -33.07 18.92
C MET C 155 -18.42 -32.73 17.83
N TRP C 156 -18.89 -32.40 16.61
CA TRP C 156 -18.03 -32.02 15.50
C TRP C 156 -18.86 -31.36 14.40
N GLY C 157 -18.17 -30.66 13.48
CA GLY C 157 -18.78 -30.19 12.23
C GLY C 157 -18.74 -28.68 12.07
N VAL C 158 -19.61 -28.14 11.24
CA VAL C 158 -19.52 -26.71 10.91
C VAL C 158 -20.27 -25.90 11.92
N LYS C 159 -19.57 -24.96 12.53
CA LYS C 159 -20.11 -24.03 13.49
C LYS C 159 -21.24 -23.13 12.92
N ASN C 160 -21.02 -22.57 11.73
CA ASN C 160 -21.96 -21.59 11.19
C ASN C 160 -22.54 -22.03 9.87
N LEU C 161 -23.71 -22.62 9.94
CA LEU C 161 -24.37 -23.12 8.74
C LEU C 161 -25.01 -21.96 8.00
N ASP C 162 -25.37 -22.21 6.74
CA ASP C 162 -26.14 -21.27 5.93
C ASP C 162 -27.56 -21.27 6.42
N LEU C 163 -27.87 -20.33 7.31
CA LEU C 163 -29.21 -20.25 7.91
C LEU C 163 -30.31 -19.94 6.88
N SER C 164 -29.93 -19.34 5.75
CA SER C 164 -30.92 -19.01 4.72
C SER C 164 -31.44 -20.26 4.01
N GLY C 165 -30.82 -21.42 4.27
CA GLY C 165 -31.39 -22.65 3.80
C GLY C 165 -31.08 -23.89 4.61
N ILE C 166 -31.84 -24.14 5.69
CA ILE C 166 -31.67 -25.37 6.48
C ILE C 166 -32.53 -26.43 5.83
N ALA C 167 -31.89 -27.53 5.45
CA ALA C 167 -32.45 -28.51 4.56
C ALA C 167 -32.83 -29.76 5.30
N LYS C 168 -32.11 -30.06 6.36
CA LYS C 168 -32.43 -31.28 7.08
C LYS C 168 -32.07 -31.19 8.56
N ILE C 169 -32.94 -31.77 9.36
CA ILE C 169 -32.74 -31.92 10.78
C ILE C 169 -32.95 -33.38 11.12
N SER C 170 -31.92 -34.00 11.67
CA SER C 170 -31.99 -35.41 11.95
C SER C 170 -31.71 -35.77 13.43
N LEU C 171 -32.44 -36.74 13.95
CA LEU C 171 -32.18 -37.31 15.29
C LEU C 171 -32.11 -38.83 15.17
N SER C 172 -30.98 -39.39 15.59
CA SER C 172 -30.73 -40.80 15.40
C SER C 172 -30.15 -41.49 16.64
N VAL C 173 -30.42 -42.78 16.69
CA VAL C 173 -29.85 -43.66 17.66
C VAL C 173 -29.05 -44.70 16.85
N GLN C 174 -27.79 -44.87 17.25
CA GLN C 174 -26.85 -45.63 16.46
C GLN C 174 -26.16 -46.69 17.29
N SER C 175 -25.98 -47.89 16.70
CA SER C 175 -25.31 -49.02 17.36
C SER C 175 -25.71 -49.26 18.84
N ALA C 176 -27.00 -49.13 19.10
CA ALA C 176 -27.60 -49.48 20.39
C ALA C 176 -27.64 -51.00 20.59
N MET C 177 -27.71 -51.40 21.86
CA MET C 177 -27.93 -52.80 22.26
C MET C 177 -29.42 -53.03 22.63
N HIS C 178 -30.20 -51.96 22.69
CA HIS C 178 -31.63 -52.10 23.00
C HIS C 178 -32.45 -51.20 22.08
N ASP C 179 -33.71 -51.57 21.89
CA ASP C 179 -34.73 -50.66 21.35
C ASP C 179 -34.84 -49.44 22.24
N LYS C 180 -34.82 -48.25 21.63
CA LYS C 180 -34.99 -47.01 22.38
C LYS C 180 -36.31 -46.35 21.93
N THR C 181 -36.99 -45.70 22.87
CA THR C 181 -38.29 -45.09 22.59
C THR C 181 -38.34 -43.76 23.24
N VAL C 182 -38.75 -42.74 22.49
CA VAL C 182 -38.86 -41.41 23.03
C VAL C 182 -40.17 -40.75 22.61
N ILE C 183 -40.49 -39.66 23.32
CA ILE C 183 -41.59 -38.79 22.93
C ILE C 183 -40.96 -37.46 22.64
N ILE C 184 -41.34 -36.86 21.52
CA ILE C 184 -40.74 -35.58 21.11
C ILE C 184 -41.85 -34.55 20.90
N ASP C 185 -41.60 -33.34 21.33
CA ASP C 185 -42.64 -32.38 21.18
C ASP C 185 -42.05 -31.00 21.09
N ASN C 186 -42.84 -30.07 20.57
CA ASN C 186 -42.54 -28.63 20.58
C ASN C 186 -41.22 -28.21 19.91
N ILE C 187 -40.99 -28.77 18.72
CA ILE C 187 -39.84 -28.43 17.90
C ILE C 187 -40.05 -26.99 17.49
N ARG C 188 -39.08 -26.16 17.83
CA ARG C 188 -39.29 -24.73 17.72
C ARG C 188 -37.98 -24.04 17.69
N ILE C 189 -37.97 -22.78 17.26
CA ILE C 189 -36.80 -21.90 17.34
C ILE C 189 -37.09 -20.73 18.29
N GLN C 190 -36.14 -20.38 19.16
CA GLN C 190 -36.26 -19.24 20.11
C GLN C 190 -35.02 -18.40 19.97
N PRO C 191 -35.16 -17.07 19.89
CA PRO C 191 -33.90 -16.29 19.94
C PRO C 191 -33.16 -16.57 21.25
N ASN C 192 -31.84 -16.43 21.26
CA ASN C 192 -31.07 -16.67 22.48
C ASN C 192 -31.23 -15.47 23.42
N PRO C 193 -31.28 -15.72 24.75
CA PRO C 193 -31.10 -14.71 25.78
C PRO C 193 -29.75 -14.03 25.59
N PRO C 194 -29.50 -12.93 26.32
CA PRO C 194 -28.16 -12.33 26.29
C PRO C 194 -27.15 -13.36 26.77
N GLN C 195 -25.95 -13.24 26.27
CA GLN C 195 -24.88 -14.13 26.65
C GLN C 195 -24.33 -13.65 27.98
N ASP C 196 -24.10 -14.59 28.86
CA ASP C 196 -23.50 -14.27 30.14
C ASP C 196 -22.03 -14.08 29.90
N GLU C 197 -21.57 -12.84 30.04
CA GLU C 197 -20.16 -12.50 29.80
C GLU C 197 -19.25 -13.25 30.74
N ASN C 198 -19.81 -13.84 31.78
CA ASN C 198 -19.04 -14.62 32.75
C ASN C 198 -19.04 -16.12 32.55
N PHE C 199 -19.55 -16.57 31.39
CA PHE C 199 -19.82 -17.99 31.20
C PHE C 199 -18.54 -18.84 31.18
N LEU C 200 -17.40 -18.24 30.80
CA LEU C 200 -16.10 -18.92 30.89
C LEU C 200 -15.20 -18.41 32.02
N VAL C 201 -15.79 -17.70 33.00
CA VAL C 201 -14.97 -17.11 34.07
C VAL C 201 -15.14 -17.89 35.36
N GLY C 202 -14.03 -18.24 35.98
CA GLY C 202 -14.10 -18.86 37.29
C GLY C 202 -14.69 -20.27 37.21
N LEU C 203 -14.23 -21.04 36.24
CA LEU C 203 -14.76 -22.38 36.05
C LEU C 203 -14.17 -23.43 36.96
N VAL C 204 -12.94 -23.26 37.41
CA VAL C 204 -12.17 -24.33 38.07
C VAL C 204 -11.78 -23.91 39.47
N ASP C 205 -12.06 -24.76 40.44
CA ASP C 205 -11.57 -24.51 41.81
C ASP C 205 -10.08 -24.96 41.96
N GLU C 206 -9.54 -24.95 43.18
CA GLU C 206 -8.14 -25.25 43.41
C GLU C 206 -7.89 -26.75 43.25
N PHE C 207 -8.96 -27.53 43.27
CA PHE C 207 -8.88 -28.99 43.09
C PHE C 207 -9.10 -29.40 41.64
N GLY C 208 -9.27 -28.43 40.74
CA GLY C 208 -9.57 -28.73 39.30
C GLY C 208 -11.03 -29.12 39.05
N GLN C 209 -11.87 -28.94 40.06
CA GLN C 209 -13.30 -29.26 39.95
C GLN C 209 -14.10 -28.08 39.40
N ASN C 210 -15.30 -28.41 38.90
CA ASN C 210 -16.26 -27.41 38.41
C ASN C 210 -16.59 -26.50 39.62
N ALA C 211 -16.14 -25.24 39.58
CA ALA C 211 -16.27 -24.30 40.71
C ALA C 211 -17.72 -23.92 41.02
N LYS C 212 -18.54 -23.81 39.98
CA LYS C 212 -19.88 -23.27 40.16
C LYS C 212 -20.95 -24.24 40.56
N VAL C 213 -20.75 -25.53 40.36
CA VAL C 213 -21.79 -26.50 40.65
C VAL C 213 -21.33 -27.35 41.80
N ASP C 214 -22.25 -27.65 42.72
CA ASP C 214 -21.93 -28.54 43.79
C ASP C 214 -22.65 -29.81 43.47
N TYR C 215 -21.90 -30.84 43.13
CA TYR C 215 -22.48 -32.12 42.85
C TYR C 215 -22.08 -33.15 43.86
N LYS C 216 -22.79 -34.26 43.85
CA LYS C 216 -22.52 -35.37 44.72
C LYS C 216 -21.12 -35.95 44.51
N GLY C 217 -20.36 -35.99 45.60
CA GLY C 217 -18.99 -36.43 45.55
C GLY C 217 -17.97 -35.32 45.39
N LYS C 218 -18.43 -34.10 45.13
CA LYS C 218 -17.53 -32.98 45.03
C LYS C 218 -16.73 -32.84 46.33
N ILE C 219 -15.43 -32.53 46.24
CA ILE C 219 -14.60 -32.37 47.41
C ILE C 219 -14.58 -30.89 47.74
N HIS C 220 -14.78 -30.53 49.01
CA HIS C 220 -14.83 -29.10 49.43
C HIS C 220 -13.68 -28.66 50.31
N SER C 221 -12.92 -29.63 50.81
CA SER C 221 -11.81 -29.35 51.68
C SER C 221 -10.74 -30.46 51.60
N LEU C 222 -9.53 -30.11 51.99
CA LEU C 222 -8.44 -31.06 52.14
C LEU C 222 -8.85 -32.22 53.06
N GLU C 223 -9.56 -31.91 54.15
CA GLU C 223 -10.05 -32.98 55.04
C GLU C 223 -11.00 -33.99 54.37
N GLU C 224 -11.94 -33.54 53.54
CA GLU C 224 -12.81 -34.46 52.80
C GLU C 224 -12.00 -35.37 51.87
N LEU C 225 -10.98 -34.81 51.22
CA LEU C 225 -10.09 -35.58 50.35
C LEU C 225 -9.36 -36.68 51.10
N HIS C 226 -8.73 -36.33 52.23
CA HIS C 226 -8.09 -37.33 53.07
C HIS C 226 -9.03 -38.41 53.60
N ALA C 227 -10.26 -38.02 53.95
CA ALA C 227 -11.29 -38.98 54.35
C ALA C 227 -11.63 -39.98 53.24
N ALA C 228 -11.81 -39.48 52.01
CA ALA C 228 -12.00 -40.32 50.82
C ALA C 228 -10.81 -41.27 50.66
N ARG C 229 -9.61 -40.70 50.74
CA ARG C 229 -8.38 -41.49 50.70
C ARG C 229 -8.37 -42.64 51.73
N ASP C 230 -8.64 -42.32 52.99
CA ASP C 230 -8.53 -43.33 54.06
C ASP C 230 -9.57 -44.40 53.88
N VAL C 231 -10.77 -44.01 53.54
CA VAL C 231 -11.81 -44.99 53.28
C VAL C 231 -11.34 -46.00 52.20
N GLU C 232 -10.75 -45.48 51.11
CA GLU C 232 -10.37 -46.36 50.01
C GLU C 232 -9.17 -47.23 50.38
N LEU C 233 -8.16 -46.63 51.01
CA LEU C 233 -6.93 -47.38 51.35
C LEU C 233 -7.21 -48.55 52.29
N ALA C 234 -8.23 -48.44 53.13
CA ALA C 234 -8.56 -49.53 54.03
C ALA C 234 -9.18 -50.71 53.26
N GLU C 235 -9.79 -50.43 52.12
CA GLU C 235 -10.34 -51.52 51.33
C GLU C 235 -9.31 -52.21 50.45
N LEU C 236 -8.20 -51.54 50.15
CA LEU C 236 -7.21 -52.09 49.22
C LEU C 236 -6.12 -52.96 49.92
N ASP C 237 -6.29 -54.26 49.88
CA ASP C 237 -5.34 -55.14 50.52
C ASP C 237 -4.33 -55.71 49.51
N GLY C 238 -4.43 -55.31 48.23
CA GLY C 238 -3.61 -55.88 47.19
C GLY C 238 -4.00 -57.27 46.72
N LYS C 239 -5.12 -57.82 47.15
CA LYS C 239 -5.45 -59.17 46.73
C LYS C 239 -6.24 -59.16 45.41
N PRO C 240 -5.92 -60.09 44.47
CA PRO C 240 -6.69 -60.31 43.24
C PRO C 240 -7.98 -61.08 43.49
N MET C 241 -8.89 -61.06 42.52
CA MET C 241 -10.11 -61.84 42.57
C MET C 241 -9.72 -63.31 42.67
N PRO C 242 -10.66 -64.17 43.13
CA PRO C 242 -10.36 -65.59 43.29
C PRO C 242 -10.15 -66.38 41.99
N SER C 243 -9.32 -67.41 42.09
CA SER C 243 -9.09 -68.28 40.96
C SER C 243 -8.36 -67.57 39.77
N ARG C 244 -7.67 -66.45 40.04
CA ARG C 244 -6.72 -65.85 39.09
C ARG C 244 -5.35 -66.57 39.22
N SER C 245 -4.74 -66.92 38.09
CA SER C 245 -3.36 -67.40 38.11
C SER C 245 -2.45 -66.22 38.37
N LYS C 246 -1.17 -66.51 38.68
CA LYS C 246 -0.21 -65.41 38.84
C LYS C 246 -0.35 -64.25 37.78
N PHE C 247 -0.51 -64.62 36.50
CA PHE C 247 -0.55 -63.66 35.40
C PHE C 247 -1.97 -63.25 35.04
N GLY C 248 -2.90 -63.38 35.98
CA GLY C 248 -4.29 -62.87 35.74
C GLY C 248 -5.18 -63.80 34.90
N GLY C 249 -4.70 -65.01 34.64
CA GLY C 249 -5.47 -66.05 33.92
C GLY C 249 -6.44 -66.85 34.80
N TRP C 250 -7.19 -67.75 34.18
CA TRP C 250 -8.19 -68.58 34.89
C TRP C 250 -7.58 -69.87 35.46
N LEU C 251 -7.51 -69.93 36.80
CA LEU C 251 -6.90 -71.11 37.47
C LEU C 251 -7.66 -72.40 37.25
N ALA C 252 -8.98 -72.35 37.13
CA ALA C 252 -9.74 -73.58 36.84
C ALA C 252 -9.36 -74.23 35.51
N GLY C 253 -8.68 -73.48 34.64
CA GLY C 253 -8.21 -74.03 33.37
C GLY C 253 -9.36 -74.33 32.42
N PRO C 254 -9.15 -75.28 31.49
CA PRO C 254 -8.00 -76.17 31.25
C PRO C 254 -6.65 -75.41 31.17
N LYS C 255 -5.59 -75.92 31.78
CA LYS C 255 -4.26 -75.38 31.60
C LYS C 255 -3.78 -75.90 30.23
N LEU C 256 -3.35 -74.99 29.36
CA LEU C 256 -2.79 -75.35 28.03
C LEU C 256 -1.26 -75.28 28.02
N LYS C 257 -0.63 -75.41 26.85
CA LYS C 257 0.85 -75.36 26.82
C LYS C 257 1.37 -73.97 27.24
N ALA C 258 2.38 -73.98 28.11
CA ALA C 258 2.97 -72.77 28.68
C ALA C 258 4.19 -72.45 27.85
N THR C 259 4.30 -71.21 27.36
CA THR C 259 5.48 -70.84 26.53
C THR C 259 6.32 -69.83 27.24
N GLY C 260 5.81 -69.32 28.34
CA GLY C 260 6.50 -68.26 29.07
C GLY C 260 6.10 -66.86 28.62
N TYR C 261 5.19 -66.75 27.67
CA TYR C 261 4.72 -65.42 27.17
C TYR C 261 3.21 -65.50 26.86
N PHE C 262 2.51 -64.36 26.87
CA PHE C 262 1.12 -64.34 26.41
C PHE C 262 1.03 -64.71 24.93
N ARG C 263 -0.02 -65.44 24.56
CA ARG C 263 -0.14 -65.96 23.18
C ARG C 263 -1.62 -66.16 22.96
N THR C 264 -2.02 -66.44 21.74
CA THR C 264 -3.45 -66.65 21.42
C THR C 264 -3.80 -68.12 21.18
N GLU C 265 -5.05 -68.48 21.43
CA GLU C 265 -5.50 -69.81 21.08
C GLU C 265 -7.00 -69.88 21.12
N LYS C 266 -7.57 -70.65 20.21
CA LYS C 266 -9.02 -70.76 20.17
C LYS C 266 -9.41 -71.89 21.13
N ILE C 267 -10.22 -71.57 22.13
CA ILE C 267 -10.63 -72.56 23.11
C ILE C 267 -12.14 -72.80 22.95
N ASN C 268 -12.52 -74.00 22.51
CA ASN C 268 -13.94 -74.40 22.33
C ASN C 268 -14.79 -73.39 21.56
N GLY C 269 -14.38 -73.06 20.34
CA GLY C 269 -15.06 -72.07 19.52
C GLY C 269 -14.81 -70.62 19.92
N LYS C 270 -14.04 -70.36 20.95
CA LYS C 270 -13.90 -68.97 21.39
C LYS C 270 -12.46 -68.56 21.43
N TRP C 271 -12.14 -67.48 20.71
CA TRP C 271 -10.78 -66.96 20.79
C TRP C 271 -10.44 -66.52 22.21
N MET C 272 -9.24 -66.90 22.68
CA MET C 272 -8.74 -66.47 23.97
C MET C 272 -7.27 -66.07 23.87
N LEU C 273 -6.79 -65.33 24.86
CA LEU C 273 -5.36 -65.34 25.13
C LEU C 273 -5.03 -66.52 26.06
N VAL C 274 -3.76 -66.90 26.11
CA VAL C 274 -3.22 -67.87 27.02
C VAL C 274 -2.05 -67.18 27.70
N ASP C 275 -2.06 -67.19 29.04
CA ASP C 275 -1.01 -66.57 29.82
C ASP C 275 0.34 -67.33 29.76
N PRO C 276 1.41 -66.74 30.27
CA PRO C 276 2.75 -67.38 30.20
C PRO C 276 2.82 -68.80 30.78
N GLU C 277 1.92 -69.10 31.72
CA GLU C 277 1.89 -70.37 32.39
C GLU C 277 0.86 -71.31 31.78
N GLY C 278 0.17 -70.90 30.72
CA GLY C 278 -0.75 -71.77 30.03
C GLY C 278 -2.21 -71.60 30.43
N TYR C 279 -2.51 -70.68 31.33
CA TYR C 279 -3.91 -70.47 31.75
C TYR C 279 -4.65 -69.57 30.79
N PRO C 280 -5.91 -69.92 30.50
CA PRO C 280 -6.71 -69.05 29.63
C PRO C 280 -6.81 -67.61 30.22
N TYR C 281 -6.77 -66.63 29.32
CA TYR C 281 -6.68 -65.22 29.70
C TYR C 281 -7.58 -64.37 28.79
N PHE C 282 -8.19 -63.35 29.41
CA PHE C 282 -9.06 -62.41 28.72
C PHE C 282 -8.69 -61.02 29.29
N ALA C 283 -8.51 -60.04 28.43
CA ALA C 283 -7.87 -58.79 28.86
C ALA C 283 -8.92 -57.76 29.19
N THR C 284 -8.91 -57.30 30.43
CA THR C 284 -9.71 -56.15 30.81
C THR C 284 -8.82 -55.11 31.45
N GLY C 285 -9.19 -53.82 31.40
CA GLY C 285 -8.33 -52.80 31.99
C GLY C 285 -8.64 -51.46 31.35
N LEU C 286 -7.83 -50.47 31.73
CA LEU C 286 -8.03 -49.10 31.40
C LEU C 286 -6.79 -48.60 30.64
N ASP C 287 -7.03 -47.66 29.72
CA ASP C 287 -5.99 -46.96 28.95
C ASP C 287 -5.56 -45.69 29.69
N ILE C 288 -4.41 -45.14 29.29
CA ILE C 288 -3.87 -43.87 29.83
C ILE C 288 -3.65 -43.97 31.35
N ILE C 289 -2.84 -44.95 31.73
CA ILE C 289 -2.39 -45.06 33.11
C ILE C 289 -1.07 -44.30 33.22
N ARG C 290 -1.19 -43.00 33.04
CA ARG C 290 -0.03 -42.11 33.06
C ARG C 290 -0.57 -40.73 33.34
N LEU C 291 0.33 -39.77 33.55
CA LEU C 291 -0.04 -38.39 33.85
C LEU C 291 0.03 -37.44 32.66
N SER C 292 0.51 -37.93 31.51
CA SER C 292 0.84 -37.08 30.35
C SER C 292 -0.31 -36.21 29.80
N ASN C 293 -1.52 -36.75 29.94
CA ASN C 293 -2.70 -36.19 29.33
C ASN C 293 -3.58 -35.54 30.40
N SER C 294 -3.04 -35.37 31.61
CA SER C 294 -3.85 -34.78 32.69
C SER C 294 -3.66 -33.27 32.86
N SER C 295 -2.93 -32.62 31.95
CA SER C 295 -2.68 -31.20 32.12
C SER C 295 -3.62 -30.38 31.22
N THR C 296 -3.78 -29.11 31.59
CA THR C 296 -4.71 -28.21 30.89
C THR C 296 -4.06 -26.81 30.67
N MET C 297 -4.18 -26.27 29.46
CA MET C 297 -3.60 -24.98 29.10
C MET C 297 -4.09 -23.84 30.04
N THR C 298 -3.15 -23.15 30.66
CA THR C 298 -3.51 -22.14 31.64
C THR C 298 -3.79 -20.78 30.99
N GLY C 299 -3.27 -20.55 29.80
CA GLY C 299 -3.33 -19.25 29.18
C GLY C 299 -2.01 -18.48 29.16
N TYR C 300 -1.03 -18.92 29.96
CA TYR C 300 0.32 -18.37 29.95
C TYR C 300 1.30 -19.10 29.06
N ASP C 301 2.33 -18.35 28.65
CA ASP C 301 3.41 -18.86 27.83
C ASP C 301 4.74 -18.33 28.42
N TYR C 302 5.84 -18.83 27.88
CA TYR C 302 7.17 -18.50 28.37
C TYR C 302 8.02 -18.08 27.19
N ASP C 303 9.12 -17.41 27.49
CA ASP C 303 10.21 -17.15 26.56
C ASP C 303 10.71 -18.44 25.89
N GLN C 304 10.66 -18.50 24.56
CA GLN C 304 11.12 -19.69 23.82
C GLN C 304 12.59 -20.07 24.07
N ALA C 305 13.40 -19.05 24.36
CA ALA C 305 14.83 -19.23 24.61
C ALA C 305 15.09 -20.12 25.83
N THR C 306 14.13 -20.15 26.75
CA THR C 306 14.27 -20.88 28.00
C THR C 306 13.64 -22.30 27.96
N VAL C 307 13.15 -22.70 26.79
CA VAL C 307 12.43 -23.97 26.63
C VAL C 307 13.23 -24.95 25.75
N ALA C 308 13.52 -26.13 26.30
CA ALA C 308 14.18 -27.21 25.55
C ALA C 308 13.40 -27.58 24.26
N GLN C 309 14.10 -27.73 23.13
CA GLN C 309 13.45 -28.07 21.87
C GLN C 309 13.45 -29.60 21.71
N ARG C 310 12.47 -30.12 20.98
CA ARG C 310 12.40 -31.57 20.74
C ARG C 310 13.56 -31.98 19.84
N SER C 311 14.11 -33.14 20.18
CA SER C 311 15.05 -33.87 19.34
C SER C 311 14.29 -34.49 18.15
N ALA C 312 14.79 -34.31 16.93
CA ALA C 312 14.17 -34.90 15.73
C ALA C 312 14.08 -36.43 15.77
N ASP C 313 14.94 -37.05 16.60
CA ASP C 313 15.05 -38.51 16.71
C ASP C 313 14.10 -39.15 17.72
N ASP C 314 13.43 -38.34 18.54
CA ASP C 314 12.57 -38.85 19.60
C ASP C 314 11.49 -39.81 19.05
N VAL C 315 11.21 -40.90 19.76
CA VAL C 315 10.17 -41.87 19.33
C VAL C 315 8.79 -41.47 19.88
N THR C 316 8.80 -40.52 20.80
CA THR C 316 7.57 -40.17 21.52
C THR C 316 7.00 -38.84 21.00
N PRO C 317 5.77 -38.87 20.47
CA PRO C 317 5.13 -37.61 20.08
C PRO C 317 4.86 -36.76 21.30
N GLU C 318 4.78 -35.44 21.07
CA GLU C 318 4.68 -34.46 22.16
C GLU C 318 3.53 -34.77 23.17
N ASP C 319 2.37 -35.18 22.64
CA ASP C 319 1.19 -35.46 23.44
C ASP C 319 1.45 -36.58 24.45
N SER C 320 2.36 -37.49 24.11
CA SER C 320 2.65 -38.66 24.96
C SER C 320 3.94 -38.51 25.75
N LYS C 321 4.52 -37.32 25.73
CA LYS C 321 5.73 -37.06 26.52
C LYS C 321 5.41 -36.98 27.99
N GLY C 322 6.39 -37.25 28.84
CA GLY C 322 6.23 -36.95 30.27
C GLY C 322 5.87 -35.47 30.42
N LEU C 323 5.18 -35.13 31.51
CA LEU C 323 4.98 -33.74 31.88
C LEU C 323 6.34 -33.12 32.13
N MET C 324 6.57 -31.92 31.60
CA MET C 324 7.86 -31.25 31.63
C MET C 324 8.02 -30.33 32.84
N ALA C 325 9.04 -30.61 33.66
CA ALA C 325 9.43 -29.71 34.77
C ALA C 325 9.77 -28.31 34.25
N VAL C 326 9.02 -27.32 34.71
CA VAL C 326 9.21 -25.93 34.28
C VAL C 326 10.28 -25.25 35.15
N SER C 327 11.33 -24.73 34.52
CA SER C 327 12.43 -24.07 35.24
C SER C 327 12.03 -22.70 35.81
N GLU C 328 12.76 -22.23 36.82
CA GLU C 328 12.56 -20.87 37.32
C GLU C 328 12.80 -19.79 36.25
N LYS C 329 13.86 -19.96 35.46
CA LYS C 329 14.15 -19.07 34.32
C LYS C 329 12.96 -18.98 33.34
N SER C 330 12.37 -20.13 33.04
CA SER C 330 11.17 -20.19 32.21
C SER C 330 10.03 -19.43 32.86
N PHE C 331 9.75 -19.77 34.12
CA PHE C 331 8.63 -19.20 34.87
C PHE C 331 8.77 -17.72 35.20
N ALA C 332 10.00 -17.22 35.14
CA ALA C 332 10.24 -15.80 35.41
C ALA C 332 9.74 -14.99 34.23
N THR C 333 9.78 -15.57 33.04
CA THR C 333 9.35 -14.88 31.82
C THR C 333 7.86 -15.11 31.53
N ARG C 334 7.17 -15.72 32.50
CA ARG C 334 5.75 -16.04 32.40
C ARG C 334 4.88 -14.84 31.96
N HIS C 335 4.27 -14.93 30.78
CA HIS C 335 3.31 -13.89 30.33
C HIS C 335 1.98 -14.43 29.80
N LEU C 336 1.01 -13.52 29.71
CA LEU C 336 -0.36 -13.83 29.35
C LEU C 336 -0.51 -13.98 27.87
N ALA C 337 -0.83 -15.19 27.42
CA ALA C 337 -0.99 -15.48 25.99
C ALA C 337 -2.48 -15.54 25.60
N SER C 338 -3.32 -16.09 26.47
CA SER C 338 -4.78 -16.09 26.28
C SER C 338 -5.56 -15.63 27.54
N PRO C 339 -6.00 -14.36 27.58
CA PRO C 339 -6.85 -13.93 28.71
C PRO C 339 -8.06 -14.83 28.98
N THR C 340 -8.68 -15.38 27.92
CA THR C 340 -9.83 -16.29 28.06
C THR C 340 -9.51 -17.55 28.85
N ARG C 341 -8.41 -18.21 28.51
CA ARG C 341 -7.97 -19.40 29.27
C ARG C 341 -7.66 -19.00 30.70
N ALA C 342 -6.87 -17.95 30.83
CA ALA C 342 -6.34 -17.55 32.13
C ALA C 342 -7.44 -17.33 33.17
N ALA C 343 -8.53 -16.68 32.76
CA ALA C 343 -9.63 -16.29 33.64
C ALA C 343 -10.54 -17.46 34.03
N MET C 344 -10.31 -18.62 33.41
CA MET C 344 -11.08 -19.85 33.76
C MET C 344 -10.71 -20.37 35.14
N PHE C 345 -9.48 -20.06 35.58
CA PHE C 345 -8.94 -20.71 36.78
C PHE C 345 -9.02 -19.81 38.00
N ASN C 346 -9.83 -20.19 38.98
CA ASN C 346 -9.86 -19.52 40.28
C ASN C 346 -8.58 -19.64 41.13
N TRP C 347 -7.78 -20.68 40.88
CA TRP C 347 -6.52 -20.83 41.64
C TRP C 347 -5.44 -21.50 40.80
N LEU C 348 -4.29 -20.87 40.74
CA LEU C 348 -3.07 -21.46 40.20
C LEU C 348 -1.95 -21.02 41.15
N PRO C 349 -1.00 -21.93 41.46
CA PRO C 349 -0.03 -21.63 42.52
C PRO C 349 1.10 -20.73 42.01
N ASP C 350 1.68 -19.93 42.90
CA ASP C 350 2.93 -19.18 42.60
C ASP C 350 4.11 -20.12 42.47
N TYR C 351 5.19 -19.68 41.84
CA TYR C 351 6.33 -20.55 41.64
C TYR C 351 6.92 -21.18 42.90
N ASP C 352 6.81 -20.49 44.03
CA ASP C 352 7.33 -21.02 45.29
C ASP C 352 6.29 -21.79 46.15
N HIS C 353 5.07 -21.99 45.63
CA HIS C 353 4.06 -22.79 46.35
C HIS C 353 4.50 -24.24 46.24
N PRO C 354 4.20 -25.07 47.24
CA PRO C 354 4.65 -26.47 47.10
C PRO C 354 3.99 -27.28 45.94
N LEU C 355 2.93 -26.75 45.34
CA LEU C 355 2.22 -27.40 44.24
C LEU C 355 2.56 -26.81 42.86
N ALA C 356 3.52 -25.89 42.82
CA ALA C 356 4.03 -25.39 41.54
C ALA C 356 4.73 -26.44 40.67
N ASN C 357 5.11 -27.58 41.26
CA ASN C 357 5.74 -28.63 40.44
C ASN C 357 4.78 -29.32 39.47
N HIS C 358 3.48 -29.01 39.50
CA HIS C 358 2.54 -29.64 38.59
C HIS C 358 2.27 -28.77 37.41
N TYR C 359 3.07 -27.70 37.25
CA TYR C 359 3.07 -27.02 35.97
C TYR C 359 3.73 -27.91 34.93
N ASN C 360 3.30 -27.74 33.69
CA ASN C 360 3.74 -28.52 32.53
C ASN C 360 3.91 -27.46 31.45
N TYR C 361 4.58 -27.83 30.36
CA TYR C 361 4.62 -26.98 29.19
C TYR C 361 4.56 -27.90 27.98
N ARG C 362 3.66 -27.56 27.06
N ARG C 362 3.62 -27.66 27.07
CA ARG C 362 3.46 -28.27 25.81
CA ARG C 362 3.58 -28.42 25.83
C ARG C 362 4.03 -27.42 24.70
C ARG C 362 3.97 -27.50 24.69
N ARG C 363 4.79 -28.02 23.80
CA ARG C 363 5.42 -27.25 22.72
C ARG C 363 4.57 -27.21 21.48
N SER C 364 3.53 -28.06 21.44
CA SER C 364 2.62 -28.15 20.31
C SER C 364 1.29 -28.68 20.80
N ALA C 365 0.27 -28.63 19.94
CA ALA C 365 -1.10 -29.06 20.26
C ALA C 365 -1.79 -29.41 18.98
N HIS C 366 -2.61 -30.46 19.02
CA HIS C 366 -3.40 -30.84 17.85
C HIS C 366 -4.43 -29.75 17.53
N SER C 367 -5.17 -29.28 18.55
CA SER C 367 -6.10 -28.18 18.35
C SER C 367 -6.37 -27.47 19.65
N GLY C 368 -7.04 -26.32 19.50
CA GLY C 368 -7.30 -25.41 20.59
C GLY C 368 -6.81 -24.02 20.22
N PRO C 369 -7.15 -23.02 21.04
CA PRO C 369 -6.72 -21.64 20.80
C PRO C 369 -5.21 -21.35 20.99
N LEU C 370 -4.46 -22.20 21.69
CA LEU C 370 -3.00 -22.00 21.85
C LEU C 370 -2.24 -23.11 21.17
N LYS C 371 -1.19 -22.74 20.44
CA LYS C 371 -0.35 -23.70 19.68
C LYS C 371 0.72 -24.34 20.58
N ARG C 372 0.98 -23.68 21.71
CA ARG C 372 1.91 -24.16 22.72
C ARG C 372 1.58 -23.37 23.97
N GLY C 373 2.10 -23.79 25.12
CA GLY C 373 1.96 -22.94 26.30
C GLY C 373 2.09 -23.72 27.59
N GLU C 374 1.91 -22.99 28.68
CA GLU C 374 2.00 -23.54 30.01
C GLU C 374 0.71 -24.26 30.30
N ALA C 375 0.82 -25.35 31.06
CA ALA C 375 -0.35 -26.13 31.39
C ALA C 375 -0.22 -26.49 32.86
N TYR C 376 -1.34 -26.90 33.44
CA TYR C 376 -1.31 -27.33 34.83
C TYR C 376 -2.07 -28.64 34.97
N SER C 377 -1.56 -29.53 35.82
CA SER C 377 -2.17 -30.80 36.08
C SER C 377 -2.78 -30.82 37.45
N PHE C 378 -4.08 -30.57 37.55
CA PHE C 378 -4.77 -30.58 38.85
C PHE C 378 -4.79 -32.00 39.44
N TYR C 379 -4.94 -33.02 38.60
CA TYR C 379 -4.91 -34.40 39.11
C TYR C 379 -3.59 -34.73 39.84
N SER C 380 -2.48 -34.45 39.16
CA SER C 380 -1.15 -34.59 39.72
C SER C 380 -1.03 -33.85 41.06
N ALA C 381 -1.49 -32.60 41.07
CA ALA C 381 -1.50 -31.78 42.29
C ALA C 381 -2.28 -32.48 43.39
N ASN C 382 -3.44 -33.01 43.02
CA ASN C 382 -4.24 -33.76 43.97
C ASN C 382 -3.57 -35.01 44.48
N LEU C 383 -2.73 -35.63 43.66
CA LEU C 383 -1.97 -36.79 44.17
C LEU C 383 -1.05 -36.35 45.30
N GLU C 384 -0.45 -35.17 45.16
CA GLU C 384 0.48 -34.67 46.19
C GLU C 384 -0.33 -34.28 47.47
N ARG C 385 -1.48 -33.66 47.24
CA ARG C 385 -2.40 -33.31 48.28
C ARG C 385 -2.74 -34.56 49.07
N LYS C 386 -3.07 -35.65 48.37
CA LYS C 386 -3.53 -36.88 49.04
C LYS C 386 -2.41 -37.60 49.78
N TYR C 387 -1.26 -37.68 49.13
CA TYR C 387 -0.26 -38.60 49.60
C TYR C 387 0.97 -37.94 50.22
N GLY C 388 1.15 -36.65 49.98
CA GLY C 388 2.30 -35.89 50.51
C GLY C 388 3.62 -36.35 49.92
N GLU C 389 4.73 -35.92 50.53
CA GLU C 389 6.07 -36.36 50.14
C GLU C 389 6.85 -36.84 51.34
N THR C 390 7.18 -38.14 51.40
CA THR C 390 8.21 -38.55 52.34
C THR C 390 9.63 -38.54 51.68
N TYR C 391 9.71 -38.20 50.38
CA TYR C 391 10.95 -37.93 49.61
C TYR C 391 10.37 -37.32 48.30
N PRO C 392 11.20 -36.65 47.48
CA PRO C 392 10.61 -35.94 46.35
C PRO C 392 9.91 -36.85 45.38
N GLY C 393 8.68 -36.49 45.02
CA GLY C 393 7.85 -37.31 44.12
C GLY C 393 7.35 -38.62 44.71
N SER C 394 7.47 -38.82 46.04
CA SER C 394 6.97 -40.07 46.63
C SER C 394 5.48 -40.35 46.32
N TYR C 395 4.69 -39.29 46.12
CA TYR C 395 3.25 -39.47 45.88
C TYR C 395 3.05 -40.15 44.52
N LEU C 396 4.01 -40.02 43.60
CA LEU C 396 3.98 -40.74 42.34
C LEU C 396 4.13 -42.24 42.50
N ASP C 397 5.06 -42.67 43.36
CA ASP C 397 5.23 -44.08 43.70
C ASP C 397 4.01 -44.58 44.44
N LYS C 398 3.43 -43.73 45.28
CA LYS C 398 2.26 -44.16 46.07
C LYS C 398 1.08 -44.34 45.06
N TRP C 399 0.96 -43.39 44.14
CA TRP C 399 -0.08 -43.48 43.10
C TRP C 399 0.02 -44.77 42.29
N ARG C 400 1.24 -45.17 41.91
N ARG C 400 1.24 -45.16 41.90
CA ARG C 400 1.41 -46.38 41.11
CA ARG C 400 1.40 -46.37 41.10
C ARG C 400 1.05 -47.64 41.89
C ARG C 400 1.05 -47.64 41.88
N GLU C 401 1.42 -47.69 43.16
CA GLU C 401 1.11 -48.84 43.99
C GLU C 401 -0.41 -48.91 44.22
N VAL C 402 -1.01 -47.77 44.58
CA VAL C 402 -2.46 -47.72 44.75
C VAL C 402 -3.15 -48.08 43.41
N THR C 403 -2.63 -47.54 42.32
CA THR C 403 -3.20 -47.88 41.00
C THR C 403 -3.29 -49.41 40.78
N VAL C 404 -2.17 -50.09 41.01
CA VAL C 404 -2.12 -51.54 40.84
C VAL C 404 -3.05 -52.25 41.81
N ASP C 405 -3.04 -51.82 43.08
CA ASP C 405 -3.99 -52.36 44.06
C ASP C 405 -5.43 -52.22 43.56
N ARG C 406 -5.77 -51.01 43.11
CA ARG C 406 -7.08 -50.76 42.52
C ARG C 406 -7.41 -51.73 41.40
N MET C 407 -6.53 -51.85 40.40
CA MET C 407 -6.87 -52.73 39.27
C MET C 407 -7.12 -54.16 39.73
N LEU C 408 -6.29 -54.68 40.65
CA LEU C 408 -6.45 -56.05 41.17
C LEU C 408 -7.78 -56.19 41.96
N ASN C 409 -8.07 -55.20 42.80
CA ASN C 409 -9.32 -55.21 43.58
C ASN C 409 -10.54 -55.14 42.65
N TRP C 410 -10.40 -54.37 41.56
CA TRP C 410 -11.51 -54.15 40.64
C TRP C 410 -11.68 -55.32 39.69
N GLY C 411 -10.77 -56.28 39.79
CA GLY C 411 -10.85 -57.46 38.94
C GLY C 411 -10.22 -57.35 37.55
N PHE C 412 -9.60 -56.21 37.23
CA PHE C 412 -9.00 -56.08 35.93
C PHE C 412 -7.80 -57.03 35.80
N THR C 413 -7.63 -57.60 34.60
CA THR C 413 -6.52 -58.54 34.38
C THR C 413 -5.33 -57.92 33.71
N SER C 414 -5.39 -56.63 33.42
CA SER C 414 -4.28 -55.94 32.79
C SER C 414 -4.31 -54.45 33.09
N LEU C 415 -3.16 -53.83 32.85
CA LEU C 415 -3.01 -52.39 32.60
C LEU C 415 -3.06 -52.18 31.07
N GLY C 416 -3.89 -51.24 30.60
CA GLY C 416 -4.21 -51.11 29.15
C GLY C 416 -3.22 -50.23 28.39
N ASN C 417 -3.64 -49.74 27.21
CA ASN C 417 -2.72 -48.96 26.38
C ASN C 417 -2.22 -47.68 27.06
N TRP C 418 -0.99 -47.24 26.74
CA TRP C 418 -0.44 -45.99 27.30
C TRP C 418 -0.32 -46.05 28.83
N THR C 419 0.16 -47.20 29.32
CA THR C 419 0.55 -47.36 30.70
C THR C 419 1.98 -46.80 30.76
N ASP C 420 2.24 -45.95 31.73
CA ASP C 420 3.54 -45.39 31.89
C ASP C 420 4.55 -46.53 32.07
N PRO C 421 5.71 -46.43 31.42
CA PRO C 421 6.74 -47.47 31.53
C PRO C 421 7.27 -47.70 32.95
N ALA C 422 7.14 -46.76 33.87
CA ALA C 422 7.35 -47.10 35.29
C ALA C 422 6.51 -48.30 35.81
N TYR C 423 5.40 -48.67 35.16
CA TYR C 423 4.61 -49.81 35.63
C TYR C 423 5.13 -51.13 35.10
N TYR C 424 6.03 -51.07 34.13
CA TYR C 424 6.42 -52.27 33.39
C TYR C 424 7.13 -53.36 34.23
N ASP C 425 7.73 -53.01 35.37
CA ASP C 425 8.23 -54.04 36.30
C ASP C 425 7.35 -54.25 37.53
N ASN C 426 6.07 -53.88 37.47
CA ASN C 426 5.27 -54.05 38.70
C ASN C 426 5.21 -55.50 39.16
N ASN C 427 5.24 -56.42 38.20
CA ASN C 427 5.28 -57.85 38.48
C ASN C 427 4.13 -58.36 39.36
N ARG C 428 2.99 -57.67 39.28
CA ARG C 428 1.75 -58.09 39.96
C ARG C 428 0.54 -58.13 39.01
N ILE C 429 0.54 -57.27 38.00
CA ILE C 429 -0.52 -57.33 36.99
C ILE C 429 0.13 -57.15 35.62
N PRO C 430 -0.33 -57.89 34.61
CA PRO C 430 0.20 -57.73 33.25
C PRO C 430 -0.11 -56.37 32.65
N PHE C 431 0.62 -56.01 31.61
CA PHE C 431 0.41 -54.72 30.97
C PHE C 431 0.55 -54.84 29.49
N PHE C 432 0.02 -53.86 28.77
CA PHE C 432 0.14 -53.77 27.33
C PHE C 432 1.10 -52.62 27.06
N ALA C 433 1.95 -52.76 26.07
CA ALA C 433 2.95 -51.76 25.78
C ALA C 433 2.62 -51.08 24.47
N ASN C 434 3.27 -49.95 24.21
CA ASN C 434 3.01 -49.22 22.95
C ASN C 434 4.20 -48.47 22.43
N GLY C 435 4.20 -48.21 21.13
CA GLY C 435 5.14 -47.29 20.50
C GLY C 435 4.41 -46.55 19.40
N TRP C 436 4.95 -45.41 19.01
CA TRP C 436 4.36 -44.65 17.91
C TRP C 436 5.46 -44.58 16.86
N VAL C 437 5.14 -44.82 15.57
CA VAL C 437 6.17 -44.67 14.54
C VAL C 437 6.10 -43.23 13.96
N ILE C 438 7.05 -42.40 14.36
CA ILE C 438 7.10 -40.98 13.99
C ILE C 438 8.50 -40.65 13.42
N GLY C 439 8.58 -39.53 12.70
CA GLY C 439 9.87 -39.01 12.24
C GLY C 439 9.65 -38.29 10.95
N ASP C 440 10.68 -38.25 10.11
CA ASP C 440 10.68 -37.42 8.91
C ASP C 440 10.58 -38.11 7.58
N PHE C 441 10.17 -39.37 7.58
CA PHE C 441 9.82 -39.99 6.35
C PHE C 441 8.81 -39.21 5.49
N LYS C 442 8.73 -39.57 4.23
CA LYS C 442 7.76 -39.02 3.36
C LYS C 442 6.35 -39.46 3.80
N THR C 443 5.33 -38.79 3.26
CA THR C 443 3.95 -38.99 3.68
C THR C 443 3.02 -39.09 2.49
N VAL C 444 1.81 -39.59 2.77
CA VAL C 444 0.72 -39.58 1.84
C VAL C 444 -0.49 -39.03 2.59
N SER C 445 -1.61 -38.83 1.90
CA SER C 445 -2.82 -38.36 2.54
C SER C 445 -4.00 -39.17 2.11
N SER C 446 -4.99 -39.28 2.99
CA SER C 446 -6.25 -39.93 2.71
C SER C 446 -7.21 -38.86 2.16
N GLY C 447 -6.81 -37.60 2.21
CA GLY C 447 -7.67 -36.45 1.86
C GLY C 447 -8.54 -35.94 3.00
N ALA C 448 -8.54 -36.66 4.13
CA ALA C 448 -9.29 -36.27 5.33
C ALA C 448 -8.55 -36.79 6.58
N ASP C 449 -7.24 -36.51 6.70
CA ASP C 449 -6.45 -37.07 7.77
C ASP C 449 -6.92 -36.47 9.09
N PHE C 450 -7.13 -37.28 10.11
CA PHE C 450 -7.64 -36.68 11.33
C PHE C 450 -6.47 -36.32 12.29
N TRP C 451 -5.72 -37.31 12.73
CA TRP C 451 -4.68 -37.01 13.68
C TRP C 451 -3.40 -36.44 13.06
N GLY C 452 -3.12 -36.76 11.80
CA GLY C 452 -1.86 -36.33 11.16
C GLY C 452 -1.79 -36.95 9.78
N ALA C 453 -0.79 -36.57 8.99
CA ALA C 453 -0.55 -37.19 7.66
C ALA C 453 -0.22 -38.68 7.77
N MET C 454 -0.47 -39.41 6.71
CA MET C 454 -0.21 -40.86 6.73
C MET C 454 1.24 -41.15 6.31
N PRO C 455 1.83 -42.28 6.76
CA PRO C 455 3.24 -42.54 6.40
C PRO C 455 3.39 -43.05 4.96
N ASP C 456 4.43 -42.60 4.24
CA ASP C 456 4.79 -43.28 3.02
C ASP C 456 5.61 -44.50 3.41
N VAL C 457 4.95 -45.66 3.38
CA VAL C 457 5.52 -46.84 3.99
C VAL C 457 6.47 -47.56 3.04
N PHE C 458 6.51 -47.11 1.79
CA PHE C 458 7.55 -47.52 0.85
C PHE C 458 8.83 -46.68 0.94
N ASP C 459 8.83 -45.62 1.72
CA ASP C 459 10.03 -44.83 1.88
C ASP C 459 10.88 -45.56 2.91
N PRO C 460 12.16 -45.88 2.57
CA PRO C 460 13.01 -46.66 3.46
C PRO C 460 13.14 -46.07 4.84
N GLU C 461 13.08 -44.74 4.91
CA GLU C 461 13.12 -44.07 6.18
C GLU C 461 11.92 -44.46 7.13
N PHE C 462 10.77 -44.85 6.57
CA PHE C 462 9.67 -45.34 7.39
C PHE C 462 10.10 -46.59 8.18
N LYS C 463 10.68 -47.59 7.50
CA LYS C 463 11.24 -48.78 8.15
C LYS C 463 12.35 -48.42 9.11
N VAL C 464 13.26 -47.50 8.74
CA VAL C 464 14.24 -46.99 9.71
C VAL C 464 13.55 -46.55 11.01
N ARG C 465 12.49 -45.74 10.88
CA ARG C 465 11.82 -45.24 12.10
C ARG C 465 11.05 -46.32 12.87
N ALA C 466 10.44 -47.26 12.13
CA ALA C 466 9.71 -48.38 12.74
C ALA C 466 10.66 -49.25 13.58
N MET C 467 11.84 -49.56 13.02
CA MET C 467 12.90 -50.26 13.75
C MET C 467 13.30 -49.55 15.04
N GLU C 468 13.51 -48.25 14.97
CA GLU C 468 13.88 -47.47 16.15
C GLU C 468 12.76 -47.47 17.20
N THR C 469 11.52 -47.32 16.76
CA THR C 469 10.37 -47.41 17.64
C THR C 469 10.33 -48.76 18.39
N ALA C 470 10.41 -49.87 17.66
CA ALA C 470 10.44 -51.21 18.33
C ALA C 470 11.66 -51.40 19.24
N ARG C 471 12.83 -50.89 18.84
CA ARG C 471 14.04 -50.99 19.70
C ARG C 471 13.73 -50.38 21.09
N VAL C 472 13.19 -49.15 21.12
CA VAL C 472 12.87 -48.48 22.41
C VAL C 472 11.78 -49.23 23.25
N VAL C 473 10.72 -49.70 22.60
CA VAL C 473 9.70 -50.47 23.32
C VAL C 473 10.38 -51.73 23.93
N SER C 474 11.28 -52.31 23.15
CA SER C 474 12.00 -53.50 23.59
C SER C 474 12.86 -53.21 24.82
N GLU C 475 13.54 -52.09 24.80
CA GLU C 475 14.32 -51.62 25.95
C GLU C 475 13.44 -51.35 27.18
N GLU C 476 12.28 -50.76 27.00
CA GLU C 476 11.32 -50.61 28.10
C GLU C 476 10.73 -51.92 28.71
N ILE C 477 10.35 -52.85 27.85
CA ILE C 477 9.69 -54.05 28.35
C ILE C 477 10.67 -55.11 28.85
N LYS C 478 11.93 -55.05 28.41
CA LYS C 478 12.99 -55.99 28.90
C LYS C 478 12.54 -57.42 28.75
N ASN C 479 11.91 -57.69 27.64
CA ASN C 479 11.42 -59.05 27.33
C ASN C 479 10.53 -59.67 28.41
N SER C 480 9.80 -58.85 29.17
CA SER C 480 9.03 -59.37 30.32
C SER C 480 7.85 -60.30 29.97
N PRO C 481 7.67 -61.42 30.71
CA PRO C 481 6.49 -62.25 30.40
C PRO C 481 5.22 -61.49 30.79
N TRP C 482 5.37 -60.40 31.55
CA TRP C 482 4.21 -59.63 32.01
C TRP C 482 3.63 -58.72 30.93
N CYS C 483 4.37 -58.54 29.82
CA CYS C 483 3.87 -57.73 28.71
C CYS C 483 2.99 -58.59 27.82
N VAL C 484 1.72 -58.22 27.72
CA VAL C 484 0.78 -59.09 27.00
C VAL C 484 1.06 -58.97 25.51
N GLY C 485 1.37 -57.74 25.08
CA GLY C 485 1.83 -57.51 23.72
C GLY C 485 1.95 -56.03 23.43
N VAL C 486 2.19 -55.70 22.16
CA VAL C 486 2.56 -54.35 21.81
C VAL C 486 1.58 -53.72 20.81
N PHE C 487 0.97 -52.60 21.18
CA PHE C 487 0.25 -51.77 20.19
C PHE C 487 1.25 -50.88 19.47
N ILE C 488 1.09 -50.74 18.15
CA ILE C 488 1.88 -49.71 17.44
C ILE C 488 0.94 -48.76 16.74
N ASP C 489 1.16 -47.46 16.98
CA ASP C 489 0.39 -46.36 16.41
C ASP C 489 -1.09 -46.42 16.90
N ASN C 490 -1.91 -45.52 16.38
CA ASN C 490 -3.29 -45.44 16.84
C ASN C 490 -4.19 -44.65 15.90
N GLU C 491 -5.34 -45.21 15.51
CA GLU C 491 -6.37 -44.42 14.76
C GLU C 491 -5.80 -43.66 13.54
N LYS C 492 -5.10 -44.40 12.69
CA LYS C 492 -4.54 -43.79 11.48
C LYS C 492 -5.71 -43.58 10.54
N SER C 493 -5.64 -42.54 9.71
CA SER C 493 -6.66 -42.31 8.71
C SER C 493 -6.42 -43.13 7.45
N PHE C 494 -6.74 -44.41 7.51
CA PHE C 494 -6.59 -45.32 6.37
C PHE C 494 -7.63 -45.11 5.28
N GLY C 495 -8.68 -44.35 5.63
CA GLY C 495 -9.82 -44.09 4.73
C GLY C 495 -11.19 -44.23 5.41
N ARG C 496 -12.07 -43.24 5.23
CA ARG C 496 -13.41 -43.26 5.86
C ARG C 496 -14.43 -44.12 5.13
N PRO C 497 -15.47 -44.58 5.85
CA PRO C 497 -16.41 -45.50 5.22
C PRO C 497 -17.60 -44.78 4.54
N ASP C 498 -17.64 -43.45 4.59
CA ASP C 498 -18.85 -42.73 4.19
C ASP C 498 -19.25 -43.00 2.75
N SER C 499 -18.25 -43.19 1.88
CA SER C 499 -18.48 -43.37 0.45
C SER C 499 -17.23 -43.99 -0.17
N ASP C 500 -17.38 -44.46 -1.42
CA ASP C 500 -16.26 -45.04 -2.17
C ASP C 500 -15.08 -44.07 -2.31
N LYS C 501 -15.38 -42.81 -2.64
CA LYS C 501 -14.34 -41.78 -2.64
C LYS C 501 -13.65 -41.57 -1.29
N ALA C 502 -14.40 -41.69 -0.19
CA ALA C 502 -13.77 -41.54 1.13
C ALA C 502 -12.86 -42.73 1.46
N GLN C 503 -13.41 -43.93 1.26
CA GLN C 503 -12.74 -45.16 1.60
C GLN C 503 -11.42 -45.30 0.87
N TYR C 504 -11.42 -44.88 -0.40
CA TYR C 504 -10.25 -44.96 -1.27
C TYR C 504 -9.49 -43.67 -1.33
N GLY C 505 -9.62 -42.88 -0.27
CA GLY C 505 -8.97 -41.59 -0.21
C GLY C 505 -7.47 -41.65 -0.34
N ILE C 506 -6.84 -42.67 0.25
CA ILE C 506 -5.39 -42.76 0.06
C ILE C 506 -5.03 -43.06 -1.42
N PRO C 507 -5.64 -44.08 -2.05
CA PRO C 507 -5.36 -44.24 -3.50
C PRO C 507 -5.71 -43.01 -4.34
N ILE C 508 -6.79 -42.30 -4.01
CA ILE C 508 -7.24 -41.18 -4.84
C ILE C 508 -6.28 -40.02 -4.75
N HIS C 509 -5.95 -39.60 -3.55
CA HIS C 509 -5.02 -38.50 -3.36
C HIS C 509 -3.64 -38.88 -3.95
N THR C 510 -3.25 -40.14 -3.82
CA THR C 510 -1.90 -40.50 -4.21
C THR C 510 -1.73 -40.55 -5.72
N LEU C 511 -2.76 -41.06 -6.41
CA LEU C 511 -2.76 -41.13 -7.86
C LEU C 511 -2.72 -39.73 -8.46
N GLY C 512 -3.05 -38.72 -7.68
CA GLY C 512 -3.05 -37.37 -8.16
C GLY C 512 -1.66 -36.78 -8.11
N ARG C 513 -0.73 -37.46 -7.44
CA ARG C 513 0.65 -36.94 -7.31
C ARG C 513 1.58 -37.61 -8.33
N PRO C 514 2.75 -37.00 -8.60
CA PRO C 514 3.72 -37.64 -9.51
C PRO C 514 4.41 -38.85 -8.86
N SER C 515 4.86 -39.81 -9.67
CA SER C 515 5.58 -40.97 -9.14
C SER C 515 6.92 -40.56 -8.55
N GLU C 516 7.67 -39.73 -9.28
CA GLU C 516 9.02 -39.32 -8.83
C GLU C 516 8.94 -38.62 -7.48
N GLY C 517 9.83 -38.98 -6.54
CA GLY C 517 9.83 -38.42 -5.17
C GLY C 517 8.77 -38.99 -4.18
N VAL C 518 7.89 -39.86 -4.68
CA VAL C 518 6.73 -40.44 -3.91
C VAL C 518 6.73 -42.00 -3.98
N PRO C 519 7.48 -42.66 -3.06
CA PRO C 519 7.62 -44.16 -3.18
C PRO C 519 6.30 -44.89 -3.28
N THR C 520 5.31 -44.49 -2.48
CA THR C 520 4.00 -45.17 -2.50
C THR C 520 3.39 -45.02 -3.90
N ARG C 521 3.52 -43.82 -4.46
CA ARG C 521 3.00 -43.59 -5.83
C ARG C 521 3.68 -44.49 -6.87
N GLN C 522 4.99 -44.69 -6.72
CA GLN C 522 5.75 -45.62 -7.59
C GLN C 522 5.27 -47.03 -7.40
N ALA C 523 4.94 -47.39 -6.16
CA ALA C 523 4.47 -48.74 -5.93
C ALA C 523 3.09 -48.94 -6.59
N PHE C 524 2.22 -47.95 -6.44
CA PHE C 524 0.90 -48.02 -7.05
C PHE C 524 1.00 -48.15 -8.59
N SER C 525 1.82 -47.29 -9.20
CA SER C 525 1.98 -47.24 -10.66
C SER C 525 2.47 -48.60 -11.18
N LYS C 526 3.50 -49.11 -10.51
CA LYS C 526 4.05 -50.44 -10.79
C LYS C 526 2.93 -51.48 -10.87
N LEU C 527 2.00 -51.45 -9.91
CA LEU C 527 0.89 -52.40 -9.92
C LEU C 527 -0.09 -52.22 -11.06
N LEU C 528 -0.36 -50.96 -11.42
CA LEU C 528 -1.30 -50.73 -12.51
C LEU C 528 -0.68 -51.15 -13.85
N LYS C 529 0.62 -50.86 -14.03
CA LYS C 529 1.32 -51.33 -15.23
C LYS C 529 1.27 -52.85 -15.35
N ALA C 530 1.58 -53.59 -14.28
CA ALA C 530 1.47 -55.07 -14.34
C ALA C 530 0.06 -55.52 -14.74
N LYS C 531 -0.95 -54.88 -14.17
CA LYS C 531 -2.31 -55.30 -14.46
C LYS C 531 -2.76 -54.95 -15.90
N TYR C 532 -2.42 -53.73 -16.34
CA TYR C 532 -2.99 -53.15 -17.57
C TYR C 532 -2.04 -53.26 -18.77
N LYS C 533 -0.75 -53.23 -18.47
CA LYS C 533 0.34 -53.35 -19.45
C LYS C 533 0.50 -52.11 -20.34
N THR C 534 -0.55 -51.74 -21.06
CA THR C 534 -0.48 -50.58 -21.92
C THR C 534 -1.32 -49.44 -21.39
N ILE C 535 -0.86 -48.20 -21.60
CA ILE C 535 -1.72 -47.07 -21.32
C ILE C 535 -3.12 -47.23 -21.97
N ALA C 536 -3.13 -47.73 -23.20
CA ALA C 536 -4.39 -47.89 -23.88
C ALA C 536 -5.40 -48.63 -23.00
N ALA C 537 -4.95 -49.71 -22.34
CA ALA C 537 -5.83 -50.56 -21.56
C ALA C 537 -6.32 -49.85 -20.29
N LEU C 538 -5.46 -49.01 -19.72
CA LEU C 538 -5.80 -48.15 -18.59
C LEU C 538 -6.87 -47.10 -18.97
N ASN C 539 -6.62 -46.39 -20.07
CA ASN C 539 -7.57 -45.43 -20.64
C ASN C 539 -8.92 -46.09 -20.87
N ASN C 540 -8.89 -47.29 -21.39
CA ASN C 540 -10.14 -48.00 -21.58
C ASN C 540 -10.85 -48.31 -20.25
N ALA C 541 -10.07 -48.76 -19.26
CA ALA C 541 -10.64 -49.16 -17.97
C ALA C 541 -11.14 -47.96 -17.15
N TRP C 542 -10.40 -46.85 -17.18
CA TRP C 542 -10.69 -45.68 -16.35
C TRP C 542 -11.51 -44.61 -17.06
N GLY C 543 -11.51 -44.65 -18.40
CA GLY C 543 -12.26 -43.69 -19.19
C GLY C 543 -11.45 -42.44 -19.42
N LEU C 544 -10.14 -42.60 -19.57
CA LEU C 544 -9.22 -41.47 -19.76
C LEU C 544 -8.65 -41.42 -21.18
N LYS C 545 -7.76 -40.47 -21.44
CA LYS C 545 -7.19 -40.31 -22.76
C LYS C 545 -5.73 -39.96 -22.58
N LEU C 546 -5.03 -40.73 -21.75
CA LEU C 546 -3.63 -40.42 -21.47
C LEU C 546 -2.76 -40.85 -22.63
N SER C 547 -1.64 -40.16 -22.81
CA SER C 547 -0.79 -40.38 -23.98
C SER C 547 0.27 -41.46 -23.74
N SER C 548 0.64 -41.66 -22.47
CA SER C 548 1.66 -42.61 -22.11
C SER C 548 1.76 -42.83 -20.59
N TRP C 549 2.32 -43.97 -20.18
CA TRP C 549 2.73 -44.19 -18.81
C TRP C 549 3.52 -43.04 -18.21
N ALA C 550 4.42 -42.42 -18.97
CA ALA C 550 5.18 -41.30 -18.40
C ALA C 550 4.22 -40.16 -18.05
N GLU C 551 3.17 -40.00 -18.84
CA GLU C 551 2.15 -38.97 -18.59
C GLU C 551 1.38 -39.34 -17.32
N PHE C 552 0.92 -40.59 -17.29
CA PHE C 552 0.28 -41.15 -16.10
C PHE C 552 1.10 -40.92 -14.83
N ASP C 553 2.43 -40.99 -14.91
CA ASP C 553 3.31 -40.83 -13.73
C ASP C 553 3.64 -39.40 -13.37
N LEU C 554 3.01 -38.48 -14.06
CA LEU C 554 3.06 -37.09 -13.64
C LEU C 554 1.95 -36.77 -12.59
N GLY C 555 0.92 -37.60 -12.56
CA GLY C 555 -0.20 -37.37 -11.62
C GLY C 555 -1.45 -37.33 -12.44
N VAL C 556 -2.47 -38.04 -12.00
CA VAL C 556 -3.74 -38.06 -12.69
C VAL C 556 -4.81 -37.67 -11.64
N ASP C 557 -5.71 -36.78 -12.01
CA ASP C 557 -6.73 -36.30 -11.07
C ASP C 557 -7.94 -37.19 -11.19
N VAL C 558 -8.04 -38.17 -10.31
CA VAL C 558 -9.10 -39.14 -10.40
C VAL C 558 -10.24 -38.75 -9.45
N LYS C 559 -10.05 -37.65 -8.73
CA LYS C 559 -11.06 -37.12 -7.79
C LYS C 559 -12.48 -36.87 -8.34
N ALA C 560 -12.59 -36.44 -9.59
CA ALA C 560 -13.92 -36.24 -10.17
C ALA C 560 -14.43 -37.45 -10.96
N LEU C 561 -13.57 -38.45 -11.23
CA LEU C 561 -14.04 -39.67 -11.88
C LEU C 561 -15.04 -40.33 -10.96
N PRO C 562 -16.27 -40.57 -11.45
CA PRO C 562 -17.19 -41.35 -10.63
C PRO C 562 -16.66 -42.77 -10.46
N VAL C 563 -16.84 -43.29 -9.26
CA VAL C 563 -16.21 -44.54 -8.91
C VAL C 563 -16.96 -45.74 -9.48
N THR C 564 -16.40 -46.31 -10.54
CA THR C 564 -17.00 -47.44 -11.23
C THR C 564 -16.46 -48.72 -10.58
N ASP C 565 -17.03 -49.88 -10.95
CA ASP C 565 -16.57 -51.21 -10.56
C ASP C 565 -15.08 -51.44 -10.88
N THR C 566 -14.66 -50.94 -12.03
CA THR C 566 -13.23 -51.04 -12.42
C THR C 566 -12.34 -50.16 -11.55
N LEU C 567 -12.74 -48.93 -11.34
CA LEU C 567 -11.95 -48.05 -10.50
C LEU C 567 -11.88 -48.58 -9.07
N ARG C 568 -13.00 -49.09 -8.57
CA ARG C 568 -13.09 -49.61 -7.20
C ARG C 568 -12.12 -50.80 -7.04
N ALA C 569 -12.17 -51.75 -7.99
CA ALA C 569 -11.23 -52.87 -7.97
C ALA C 569 -9.80 -52.40 -7.89
N ASP C 570 -9.44 -51.37 -8.66
CA ASP C 570 -8.08 -50.88 -8.72
C ASP C 570 -7.73 -50.11 -7.45
N TYR C 571 -8.63 -49.22 -7.01
CA TYR C 571 -8.45 -48.50 -5.72
C TYR C 571 -8.25 -49.52 -4.59
N SER C 572 -9.03 -50.58 -4.60
CA SER C 572 -8.95 -51.64 -3.61
C SER C 572 -7.59 -52.33 -3.66
N MET C 573 -7.14 -52.72 -4.86
CA MET C 573 -5.78 -53.27 -5.06
C MET C 573 -4.71 -52.32 -4.50
N LEU C 574 -4.83 -51.02 -4.75
CA LEU C 574 -3.80 -50.07 -4.28
C LEU C 574 -3.81 -49.91 -2.75
N LEU C 575 -5.01 -49.76 -2.16
CA LEU C 575 -5.12 -49.61 -0.70
C LEU C 575 -4.59 -50.84 -0.01
N SER C 576 -5.00 -52.02 -0.52
CA SER C 576 -4.48 -53.30 -0.02
C SER C 576 -2.95 -53.38 0.01
N ALA C 577 -2.34 -52.96 -1.09
CA ALA C 577 -0.89 -53.00 -1.20
C ALA C 577 -0.27 -52.00 -0.23
N TYR C 578 -0.86 -50.82 -0.11
CA TYR C 578 -0.40 -49.87 0.88
C TYR C 578 -0.48 -50.44 2.34
N ALA C 579 -1.65 -50.96 2.68
CA ALA C 579 -1.84 -51.50 4.04
C ALA C 579 -0.92 -52.72 4.32
N ASP C 580 -0.78 -53.62 3.33
N ASP C 580 -0.78 -53.62 3.33
CA ASP C 580 0.13 -54.77 3.46
CA ASP C 580 0.13 -54.78 3.43
C ASP C 580 1.54 -54.29 3.80
C ASP C 580 1.55 -54.31 3.78
N GLN C 581 2.02 -53.29 3.07
CA GLN C 581 3.37 -52.74 3.31
C GLN C 581 3.47 -52.12 4.72
N TYR C 582 2.46 -51.37 5.14
CA TYR C 582 2.50 -50.77 6.50
C TYR C 582 2.68 -51.89 7.57
N PHE C 583 1.84 -52.92 7.48
CA PHE C 583 1.83 -53.96 8.48
C PHE C 583 3.05 -54.86 8.42
N LYS C 584 3.46 -55.23 7.20
CA LYS C 584 4.74 -55.95 7.01
C LYS C 584 5.89 -55.30 7.74
N VAL C 585 6.03 -53.98 7.55
CA VAL C 585 7.15 -53.25 8.15
C VAL C 585 7.02 -53.17 9.66
N VAL C 586 5.83 -52.79 10.13
CA VAL C 586 5.66 -52.61 11.58
C VAL C 586 5.89 -53.99 12.22
N HIS C 587 5.23 -55.02 11.68
CA HIS C 587 5.33 -56.37 12.25
C HIS C 587 6.77 -56.83 12.25
N GLY C 588 7.48 -56.56 11.16
CA GLY C 588 8.85 -57.03 11.05
C GLY C 588 9.73 -56.38 12.10
N ALA C 589 9.50 -55.10 12.38
CA ALA C 589 10.31 -54.42 13.38
C ALA C 589 10.01 -54.94 14.80
N VAL C 590 8.73 -55.10 15.11
CA VAL C 590 8.32 -55.62 16.41
C VAL C 590 8.86 -57.06 16.58
N GLU C 591 8.74 -57.86 15.54
CA GLU C 591 9.26 -59.22 15.60
C GLU C 591 10.80 -59.25 15.79
N HIS C 592 11.49 -58.32 15.14
CA HIS C 592 12.95 -58.27 15.20
C HIS C 592 13.41 -58.02 16.62
N TYR C 593 12.85 -57.01 17.28
CA TYR C 593 13.32 -56.64 18.62
C TYR C 593 12.61 -57.39 19.76
N MET C 594 11.40 -57.90 19.52
CA MET C 594 10.62 -58.53 20.57
C MET C 594 10.01 -59.84 20.05
N PRO C 595 10.88 -60.82 19.71
CA PRO C 595 10.45 -62.00 19.00
C PRO C 595 9.45 -62.87 19.77
N ASN C 596 9.42 -62.77 21.09
CA ASN C 596 8.50 -63.56 21.91
C ASN C 596 7.11 -62.96 22.08
N HIS C 597 6.93 -61.69 21.71
CA HIS C 597 5.69 -61.00 22.10
C HIS C 597 4.65 -60.77 21.01
N LEU C 598 3.40 -60.65 21.44
CA LEU C 598 2.31 -60.46 20.50
C LEU C 598 2.32 -59.06 19.90
N TYR C 599 2.07 -58.98 18.58
CA TYR C 599 1.91 -57.66 17.97
C TYR C 599 0.41 -57.42 17.82
N LEU C 600 -0.05 -56.25 18.27
CA LEU C 600 -1.47 -56.05 18.49
C LEU C 600 -2.13 -55.12 17.49
N GLY C 601 -1.51 -54.84 16.33
CA GLY C 601 -2.22 -54.07 15.33
C GLY C 601 -2.11 -52.56 15.57
N ALA C 602 -3.04 -51.81 14.98
CA ALA C 602 -2.95 -50.34 14.91
C ALA C 602 -4.18 -49.57 15.45
N ARG C 603 -5.14 -50.26 16.02
CA ARG C 603 -6.30 -49.65 16.72
C ARG C 603 -7.18 -48.88 15.75
N PHE C 604 -7.91 -49.62 14.93
CA PHE C 604 -8.73 -49.00 13.93
C PHE C 604 -10.00 -48.39 14.55
N PRO C 605 -10.25 -47.09 14.34
CA PRO C 605 -11.52 -46.54 14.82
C PRO C 605 -12.62 -46.88 13.80
N ASP C 606 -13.89 -46.60 14.12
CA ASP C 606 -14.99 -46.86 13.16
C ASP C 606 -14.80 -46.10 11.83
N TRP C 607 -14.20 -44.92 11.88
CA TRP C 607 -13.96 -44.14 10.67
C TRP C 607 -12.64 -44.48 9.91
N GLY C 608 -11.98 -45.58 10.25
CA GLY C 608 -10.63 -45.83 9.74
C GLY C 608 -10.36 -47.32 9.64
N MET C 609 -11.41 -48.09 9.31
CA MET C 609 -11.29 -49.55 9.14
C MET C 609 -11.80 -50.07 7.76
N PRO C 610 -11.30 -49.50 6.64
CA PRO C 610 -11.71 -50.18 5.38
C PRO C 610 -11.31 -51.68 5.40
N MET C 611 -12.03 -52.52 4.68
CA MET C 611 -11.77 -53.98 4.76
C MET C 611 -10.39 -54.36 4.21
N GLU C 612 -9.91 -53.64 3.21
CA GLU C 612 -8.57 -53.89 2.69
C GLU C 612 -7.53 -53.80 3.80
N VAL C 613 -7.68 -52.78 4.65
CA VAL C 613 -6.75 -52.53 5.75
C VAL C 613 -6.91 -53.57 6.88
N VAL C 614 -8.15 -53.86 7.28
CA VAL C 614 -8.42 -54.90 8.27
C VAL C 614 -7.82 -56.25 7.79
N LYS C 615 -7.99 -56.60 6.52
CA LYS C 615 -7.45 -57.87 5.98
C LYS C 615 -5.91 -57.92 6.08
N ALA C 616 -5.26 -56.83 5.77
CA ALA C 616 -3.82 -56.63 5.98
C ALA C 616 -3.37 -56.83 7.43
N ALA C 617 -4.08 -56.22 8.38
CA ALA C 617 -3.80 -56.45 9.77
C ALA C 617 -3.99 -57.91 10.15
N ALA C 618 -4.99 -58.55 9.54
CA ALA C 618 -5.30 -59.93 9.88
C ALA C 618 -4.14 -60.83 9.46
N LYS C 619 -3.39 -60.40 8.44
CA LYS C 619 -2.23 -61.17 7.94
C LYS C 619 -1.00 -61.07 8.82
N TYR C 620 -0.73 -59.88 9.37
CA TYR C 620 0.50 -59.64 10.12
C TYR C 620 0.37 -59.58 11.64
N ALA C 621 -0.73 -59.03 12.15
CA ALA C 621 -0.90 -58.83 13.61
C ALA C 621 -1.30 -60.15 14.24
N ASP C 622 -0.92 -60.39 15.48
CA ASP C 622 -1.39 -61.56 16.20
C ASP C 622 -2.84 -61.38 16.63
N VAL C 623 -3.18 -60.15 16.93
CA VAL C 623 -4.48 -59.82 17.43
C VAL C 623 -4.82 -58.47 16.75
N VAL C 624 -6.00 -58.36 16.14
CA VAL C 624 -6.39 -57.13 15.43
C VAL C 624 -7.11 -56.24 16.42
N SER C 625 -6.71 -54.98 16.52
CA SER C 625 -7.25 -54.09 17.55
C SER C 625 -8.17 -53.08 16.91
N TYR C 626 -9.27 -52.75 17.58
CA TYR C 626 -10.26 -51.84 17.06
C TYR C 626 -10.64 -50.91 18.22
N ASN C 627 -10.84 -49.62 17.94
CA ASN C 627 -11.42 -48.72 18.95
C ASN C 627 -12.87 -48.54 18.57
N SER C 628 -13.81 -48.67 19.52
CA SER C 628 -15.22 -48.62 19.16
C SER C 628 -16.08 -47.93 20.22
N TYR C 629 -16.35 -46.64 19.98
CA TYR C 629 -17.11 -45.77 20.87
C TYR C 629 -18.59 -45.82 20.49
N LYS C 630 -19.25 -46.88 20.93
CA LYS C 630 -20.63 -47.15 20.64
C LYS C 630 -21.22 -47.75 21.94
N GLU C 631 -22.52 -48.04 21.94
CA GLU C 631 -23.16 -48.63 23.12
C GLU C 631 -22.84 -50.14 23.25
N GLY C 632 -22.30 -50.75 22.20
CA GLY C 632 -21.75 -52.12 22.29
C GLY C 632 -21.34 -52.54 20.89
N LEU C 633 -21.26 -53.86 20.65
CA LEU C 633 -20.85 -54.40 19.38
C LEU C 633 -22.04 -55.05 18.66
N PRO C 634 -22.75 -54.27 17.82
CA PRO C 634 -23.94 -54.83 17.17
C PRO C 634 -23.61 -55.98 16.22
N LYS C 635 -24.50 -56.96 16.17
CA LYS C 635 -24.30 -58.18 15.37
C LYS C 635 -23.80 -57.89 13.95
N GLN C 636 -24.55 -57.07 13.21
CA GLN C 636 -24.28 -56.90 11.80
C GLN C 636 -23.01 -56.09 11.57
N LYS C 637 -22.78 -55.08 12.40
CA LYS C 637 -21.53 -54.33 12.28
C LYS C 637 -20.31 -55.21 12.38
N TRP C 638 -20.38 -56.31 13.11
CA TRP C 638 -19.19 -57.09 13.40
C TRP C 638 -19.21 -58.49 12.76
N ALA C 639 -20.17 -58.71 11.86
CA ALA C 639 -20.27 -59.99 11.14
C ALA C 639 -18.99 -60.33 10.32
N PHE C 640 -18.33 -59.31 9.77
CA PHE C 640 -17.07 -59.53 9.03
C PHE C 640 -16.01 -60.27 9.89
N LEU C 641 -16.10 -60.27 11.23
CA LEU C 641 -15.07 -60.97 12.03
C LEU C 641 -14.96 -62.46 11.75
N ALA C 642 -16.10 -63.11 11.48
CA ALA C 642 -16.13 -64.58 11.26
C ALA C 642 -15.24 -64.97 10.07
N GLU C 643 -15.25 -64.16 9.04
CA GLU C 643 -14.53 -64.49 7.83
C GLU C 643 -13.03 -64.39 8.06
N LEU C 644 -12.58 -63.38 8.81
CA LEU C 644 -11.17 -63.31 9.22
C LEU C 644 -10.72 -64.39 10.19
N ASP C 645 -11.59 -64.80 11.11
CA ASP C 645 -11.25 -65.73 12.21
C ASP C 645 -9.98 -65.32 12.97
N LYS C 646 -9.85 -64.02 13.26
CA LYS C 646 -8.71 -63.54 14.04
C LYS C 646 -9.13 -63.15 15.47
N PRO C 647 -8.27 -63.47 16.46
CA PRO C 647 -8.53 -62.94 17.80
C PRO C 647 -8.46 -61.44 17.72
N SER C 648 -9.39 -60.76 18.39
CA SER C 648 -9.50 -59.32 18.25
C SER C 648 -9.52 -58.63 19.63
N ILE C 649 -9.23 -57.34 19.70
CA ILE C 649 -9.34 -56.70 21.02
C ILE C 649 -9.90 -55.31 20.80
N ILE C 650 -10.76 -54.89 21.74
CA ILE C 650 -11.23 -53.53 21.75
C ILE C 650 -10.20 -52.69 22.49
N GLY C 651 -9.61 -51.71 21.78
CA GLY C 651 -8.58 -50.84 22.38
C GLY C 651 -9.14 -49.71 23.26
N GLU C 652 -10.31 -49.21 22.92
CA GLU C 652 -11.00 -48.16 23.68
C GLU C 652 -12.53 -48.23 23.52
N PHE C 653 -13.21 -47.88 24.59
CA PHE C 653 -14.63 -47.52 24.57
C PHE C 653 -14.84 -46.72 25.87
N HIS C 654 -15.92 -45.95 25.93
CA HIS C 654 -16.28 -45.29 27.19
C HIS C 654 -17.73 -44.82 27.22
N ILE C 655 -18.20 -44.52 28.42
CA ILE C 655 -19.50 -43.90 28.63
C ILE C 655 -19.37 -42.81 29.69
N GLY C 656 -19.92 -41.63 29.41
CA GLY C 656 -19.77 -40.46 30.27
C GLY C 656 -21.12 -39.89 30.66
N ALA C 657 -21.14 -39.05 31.67
CA ALA C 657 -22.37 -38.38 32.11
C ALA C 657 -22.04 -36.99 32.62
N MET C 658 -23.07 -36.16 32.82
CA MET C 658 -22.79 -34.82 33.22
C MET C 658 -23.26 -34.48 34.65
N ASP C 659 -23.45 -35.49 35.49
CA ASP C 659 -23.92 -35.23 36.86
C ASP C 659 -22.76 -35.10 37.84
N HIS C 660 -21.54 -35.07 37.34
CA HIS C 660 -20.44 -34.95 38.28
C HIS C 660 -19.57 -33.76 37.87
N GLY C 661 -20.24 -32.72 37.36
CA GLY C 661 -19.59 -31.43 37.05
C GLY C 661 -19.02 -31.24 35.65
N SER C 662 -18.97 -32.29 34.84
CA SER C 662 -18.33 -32.18 33.54
C SER C 662 -19.23 -31.41 32.51
N TYR C 663 -18.59 -30.68 31.63
CA TYR C 663 -19.33 -30.00 30.58
C TYR C 663 -19.56 -30.92 29.36
N HIS C 664 -18.90 -32.07 29.35
CA HIS C 664 -18.96 -32.98 28.22
C HIS C 664 -18.84 -34.43 28.73
N PRO C 665 -19.81 -35.25 28.36
CA PRO C 665 -19.74 -36.60 28.86
C PRO C 665 -18.65 -37.42 28.16
N GLY C 666 -18.35 -37.13 26.89
CA GLY C 666 -17.46 -37.99 26.10
C GLY C 666 -18.22 -38.38 24.85
N LEU C 667 -17.88 -39.53 24.25
CA LEU C 667 -18.37 -39.90 22.94
C LEU C 667 -19.73 -40.62 23.05
N ILE C 668 -19.89 -41.38 24.14
CA ILE C 668 -21.10 -42.12 24.40
C ILE C 668 -21.67 -41.61 25.73
N HIS C 669 -22.99 -41.41 25.77
CA HIS C 669 -23.63 -40.62 26.81
C HIS C 669 -24.60 -41.43 27.65
N ALA C 670 -24.52 -41.20 28.96
CA ALA C 670 -25.41 -41.84 29.99
C ALA C 670 -26.18 -40.78 30.72
N ALA C 671 -27.32 -41.15 31.31
CA ALA C 671 -28.17 -40.20 32.06
C ALA C 671 -27.55 -39.82 33.40
N SER C 672 -26.62 -40.63 33.90
CA SER C 672 -26.16 -40.46 35.29
C SER C 672 -25.00 -41.43 35.57
N GLN C 673 -24.32 -41.23 36.70
CA GLN C 673 -23.25 -42.17 37.13
C GLN C 673 -23.73 -43.61 37.15
N ALA C 674 -24.94 -43.86 37.68
CA ALA C 674 -25.48 -45.23 37.70
C ALA C 674 -25.70 -45.80 36.30
N ASP C 675 -26.22 -44.96 35.42
CA ASP C 675 -26.49 -45.34 34.05
C ASP C 675 -25.18 -45.59 33.28
N ARG C 676 -24.12 -44.83 33.59
CA ARG C 676 -22.76 -45.15 33.10
C ARG C 676 -22.40 -46.61 33.40
N GLY C 677 -22.61 -47.05 34.63
CA GLY C 677 -22.26 -48.43 35.03
C GLY C 677 -23.13 -49.43 34.31
N GLU C 678 -24.41 -49.14 34.20
CA GLU C 678 -25.31 -50.03 33.45
C GLU C 678 -24.87 -50.17 31.99
N MET C 679 -24.57 -49.05 31.37
CA MET C 679 -24.14 -49.08 29.97
C MET C 679 -22.77 -49.76 29.80
N TYR C 680 -21.90 -49.64 30.80
CA TYR C 680 -20.62 -50.34 30.80
C TYR C 680 -20.87 -51.85 30.76
N LYS C 681 -21.76 -52.29 31.64
CA LYS C 681 -22.11 -53.73 31.68
C LYS C 681 -22.70 -54.21 30.35
N ASP C 682 -23.54 -53.38 29.73
CA ASP C 682 -24.10 -53.71 28.42
C ASP C 682 -22.97 -53.84 27.37
N TYR C 683 -22.02 -52.91 27.38
CA TYR C 683 -20.95 -52.93 26.38
C TYR C 683 -20.12 -54.20 26.56
N MET C 684 -19.69 -54.44 27.81
CA MET C 684 -18.79 -55.52 28.07
C MET C 684 -19.48 -56.84 27.74
N GLN C 685 -20.80 -56.94 27.99
CA GLN C 685 -21.50 -58.20 27.70
C GLN C 685 -21.42 -58.49 26.20
N SER C 686 -21.59 -57.47 25.36
CA SER C 686 -21.52 -57.75 23.93
C SER C 686 -20.12 -58.15 23.49
N VAL C 687 -19.08 -57.67 24.19
CA VAL C 687 -17.70 -58.10 23.93
C VAL C 687 -17.51 -59.54 24.34
N ILE C 688 -17.92 -59.84 25.58
CA ILE C 688 -17.80 -61.17 26.16
C ILE C 688 -18.54 -62.21 25.32
N ASP C 689 -19.71 -61.86 24.77
CA ASP C 689 -20.51 -62.78 23.95
C ASP C 689 -19.92 -62.94 22.58
N ASN C 690 -19.05 -62.03 22.15
CA ASN C 690 -18.46 -62.18 20.82
C ASN C 690 -17.30 -63.18 20.81
N PRO C 691 -17.43 -64.26 20.04
CA PRO C 691 -16.40 -65.29 20.08
C PRO C 691 -15.00 -64.83 19.59
N TYR C 692 -14.92 -63.72 18.83
CA TYR C 692 -13.63 -63.25 18.28
C TYR C 692 -12.84 -62.31 19.18
N PHE C 693 -13.42 -61.78 20.26
CA PHE C 693 -12.67 -60.84 21.11
C PHE C 693 -12.01 -61.49 22.30
N VAL C 694 -10.78 -61.09 22.59
CA VAL C 694 -10.00 -61.65 23.70
C VAL C 694 -9.80 -60.60 24.79
N GLY C 695 -10.45 -59.45 24.63
CA GLY C 695 -10.37 -58.40 25.66
C GLY C 695 -11.04 -57.10 25.22
N ALA C 696 -11.11 -56.15 26.15
CA ALA C 696 -11.57 -54.82 25.86
C ALA C 696 -10.97 -53.89 26.92
N HIS C 697 -10.39 -52.79 26.45
CA HIS C 697 -9.87 -51.78 27.34
C HIS C 697 -10.73 -50.50 27.30
N TRP C 698 -10.96 -49.93 28.47
CA TRP C 698 -11.72 -48.72 28.60
C TRP C 698 -10.81 -47.47 28.52
N PHE C 699 -11.24 -46.46 27.78
CA PHE C 699 -10.51 -45.18 27.69
C PHE C 699 -11.27 -44.15 28.54
N GLN C 700 -10.81 -43.79 29.74
CA GLN C 700 -9.44 -43.99 30.23
C GLN C 700 -9.48 -44.01 31.76
N TYR C 701 -8.30 -44.12 32.37
CA TYR C 701 -8.21 -44.21 33.84
C TYR C 701 -8.90 -43.03 34.54
N MET C 702 -8.53 -41.81 34.14
CA MET C 702 -8.96 -40.59 34.80
C MET C 702 -9.87 -39.77 33.88
N ASP C 703 -10.74 -38.94 34.45
CA ASP C 703 -11.47 -37.90 33.66
C ASP C 703 -10.48 -37.02 32.94
N SER C 704 -10.84 -36.57 31.73
CA SER C 704 -10.01 -35.52 31.19
C SER C 704 -10.28 -34.17 31.92
N PRO C 705 -9.31 -33.24 31.89
CA PRO C 705 -9.59 -32.00 32.66
C PRO C 705 -10.90 -31.36 32.26
N LEU C 706 -11.50 -30.67 33.23
CA LEU C 706 -12.72 -29.88 32.99
C LEU C 706 -12.58 -28.90 31.82
N THR C 707 -11.41 -28.30 31.72
CA THR C 707 -11.17 -27.28 30.71
C THR C 707 -10.39 -27.84 29.49
N GLY C 708 -10.35 -29.17 29.36
CA GLY C 708 -9.83 -29.82 28.15
C GLY C 708 -8.36 -30.23 28.36
N ARG C 709 -8.00 -31.45 27.95
CA ARG C 709 -6.59 -31.85 27.97
C ARG C 709 -5.84 -30.95 26.99
N ALA C 710 -4.56 -30.74 27.28
CA ALA C 710 -3.77 -29.74 26.56
C ALA C 710 -3.67 -30.02 25.08
N TYR C 711 -3.69 -31.30 24.73
CA TYR C 711 -3.40 -31.70 23.35
C TYR C 711 -4.47 -31.20 22.35
N ASP C 712 -5.76 -31.23 22.73
CA ASP C 712 -6.82 -31.00 21.75
C ASP C 712 -8.15 -30.63 22.38
N GLY C 713 -8.21 -30.41 23.68
CA GLY C 713 -9.46 -29.88 24.26
C GLY C 713 -10.50 -30.88 24.72
N GLU C 714 -10.23 -32.18 24.55
CA GLU C 714 -11.17 -33.18 25.05
C GLU C 714 -11.34 -32.95 26.56
N ASN C 715 -12.61 -32.88 27.01
CA ASN C 715 -12.92 -32.50 28.36
C ASN C 715 -14.02 -33.39 28.93
N TYR C 716 -13.80 -34.69 28.87
CA TYR C 716 -14.80 -35.71 29.09
C TYR C 716 -14.84 -36.41 30.48
N ASN C 717 -16.06 -36.76 30.88
CA ASN C 717 -16.26 -37.66 32.03
C ASN C 717 -16.02 -39.12 31.63
N VAL C 718 -14.76 -39.46 31.39
CA VAL C 718 -14.41 -40.82 30.94
C VAL C 718 -13.52 -41.60 31.90
N GLY C 719 -13.41 -41.13 33.12
CA GLY C 719 -12.53 -41.82 34.06
C GLY C 719 -13.25 -42.84 34.90
N PHE C 720 -12.49 -43.80 35.44
CA PHE C 720 -12.89 -44.56 36.62
C PHE C 720 -12.63 -43.71 37.89
N VAL C 721 -11.76 -42.72 37.79
CA VAL C 721 -11.54 -41.74 38.92
C VAL C 721 -11.74 -40.33 38.37
N ASP C 722 -12.08 -39.35 39.22
CA ASP C 722 -12.27 -37.96 38.82
C ASP C 722 -10.99 -37.18 39.08
N VAL C 723 -11.03 -35.85 38.92
CA VAL C 723 -9.81 -35.04 39.03
C VAL C 723 -9.15 -35.11 40.41
N THR C 724 -9.91 -35.51 41.43
CA THR C 724 -9.38 -35.54 42.81
C THR C 724 -8.84 -36.95 43.09
N ASP C 725 -8.87 -37.83 42.09
CA ASP C 725 -8.32 -39.21 42.23
C ASP C 725 -9.21 -40.04 43.10
N THR C 726 -10.51 -39.73 43.08
CA THR C 726 -11.49 -40.45 43.82
C THR C 726 -12.28 -41.35 42.84
N PRO C 727 -12.36 -42.68 43.11
CA PRO C 727 -13.07 -43.55 42.17
C PRO C 727 -14.57 -43.27 42.05
N TYR C 728 -15.08 -43.50 40.86
CA TYR C 728 -16.53 -43.51 40.63
C TYR C 728 -16.99 -44.88 41.04
N GLN C 729 -17.64 -44.99 42.19
CA GLN C 729 -18.11 -46.26 42.75
C GLN C 729 -19.04 -47.03 41.83
N GLU C 730 -19.86 -46.32 41.07
CA GLU C 730 -20.78 -46.99 40.13
C GLU C 730 -19.98 -47.71 39.07
N MET C 731 -18.90 -47.08 38.59
CA MET C 731 -18.00 -47.71 37.61
C MET C 731 -17.24 -48.87 38.27
N VAL C 732 -16.71 -48.66 39.49
CA VAL C 732 -16.07 -49.75 40.25
C VAL C 732 -16.94 -51.00 40.36
N ASP C 733 -18.19 -50.85 40.83
CA ASP C 733 -19.11 -51.98 40.99
C ASP C 733 -19.35 -52.66 39.65
N ALA C 734 -19.60 -51.84 38.63
CA ALA C 734 -19.82 -52.34 37.25
C ALA C 734 -18.64 -53.18 36.78
N ALA C 735 -17.44 -52.66 36.98
CA ALA C 735 -16.28 -53.42 36.52
C ALA C 735 -16.14 -54.72 37.33
N LYS C 736 -16.44 -54.68 38.64
CA LYS C 736 -16.35 -55.90 39.48
C LYS C 736 -17.32 -56.93 38.99
N GLU C 737 -18.55 -56.52 38.65
CA GLU C 737 -19.55 -57.47 38.17
C GLU C 737 -19.09 -58.07 36.85
N VAL C 738 -18.61 -57.24 35.94
CA VAL C 738 -18.09 -57.82 34.66
C VAL C 738 -16.90 -58.76 34.86
N ASN C 739 -15.86 -58.28 35.55
CA ASN C 739 -14.63 -59.03 35.80
C ASN C 739 -14.80 -60.34 36.57
N ALA C 740 -15.80 -60.36 37.48
CA ALA C 740 -16.17 -61.58 38.21
C ALA C 740 -16.63 -62.69 37.28
N LYS C 741 -17.04 -62.38 36.05
CA LYS C 741 -17.59 -63.42 35.21
C LYS C 741 -16.98 -63.61 33.81
N ILE C 742 -15.94 -62.85 33.48
CA ILE C 742 -15.32 -62.98 32.15
C ILE C 742 -14.92 -64.43 31.83
N TYR C 743 -14.33 -65.13 32.78
CA TYR C 743 -13.88 -66.47 32.51
C TYR C 743 -15.03 -67.48 32.49
N THR C 744 -15.93 -67.42 33.49
CA THR C 744 -17.07 -68.37 33.52
C THR C 744 -17.93 -68.22 32.26
N GLU C 745 -18.15 -66.99 31.85
CA GLU C 745 -18.87 -66.71 30.63
C GLU C 745 -18.19 -67.24 29.37
N ARG C 746 -16.86 -67.08 29.25
CA ARG C 746 -16.19 -67.48 28.01
C ARG C 746 -15.97 -68.98 27.94
N LEU C 747 -15.64 -69.60 29.06
CA LEU C 747 -15.16 -70.99 29.10
C LEU C 747 -16.23 -72.01 29.57
N GLY C 748 -17.42 -71.51 29.92
CA GLY C 748 -18.56 -72.38 30.24
C GLY C 748 -19.17 -73.00 28.97
N GLY D 1 -7.50 55.09 52.69
CA GLY D 1 -6.05 55.14 52.29
C GLY D 1 -5.22 54.23 53.16
N SER D 2 -5.73 53.01 53.38
CA SER D 2 -5.31 52.14 54.50
C SER D 2 -3.94 51.44 54.36
N HIS D 3 -3.49 51.16 53.13
CA HIS D 3 -2.18 50.52 52.94
C HIS D 3 -1.35 51.19 51.80
N MET D 4 -0.37 52.01 52.18
CA MET D 4 0.41 52.76 51.20
C MET D 4 1.50 51.84 50.67
N LEU D 5 1.64 51.74 49.34
CA LEU D 5 2.71 50.97 48.73
C LEU D 5 3.88 51.82 48.28
N PHE D 6 3.61 52.95 47.61
CA PHE D 6 4.68 53.80 47.08
C PHE D 6 4.23 55.22 47.12
N ASP D 7 4.93 56.02 47.93
CA ASP D 7 4.66 57.47 47.93
C ASP D 7 5.86 58.25 47.45
N PHE D 8 6.96 57.53 47.19
CA PHE D 8 8.17 58.06 46.57
C PHE D 8 8.88 59.15 47.38
N GLU D 9 8.50 59.26 48.64
CA GLU D 9 8.95 60.39 49.46
C GLU D 9 10.42 60.30 49.87
N ASN D 10 10.98 59.09 49.82
CA ASN D 10 12.40 58.92 50.08
C ASN D 10 13.29 59.30 48.88
N ASP D 11 12.68 59.79 47.80
CA ASP D 11 13.47 60.49 46.78
C ASP D 11 14.34 59.57 45.92
N GLN D 12 14.25 58.27 46.15
CA GLN D 12 14.91 57.27 45.32
C GLN D 12 13.84 56.44 44.58
N VAL D 13 14.15 56.04 43.36
CA VAL D 13 13.29 55.20 42.53
C VAL D 13 13.30 53.76 43.11
N PRO D 14 12.16 53.25 43.62
CA PRO D 14 12.21 51.89 44.20
C PRO D 14 12.73 50.84 43.21
N SER D 15 13.55 49.93 43.70
CA SER D 15 14.24 48.99 42.80
C SER D 15 13.28 47.87 42.35
N ASN D 16 12.20 47.75 43.11
CA ASN D 16 10.97 47.01 42.80
C ASN D 16 10.30 47.34 41.45
N ILE D 17 10.61 48.50 40.89
CA ILE D 17 9.88 48.99 39.73
C ILE D 17 10.78 48.95 38.50
N HIS D 18 10.37 48.24 37.46
CA HIS D 18 11.21 48.11 36.24
C HIS D 18 10.63 48.96 35.09
N PHE D 19 11.50 49.56 34.29
CA PHE D 19 11.05 50.49 33.26
C PHE D 19 11.37 49.93 31.88
N LEU D 20 10.45 50.10 30.95
CA LEU D 20 10.65 49.66 29.57
C LEU D 20 10.53 50.87 28.66
N ASN D 21 11.60 51.13 27.90
CA ASN D 21 11.66 52.30 26.99
C ASN D 21 11.10 53.57 27.55
N ALA D 22 11.45 53.82 28.80
CA ALA D 22 10.96 54.97 29.55
C ALA D 22 12.04 55.52 30.49
N ARG D 23 12.06 56.84 30.72
CA ARG D 23 13.00 57.42 31.71
C ARG D 23 12.23 57.82 33.00
N ALA D 24 12.70 57.33 34.14
CA ALA D 24 12.07 57.59 35.44
C ALA D 24 12.92 58.50 36.34
N SER D 25 12.26 59.35 37.12
CA SER D 25 12.93 60.21 38.10
C SER D 25 11.90 60.65 39.14
N ILE D 26 12.38 61.11 40.30
CA ILE D 26 11.46 61.52 41.36
C ILE D 26 11.48 63.03 41.35
N GLU D 27 10.32 63.67 41.32
CA GLU D 27 10.26 65.12 41.19
C GLU D 27 9.24 65.69 42.14
N THR D 28 9.42 66.94 42.59
CA THR D 28 8.37 67.61 43.35
C THR D 28 7.30 68.13 42.41
N TYR D 29 6.04 68.01 42.79
CA TYR D 29 4.97 68.45 41.90
C TYR D 29 3.86 68.82 42.88
N THR D 30 2.79 69.41 42.35
CA THR D 30 1.63 69.82 43.11
C THR D 30 0.64 68.67 43.36
N GLY D 31 0.60 68.19 44.60
CA GLY D 31 -0.27 67.09 45.00
C GLY D 31 -1.74 67.45 44.76
N ILE D 32 -2.61 66.44 44.80
CA ILE D 32 -4.05 66.66 44.70
C ILE D 32 -4.55 67.68 45.74
N ASN D 33 -3.96 67.64 46.94
CA ASN D 33 -4.41 68.46 48.06
C ASN D 33 -3.72 69.86 48.06
N GLY D 34 -2.98 70.15 46.99
CA GLY D 34 -2.30 71.45 46.83
C GLY D 34 -0.97 71.57 47.56
N GLU D 35 -0.56 70.51 48.28
CA GLU D 35 0.75 70.50 48.95
C GLU D 35 1.83 69.96 48.00
N PRO D 36 3.08 70.49 48.10
CA PRO D 36 4.19 69.89 47.36
C PRO D 36 4.26 68.41 47.73
N SER D 37 4.50 67.56 46.74
CA SER D 37 4.74 66.15 47.04
C SER D 37 5.77 65.58 46.09
N LYS D 38 6.45 64.52 46.51
CA LYS D 38 7.39 63.79 45.61
C LYS D 38 6.61 62.75 44.79
N GLY D 39 6.84 62.79 43.48
CA GLY D 39 6.26 61.81 42.55
C GLY D 39 7.23 61.21 41.53
N LEU D 40 6.82 60.08 40.98
CA LEU D 40 7.55 59.41 39.94
C LEU D 40 7.09 59.99 38.61
N LYS D 41 7.97 60.76 38.00
CA LYS D 41 7.82 61.19 36.62
C LYS D 41 8.33 60.09 35.67
N LEU D 42 7.47 59.70 34.74
CA LEU D 42 7.81 58.67 33.81
C LEU D 42 7.68 59.29 32.42
N ALA D 43 8.81 59.40 31.72
CA ALA D 43 8.80 60.02 30.40
C ALA D 43 8.96 58.86 29.46
N MET D 44 7.93 58.56 28.72
CA MET D 44 7.93 57.34 27.95
C MET D 44 8.34 57.71 26.52
N GLN D 45 9.33 56.99 25.97
CA GLN D 45 9.77 57.12 24.58
C GLN D 45 8.80 56.34 23.66
N SER D 46 7.52 56.68 23.74
CA SER D 46 6.47 56.00 23.00
C SER D 46 6.30 56.46 21.54
N LYS D 47 6.93 57.55 21.12
CA LYS D 47 6.98 57.81 19.67
C LYS D 47 7.86 56.77 18.95
N GLN D 48 9.05 56.55 19.48
CA GLN D 48 9.98 55.60 18.93
C GLN D 48 9.60 54.13 19.19
N HIS D 49 9.01 53.83 20.35
CA HIS D 49 8.80 52.45 20.79
C HIS D 49 7.33 52.13 20.97
N SER D 50 6.94 50.92 20.56
CA SER D 50 5.52 50.60 20.51
C SER D 50 5.05 50.01 21.85
N TYR D 51 6.00 49.60 22.69
CA TYR D 51 5.69 49.26 24.07
C TYR D 51 6.59 50.10 25.01
N THR D 52 5.97 50.83 25.93
CA THR D 52 6.70 51.62 26.97
C THR D 52 5.92 51.55 28.26
N GLY D 53 6.60 51.75 29.40
CA GLY D 53 5.88 51.88 30.67
C GLY D 53 6.67 51.38 31.86
N LEU D 54 5.95 51.03 32.92
CA LEU D 54 6.61 50.55 34.13
C LEU D 54 6.00 49.24 34.60
N ALA D 55 6.77 48.44 35.33
CA ALA D 55 6.24 47.22 35.89
C ALA D 55 6.72 47.07 37.35
N ILE D 56 5.76 46.99 38.28
CA ILE D 56 6.11 46.80 39.67
C ILE D 56 6.14 45.28 39.90
N VAL D 57 7.30 44.75 40.27
CA VAL D 57 7.52 43.26 40.41
C VAL D 57 8.12 42.98 41.78
N PRO D 58 7.27 42.63 42.77
CA PRO D 58 7.86 42.45 44.10
C PRO D 58 8.73 41.18 44.14
N GLU D 59 9.67 41.14 45.09
CA GLU D 59 10.60 40.02 45.25
C GLU D 59 9.83 38.70 45.33
N GLN D 60 8.90 38.63 46.28
CA GLN D 60 7.92 37.57 46.35
C GLN D 60 6.50 38.17 46.14
N PRO D 61 5.62 37.43 45.43
CA PRO D 61 4.27 37.95 45.16
C PRO D 61 3.60 38.50 46.41
N TRP D 62 2.95 39.67 46.31
CA TRP D 62 2.23 40.21 47.46
C TRP D 62 1.05 39.38 47.87
N ASP D 63 0.87 39.22 49.18
CA ASP D 63 -0.29 38.56 49.71
C ASP D 63 -1.30 39.56 50.20
N TRP D 64 -2.33 39.80 49.39
CA TRP D 64 -3.39 40.75 49.72
C TRP D 64 -4.74 40.08 49.97
N SER D 65 -4.69 38.79 50.25
CA SER D 65 -5.89 37.99 50.53
C SER D 65 -6.73 38.55 51.67
N GLU D 66 -6.12 39.40 52.49
CA GLU D 66 -6.88 40.14 53.51
C GLU D 66 -7.90 41.11 52.90
N PHE D 67 -7.63 41.63 51.68
CA PHE D 67 -8.51 42.67 51.12
C PHE D 67 -9.63 42.09 50.30
N THR D 68 -10.71 41.76 50.99
CA THR D 68 -11.81 41.07 50.37
C THR D 68 -12.77 42.02 49.67
N SER D 69 -12.62 43.33 49.91
CA SER D 69 -13.35 44.36 49.13
C SER D 69 -12.52 45.66 49.08
N ALA D 70 -11.68 45.77 48.04
CA ALA D 70 -10.63 46.79 47.98
C ALA D 70 -10.25 47.08 46.56
N SER D 71 -9.58 48.21 46.39
CA SER D 71 -9.14 48.67 45.10
C SER D 71 -7.71 49.14 45.24
N LEU D 72 -6.97 49.05 44.16
CA LEU D 72 -5.66 49.64 44.01
C LEU D 72 -5.79 51.08 43.46
N TYR D 73 -5.14 52.05 44.10
CA TYR D 73 -5.20 53.46 43.67
C TYR D 73 -3.85 53.98 43.24
N PHE D 74 -3.88 54.88 42.25
CA PHE D 74 -2.74 55.69 41.79
C PHE D 74 -3.22 57.11 41.62
N ASP D 75 -2.35 58.06 41.93
CA ASP D 75 -2.55 59.43 41.52
C ASP D 75 -1.71 59.59 40.25
N ILE D 76 -2.34 60.11 39.19
CA ILE D 76 -1.69 60.18 37.89
C ILE D 76 -2.15 61.48 37.25
N VAL D 77 -1.22 62.10 36.53
CA VAL D 77 -1.48 63.23 35.64
C VAL D 77 -0.50 63.12 34.44
N SER D 78 -0.93 63.53 33.24
CA SER D 78 -0.05 63.64 32.10
C SER D 78 0.61 65.03 32.17
N VAL D 79 1.82 65.12 31.59
CA VAL D 79 2.62 66.35 31.51
C VAL D 79 2.85 66.59 30.02
N GLY D 80 2.85 67.86 29.60
CA GLY D 80 3.14 68.20 28.19
C GLY D 80 1.92 68.38 27.29
N ASP D 81 2.05 67.96 26.05
CA ASP D 81 1.07 68.36 25.03
C ASP D 81 0.01 67.34 24.79
N HIS D 82 0.19 66.12 25.32
CA HIS D 82 -0.67 64.99 24.96
C HIS D 82 -1.26 64.29 26.18
N SER D 83 -2.54 63.92 26.06
CA SER D 83 -3.12 62.97 27.01
C SER D 83 -2.49 61.59 26.87
N THR D 84 -2.74 60.73 27.83
CA THR D 84 -2.08 59.43 27.88
C THR D 84 -3.06 58.31 28.17
N GLN D 85 -3.07 57.29 27.34
CA GLN D 85 -3.94 56.16 27.65
C GLN D 85 -3.07 55.08 28.30
N PHE D 86 -3.29 54.83 29.60
CA PHE D 86 -2.55 53.78 30.28
C PHE D 86 -3.31 52.50 30.19
N TYR D 87 -2.60 51.42 29.93
CA TYR D 87 -3.14 50.09 30.12
C TYR D 87 -2.64 49.63 31.48
N LEU D 88 -3.56 49.27 32.36
CA LEU D 88 -3.20 48.66 33.61
C LEU D 88 -3.35 47.13 33.47
N ASP D 89 -2.24 46.41 33.58
CA ASP D 89 -2.28 44.94 33.62
C ASP D 89 -1.82 44.44 34.96
N VAL D 90 -2.70 43.69 35.63
CA VAL D 90 -2.39 43.10 36.94
C VAL D 90 -2.35 41.58 36.83
N THR D 91 -1.20 41.00 37.19
CA THR D 91 -0.95 39.57 37.03
C THR D 91 -0.77 38.88 38.36
N ASP D 92 -1.43 37.73 38.56
CA ASP D 92 -1.16 36.96 39.78
C ASP D 92 -0.12 35.84 39.64
N GLN D 93 0.19 35.19 40.75
CA GLN D 93 1.20 34.12 40.81
C GLN D 93 0.87 32.91 39.94
N ASN D 94 -0.40 32.75 39.57
CA ASN D 94 -0.79 31.67 38.65
C ASN D 94 -0.71 32.12 37.20
N GLY D 95 -0.36 33.39 36.98
CA GLY D 95 -0.26 33.92 35.61
C GLY D 95 -1.61 34.39 35.10
N ALA D 96 -2.63 34.47 35.97
CA ALA D 96 -3.91 35.08 35.59
C ALA D 96 -3.72 36.60 35.47
N VAL D 97 -4.36 37.22 34.47
CA VAL D 97 -4.21 38.66 34.23
C VAL D 97 -5.53 39.32 33.98
N PHE D 98 -5.70 40.54 34.51
CA PHE D 98 -6.78 41.39 34.04
C PHE D 98 -6.20 42.67 33.46
N THR D 99 -6.97 43.29 32.57
CA THR D 99 -6.60 44.56 31.93
C THR D 99 -7.71 45.58 32.12
N ARG D 100 -7.34 46.73 32.66
CA ARG D 100 -8.20 47.90 32.62
C ARG D 100 -7.46 49.04 31.96
N SER D 101 -8.17 50.08 31.58
CA SER D 101 -7.50 51.18 30.91
C SER D 101 -8.28 52.46 31.12
N ILE D 102 -7.63 53.61 30.94
CA ILE D 102 -8.31 54.92 31.10
C ILE D 102 -7.43 56.01 30.49
N ASP D 103 -8.04 57.13 30.09
CA ASP D 103 -7.30 58.31 29.65
C ASP D 103 -6.69 59.02 30.88
N ILE D 104 -5.54 59.64 30.73
CA ILE D 104 -4.96 60.48 31.79
C ILE D 104 -4.74 61.87 31.17
N PRO D 105 -5.60 62.83 31.50
CA PRO D 105 -5.44 64.18 30.91
C PRO D 105 -4.28 64.94 31.49
N VAL D 106 -3.82 65.92 30.73
CA VAL D 106 -2.90 66.93 31.26
C VAL D 106 -3.74 67.78 32.24
N GLY D 107 -3.12 68.43 33.21
CA GLY D 107 -3.91 69.28 34.10
C GLY D 107 -3.61 68.95 35.53
N LYS D 108 -4.64 68.91 36.38
CA LYS D 108 -4.42 68.63 37.81
C LYS D 108 -4.38 67.13 38.09
N MET D 109 -3.59 66.76 39.08
CA MET D 109 -3.50 65.38 39.57
C MET D 109 -4.90 64.85 39.96
N GLN D 110 -5.19 63.60 39.62
CA GLN D 110 -6.43 62.95 40.06
C GLN D 110 -6.09 61.55 40.53
N SER D 111 -6.97 60.97 41.34
CA SER D 111 -6.78 59.57 41.74
C SER D 111 -7.58 58.64 40.89
N TYR D 112 -6.97 57.49 40.60
CA TYR D 112 -7.58 56.45 39.74
C TYR D 112 -7.59 55.15 40.53
N TYR D 113 -8.60 54.30 40.34
CA TYR D 113 -8.57 53.05 41.08
C TYR D 113 -8.98 51.85 40.23
N ALA D 114 -8.43 50.69 40.57
CA ALA D 114 -8.74 49.42 39.94
C ALA D 114 -9.21 48.46 41.01
N LYS D 115 -10.46 48.01 40.97
CA LYS D 115 -10.97 47.09 42.00
C LYS D 115 -10.19 45.79 41.99
N LEU D 116 -9.80 45.34 43.19
CA LEU D 116 -9.17 44.04 43.40
C LEU D 116 -10.19 42.96 43.75
N SER D 117 -11.28 43.37 44.38
CA SER D 117 -12.28 42.45 44.94
C SER D 117 -13.48 43.27 45.30
N GLY D 118 -14.63 42.59 45.42
CA GLY D 118 -15.82 43.18 46.03
C GLY D 118 -16.73 43.84 45.02
N HIS D 119 -17.87 44.32 45.51
CA HIS D 119 -18.82 45.08 44.69
C HIS D 119 -19.10 44.30 43.39
N ASP D 120 -18.84 44.90 42.24
CA ASP D 120 -19.28 44.28 40.98
C ASP D 120 -18.31 43.21 40.47
N LEU D 121 -17.23 42.95 41.20
CA LEU D 121 -16.44 41.76 40.93
C LEU D 121 -17.01 40.46 41.56
N GLU D 122 -18.09 40.54 42.36
CA GLU D 122 -18.77 39.33 42.88
C GLU D 122 -19.95 38.95 42.00
N ASP D 131 -17.45 36.09 28.01
CA ASP D 131 -18.16 37.22 28.60
C ASP D 131 -17.22 38.23 29.19
N LEU D 132 -16.80 39.19 28.37
CA LEU D 132 -15.92 40.28 28.87
C LEU D 132 -16.74 41.39 29.55
N ASN D 133 -18.05 41.19 29.73
CA ASN D 133 -18.86 42.13 30.50
C ASN D 133 -18.86 41.83 31.99
N LEU D 134 -19.10 42.84 32.80
CA LEU D 134 -19.58 42.63 34.16
C LEU D 134 -21.05 42.06 34.13
N ALA D 135 -21.55 41.57 35.27
CA ALA D 135 -22.87 40.87 35.33
C ALA D 135 -24.07 41.69 34.78
N SER D 136 -23.93 43.02 34.86
CA SER D 136 -24.88 43.98 34.28
C SER D 136 -25.12 43.85 32.77
N GLY D 137 -24.18 43.25 32.06
CA GLY D 137 -24.28 43.24 30.60
C GLY D 137 -23.70 44.50 29.98
N LEU D 138 -23.01 45.31 30.79
CA LEU D 138 -22.23 46.42 30.26
C LEU D 138 -20.75 45.99 30.22
N ARG D 139 -20.00 46.48 29.23
CA ARG D 139 -18.59 46.14 29.15
C ARG D 139 -17.86 46.75 30.33
N SER D 140 -18.22 47.99 30.69
CA SER D 140 -17.81 48.57 31.94
C SER D 140 -18.98 49.33 32.60
N ASN D 141 -19.08 49.22 33.93
CA ASN D 141 -20.21 49.71 34.73
C ASN D 141 -20.05 51.12 35.20
N PRO D 142 -21.16 51.78 35.58
CA PRO D 142 -20.93 53.01 36.35
C PRO D 142 -20.20 52.64 37.64
N PRO D 143 -19.61 53.61 38.33
CA PRO D 143 -18.93 53.36 39.60
C PRO D 143 -19.92 52.85 40.65
N THR D 144 -19.44 52.06 41.61
CA THR D 144 -20.32 51.47 42.62
C THR D 144 -20.33 52.32 43.89
N TRP D 145 -19.64 53.46 43.84
CA TRP D 145 -19.81 54.50 44.85
C TRP D 145 -19.52 55.79 44.19
N THR D 146 -19.89 56.89 44.85
CA THR D 146 -19.72 58.25 44.35
C THR D 146 -18.45 58.84 44.96
N SER D 147 -17.60 59.43 44.12
CA SER D 147 -16.40 60.18 44.58
C SER D 147 -15.83 60.97 43.40
N ASP D 148 -14.88 61.87 43.66
CA ASP D 148 -14.18 62.56 42.58
C ASP D 148 -13.14 61.66 41.91
N ASP D 149 -12.80 60.52 42.52
CA ASP D 149 -11.83 59.61 41.90
C ASP D 149 -12.32 58.99 40.57
N ARG D 150 -11.42 58.55 39.72
CA ARG D 150 -11.84 57.94 38.46
C ARG D 150 -11.62 56.42 38.48
N GLN D 151 -12.63 55.65 38.12
CA GLN D 151 -12.47 54.18 38.00
C GLN D 151 -11.82 53.81 36.67
N PHE D 152 -10.68 53.11 36.73
CA PHE D 152 -10.09 52.46 35.55
C PHE D 152 -11.16 51.62 34.83
N VAL D 153 -11.28 51.78 33.51
CA VAL D 153 -12.34 51.13 32.74
C VAL D 153 -12.02 49.61 32.52
N TRP D 154 -13.02 48.76 32.71
CA TRP D 154 -12.85 47.32 32.45
C TRP D 154 -12.59 47.08 30.96
N MET D 155 -11.56 46.29 30.65
CA MET D 155 -11.25 45.93 29.25
C MET D 155 -11.45 44.43 28.97
N TRP D 156 -10.68 43.57 29.65
CA TRP D 156 -10.76 42.11 29.47
C TRP D 156 -9.88 41.44 30.49
N GLY D 157 -10.03 40.12 30.62
CA GLY D 157 -9.24 39.29 31.50
C GLY D 157 -10.03 38.70 32.67
N VAL D 158 -9.29 38.22 33.67
CA VAL D 158 -9.81 37.54 34.86
C VAL D 158 -10.28 38.50 35.95
N LYS D 159 -11.59 38.52 36.19
CA LYS D 159 -12.19 39.41 37.23
C LYS D 159 -11.62 39.24 38.64
N ASN D 160 -11.43 37.99 39.07
CA ASN D 160 -11.03 37.72 40.47
C ASN D 160 -9.73 36.95 40.50
N LEU D 161 -8.66 37.68 40.74
CA LEU D 161 -7.32 37.13 40.77
C LEU D 161 -7.07 36.38 42.09
N ASP D 162 -5.98 35.62 42.14
CA ASP D 162 -5.60 35.01 43.39
C ASP D 162 -4.94 36.10 44.23
N LEU D 163 -5.73 36.77 45.05
CA LEU D 163 -5.21 37.86 45.90
C LEU D 163 -4.09 37.44 46.90
N SER D 164 -3.91 36.15 47.12
CA SER D 164 -2.90 35.66 48.05
C SER D 164 -1.54 35.75 47.39
N GLY D 165 -1.51 36.11 46.11
CA GLY D 165 -0.25 36.27 45.43
C GLY D 165 -0.34 37.15 44.21
N ILE D 166 -0.20 38.48 44.40
CA ILE D 166 -0.16 39.44 43.27
C ILE D 166 1.28 39.64 42.79
N ALA D 167 1.55 39.28 41.55
CA ALA D 167 2.91 39.12 41.07
C ALA D 167 3.48 40.34 40.35
N LYS D 168 2.62 41.10 39.69
CA LYS D 168 3.03 42.15 38.78
C LYS D 168 1.93 43.20 38.58
N ILE D 169 2.31 44.48 38.73
CA ILE D 169 1.46 45.56 38.33
C ILE D 169 2.12 46.40 37.23
N SER D 170 1.44 46.49 36.09
CA SER D 170 2.05 47.14 34.93
C SER D 170 1.18 48.31 34.45
N LEU D 171 1.84 49.44 34.16
CA LEU D 171 1.23 50.59 33.47
C LEU D 171 1.98 50.87 32.18
N SER D 172 1.32 50.67 31.07
CA SER D 172 2.04 50.74 29.79
C SER D 172 1.33 51.69 28.85
N VAL D 173 2.14 52.27 27.96
CA VAL D 173 1.63 53.07 26.85
C VAL D 173 2.03 52.32 25.55
N GLN D 174 1.05 52.02 24.70
CA GLN D 174 1.30 51.13 23.57
C GLN D 174 0.92 51.74 22.23
N SER D 175 1.75 51.53 21.19
CA SER D 175 1.48 52.02 19.84
C SER D 175 1.09 53.49 19.76
N ALA D 176 1.81 54.35 20.50
CA ALA D 176 1.49 55.77 20.46
C ALA D 176 2.15 56.41 19.24
N MET D 177 1.67 57.61 18.88
CA MET D 177 2.30 58.43 17.84
C MET D 177 3.16 59.54 18.46
N HIS D 178 3.11 59.68 19.78
CA HIS D 178 3.86 60.72 20.49
C HIS D 178 4.49 60.18 21.79
N ASP D 179 5.56 60.83 22.22
CA ASP D 179 6.11 60.61 23.54
C ASP D 179 5.08 61.07 24.55
N LYS D 180 4.81 60.25 25.54
CA LYS D 180 3.86 60.59 26.57
C LYS D 180 4.61 60.69 27.91
N THR D 181 4.17 61.59 28.78
CA THR D 181 4.85 61.76 30.07
C THR D 181 3.79 61.92 31.13
N VAL D 182 3.97 61.20 32.26
CA VAL D 182 3.04 61.27 33.38
C VAL D 182 3.79 61.46 34.69
N ILE D 183 3.06 61.82 35.73
CA ILE D 183 3.61 61.78 37.07
C ILE D 183 2.66 60.91 37.84
N ILE D 184 3.27 59.99 38.60
CA ILE D 184 2.52 59.01 39.36
C ILE D 184 2.89 59.15 40.83
N ASP D 185 1.91 59.09 41.73
CA ASP D 185 2.20 59.14 43.17
C ASP D 185 1.21 58.30 43.96
N ASN D 186 1.55 57.99 45.21
CA ASN D 186 0.58 57.48 46.20
C ASN D 186 -0.10 56.22 45.71
N ILE D 187 0.72 55.30 45.25
CA ILE D 187 0.26 53.96 44.88
C ILE D 187 -0.11 53.28 46.20
N ARG D 188 -1.35 52.86 46.32
CA ARG D 188 -1.89 52.42 47.58
C ARG D 188 -3.06 51.45 47.37
N ILE D 189 -3.41 50.71 48.41
CA ILE D 189 -4.63 49.93 48.42
C ILE D 189 -5.56 50.50 49.45
N GLN D 190 -6.83 50.73 49.09
CA GLN D 190 -7.85 51.23 49.99
C GLN D 190 -9.03 50.26 50.03
N PRO D 191 -9.57 49.97 51.22
CA PRO D 191 -10.85 49.27 51.28
C PRO D 191 -11.93 50.03 50.52
N ASN D 192 -12.78 49.32 49.78
CA ASN D 192 -13.93 49.92 49.11
C ASN D 192 -14.96 50.53 50.10
N PRO D 193 -15.52 51.72 49.79
CA PRO D 193 -16.67 52.19 50.55
C PRO D 193 -17.83 51.20 50.40
N PRO D 194 -18.94 51.40 51.15
CA PRO D 194 -20.05 50.49 50.87
C PRO D 194 -20.58 50.66 49.43
N GLN D 195 -20.94 49.54 48.81
CA GLN D 195 -21.56 49.57 47.50
C GLN D 195 -22.84 50.39 47.52
N ASP D 196 -22.99 51.29 46.55
CA ASP D 196 -24.29 51.93 46.27
C ASP D 196 -25.19 50.92 45.54
N GLU D 197 -26.23 50.44 46.22
CA GLU D 197 -27.11 49.43 45.64
C GLU D 197 -27.91 49.90 44.42
N ASN D 198 -28.01 51.20 44.24
CA ASN D 198 -28.68 51.72 43.08
C ASN D 198 -27.76 52.04 41.91
N PHE D 199 -26.53 51.51 41.90
CA PHE D 199 -25.58 51.95 40.87
C PHE D 199 -25.98 51.53 39.44
N LEU D 200 -26.80 50.47 39.34
CA LEU D 200 -27.32 50.01 38.06
C LEU D 200 -28.77 50.46 37.81
N VAL D 201 -29.35 51.18 38.78
CA VAL D 201 -30.75 51.58 38.72
C VAL D 201 -30.85 52.93 38.04
N GLY D 202 -31.84 53.06 37.15
CA GLY D 202 -32.13 54.34 36.49
C GLY D 202 -31.01 54.91 35.63
N LEU D 203 -30.31 54.05 34.90
CA LEU D 203 -29.20 54.54 34.04
C LEU D 203 -29.63 55.41 32.86
N VAL D 204 -30.81 55.11 32.32
CA VAL D 204 -31.26 55.62 31.01
C VAL D 204 -32.56 56.44 31.07
N ASP D 205 -32.55 57.63 30.46
CA ASP D 205 -33.74 58.46 30.28
C ASP D 205 -34.54 58.05 29.02
N GLU D 206 -35.51 58.85 28.65
CA GLU D 206 -36.46 58.43 27.62
C GLU D 206 -35.83 58.51 26.22
N PHE D 207 -34.72 59.25 26.11
CA PHE D 207 -33.92 59.44 24.88
C PHE D 207 -32.72 58.50 24.71
N GLY D 208 -32.52 57.61 25.67
CA GLY D 208 -31.39 56.72 25.70
C GLY D 208 -30.12 57.32 26.27
N GLN D 209 -30.21 58.50 26.89
CA GLN D 209 -29.04 59.17 27.46
C GLN D 209 -28.79 58.77 28.90
N ASN D 210 -27.59 59.04 29.37
CA ASN D 210 -27.20 58.89 30.78
C ASN D 210 -28.14 59.70 31.67
N ALA D 211 -29.04 59.03 32.39
CA ALA D 211 -30.08 59.75 33.17
C ALA D 211 -29.53 60.48 34.42
N LYS D 212 -28.30 60.20 34.82
CA LYS D 212 -27.85 60.69 36.14
C LYS D 212 -26.89 61.83 36.02
N VAL D 213 -26.29 61.99 34.85
CA VAL D 213 -25.24 62.99 34.65
C VAL D 213 -25.72 64.00 33.63
N ASP D 214 -25.55 65.28 33.91
CA ASP D 214 -25.76 66.29 32.87
C ASP D 214 -24.39 66.44 32.21
N TYR D 215 -24.36 66.77 30.95
CA TYR D 215 -23.08 66.96 30.26
C TYR D 215 -23.39 67.89 29.10
N LYS D 216 -22.37 68.52 28.55
CA LYS D 216 -22.53 69.48 27.47
C LYS D 216 -23.16 68.80 26.28
N GLY D 217 -24.28 69.34 25.80
CA GLY D 217 -24.95 68.79 24.62
C GLY D 217 -26.00 67.73 24.91
N LYS D 218 -26.17 67.36 26.18
CA LYS D 218 -27.26 66.45 26.56
C LYS D 218 -28.60 67.07 26.23
N ILE D 219 -29.50 66.25 25.70
CA ILE D 219 -30.83 66.69 25.31
C ILE D 219 -31.77 66.60 26.50
N HIS D 220 -32.40 67.70 26.86
CA HIS D 220 -33.24 67.68 28.04
C HIS D 220 -34.69 67.71 27.72
N SER D 221 -35.03 68.08 26.49
CA SER D 221 -36.43 68.17 26.05
C SER D 221 -36.57 67.84 24.56
N LEU D 222 -37.77 67.40 24.19
CA LEU D 222 -38.08 67.16 22.78
C LEU D 222 -37.84 68.45 22.02
N GLU D 223 -38.19 69.58 22.63
CA GLU D 223 -37.91 70.89 22.00
C GLU D 223 -36.44 71.08 21.65
N GLU D 224 -35.54 70.71 22.58
CA GLU D 224 -34.10 70.79 22.29
C GLU D 224 -33.67 69.85 21.15
N LEU D 225 -34.22 68.65 21.13
CA LEU D 225 -33.90 67.71 20.07
C LEU D 225 -34.28 68.29 18.70
N HIS D 226 -35.47 68.90 18.58
CA HIS D 226 -35.88 69.55 17.32
C HIS D 226 -35.02 70.74 16.95
N ALA D 227 -34.59 71.48 17.96
CA ALA D 227 -33.66 72.60 17.71
C ALA D 227 -32.32 72.13 17.11
N ALA D 228 -31.71 71.09 17.70
CA ALA D 228 -30.45 70.56 17.15
C ALA D 228 -30.68 69.98 15.73
N ARG D 229 -31.80 69.31 15.51
CA ARG D 229 -32.16 68.87 14.15
C ARG D 229 -32.24 70.05 13.17
N ASP D 230 -32.98 71.10 13.54
CA ASP D 230 -33.21 72.22 12.62
C ASP D 230 -31.91 72.89 12.24
N VAL D 231 -31.02 73.12 13.23
CA VAL D 231 -29.70 73.70 12.98
C VAL D 231 -28.92 72.89 11.95
N GLU D 232 -28.88 71.56 12.13
CA GLU D 232 -28.10 70.69 11.24
C GLU D 232 -28.68 70.63 9.83
N LEU D 233 -29.99 70.47 9.74
CA LEU D 233 -30.60 70.32 8.41
C LEU D 233 -30.36 71.59 7.61
N ALA D 234 -30.36 72.74 8.28
CA ALA D 234 -30.04 74.01 7.63
C ALA D 234 -28.65 73.98 6.97
N GLU D 235 -27.69 73.24 7.53
CA GLU D 235 -26.32 73.14 6.97
C GLU D 235 -26.16 72.10 5.82
N LEU D 236 -26.90 70.99 5.84
CA LEU D 236 -26.74 69.91 4.84
C LEU D 236 -27.43 70.20 3.52
N ASP D 237 -26.63 70.30 2.47
CA ASP D 237 -27.14 70.74 1.18
C ASP D 237 -26.83 69.72 0.09
N GLY D 238 -26.37 68.53 0.47
CA GLY D 238 -26.02 67.46 -0.50
C GLY D 238 -24.77 67.68 -1.32
N LYS D 239 -24.07 68.80 -1.11
CA LYS D 239 -22.83 69.10 -1.87
C LYS D 239 -21.61 68.38 -1.31
N PRO D 240 -20.86 67.69 -2.18
CA PRO D 240 -19.59 67.03 -1.78
C PRO D 240 -18.45 68.04 -1.60
N MET D 241 -17.35 67.65 -0.95
CA MET D 241 -16.15 68.46 -0.99
C MET D 241 -15.73 68.69 -2.44
N PRO D 242 -15.03 69.79 -2.71
CA PRO D 242 -14.80 70.20 -4.11
C PRO D 242 -13.74 69.40 -4.89
N SER D 243 -13.74 69.55 -6.22
N SER D 243 -13.77 69.52 -6.22
CA SER D 243 -12.74 68.95 -7.12
CA SER D 243 -12.75 68.96 -7.10
C SER D 243 -12.67 67.42 -7.14
C SER D 243 -12.67 67.43 -7.13
N ARG D 244 -13.81 66.79 -6.91
CA ARG D 244 -13.90 65.35 -6.92
C ARG D 244 -14.82 64.88 -8.04
N SER D 245 -14.55 63.67 -8.51
CA SER D 245 -15.32 63.06 -9.60
C SER D 245 -16.60 62.53 -9.04
N LYS D 246 -17.44 62.05 -9.94
CA LYS D 246 -18.74 61.54 -9.57
C LYS D 246 -18.58 60.51 -8.45
N PHE D 247 -17.58 59.63 -8.60
CA PHE D 247 -17.43 58.53 -7.64
C PHE D 247 -16.57 58.89 -6.40
N GLY D 248 -16.27 60.18 -6.23
CA GLY D 248 -15.48 60.59 -5.10
C GLY D 248 -13.97 60.52 -5.29
N GLY D 249 -13.48 60.28 -6.51
CA GLY D 249 -12.02 60.28 -6.78
C GLY D 249 -11.53 61.68 -7.07
N TRP D 250 -10.22 61.88 -7.30
CA TRP D 250 -9.63 63.23 -7.41
C TRP D 250 -9.52 63.64 -8.88
N LEU D 251 -10.17 64.76 -9.22
CA LEU D 251 -10.20 65.23 -10.62
C LEU D 251 -8.81 65.61 -11.12
N ALA D 252 -7.97 66.17 -10.23
CA ALA D 252 -6.57 66.48 -10.61
C ALA D 252 -5.72 65.24 -11.01
N GLY D 253 -6.23 64.04 -10.78
CA GLY D 253 -5.58 62.87 -11.35
C GLY D 253 -4.25 62.60 -10.68
N PRO D 254 -3.31 61.96 -11.39
CA PRO D 254 -3.32 61.55 -12.79
C PRO D 254 -4.51 60.64 -13.11
N LYS D 255 -5.09 60.82 -14.28
CA LYS D 255 -6.22 60.02 -14.67
C LYS D 255 -5.67 58.75 -15.27
N LEU D 256 -6.20 57.63 -14.81
CA LEU D 256 -5.67 56.35 -15.22
C LEU D 256 -6.74 55.57 -16.00
N LYS D 257 -6.45 54.32 -16.35
CA LYS D 257 -7.39 53.49 -17.12
C LYS D 257 -8.72 53.35 -16.36
N ALA D 258 -9.83 53.57 -17.08
CA ALA D 258 -11.16 53.43 -16.53
C ALA D 258 -11.72 52.05 -16.91
N THR D 259 -12.07 51.24 -15.93
CA THR D 259 -12.59 49.91 -16.26
C THR D 259 -14.07 49.83 -15.99
N GLY D 260 -14.66 50.87 -15.41
CA GLY D 260 -16.06 50.82 -15.04
C GLY D 260 -16.31 50.31 -13.62
N TYR D 261 -15.22 49.95 -12.92
CA TYR D 261 -15.29 49.40 -11.56
C TYR D 261 -14.10 49.90 -10.74
N PHE D 262 -14.31 50.11 -9.44
CA PHE D 262 -13.19 50.29 -8.47
C PHE D 262 -12.12 49.16 -8.56
N ARG D 263 -10.84 49.55 -8.55
CA ARG D 263 -9.72 48.65 -8.72
C ARG D 263 -8.51 49.26 -8.02
N THR D 264 -7.36 48.58 -8.02
CA THR D 264 -6.18 49.08 -7.33
C THR D 264 -5.09 49.48 -8.32
N GLU D 265 -4.31 50.49 -7.97
CA GLU D 265 -3.09 50.77 -8.74
C GLU D 265 -2.13 51.52 -7.86
N LYS D 266 -0.84 51.35 -8.12
CA LYS D 266 0.20 52.07 -7.39
C LYS D 266 0.42 53.36 -8.17
N ILE D 267 0.28 54.54 -7.55
CA ILE D 267 0.43 55.80 -8.29
C ILE D 267 1.58 56.58 -7.66
N ASN D 268 2.72 56.60 -8.37
CA ASN D 268 3.92 57.31 -7.93
C ASN D 268 4.36 56.92 -6.55
N GLY D 269 4.56 55.63 -6.36
CA GLY D 269 5.00 55.09 -5.06
C GLY D 269 3.94 54.80 -4.01
N LYS D 270 2.73 55.32 -4.19
CA LYS D 270 1.67 55.14 -3.20
C LYS D 270 0.52 54.25 -3.72
N TRP D 271 0.19 53.19 -2.95
CA TRP D 271 -0.91 52.35 -3.38
C TRP D 271 -2.16 53.22 -3.29
N MET D 272 -3.02 53.12 -4.31
CA MET D 272 -4.32 53.75 -4.29
C MET D 272 -5.41 52.85 -4.85
N LEU D 273 -6.66 53.28 -4.69
CA LEU D 273 -7.76 52.75 -5.46
C LEU D 273 -7.94 53.64 -6.67
N VAL D 274 -8.63 53.13 -7.67
CA VAL D 274 -8.92 53.90 -8.87
C VAL D 274 -10.41 53.77 -9.05
N ASP D 275 -11.09 54.89 -9.23
CA ASP D 275 -12.56 54.81 -9.35
C ASP D 275 -12.96 54.31 -10.80
N PRO D 276 -14.27 54.04 -11.03
CA PRO D 276 -14.76 53.48 -12.28
C PRO D 276 -14.45 54.33 -13.51
N GLU D 277 -14.24 55.62 -13.30
CA GLU D 277 -13.86 56.59 -14.35
C GLU D 277 -12.35 56.80 -14.49
N GLY D 278 -11.54 56.15 -13.67
CA GLY D 278 -10.09 56.24 -13.84
C GLY D 278 -9.39 57.23 -12.91
N TYR D 279 -10.14 57.89 -12.02
CA TYR D 279 -9.58 58.85 -11.06
C TYR D 279 -9.05 58.18 -9.79
N PRO D 280 -7.93 58.69 -9.27
CA PRO D 280 -7.37 58.16 -8.03
C PRO D 280 -8.37 58.30 -6.90
N TYR D 281 -8.43 57.25 -6.07
CA TYR D 281 -9.40 57.24 -4.99
C TYR D 281 -8.76 56.75 -3.68
N PHE D 282 -9.14 57.36 -2.57
CA PHE D 282 -8.68 56.90 -1.26
C PHE D 282 -9.93 56.77 -0.36
N ALA D 283 -10.14 55.61 0.26
CA ALA D 283 -11.39 55.33 0.99
C ALA D 283 -11.41 55.87 2.43
N THR D 284 -12.38 56.73 2.72
CA THR D 284 -12.64 57.19 4.10
C THR D 284 -14.14 57.03 4.37
N GLY D 285 -14.49 56.79 5.64
CA GLY D 285 -15.88 56.52 5.98
C GLY D 285 -16.05 55.84 7.31
N LEU D 286 -17.31 55.49 7.60
CA LEU D 286 -17.71 54.92 8.86
C LEU D 286 -18.35 53.54 8.67
N ASP D 287 -18.04 52.61 9.58
CA ASP D 287 -18.71 51.33 9.63
C ASP D 287 -20.10 51.39 10.32
N ILE D 288 -20.88 50.32 10.13
CA ILE D 288 -22.17 50.08 10.84
C ILE D 288 -23.08 51.28 10.56
N ILE D 289 -23.38 51.48 9.29
CA ILE D 289 -24.39 52.43 8.84
C ILE D 289 -25.67 51.63 8.63
N ARG D 290 -26.27 51.28 9.77
CA ARG D 290 -27.43 50.44 9.86
C ARG D 290 -27.93 50.56 11.28
N LEU D 291 -29.08 49.94 11.55
CA LEU D 291 -29.71 50.08 12.84
C LEU D 291 -29.60 48.80 13.67
N SER D 292 -29.16 47.72 13.01
CA SER D 292 -28.97 46.39 13.64
C SER D 292 -28.36 46.36 15.05
N ASN D 293 -27.39 47.23 15.31
CA ASN D 293 -26.61 47.13 16.52
C ASN D 293 -26.96 48.21 17.54
N SER D 294 -28.06 48.95 17.28
CA SER D 294 -28.44 50.11 18.08
C SER D 294 -29.42 49.75 19.17
N SER D 295 -29.70 48.46 19.37
CA SER D 295 -30.63 48.08 20.41
C SER D 295 -29.92 47.50 21.66
N THR D 296 -30.62 47.52 22.80
CA THR D 296 -30.08 47.15 24.11
C THR D 296 -31.14 46.32 24.83
N MET D 297 -30.71 45.20 25.43
CA MET D 297 -31.58 44.30 26.17
C MET D 297 -32.31 45.04 27.31
N THR D 298 -33.62 45.01 27.27
CA THR D 298 -34.50 45.61 28.27
C THR D 298 -34.64 44.80 29.56
N GLY D 299 -34.38 43.51 29.49
CA GLY D 299 -34.66 42.66 30.64
C GLY D 299 -35.96 41.85 30.54
N TYR D 300 -36.75 42.09 29.50
CA TYR D 300 -37.96 41.31 29.29
C TYR D 300 -37.77 40.24 28.24
N ASP D 301 -38.50 39.13 28.41
CA ASP D 301 -38.52 38.04 27.41
C ASP D 301 -39.96 37.71 27.00
N TYR D 302 -40.11 36.96 25.91
CA TYR D 302 -41.43 36.64 25.36
C TYR D 302 -41.74 35.16 25.37
N ASP D 303 -42.99 34.82 25.09
CA ASP D 303 -43.39 33.44 24.82
C ASP D 303 -42.69 32.99 23.52
N GLN D 304 -41.87 31.93 23.61
CA GLN D 304 -41.07 31.47 22.45
C GLN D 304 -41.92 31.02 21.24
N ALA D 305 -43.15 30.58 21.51
CA ALA D 305 -44.09 30.16 20.46
C ALA D 305 -44.43 31.32 19.55
N THR D 306 -44.31 32.54 20.09
CA THR D 306 -44.63 33.76 19.34
C THR D 306 -43.42 34.31 18.56
N VAL D 307 -42.25 33.72 18.74
CA VAL D 307 -41.05 34.24 18.06
C VAL D 307 -40.69 33.42 16.79
N ALA D 308 -40.44 34.12 15.68
CA ALA D 308 -39.99 33.49 14.42
C ALA D 308 -38.61 32.80 14.57
N GLN D 309 -38.55 31.52 14.22
CA GLN D 309 -37.31 30.74 14.31
C GLN D 309 -36.43 31.06 13.10
N ARG D 310 -35.12 31.14 13.31
CA ARG D 310 -34.16 31.36 12.22
C ARG D 310 -34.17 30.20 11.23
N SER D 311 -33.92 30.51 9.96
CA SER D 311 -33.70 29.49 8.93
C SER D 311 -32.22 29.05 8.96
N ALA D 312 -31.97 27.73 8.86
CA ALA D 312 -30.59 27.22 8.76
C ALA D 312 -29.85 27.72 7.49
N ASP D 313 -30.60 28.27 6.53
CA ASP D 313 -30.08 28.73 5.23
C ASP D 313 -29.67 30.20 5.21
N ASP D 314 -30.08 30.94 6.25
CA ASP D 314 -29.81 32.36 6.34
C ASP D 314 -28.31 32.60 6.23
N VAL D 315 -27.94 33.53 5.39
CA VAL D 315 -26.52 33.95 5.24
C VAL D 315 -26.13 35.03 6.29
N THR D 316 -27.12 35.52 7.04
CA THR D 316 -26.95 36.69 7.95
C THR D 316 -27.01 36.27 9.41
N PRO D 317 -25.89 36.46 10.15
CA PRO D 317 -25.89 36.06 11.57
C PRO D 317 -26.81 36.99 12.36
N GLU D 318 -27.30 36.50 13.51
CA GLU D 318 -28.33 37.18 14.33
C GLU D 318 -27.95 38.62 14.65
N ASP D 319 -26.68 38.83 15.00
CA ASP D 319 -26.17 40.15 15.33
C ASP D 319 -26.37 41.17 14.19
N SER D 320 -26.32 40.66 12.96
CA SER D 320 -26.35 41.48 11.77
C SER D 320 -27.74 41.54 11.10
N LYS D 321 -28.74 40.88 11.70
CA LYS D 321 -30.11 40.96 11.16
C LYS D 321 -30.66 42.37 11.40
N GLY D 322 -31.67 42.75 10.60
CA GLY D 322 -32.38 44.01 10.85
C GLY D 322 -33.16 43.86 12.16
N LEU D 323 -33.52 44.97 12.77
CA LEU D 323 -34.30 44.90 14.00
C LEU D 323 -35.62 44.15 13.75
N MET D 324 -35.98 43.22 14.64
CA MET D 324 -37.20 42.46 14.44
C MET D 324 -38.42 43.30 14.82
N ALA D 325 -39.39 43.34 13.90
CA ALA D 325 -40.73 43.84 14.22
C ALA D 325 -41.34 42.92 15.28
N VAL D 326 -41.68 43.47 16.45
CA VAL D 326 -42.25 42.66 17.51
C VAL D 326 -43.78 42.73 17.38
N SER D 327 -44.42 41.57 17.38
CA SER D 327 -45.87 41.47 17.18
C SER D 327 -46.67 41.76 18.45
N GLU D 328 -47.89 42.26 18.27
CA GLU D 328 -48.81 42.51 19.38
C GLU D 328 -48.94 41.31 20.32
N LYS D 329 -49.15 40.13 19.77
CA LYS D 329 -49.28 38.91 20.57
C LYS D 329 -47.98 38.51 21.33
N SER D 330 -46.81 38.70 20.72
CA SER D 330 -45.53 38.58 21.45
C SER D 330 -45.48 39.51 22.67
N PHE D 331 -45.79 40.79 22.44
CA PHE D 331 -45.72 41.80 23.48
C PHE D 331 -46.67 41.55 24.68
N ALA D 332 -47.90 41.12 24.39
CA ALA D 332 -48.87 40.79 25.42
C ALA D 332 -48.40 39.68 26.40
N THR D 333 -47.42 38.85 26.01
CA THR D 333 -46.87 37.78 26.88
C THR D 333 -45.62 38.17 27.68
N ARG D 334 -45.17 39.41 27.50
CA ARG D 334 -43.97 39.92 28.16
C ARG D 334 -43.83 39.47 29.62
N HIS D 335 -42.71 38.82 29.98
CA HIS D 335 -42.37 38.57 31.41
C HIS D 335 -40.98 39.13 31.76
N LEU D 336 -40.80 39.45 33.04
CA LEU D 336 -39.60 40.07 33.51
C LEU D 336 -38.52 39.03 33.69
N ALA D 337 -37.55 39.00 32.77
CA ALA D 337 -36.47 38.02 32.85
C ALA D 337 -35.31 38.52 33.73
N SER D 338 -34.92 39.78 33.59
CA SER D 338 -33.80 40.30 34.36
C SER D 338 -34.20 41.62 34.99
N PRO D 339 -34.59 41.56 36.27
CA PRO D 339 -34.88 42.75 37.02
C PRO D 339 -33.71 43.72 37.03
N THR D 340 -32.47 43.21 37.08
CA THR D 340 -31.29 44.06 36.96
C THR D 340 -31.32 44.85 35.65
N ARG D 341 -31.58 44.18 34.52
CA ARG D 341 -31.67 44.94 33.26
C ARG D 341 -32.87 45.90 33.31
N ALA D 342 -34.02 45.39 33.71
CA ALA D 342 -35.25 46.16 33.62
C ALA D 342 -35.21 47.50 34.38
N ALA D 343 -34.61 47.49 35.57
CA ALA D 343 -34.56 48.71 36.40
C ALA D 343 -33.56 49.74 35.86
N MET D 344 -32.78 49.39 34.83
CA MET D 344 -31.88 50.38 34.19
C MET D 344 -32.62 51.47 33.46
N PHE D 345 -33.85 51.18 33.03
CA PHE D 345 -34.52 52.11 32.13
C PHE D 345 -35.60 52.91 32.85
N ASN D 346 -35.47 54.22 32.87
CA ASN D 346 -36.54 55.07 33.40
C ASN D 346 -37.76 55.10 32.51
N TRP D 347 -37.61 54.83 31.20
CA TRP D 347 -38.75 54.83 30.28
C TRP D 347 -38.59 53.81 29.16
N LEU D 348 -39.60 52.94 29.04
CA LEU D 348 -39.83 52.03 27.92
C LEU D 348 -41.31 52.16 27.55
N PRO D 349 -41.62 52.28 26.23
CA PRO D 349 -43.01 52.56 25.82
C PRO D 349 -43.99 51.40 26.06
N ASP D 350 -45.26 51.71 26.34
CA ASP D 350 -46.32 50.69 26.37
C ASP D 350 -46.66 50.27 24.94
N TYR D 351 -47.36 49.13 24.77
CA TYR D 351 -47.58 48.65 23.41
C TYR D 351 -48.32 49.59 22.48
N ASP D 352 -49.25 50.35 23.02
CA ASP D 352 -50.01 51.26 22.20
C ASP D 352 -49.31 52.60 21.95
N HIS D 353 -48.14 52.82 22.58
CA HIS D 353 -47.39 54.08 22.38
C HIS D 353 -46.85 54.15 20.95
N PRO D 354 -46.83 55.33 20.34
CA PRO D 354 -46.25 55.41 18.98
C PRO D 354 -44.75 54.99 18.81
N LEU D 355 -43.94 55.04 19.87
CA LEU D 355 -42.53 54.65 19.76
C LEU D 355 -42.32 53.19 20.15
N ALA D 356 -43.40 52.45 20.28
CA ALA D 356 -43.30 51.03 20.59
C ALA D 356 -42.77 50.20 19.42
N ASN D 357 -42.82 50.74 18.20
CA ASN D 357 -42.22 50.01 17.06
C ASN D 357 -40.69 49.88 17.11
N HIS D 358 -40.04 50.41 18.15
CA HIS D 358 -38.59 50.41 18.18
C HIS D 358 -38.09 49.33 19.11
N TYR D 359 -39.01 48.48 19.53
CA TYR D 359 -38.60 47.29 20.24
C TYR D 359 -38.01 46.35 19.21
N ASN D 360 -37.21 45.41 19.71
CA ASN D 360 -36.49 44.46 18.88
C ASN D 360 -36.53 43.16 19.67
N TYR D 361 -36.23 42.03 19.03
CA TYR D 361 -36.02 40.80 19.76
C TYR D 361 -34.78 40.09 19.19
N ARG D 362 -33.78 39.81 20.04
N ARG D 362 -33.77 39.82 20.01
CA ARG D 362 -32.60 39.03 19.63
CA ARG D 362 -32.62 39.02 19.54
C ARG D 362 -32.76 37.59 20.12
C ARG D 362 -32.71 37.61 20.11
N ARG D 363 -32.50 36.63 19.24
CA ARG D 363 -32.70 35.19 19.57
C ARG D 363 -31.41 34.55 20.08
N SER D 364 -30.34 35.33 20.11
CA SER D 364 -29.06 34.82 20.58
C SER D 364 -28.26 36.04 21.07
N ALA D 365 -27.17 35.76 21.79
CA ALA D 365 -26.22 36.79 22.18
C ALA D 365 -24.85 36.15 22.30
N HIS D 366 -23.82 36.89 21.90
CA HIS D 366 -22.47 36.43 22.13
C HIS D 366 -22.14 36.46 23.63
N SER D 367 -22.34 37.60 24.31
CA SER D 367 -22.20 37.65 25.77
C SER D 367 -23.18 38.62 26.45
N GLY D 368 -23.21 38.54 27.79
CA GLY D 368 -24.17 39.29 28.60
C GLY D 368 -25.00 38.36 29.49
N PRO D 369 -25.79 38.94 30.40
CA PRO D 369 -26.57 38.10 31.34
C PRO D 369 -27.80 37.39 30.70
N LEU D 370 -28.18 37.77 29.49
CA LEU D 370 -29.30 37.11 28.83
C LEU D 370 -28.91 36.54 27.48
N LYS D 371 -29.26 35.27 27.26
CA LYS D 371 -29.00 34.58 25.99
C LYS D 371 -29.96 35.00 24.87
N ARG D 372 -31.09 35.59 25.24
CA ARG D 372 -32.08 36.07 24.27
C ARG D 372 -32.96 37.06 24.97
N GLY D 373 -33.76 37.79 24.21
CA GLY D 373 -34.82 38.56 24.80
C GLY D 373 -35.14 39.84 24.07
N GLU D 374 -36.07 40.61 24.63
CA GLU D 374 -36.43 41.92 24.12
C GLU D 374 -35.30 42.97 24.26
N ALA D 375 -35.27 43.86 23.28
CA ALA D 375 -34.28 44.89 23.20
C ALA D 375 -35.01 46.13 22.73
N TYR D 376 -34.46 47.30 22.98
CA TYR D 376 -35.08 48.52 22.48
C TYR D 376 -34.00 49.40 21.85
N SER D 377 -34.37 50.04 20.73
CA SER D 377 -33.46 50.96 20.07
C SER D 377 -33.93 52.37 20.34
N PHE D 378 -33.33 52.96 21.37
CA PHE D 378 -33.45 54.39 21.62
C PHE D 378 -33.07 55.27 20.45
N TYR D 379 -31.96 54.96 19.79
CA TYR D 379 -31.55 55.70 18.59
C TYR D 379 -32.64 55.71 17.52
N SER D 380 -33.17 54.53 17.20
CA SER D 380 -34.21 54.39 16.20
C SER D 380 -35.47 55.17 16.66
N ALA D 381 -35.83 55.02 17.94
CA ALA D 381 -36.88 55.84 18.53
C ALA D 381 -36.63 57.36 18.33
N ASN D 382 -35.41 57.81 18.54
CA ASN D 382 -35.13 59.23 18.30
C ASN D 382 -35.21 59.70 16.85
N LEU D 383 -35.03 58.78 15.92
CA LEU D 383 -35.17 59.16 14.49
C LEU D 383 -36.67 59.45 14.19
N GLU D 384 -37.54 58.61 14.73
CA GLU D 384 -38.98 58.89 14.63
C GLU D 384 -39.33 60.20 15.34
N ARG D 385 -38.70 60.46 16.49
CA ARG D 385 -38.94 61.73 17.22
C ARG D 385 -38.53 62.92 16.38
N LYS D 386 -37.39 62.81 15.69
CA LYS D 386 -36.85 63.93 14.92
C LYS D 386 -37.57 64.13 13.59
N TYR D 387 -37.96 63.02 12.95
CA TYR D 387 -38.40 63.10 11.57
C TYR D 387 -39.89 62.79 11.33
N GLY D 388 -40.56 62.20 12.31
CA GLY D 388 -42.00 61.84 12.18
C GLY D 388 -42.26 60.85 11.06
N GLU D 389 -43.57 60.62 10.78
CA GLU D 389 -44.05 59.79 9.65
C GLU D 389 -45.03 60.51 8.72
N THR D 390 -44.72 60.65 7.44
CA THR D 390 -45.74 60.92 6.46
C THR D 390 -46.22 59.60 5.79
N TYR D 391 -45.54 58.50 6.08
CA TYR D 391 -46.00 57.16 5.71
C TYR D 391 -45.20 56.25 6.62
N PRO D 392 -45.66 54.99 6.80
CA PRO D 392 -44.96 54.05 7.71
C PRO D 392 -43.46 53.95 7.42
N GLY D 393 -42.63 54.14 8.45
CA GLY D 393 -41.17 54.07 8.31
C GLY D 393 -40.57 55.23 7.53
N SER D 394 -41.33 56.30 7.27
CA SER D 394 -40.74 57.41 6.48
C SER D 394 -39.49 57.99 7.14
N TYR D 395 -39.44 58.00 8.48
CA TYR D 395 -38.23 58.53 9.18
C TYR D 395 -36.94 57.74 8.83
N LEU D 396 -37.06 56.45 8.47
CA LEU D 396 -35.93 55.63 7.98
C LEU D 396 -35.37 56.15 6.66
N ASP D 397 -36.27 56.41 5.69
CA ASP D 397 -35.90 57.03 4.45
C ASP D 397 -35.24 58.39 4.73
N LYS D 398 -35.83 59.19 5.62
CA LYS D 398 -35.27 60.50 5.94
C LYS D 398 -33.83 60.32 6.56
N TRP D 399 -33.72 59.42 7.53
CA TRP D 399 -32.41 59.04 8.10
C TRP D 399 -31.36 58.69 7.01
N ARG D 400 -31.74 57.83 6.07
N ARG D 400 -31.72 57.81 6.07
CA ARG D 400 -30.81 57.42 5.01
CA ARG D 400 -30.79 57.43 4.99
C ARG D 400 -30.39 58.62 4.15
C ARG D 400 -30.38 58.64 4.18
N GLU D 401 -31.34 59.51 3.83
CA GLU D 401 -30.99 60.65 3.00
C GLU D 401 -30.11 61.66 3.76
N VAL D 402 -30.44 61.91 5.04
CA VAL D 402 -29.61 62.77 5.90
C VAL D 402 -28.22 62.14 6.09
N THR D 403 -28.19 60.82 6.28
CA THR D 403 -26.93 60.11 6.46
C THR D 403 -26.01 60.35 5.26
N VAL D 404 -26.53 60.19 4.05
CA VAL D 404 -25.71 60.41 2.86
C VAL D 404 -25.30 61.89 2.76
N ASP D 405 -26.22 62.82 3.06
CA ASP D 405 -25.86 64.26 3.04
C ASP D 405 -24.69 64.54 4.03
N ARG D 406 -24.76 63.93 5.22
CA ARG D 406 -23.70 64.08 6.24
C ARG D 406 -22.35 63.58 5.71
N MET D 407 -22.33 62.38 5.13
CA MET D 407 -21.08 61.79 4.63
C MET D 407 -20.38 62.66 3.61
N LEU D 408 -21.18 63.22 2.70
CA LEU D 408 -20.71 64.13 1.66
C LEU D 408 -20.22 65.43 2.29
N ASN D 409 -21.03 66.05 3.15
CA ASN D 409 -20.62 67.30 3.83
C ASN D 409 -19.34 67.08 4.67
N TRP D 410 -19.27 65.94 5.34
CA TRP D 410 -18.10 65.64 6.17
C TRP D 410 -16.88 65.30 5.36
N GLY D 411 -17.08 65.03 4.07
CA GLY D 411 -15.96 64.79 3.14
C GLY D 411 -15.57 63.34 2.99
N PHE D 412 -16.33 62.44 3.59
CA PHE D 412 -15.99 61.02 3.45
C PHE D 412 -16.22 60.60 2.01
N THR D 413 -15.38 59.70 1.52
CA THR D 413 -15.52 59.23 0.13
C THR D 413 -16.35 57.95 0.00
N SER D 414 -16.72 57.33 1.11
CA SER D 414 -17.43 56.06 1.03
C SER D 414 -18.33 55.84 2.25
N LEU D 415 -19.30 54.93 2.10
CA LEU D 415 -20.01 54.28 3.20
C LEU D 415 -19.17 53.05 3.54
N GLY D 416 -18.88 52.82 4.84
CA GLY D 416 -17.95 51.76 5.23
C GLY D 416 -18.61 50.40 5.35
N ASN D 417 -17.94 49.49 6.05
CA ASN D 417 -18.46 48.12 6.17
C ASN D 417 -19.78 48.08 6.94
N TRP D 418 -20.62 47.07 6.71
CA TRP D 418 -21.92 46.97 7.38
C TRP D 418 -22.80 48.22 7.14
N THR D 419 -22.82 48.66 5.87
CA THR D 419 -23.77 49.61 5.40
C THR D 419 -25.01 48.81 5.01
N ASP D 420 -26.15 49.17 5.59
CA ASP D 420 -27.42 48.57 5.23
C ASP D 420 -27.65 48.56 3.71
N PRO D 421 -28.14 47.42 3.16
CA PRO D 421 -28.39 47.25 1.73
C PRO D 421 -29.22 48.35 1.13
N ALA D 422 -30.13 48.90 1.93
CA ALA D 422 -30.99 49.99 1.45
C ALA D 422 -30.18 51.21 0.96
N TYR D 423 -28.91 51.35 1.38
CA TYR D 423 -28.03 52.42 0.83
C TYR D 423 -27.36 52.10 -0.51
N TYR D 424 -27.43 50.85 -0.94
CA TYR D 424 -26.57 50.37 -2.06
C TYR D 424 -26.96 51.01 -3.39
N ASP D 425 -28.17 51.57 -3.51
CA ASP D 425 -28.47 52.27 -4.75
C ASP D 425 -28.50 53.79 -4.56
N ASN D 426 -27.79 54.33 -3.58
CA ASN D 426 -27.98 55.73 -3.32
C ASN D 426 -27.43 56.55 -4.46
N ASN D 427 -26.44 55.97 -5.14
CA ASN D 427 -25.86 56.54 -6.36
C ASN D 427 -25.36 57.96 -6.20
N ARG D 428 -24.89 58.27 -4.98
CA ARG D 428 -24.28 59.57 -4.66
C ARG D 428 -22.91 59.41 -3.96
N ILE D 429 -22.75 58.32 -3.22
CA ILE D 429 -21.52 58.02 -2.54
C ILE D 429 -21.32 56.50 -2.65
N PRO D 430 -20.08 56.05 -2.96
CA PRO D 430 -19.79 54.61 -3.04
C PRO D 430 -19.85 53.94 -1.71
N PHE D 431 -19.96 52.61 -1.73
CA PHE D 431 -20.15 51.85 -0.50
C PHE D 431 -19.31 50.60 -0.53
N PHE D 432 -19.10 50.03 0.65
CA PHE D 432 -18.42 48.78 0.79
C PHE D 432 -19.46 47.74 1.13
N ALA D 433 -19.36 46.54 0.51
CA ALA D 433 -20.31 45.46 0.79
C ALA D 433 -19.68 44.43 1.69
N ASN D 434 -20.51 43.58 2.27
CA ASN D 434 -20.03 42.48 3.11
C ASN D 434 -20.94 41.27 3.07
N GLY D 435 -20.36 40.13 3.40
CA GLY D 435 -21.09 38.90 3.73
C GLY D 435 -20.29 38.16 4.81
N TRP D 436 -21.00 37.27 5.49
CA TRP D 436 -20.44 36.36 6.45
C TRP D 436 -20.76 34.96 5.93
N VAL D 437 -19.77 34.05 5.98
CA VAL D 437 -19.95 32.64 5.62
C VAL D 437 -20.25 31.93 6.92
N ILE D 438 -21.52 31.57 7.07
CA ILE D 438 -22.03 30.95 8.29
C ILE D 438 -22.81 29.71 7.85
N GLY D 439 -23.03 28.77 8.79
CA GLY D 439 -23.91 27.62 8.55
C GLY D 439 -23.47 26.40 9.32
N ASP D 440 -23.87 25.21 8.86
CA ASP D 440 -23.71 23.96 9.63
C ASP D 440 -22.49 23.13 9.24
N PHE D 441 -21.60 23.69 8.42
CA PHE D 441 -20.33 23.06 8.08
C PHE D 441 -19.53 22.66 9.33
N LYS D 442 -18.62 21.70 9.20
CA LYS D 442 -17.79 21.30 10.34
C LYS D 442 -16.84 22.44 10.74
N THR D 443 -16.30 22.34 11.96
CA THR D 443 -15.49 23.41 12.53
C THR D 443 -14.16 22.90 13.10
N VAL D 444 -13.22 23.82 13.28
CA VAL D 444 -11.96 23.57 13.97
C VAL D 444 -11.77 24.68 15.00
N SER D 445 -10.77 24.55 15.85
CA SER D 445 -10.61 25.56 16.88
C SER D 445 -9.17 25.97 17.01
N SER D 446 -8.97 27.25 17.34
CA SER D 446 -7.68 27.80 17.68
C SER D 446 -7.31 27.48 19.15
N GLY D 447 -8.27 27.06 19.95
CA GLY D 447 -8.02 26.86 21.38
C GLY D 447 -8.23 28.17 22.15
N ALA D 448 -8.49 29.26 21.42
CA ALA D 448 -8.87 30.54 22.02
C ALA D 448 -9.79 31.32 21.06
N ASP D 449 -10.91 30.74 20.68
CA ASP D 449 -11.77 31.33 19.67
C ASP D 449 -12.52 32.49 20.29
N PHE D 450 -12.40 33.66 19.68
CA PHE D 450 -13.04 34.82 20.27
C PHE D 450 -14.52 34.93 19.87
N TRP D 451 -14.79 35.19 18.59
CA TRP D 451 -16.19 35.38 18.16
C TRP D 451 -16.96 34.06 17.94
N GLY D 452 -16.27 32.98 17.68
CA GLY D 452 -16.88 31.67 17.56
C GLY D 452 -15.82 30.71 17.01
N ALA D 453 -16.24 29.46 16.77
CA ALA D 453 -15.38 28.39 16.27
C ALA D 453 -14.95 28.71 14.83
N MET D 454 -13.83 28.14 14.41
CA MET D 454 -13.33 28.37 13.07
C MET D 454 -13.89 27.36 12.07
N PRO D 455 -13.93 27.73 10.77
CA PRO D 455 -14.57 26.82 9.81
C PRO D 455 -13.64 25.70 9.40
N ASP D 456 -14.20 24.48 9.22
CA ASP D 456 -13.45 23.44 8.57
C ASP D 456 -13.56 23.71 7.08
N VAL D 457 -12.54 24.38 6.59
CA VAL D 457 -12.49 24.91 5.21
C VAL D 457 -12.25 23.81 4.17
N PHE D 458 -11.90 22.60 4.61
CA PHE D 458 -11.79 21.45 3.72
C PHE D 458 -13.10 20.65 3.63
N ASP D 459 -14.03 20.91 4.54
CA ASP D 459 -15.39 20.37 4.46
C ASP D 459 -16.07 20.96 3.22
N PRO D 460 -16.55 20.08 2.30
CA PRO D 460 -17.28 20.54 1.09
C PRO D 460 -18.39 21.55 1.40
N GLU D 461 -19.06 21.39 2.54
CA GLU D 461 -20.14 22.29 2.95
C GLU D 461 -19.68 23.77 3.15
N PHE D 462 -18.41 23.96 3.51
CA PHE D 462 -17.91 25.29 3.70
C PHE D 462 -17.98 26.09 2.39
N LYS D 463 -17.48 25.49 1.29
CA LYS D 463 -17.58 26.05 -0.03
C LYS D 463 -19.04 26.24 -0.46
N VAL D 464 -19.92 25.25 -0.22
CA VAL D 464 -21.36 25.44 -0.51
C VAL D 464 -21.80 26.77 0.13
N ARG D 465 -21.44 26.95 1.40
CA ARG D 465 -21.88 28.13 2.15
C ARG D 465 -21.18 29.40 1.65
N ALA D 466 -19.90 29.31 1.26
CA ALA D 466 -19.22 30.46 0.73
C ALA D 466 -19.88 30.92 -0.58
N MET D 467 -20.29 29.95 -1.41
CA MET D 467 -20.97 30.26 -2.68
C MET D 467 -22.32 30.92 -2.43
N GLU D 468 -23.08 30.37 -1.49
CA GLU D 468 -24.36 30.97 -1.13
C GLU D 468 -24.16 32.42 -0.63
N THR D 469 -23.18 32.61 0.26
CA THR D 469 -22.86 33.97 0.79
C THR D 469 -22.53 34.96 -0.31
N ALA D 470 -21.68 34.57 -1.26
CA ALA D 470 -21.29 35.50 -2.37
C ALA D 470 -22.47 35.74 -3.33
N ARG D 471 -23.31 34.72 -3.51
CA ARG D 471 -24.52 34.86 -4.34
C ARG D 471 -25.43 35.96 -3.80
N VAL D 472 -25.68 35.93 -2.49
CA VAL D 472 -26.57 36.93 -1.84
C VAL D 472 -25.91 38.32 -1.91
N VAL D 473 -24.61 38.40 -1.61
CA VAL D 473 -23.95 39.72 -1.75
C VAL D 473 -24.10 40.24 -3.19
N SER D 474 -23.81 39.37 -4.14
CA SER D 474 -23.99 39.70 -5.56
C SER D 474 -25.40 40.29 -5.86
N GLU D 475 -26.39 39.63 -5.31
CA GLU D 475 -27.78 40.04 -5.48
C GLU D 475 -28.03 41.43 -4.92
N GLU D 476 -27.41 41.72 -3.77
CA GLU D 476 -27.61 43.00 -3.06
C GLU D 476 -26.96 44.12 -3.82
N ILE D 477 -25.73 43.90 -4.29
CA ILE D 477 -25.00 44.99 -4.95
C ILE D 477 -25.40 45.21 -6.40
N LYS D 478 -25.99 44.21 -7.04
CA LYS D 478 -26.40 44.31 -8.44
C LYS D 478 -25.25 44.77 -9.36
N ASN D 479 -24.07 44.16 -9.23
CA ASN D 479 -22.90 44.52 -10.04
C ASN D 479 -22.62 46.02 -10.08
N SER D 480 -22.96 46.75 -9.04
CA SER D 480 -22.90 48.21 -9.15
C SER D 480 -21.49 48.81 -9.17
N PRO D 481 -21.23 49.75 -10.10
CA PRO D 481 -19.94 50.43 -10.08
C PRO D 481 -19.74 51.17 -8.74
N TRP D 482 -20.83 51.50 -8.06
CA TRP D 482 -20.74 52.22 -6.78
C TRP D 482 -20.13 51.34 -5.67
N CYS D 483 -20.12 50.01 -5.82
CA CYS D 483 -19.55 49.18 -4.79
C CYS D 483 -18.04 49.11 -4.87
N VAL D 484 -17.33 49.69 -3.90
CA VAL D 484 -15.86 49.73 -3.95
C VAL D 484 -15.30 48.31 -3.85
N GLY D 485 -15.94 47.46 -3.08
CA GLY D 485 -15.46 46.09 -2.89
C GLY D 485 -16.20 45.36 -1.81
N VAL D 486 -15.83 44.10 -1.62
CA VAL D 486 -16.55 43.22 -0.71
C VAL D 486 -15.62 42.70 0.39
N PHE D 487 -16.00 42.89 1.65
CA PHE D 487 -15.37 42.18 2.78
C PHE D 487 -16.16 40.88 3.02
N ILE D 488 -15.44 39.81 3.34
CA ILE D 488 -16.07 38.55 3.75
C ILE D 488 -15.53 38.20 5.13
N ASP D 489 -16.47 38.00 6.06
CA ASP D 489 -16.16 37.62 7.44
C ASP D 489 -15.43 38.76 8.18
N ASN D 490 -15.03 38.49 9.42
CA ASN D 490 -14.44 39.55 10.23
C ASN D 490 -13.74 39.00 11.45
N GLU D 491 -12.48 39.41 11.69
CA GLU D 491 -11.80 39.11 12.96
C GLU D 491 -11.92 37.63 13.34
N LYS D 492 -11.61 36.76 12.38
CA LYS D 492 -11.57 35.30 12.65
C LYS D 492 -10.39 34.97 13.58
N SER D 493 -10.53 33.94 14.40
CA SER D 493 -9.46 33.50 15.31
C SER D 493 -8.47 32.54 14.64
N PHE D 494 -7.63 33.06 13.75
CA PHE D 494 -6.59 32.30 13.07
C PHE D 494 -5.39 31.93 13.97
N GLY D 495 -5.22 32.62 15.11
CA GLY D 495 -4.14 32.24 16.07
C GLY D 495 -3.57 33.49 16.67
N ARG D 496 -3.47 33.54 18.00
CA ARG D 496 -2.91 34.72 18.68
C ARG D 496 -1.38 34.82 18.63
N PRO D 497 -0.84 36.04 18.77
CA PRO D 497 0.62 36.23 18.70
C PRO D 497 1.40 36.03 20.01
N ASP D 498 0.72 35.71 21.11
CA ASP D 498 1.36 35.63 22.45
C ASP D 498 2.58 34.69 22.49
N SER D 499 2.45 33.52 21.88
CA SER D 499 3.51 32.49 21.86
C SER D 499 3.36 31.62 20.60
N ASP D 500 4.31 30.71 20.39
CA ASP D 500 4.20 29.70 19.36
C ASP D 500 2.96 28.84 19.51
N LYS D 501 2.64 28.46 20.74
CA LYS D 501 1.45 27.65 20.99
C LYS D 501 0.13 28.40 20.71
N ALA D 502 0.09 29.70 21.00
CA ALA D 502 -1.13 30.48 20.66
C ALA D 502 -1.16 30.66 19.15
N GLN D 503 0.01 30.92 18.59
CA GLN D 503 0.07 31.24 17.19
C GLN D 503 -0.34 30.08 16.33
N TYR D 504 0.10 28.89 16.74
CA TYR D 504 -0.18 27.66 16.02
C TYR D 504 -1.30 26.86 16.65
N GLY D 505 -2.21 27.57 17.33
CA GLY D 505 -3.33 26.98 18.00
C GLY D 505 -4.20 26.13 17.10
N ILE D 506 -4.44 26.54 15.84
CA ILE D 506 -5.31 25.72 14.99
C ILE D 506 -4.65 24.37 14.68
N PRO D 507 -3.39 24.38 14.20
CA PRO D 507 -2.71 23.08 13.99
C PRO D 507 -2.62 22.27 15.26
N ILE D 508 -2.29 22.89 16.37
CA ILE D 508 -2.17 22.13 17.63
C ILE D 508 -3.50 21.50 18.10
N HIS D 509 -4.57 22.29 18.10
CA HIS D 509 -5.88 21.75 18.46
C HIS D 509 -6.34 20.65 17.47
N THR D 510 -6.18 20.87 16.17
CA THR D 510 -6.66 19.93 15.18
C THR D 510 -5.90 18.58 15.19
N LEU D 511 -4.57 18.65 15.34
CA LEU D 511 -3.72 17.46 15.46
C LEU D 511 -4.11 16.62 16.66
N GLY D 512 -4.64 17.25 17.71
CA GLY D 512 -5.20 16.55 18.87
C GLY D 512 -6.41 15.67 18.53
N ARG D 513 -7.09 15.97 17.45
CA ARG D 513 -8.33 15.28 17.10
C ARG D 513 -8.10 14.14 16.11
N PRO D 514 -9.04 13.18 16.06
CA PRO D 514 -8.90 12.08 15.11
C PRO D 514 -9.19 12.58 13.71
N SER D 515 -8.60 11.93 12.69
CA SER D 515 -8.84 12.32 11.31
C SER D 515 -10.28 12.05 10.90
N GLU D 516 -10.85 10.98 11.46
CA GLU D 516 -12.21 10.56 11.12
C GLU D 516 -13.24 11.61 11.47
N GLY D 517 -14.00 12.00 10.44
CA GLY D 517 -15.00 13.06 10.51
C GLY D 517 -14.45 14.48 10.59
N VAL D 518 -13.14 14.66 10.43
CA VAL D 518 -12.48 15.98 10.59
C VAL D 518 -11.67 16.24 9.30
N PRO D 519 -12.31 16.86 8.30
CA PRO D 519 -11.63 17.06 7.00
C PRO D 519 -10.31 17.90 7.05
N THR D 520 -10.23 18.91 7.91
CA THR D 520 -8.99 19.68 8.04
C THR D 520 -7.87 18.78 8.59
N ARG D 521 -8.22 17.97 9.58
CA ARG D 521 -7.28 16.99 10.14
C ARG D 521 -6.79 16.02 9.05
N GLN D 522 -7.72 15.50 8.25
CA GLN D 522 -7.33 14.67 7.11
C GLN D 522 -6.36 15.42 6.20
N ALA D 523 -6.64 16.68 5.94
CA ALA D 523 -5.73 17.43 5.09
C ALA D 523 -4.35 17.62 5.75
N PHE D 524 -4.33 17.88 7.07
CA PHE D 524 -3.06 18.05 7.81
C PHE D 524 -2.26 16.73 7.77
N SER D 525 -2.94 15.61 8.10
CA SER D 525 -2.30 14.28 8.14
C SER D 525 -1.66 13.96 6.77
N LYS D 526 -2.41 14.22 5.71
CA LYS D 526 -1.90 14.01 4.37
C LYS D 526 -0.58 14.77 4.14
N LEU D 527 -0.51 16.01 4.57
CA LEU D 527 0.67 16.82 4.29
C LEU D 527 1.87 16.30 5.08
N LEU D 528 1.63 15.85 6.31
CA LEU D 528 2.77 15.34 7.11
C LEU D 528 3.24 13.97 6.56
N LYS D 529 2.29 13.17 6.10
CA LYS D 529 2.64 11.91 5.41
C LYS D 529 3.47 12.15 4.17
N ALA D 530 3.10 13.13 3.34
CA ALA D 530 3.95 13.47 2.16
C ALA D 530 5.31 13.99 2.59
N LYS D 531 5.38 14.70 3.70
CA LYS D 531 6.67 15.19 4.16
C LYS D 531 7.49 14.04 4.76
N TYR D 532 6.92 13.29 5.68
CA TYR D 532 7.70 12.33 6.45
C TYR D 532 7.74 10.87 5.91
N LYS D 533 6.79 10.51 5.06
CA LYS D 533 6.68 9.16 4.50
C LYS D 533 6.37 8.14 5.58
N THR D 534 7.31 7.92 6.50
CA THR D 534 7.20 6.86 7.49
C THR D 534 6.74 7.36 8.90
N ILE D 535 6.09 6.52 9.70
CA ILE D 535 5.75 6.94 11.08
C ILE D 535 7.04 7.08 11.89
N ALA D 536 8.05 6.30 11.52
CA ALA D 536 9.41 6.43 12.06
C ALA D 536 10.04 7.84 11.94
N ALA D 537 9.95 8.43 10.75
CA ALA D 537 10.48 9.78 10.49
C ALA D 537 9.69 10.88 11.28
N LEU D 538 8.38 10.70 11.39
CA LEU D 538 7.56 11.59 12.23
C LEU D 538 7.96 11.42 13.70
N ASN D 539 7.97 10.17 14.19
CA ASN D 539 8.48 9.86 15.52
C ASN D 539 9.80 10.56 15.84
N ASN D 540 10.77 10.41 14.93
CA ASN D 540 12.06 11.04 15.08
C ASN D 540 11.95 12.57 15.07
N ALA D 541 11.21 13.12 14.10
CA ALA D 541 11.08 14.56 13.98
C ALA D 541 10.40 15.23 15.18
N TRP D 542 9.40 14.57 15.77
CA TRP D 542 8.58 15.19 16.81
C TRP D 542 8.90 14.67 18.19
N GLY D 543 9.84 13.74 18.30
CA GLY D 543 10.06 13.06 19.58
C GLY D 543 8.90 12.24 20.12
N LEU D 544 8.20 11.49 19.28
CA LEU D 544 7.15 10.60 19.77
C LEU D 544 7.50 9.15 19.53
N LYS D 545 6.61 8.25 19.97
CA LYS D 545 6.80 6.80 19.87
C LYS D 545 5.51 6.13 19.38
N LEU D 546 4.98 6.66 18.26
CA LEU D 546 3.71 6.15 17.72
C LEU D 546 3.95 4.90 16.86
N SER D 547 3.03 3.94 16.93
CA SER D 547 3.22 2.64 16.27
C SER D 547 2.92 2.66 14.77
N SER D 548 1.97 3.50 14.35
CA SER D 548 1.55 3.53 12.96
C SER D 548 0.86 4.87 12.60
N TRP D 549 0.76 5.16 11.31
CA TRP D 549 -0.03 6.32 10.90
C TRP D 549 -1.47 6.29 11.43
N ALA D 550 -2.05 5.08 11.53
CA ALA D 550 -3.40 4.92 12.10
C ALA D 550 -3.41 5.31 13.57
N GLU D 551 -2.35 5.01 14.30
CA GLU D 551 -2.30 5.49 15.65
C GLU D 551 -2.26 7.05 15.67
N PHE D 552 -1.27 7.61 14.98
CA PHE D 552 -1.27 9.06 14.74
C PHE D 552 -2.69 9.63 14.47
N ASP D 553 -3.42 8.93 13.62
CA ASP D 553 -4.64 9.43 13.02
C ASP D 553 -5.80 9.33 13.97
N LEU D 554 -5.51 8.87 15.20
CA LEU D 554 -6.53 8.79 16.24
C LEU D 554 -6.50 10.08 17.04
N GLY D 555 -5.45 10.88 16.86
CA GLY D 555 -5.33 12.12 17.63
C GLY D 555 -4.11 12.10 18.49
N VAL D 556 -3.28 13.13 18.39
CA VAL D 556 -2.04 13.22 19.10
C VAL D 556 -2.00 14.51 19.92
N ASP D 557 -1.77 14.38 21.23
CA ASP D 557 -1.68 15.52 22.13
C ASP D 557 -0.30 16.21 21.98
N VAL D 558 -0.20 17.16 21.06
CA VAL D 558 1.07 17.90 20.91
C VAL D 558 1.18 19.11 21.84
N LYS D 559 0.11 19.49 22.54
CA LYS D 559 0.09 20.73 23.36
C LYS D 559 1.15 20.74 24.48
N ALA D 560 1.57 19.53 24.89
CA ALA D 560 2.57 19.35 25.95
C ALA D 560 3.99 19.55 25.44
N LEU D 561 4.19 19.41 24.12
CA LEU D 561 5.55 19.40 23.56
C LEU D 561 6.11 20.80 23.36
N PRO D 562 7.28 21.07 23.97
CA PRO D 562 7.99 22.29 23.69
C PRO D 562 8.15 22.45 22.19
N VAL D 563 7.93 23.66 21.70
CA VAL D 563 7.88 23.93 20.26
C VAL D 563 9.29 24.08 19.70
N THR D 564 9.85 22.98 19.18
CA THR D 564 11.17 22.99 18.53
C THR D 564 11.11 23.67 17.15
N ASP D 565 12.24 23.86 16.50
CA ASP D 565 12.20 24.40 15.15
C ASP D 565 11.46 23.48 14.18
N THR D 566 11.62 22.17 14.31
CA THR D 566 10.96 21.28 13.33
C THR D 566 9.43 21.30 13.58
N LEU D 567 9.00 21.32 14.84
CA LEU D 567 7.57 21.45 15.11
C LEU D 567 7.02 22.76 14.61
N ARG D 568 7.76 23.86 14.80
CA ARG D 568 7.35 25.17 14.27
C ARG D 568 7.19 25.07 12.76
N ALA D 569 8.19 24.53 12.05
CA ALA D 569 8.07 24.42 10.59
C ALA D 569 6.82 23.63 10.18
N ASP D 570 6.55 22.53 10.85
CA ASP D 570 5.36 21.75 10.55
C ASP D 570 4.04 22.46 10.93
N TYR D 571 3.94 23.07 12.12
CA TYR D 571 2.75 23.87 12.45
C TYR D 571 2.51 24.98 11.41
N SER D 572 3.61 25.56 10.95
CA SER D 572 3.59 26.68 10.02
C SER D 572 3.06 26.22 8.66
N MET D 573 3.50 25.03 8.26
CA MET D 573 3.05 24.39 7.01
C MET D 573 1.56 24.17 7.10
N LEU D 574 1.10 23.61 8.23
CA LEU D 574 -0.30 23.30 8.43
C LEU D 574 -1.18 24.56 8.43
N LEU D 575 -0.73 25.60 9.15
CA LEU D 575 -1.47 26.86 9.25
C LEU D 575 -1.52 27.48 7.88
N SER D 576 -0.39 27.50 7.16
CA SER D 576 -0.43 27.93 5.75
C SER D 576 -1.45 27.18 4.88
N ALA D 577 -1.51 25.85 4.96
CA ALA D 577 -2.45 25.10 4.12
C ALA D 577 -3.88 25.45 4.51
N TYR D 578 -4.12 25.57 5.80
CA TYR D 578 -5.42 25.96 6.28
C TYR D 578 -5.82 27.35 5.74
N ALA D 579 -4.92 28.32 5.87
CA ALA D 579 -5.24 29.69 5.49
C ALA D 579 -5.45 29.81 3.97
N ASP D 580 -4.53 29.21 3.21
CA ASP D 580 -4.65 29.09 1.75
C ASP D 580 -6.01 28.56 1.32
N GLN D 581 -6.49 27.53 2.01
CA GLN D 581 -7.74 26.89 1.64
C GLN D 581 -8.93 27.81 1.97
N TYR D 582 -8.83 28.53 3.08
CA TYR D 582 -9.88 29.48 3.46
C TYR D 582 -9.95 30.56 2.38
N PHE D 583 -8.83 31.18 2.09
CA PHE D 583 -8.87 32.33 1.20
C PHE D 583 -9.18 31.97 -0.26
N LYS D 584 -8.73 30.79 -0.69
CA LYS D 584 -9.02 30.24 -2.04
C LYS D 584 -10.53 30.02 -2.21
N VAL D 585 -11.14 29.33 -1.26
CA VAL D 585 -12.56 29.11 -1.34
C VAL D 585 -13.34 30.43 -1.36
N VAL D 586 -13.03 31.34 -0.44
CA VAL D 586 -13.75 32.63 -0.37
C VAL D 586 -13.53 33.46 -1.62
N HIS D 587 -12.27 33.67 -1.98
CA HIS D 587 -11.94 34.38 -3.20
C HIS D 587 -12.66 33.79 -4.43
N GLY D 588 -12.74 32.46 -4.48
CA GLY D 588 -13.38 31.77 -5.61
C GLY D 588 -14.86 32.09 -5.70
N ALA D 589 -15.56 32.01 -4.57
CA ALA D 589 -16.97 32.38 -4.49
C ALA D 589 -17.19 33.85 -4.89
N VAL D 590 -16.38 34.77 -4.35
CA VAL D 590 -16.54 36.20 -4.72
C VAL D 590 -16.31 36.44 -6.22
N GLU D 591 -15.28 35.81 -6.76
CA GLU D 591 -14.95 35.99 -8.17
C GLU D 591 -16.00 35.38 -9.10
N HIS D 592 -16.53 34.23 -8.73
CA HIS D 592 -17.58 33.61 -9.46
C HIS D 592 -18.83 34.50 -9.61
N TYR D 593 -19.37 35.05 -8.49
CA TYR D 593 -20.56 35.92 -8.56
C TYR D 593 -20.29 37.39 -8.86
N MET D 594 -19.11 37.88 -8.52
CA MET D 594 -18.78 39.29 -8.70
C MET D 594 -17.43 39.46 -9.40
N PRO D 595 -17.33 39.02 -10.69
CA PRO D 595 -16.04 39.06 -11.38
C PRO D 595 -15.42 40.44 -11.48
N ASN D 596 -16.20 41.50 -11.49
CA ASN D 596 -15.63 42.84 -11.63
C ASN D 596 -15.18 43.53 -10.33
N HIS D 597 -15.48 42.93 -9.17
CA HIS D 597 -15.31 43.67 -7.88
C HIS D 597 -14.13 43.17 -7.06
N LEU D 598 -13.49 44.09 -6.37
CA LEU D 598 -12.38 43.78 -5.47
C LEU D 598 -12.84 42.93 -4.27
N TYR D 599 -12.09 41.88 -3.96
CA TYR D 599 -12.23 41.13 -2.74
C TYR D 599 -11.30 41.72 -1.62
N LEU D 600 -11.87 42.11 -0.49
CA LEU D 600 -11.12 42.92 0.48
C LEU D 600 -10.60 42.15 1.73
N GLY D 601 -10.54 40.83 1.64
CA GLY D 601 -9.96 40.05 2.73
C GLY D 601 -10.94 39.89 3.86
N ALA D 602 -10.37 39.61 5.03
CA ALA D 602 -11.10 39.10 6.16
C ALA D 602 -10.93 39.93 7.44
N ARG D 603 -10.38 41.15 7.38
CA ARG D 603 -10.39 42.09 8.52
C ARG D 603 -9.63 41.52 9.76
N PHE D 604 -8.31 41.45 9.67
CA PHE D 604 -7.44 40.87 10.67
C PHE D 604 -7.29 41.79 11.86
N PRO D 605 -7.49 41.25 13.06
CA PRO D 605 -7.26 42.08 14.26
C PRO D 605 -5.81 41.87 14.66
N ASP D 606 -5.28 42.70 15.57
CA ASP D 606 -3.88 42.49 15.99
C ASP D 606 -3.66 41.13 16.67
N TRP D 607 -4.74 40.55 17.26
CA TRP D 607 -4.71 39.23 17.91
C TRP D 607 -5.02 38.05 16.97
N GLY D 608 -5.04 38.28 15.65
CA GLY D 608 -5.46 37.24 14.70
C GLY D 608 -4.85 37.32 13.33
N MET D 609 -3.56 37.69 13.26
CA MET D 609 -2.86 37.87 11.99
C MET D 609 -1.46 37.23 11.97
N PRO D 610 -1.38 35.93 12.29
CA PRO D 610 -0.08 35.28 12.08
C PRO D 610 0.39 35.45 10.63
N MET D 611 1.69 35.59 10.42
CA MET D 611 2.23 35.78 9.08
C MET D 611 1.80 34.75 8.03
N GLU D 612 1.64 33.50 8.42
CA GLU D 612 1.21 32.51 7.46
C GLU D 612 -0.13 32.92 6.87
N VAL D 613 -0.98 33.48 7.72
CA VAL D 613 -2.36 33.80 7.36
C VAL D 613 -2.40 35.08 6.54
N VAL D 614 -1.56 36.05 6.91
CA VAL D 614 -1.45 37.30 6.19
C VAL D 614 -0.95 37.00 4.76
N LYS D 615 0.01 36.08 4.67
CA LYS D 615 0.56 35.70 3.36
C LYS D 615 -0.46 35.06 2.45
N ALA D 616 -1.41 34.29 3.02
CA ALA D 616 -2.43 33.63 2.20
C ALA D 616 -3.43 34.67 1.70
N ALA D 617 -3.76 35.64 2.56
CA ALA D 617 -4.64 36.74 2.18
C ALA D 617 -4.00 37.58 1.08
N ALA D 618 -2.69 37.83 1.21
CA ALA D 618 -1.98 38.67 0.22
C ALA D 618 -2.02 37.99 -1.16
N LYS D 619 -2.01 36.67 -1.16
CA LYS D 619 -2.12 35.93 -2.40
C LYS D 619 -3.49 36.07 -3.07
N TYR D 620 -4.57 36.11 -2.30
CA TYR D 620 -5.91 35.99 -2.90
C TYR D 620 -6.76 37.26 -2.86
N ALA D 621 -6.69 38.01 -1.76
CA ALA D 621 -7.35 39.30 -1.69
C ALA D 621 -6.72 40.30 -2.65
N ASP D 622 -7.57 41.11 -3.26
CA ASP D 622 -7.09 42.32 -3.96
C ASP D 622 -6.50 43.33 -3.01
N VAL D 623 -7.12 43.49 -1.85
CA VAL D 623 -6.72 44.48 -0.87
C VAL D 623 -6.72 43.70 0.44
N VAL D 624 -5.62 43.73 1.19
CA VAL D 624 -5.60 43.10 2.50
C VAL D 624 -6.16 44.09 3.54
N SER D 625 -7.08 43.60 4.36
CA SER D 625 -7.78 44.40 5.37
C SER D 625 -7.33 44.05 6.79
N TYR D 626 -7.11 45.09 7.58
CA TYR D 626 -6.75 44.96 9.01
C TYR D 626 -7.62 45.86 9.87
N ASN D 627 -7.98 45.39 11.06
CA ASN D 627 -8.58 46.27 12.07
C ASN D 627 -7.52 46.66 13.08
N SER D 628 -7.34 47.95 13.32
CA SER D 628 -6.29 48.34 14.24
C SER D 628 -6.69 49.45 15.23
N TYR D 629 -7.11 49.03 16.42
CA TYR D 629 -7.50 49.96 17.49
C TYR D 629 -6.27 50.36 18.29
N LYS D 630 -5.56 51.36 17.76
CA LYS D 630 -4.37 51.91 18.36
C LYS D 630 -4.43 53.42 18.11
N GLU D 631 -3.39 54.13 18.60
CA GLU D 631 -3.33 55.58 18.41
C GLU D 631 -2.89 55.99 17.01
N GLY D 632 -2.31 55.01 16.30
CA GLY D 632 -1.94 55.12 14.88
C GLY D 632 -1.27 53.85 14.40
N LEU D 633 -0.55 53.96 13.28
CA LEU D 633 0.11 52.81 12.69
C LEU D 633 1.62 53.01 12.94
N PRO D 634 2.18 52.45 14.02
CA PRO D 634 3.60 52.76 14.26
C PRO D 634 4.50 52.08 13.20
N LYS D 635 5.59 52.77 12.87
CA LYS D 635 6.53 52.33 11.85
C LYS D 635 6.91 50.85 11.92
N GLN D 636 7.40 50.38 13.06
CA GLN D 636 7.96 49.04 13.10
C GLN D 636 6.88 47.96 13.11
N LYS D 637 5.73 48.29 13.68
CA LYS D 637 4.61 47.37 13.70
C LYS D 637 4.10 47.05 12.29
N TRP D 638 4.23 47.98 11.37
CA TRP D 638 3.74 47.78 9.98
C TRP D 638 4.82 47.62 8.92
N ALA D 639 6.09 47.47 9.35
CA ALA D 639 7.23 47.33 8.38
C ALA D 639 7.04 46.12 7.45
N PHE D 640 6.43 45.05 7.96
CA PHE D 640 6.17 43.83 7.16
C PHE D 640 5.33 44.07 5.87
N LEU D 641 4.67 45.23 5.80
CA LEU D 641 3.78 45.54 4.69
C LEU D 641 4.62 45.65 3.40
N ALA D 642 5.83 46.22 3.51
CA ALA D 642 6.70 46.39 2.34
C ALA D 642 6.99 45.08 1.61
N GLU D 643 7.31 44.05 2.35
CA GLU D 643 7.58 42.74 1.78
C GLU D 643 6.35 42.16 1.02
N LEU D 644 5.14 42.44 1.48
CA LEU D 644 3.99 41.92 0.76
C LEU D 644 3.68 42.77 -0.45
N ASP D 645 3.98 44.06 -0.38
CA ASP D 645 3.59 45.01 -1.42
C ASP D 645 2.13 44.91 -1.80
N LYS D 646 1.22 44.83 -0.83
CA LYS D 646 -0.21 44.73 -1.19
C LYS D 646 -0.86 46.02 -0.82
N PRO D 647 -1.78 46.53 -1.69
CA PRO D 647 -2.63 47.59 -1.18
C PRO D 647 -3.41 47.06 0.00
N SER D 648 -3.65 47.95 0.97
CA SER D 648 -4.21 47.56 2.26
C SER D 648 -5.27 48.54 2.74
N ILE D 649 -6.10 48.10 3.68
CA ILE D 649 -7.11 49.02 4.18
C ILE D 649 -7.30 48.79 5.67
N ILE D 650 -7.45 49.86 6.43
CA ILE D 650 -7.89 49.72 7.83
C ILE D 650 -9.44 49.60 7.87
N GLY D 651 -9.95 48.48 8.37
CA GLY D 651 -11.36 48.26 8.38
C GLY D 651 -12.05 48.95 9.53
N GLU D 652 -11.29 49.20 10.61
CA GLU D 652 -11.85 49.71 11.90
C GLU D 652 -10.77 50.40 12.71
N PHE D 653 -11.12 51.57 13.23
CA PHE D 653 -10.40 52.15 14.38
C PHE D 653 -11.41 53.06 15.04
N HIS D 654 -11.12 53.50 16.27
CA HIS D 654 -11.90 54.54 16.94
C HIS D 654 -11.20 55.13 18.15
N ILE D 655 -11.68 56.30 18.61
CA ILE D 655 -11.25 56.94 19.87
C ILE D 655 -12.50 57.48 20.59
N GLY D 656 -12.63 57.14 21.88
CA GLY D 656 -13.79 57.52 22.66
C GLY D 656 -13.43 58.34 23.90
N ALA D 657 -14.42 59.02 24.48
CA ALA D 657 -14.21 59.70 25.77
C ALA D 657 -15.41 59.51 26.67
N MET D 658 -15.32 60.08 27.88
CA MET D 658 -16.36 59.86 28.89
C MET D 658 -16.95 61.17 29.36
N ASP D 659 -16.75 62.22 28.59
CA ASP D 659 -17.28 63.50 28.99
C ASP D 659 -18.63 63.76 28.31
N HIS D 660 -19.22 62.73 27.69
CA HIS D 660 -20.52 62.89 27.02
C HIS D 660 -21.43 61.78 27.51
N GLY D 661 -21.20 61.34 28.75
CA GLY D 661 -22.17 60.50 29.43
C GLY D 661 -21.89 59.02 29.38
N SER D 662 -20.95 58.59 28.57
CA SER D 662 -20.72 57.17 28.43
C SER D 662 -19.96 56.60 29.60
N TYR D 663 -20.25 55.34 29.94
CA TYR D 663 -19.45 54.64 30.96
C TYR D 663 -18.21 53.98 30.40
N HIS D 664 -18.03 53.97 29.08
CA HIS D 664 -16.87 53.31 28.51
C HIS D 664 -16.51 54.09 27.26
N PRO D 665 -15.26 54.54 27.18
CA PRO D 665 -14.88 55.29 25.99
C PRO D 665 -14.72 54.40 24.74
N GLY D 666 -14.43 53.10 24.90
CA GLY D 666 -14.15 52.26 23.75
C GLY D 666 -12.75 51.72 23.92
N LEU D 667 -12.13 51.32 22.81
CA LEU D 667 -10.85 50.60 22.88
C LEU D 667 -9.65 51.53 23.03
N ILE D 668 -9.82 52.76 22.60
CA ILE D 668 -8.73 53.75 22.61
C ILE D 668 -9.39 55.01 23.18
N HIS D 669 -8.69 55.67 24.10
CA HIS D 669 -9.27 56.63 25.05
C HIS D 669 -8.72 58.05 24.91
N ALA D 670 -9.60 59.04 24.79
CA ALA D 670 -9.22 60.46 24.80
C ALA D 670 -9.66 61.13 26.09
N ALA D 671 -9.07 62.27 26.41
CA ALA D 671 -9.41 63.01 27.64
C ALA D 671 -10.74 63.78 27.56
N SER D 672 -11.24 64.01 26.35
CA SER D 672 -12.41 64.84 26.14
C SER D 672 -12.84 64.68 24.68
N GLN D 673 -13.97 65.28 24.31
CA GLN D 673 -14.36 65.31 22.89
C GLN D 673 -13.37 65.98 21.96
N ALA D 674 -12.82 67.14 22.37
CA ALA D 674 -11.79 67.83 21.58
C ALA D 674 -10.62 66.88 21.37
N ASP D 675 -10.24 66.19 22.43
CA ASP D 675 -9.05 65.32 22.35
C ASP D 675 -9.34 64.10 21.40
N ARG D 676 -10.57 63.58 21.39
CA ARG D 676 -10.95 62.52 20.39
C ARG D 676 -10.67 63.02 18.99
N GLY D 677 -11.02 64.27 18.71
CA GLY D 677 -10.82 64.87 17.41
C GLY D 677 -9.35 64.91 17.05
N GLU D 678 -8.53 65.38 18.00
CA GLU D 678 -7.07 65.52 17.78
C GLU D 678 -6.43 64.16 17.55
N MET D 679 -6.86 63.18 18.32
CA MET D 679 -6.37 61.83 18.19
C MET D 679 -6.81 61.16 16.86
N TYR D 680 -8.03 61.49 16.40
CA TYR D 680 -8.50 61.10 15.06
C TYR D 680 -7.53 61.58 13.97
N LYS D 681 -7.20 62.86 14.00
CA LYS D 681 -6.31 63.43 13.01
C LYS D 681 -4.94 62.78 13.07
N ASP D 682 -4.43 62.47 14.27
CA ASP D 682 -3.14 61.77 14.37
C ASP D 682 -3.25 60.38 13.70
N TYR D 683 -4.36 59.68 13.99
CA TYR D 683 -4.51 58.29 13.51
C TYR D 683 -4.53 58.30 11.98
N MET D 684 -5.41 59.12 11.41
CA MET D 684 -5.52 59.23 9.94
C MET D 684 -4.26 59.76 9.23
N GLN D 685 -3.57 60.76 9.81
CA GLN D 685 -2.23 61.18 9.25
C GLN D 685 -1.31 59.97 9.10
N SER D 686 -1.32 59.12 10.14
CA SER D 686 -0.51 57.90 10.17
C SER D 686 -0.86 56.95 9.01
N VAL D 687 -2.16 56.80 8.75
CA VAL D 687 -2.66 56.03 7.59
C VAL D 687 -2.28 56.68 6.26
N ILE D 688 -2.56 57.98 6.12
CA ILE D 688 -2.17 58.73 4.94
C ILE D 688 -0.68 58.66 4.58
N ASP D 689 0.20 58.76 5.60
CA ASP D 689 1.66 58.75 5.41
C ASP D 689 2.20 57.38 5.00
N ASN D 690 1.40 56.32 5.22
CA ASN D 690 1.81 54.96 4.90
C ASN D 690 1.40 54.59 3.47
N PRO D 691 2.39 54.25 2.64
CA PRO D 691 2.16 54.13 1.22
C PRO D 691 1.43 52.84 0.80
N TYR D 692 1.25 51.91 1.74
CA TYR D 692 0.51 50.67 1.44
C TYR D 692 -0.97 50.80 1.65
N PHE D 693 -1.42 51.85 2.34
CA PHE D 693 -2.86 51.96 2.65
C PHE D 693 -3.66 52.75 1.64
N VAL D 694 -4.79 52.19 1.21
CA VAL D 694 -5.72 52.87 0.30
C VAL D 694 -6.93 53.48 1.00
N GLY D 695 -7.03 53.37 2.33
CA GLY D 695 -8.20 53.87 3.05
C GLY D 695 -8.23 53.43 4.51
N ALA D 696 -9.19 53.96 5.26
CA ALA D 696 -9.35 53.64 6.67
C ALA D 696 -10.80 53.97 6.98
N HIS D 697 -11.48 53.05 7.64
CA HIS D 697 -12.84 53.29 8.09
C HIS D 697 -12.90 53.26 9.62
N TRP D 698 -13.62 54.21 10.17
CA TRP D 698 -13.90 54.33 11.58
C TRP D 698 -15.08 53.48 12.03
N PHE D 699 -14.91 52.81 13.16
CA PHE D 699 -15.98 52.03 13.73
C PHE D 699 -16.47 52.81 14.96
N GLN D 700 -17.64 53.48 14.92
CA GLN D 700 -18.70 53.30 13.94
C GLN D 700 -19.51 54.61 13.87
N TYR D 701 -20.59 54.60 13.10
CA TYR D 701 -21.41 55.77 12.83
C TYR D 701 -22.02 56.29 14.16
N MET D 702 -22.62 55.38 14.94
CA MET D 702 -23.32 55.77 16.19
C MET D 702 -22.62 55.26 17.46
N ASP D 703 -22.78 55.97 18.58
CA ASP D 703 -22.28 55.44 19.83
C ASP D 703 -23.00 54.11 20.00
N SER D 704 -22.35 53.15 20.62
CA SER D 704 -23.10 51.96 21.02
C SER D 704 -24.03 52.38 22.21
N PRO D 705 -25.11 51.63 22.47
CA PRO D 705 -26.04 52.04 23.59
C PRO D 705 -25.34 52.12 24.95
N LEU D 706 -25.81 53.05 25.82
CA LEU D 706 -25.21 53.29 27.12
C LEU D 706 -25.13 51.98 27.91
N THR D 707 -26.19 51.18 27.78
CA THR D 707 -26.31 49.93 28.52
C THR D 707 -25.89 48.69 27.72
N GLY D 708 -25.09 48.88 26.68
CA GLY D 708 -24.54 47.74 25.93
C GLY D 708 -25.40 47.39 24.73
N ARG D 709 -24.75 47.16 23.58
CA ARG D 709 -25.46 46.72 22.39
C ARG D 709 -25.87 45.27 22.72
N ALA D 710 -27.02 44.86 22.19
CA ALA D 710 -27.62 43.56 22.56
C ALA D 710 -26.72 42.35 22.32
N TYR D 711 -25.92 42.37 21.27
CA TYR D 711 -24.99 41.27 20.98
C TYR D 711 -24.04 40.91 22.10
N ASP D 712 -23.40 41.90 22.70
CA ASP D 712 -22.27 41.54 23.59
C ASP D 712 -21.88 42.53 24.69
N GLY D 713 -22.66 43.60 24.85
CA GLY D 713 -22.44 44.53 25.95
C GLY D 713 -21.58 45.75 25.67
N GLU D 714 -20.97 45.82 24.47
CA GLU D 714 -20.13 46.98 24.14
C GLU D 714 -20.96 48.25 24.35
N ASN D 715 -20.43 49.21 25.10
CA ASN D 715 -21.25 50.35 25.47
C ASN D 715 -20.41 51.61 25.29
N TYR D 716 -19.85 51.76 24.07
CA TYR D 716 -18.77 52.71 23.81
C TYR D 716 -19.20 54.07 23.20
N ASN D 717 -18.43 55.12 23.52
CA ASN D 717 -18.50 56.43 22.89
C ASN D 717 -17.69 56.42 21.59
N VAL D 718 -18.16 55.65 20.60
CA VAL D 718 -17.38 55.47 19.37
C VAL D 718 -18.11 56.03 18.14
N GLY D 719 -19.18 56.77 18.41
CA GLY D 719 -19.96 57.40 17.34
C GLY D 719 -19.46 58.72 16.83
N PHE D 720 -19.79 59.01 15.57
CA PHE D 720 -19.85 60.42 15.08
C PHE D 720 -21.15 61.08 15.50
N VAL D 721 -22.16 60.27 15.83
CA VAL D 721 -23.40 60.81 16.41
C VAL D 721 -23.68 60.05 17.68
N ASP D 722 -24.39 60.72 18.61
CA ASP D 722 -24.82 60.12 19.86
C ASP D 722 -26.18 59.44 19.72
N VAL D 723 -26.73 58.94 20.82
CA VAL D 723 -27.95 58.18 20.79
C VAL D 723 -29.13 59.04 20.28
N THR D 724 -28.99 60.36 20.41
CA THR D 724 -30.05 61.29 19.97
C THR D 724 -29.91 61.58 18.47
N ASP D 725 -28.96 60.92 17.80
CA ASP D 725 -28.63 61.20 16.39
C ASP D 725 -28.11 62.63 16.17
N THR D 726 -27.44 63.17 17.19
CA THR D 726 -26.84 64.51 17.11
C THR D 726 -25.32 64.36 16.92
N PRO D 727 -24.77 65.01 15.90
CA PRO D 727 -23.35 64.80 15.63
C PRO D 727 -22.42 65.38 16.71
N TYR D 728 -21.33 64.66 17.01
CA TYR D 728 -20.15 65.22 17.74
C TYR D 728 -19.40 66.21 16.83
N GLN D 729 -19.56 67.50 17.14
CA GLN D 729 -18.97 68.53 16.32
C GLN D 729 -17.45 68.42 16.18
N GLU D 730 -16.78 67.90 17.20
CA GLU D 730 -15.31 67.86 17.19
C GLU D 730 -14.84 66.78 16.22
N MET D 731 -15.63 65.71 16.14
CA MET D 731 -15.37 64.62 15.19
C MET D 731 -15.61 65.06 13.76
N VAL D 732 -16.75 65.72 13.52
CA VAL D 732 -17.03 66.31 12.22
C VAL D 732 -15.89 67.23 11.76
N ASP D 733 -15.51 68.20 12.60
CA ASP D 733 -14.44 69.11 12.18
C ASP D 733 -13.16 68.36 11.94
N ALA D 734 -12.89 67.30 12.72
CA ALA D 734 -11.60 66.58 12.54
C ALA D 734 -11.65 65.86 11.19
N ALA D 735 -12.79 65.22 10.92
CA ALA D 735 -13.00 64.49 9.67
C ALA D 735 -12.92 65.43 8.49
N LYS D 736 -13.55 66.61 8.62
CA LYS D 736 -13.46 67.65 7.56
C LYS D 736 -12.01 68.00 7.31
N GLU D 737 -11.25 68.28 8.36
CA GLU D 737 -9.84 68.61 8.15
C GLU D 737 -9.06 67.50 7.41
N VAL D 738 -9.24 66.25 7.84
CA VAL D 738 -8.53 65.16 7.24
C VAL D 738 -9.03 64.97 5.83
N ASN D 739 -10.36 64.95 5.64
CA ASN D 739 -10.93 64.69 4.33
C ASN D 739 -10.57 65.67 3.22
N ALA D 740 -10.43 66.95 3.58
CA ALA D 740 -10.07 68.01 2.64
C ALA D 740 -8.67 67.84 2.08
N LYS D 741 -7.82 67.07 2.72
CA LYS D 741 -6.44 66.98 2.28
C LYS D 741 -5.95 65.58 1.90
N ILE D 742 -6.79 64.54 2.02
CA ILE D 742 -6.32 63.18 1.69
C ILE D 742 -5.67 63.14 0.32
N TYR D 743 -6.29 63.75 -0.68
CA TYR D 743 -5.73 63.65 -2.02
C TYR D 743 -4.46 64.49 -2.24
N THR D 744 -4.41 65.71 -1.72
CA THR D 744 -3.20 66.49 -1.92
C THR D 744 -2.06 65.88 -1.11
N GLU D 745 -2.38 65.32 0.06
CA GLU D 745 -1.36 64.54 0.81
C GLU D 745 -0.80 63.36 0.01
N ARG D 746 -1.64 62.56 -0.63
CA ARG D 746 -1.16 61.32 -1.26
C ARG D 746 -0.54 61.58 -2.62
N LEU D 747 -1.06 62.59 -3.32
CA LEU D 747 -0.67 62.83 -4.71
C LEU D 747 0.07 64.16 -4.95
N GLY D 748 0.12 65.07 -3.98
CA GLY D 748 0.86 66.32 -4.16
C GLY D 748 -0.01 67.33 -4.84
N SER D 749 0.59 68.46 -5.23
CA SER D 749 -0.09 69.57 -5.93
C SER D 749 0.62 69.98 -7.21
#